data_9CQC
#
_entry.id   9CQC
#
_cell.length_a   1.00
_cell.length_b   1.00
_cell.length_c   1.00
_cell.angle_alpha   90.00
_cell.angle_beta   90.00
_cell.angle_gamma   90.00
#
_symmetry.space_group_name_H-M   'P 1'
#
loop_
_entity.id
_entity.type
_entity.pdbx_description
1 polymer 'X-ray repair cross-complementing protein 6'
2 polymer 'X-ray repair cross-complementing protein 5'
3 polymer 'Non-homologous end-joining factor 1'
4 polymer 'DNA repair protein XRCC4'
5 polymer 'DNA ligase 4'
6 polymer 'Protein PAXX'
7 polymer 'DNA (38-MER)'
8 polymer 'DNA (40-MER)'
9 polymer 'DNA (34-MER)'
10 polymer 'DNA (35-MER)'
11 non-polymer "2'-deoxy-5'-O-[(R)-hydroxy{[(R)-hydroxy(phosphonooxy)phosphoryl]amino}phosphoryl]adenosine"
#
loop_
_entity_poly.entity_id
_entity_poly.type
_entity_poly.pdbx_seq_one_letter_code
_entity_poly.pdbx_strand_id
1 'polypeptide(L)'
;GPVMSGWESYYKTEGDEEAEEEQEENLEASGDYKYSGRDSLIFLVDASKAMFESQSEDELTPFDMSIQCIQSVYISKIIS
SDRDLLAVVFYGTEKDKNSVNFKNIYVLQELDNPGAKRILELDQFKGQQGQKRFQDMMGHGSDYSLSEVLWVCANLFSDV
QFKMSHKRIMLFTNEDNPHGNDSAKASRARTKAGDLRDTGIFLDLMHLKKPGGFDISLFYRDIISIAEDEDLRVHFEESS
KLEDLLRKVRAKETRKRALSRLKLKLNKDIVISVGIYNLVQKALKPPPIKLYRETNEPVKTKTRTFNTSTGGLLLPSDTK
RSQIYGSRQIILEKEETEELKRFDDPGLMLMGFKPLVLLKKHHYLRPSLFVYPEESLVIGSSTLFSALLIKCLEKEVAAL
CRYTPRRNIPPYFVALVPQEEELDDQKIQVTPPGFQLVFLPFADDKRKMPFTEKIMATPEQVGKMKAIVEKLRFTYRSDS
FENPVLQQHFRNLEALALDLMEPEQAVDLTLPKVEAMNKRLGSLVDEFKELVYPPDYNPEGKVTKRKHDNEGSGSKRPKV
EYSEEELKTHISKGTLGKFTVPMLKEACRAYGLKSGLKKQELLEALTKHFQD
;
A,a
2 'polypeptide(L)'
;MVRSGNKAAVVLCMDVGFTMSNSIPGIESPFEQAKKVITMFVQRQVFAENKDEIALVLFGTDGTDNPLSGGDQYQNITVH
RHLMLPDFDLLEDIESKIQPGSQQADFLDALIVSMDVIQHETIGKKFEKRHIEIFTDLSSRFSKSQLDIIIHSLKKCDIS
LQFFLPFSLGKEDGSGDRGDGPFRLGGHGPSFPLKGITEQQKEGLEIVKMVMISLEGEDGLDEIYSFSESLRKLCVFKKI
ERHSIHWPCRLTIGSNLSIRIAAYKSILQERVKKTWTVVDAKTLKKEDIQKETVYCLNDDDETEVLKEDIIQGFRYGSDI
VPFSKVDEEQMKYKSEGKCFSVLGFCKSSQVQRRFFMGNQVLKVFAARDDEAAAVALSSLIHALDDLDMVAIVRYAYDKR
ANPQVGVAFPHIKHNYECLVYVQLPFMEDLRQYMFSSLKNSKKYAPTEAQLNAVDALIDSMSLAKKDEKTDTLEDLFPTT
KIPNPRFQRLFQCLLHRALHPREPLPPIQQHIWNMLNPPAEVTTKSQIPLSKIKTLFPLIEAKKKDQVTAQEIFQDNHED
GPTAKKLKTEQGGAHFSVSSLAEGSVTSVGSVNPAENFRVLVKQKKASFEEASNQLINHIEQFLDTNETPYFMKSIDCIR
AFREEAIKFSEEQRFNNFLKALQEKVEIKQLNHFWEIVVQDGITLITKEEASGSSVTAEEAKKFLAPKDKPSGDTAAVFE
EGGDVDDLLDMI
;
B,b
3 'polypeptide(L)'
;GPVMEELEQGLLMQPWAWLQLAENSLLAKVFITKQGYALLVSDLQQVWHEQVDTSVVSQRAKELNKRLTAPPAAFLCHLD
NLLRPLLKDAAHPSEATFSCDCVADALILRVRSELSGLPFYWNFHCMLASPSLVSQHLIRPLMGMSLALQCQVRELATLL
HMKDLEIQDYQESGATLIRDRLKTEPFEENSFLEQFMIEKLPEACSIGDGKPFVMNLQDLYMAVTTQEVQVGQKHQGAGD
PHTSNSASLQGIDSQCVNQPEQLVSSAPTLSAPEKESTGTSGPLQRPQLSKVKRKKPRGLFS
;
C,c
4 'polypeptide(L)'
;MERKISRIHLVSEPSITHFLQVSWEKTLESGFVITLTDGHSAWTGTVSESEISQEADDMAMEKGKYVGELRKALLSGAGP
ADVYTFNFSKESCYFFFEKNLKDVSFRLGSFNLEKVENPAEVIRELICYCLDTIAENQAKNEHLQKENERLLRDWNDVQG
RFEKCVSAKEALETDLYKRFILVLNEKKTKIRSLHNKLLNAAQEREKDIKQEGETAICSEMTADRDPVYDESTDEESENQ
TDLSGLASAAVSKDDSIISSLDVTDIAPSRKRRQRMQRNLGTEPKMAPQENQLQEKENSRPDSSLPETSKKEHISAENMS
LETLRNSSPEDLFDEI
;
D,E,d,e
5 'polypeptide(L)'
;GPVMAASQTSQTVASHVPFADLCSTLERIQKSKGRAEKIRHFREFLDSWRKFHDALHKNHKDVTDSFYPAMRLILPQLER
ERMAYGIKETMLAKLYIELLNLPRDGKDALKLLNYRTPTGTHGDAGDFAMIAYFVLKPRCLQKGSLTIQQVNDLLDSIAS
NNSAKRKDLIKKSLLQLITQSSALEQKWLIRMIIKDLKLGVSQQTIFSVFHNDAAELHNVTTDLEKVCRQLHDPSVGLSD
ISITLFSAFKPMLAAIADIEHIEKDMKHQSFYIETKLDGERMQMHKDGDVYKYFSRNGYNYTDQFGASPTEGSLTPFIHN
AFKADIQICILDGEMMAYNPNTQTFMQKGTKFDIKRMVEDSDLQTCYCVFDVLMVNNKKLGHETLRKRYEILSSIFTPIP
GRIEIVQKTQAHTKNEVIDALNEAIDKREEGIMVKQPLSIYKPDKRGEGWLKIKPEYVSGLMDELDILIVGGYWGKGSRG
GMMSHFLCAVAEKPPPGEKPSVFHTLSRVGSGCTMKELYDLGLKLAKYWKPFHRKAPPSSILCGTEKPEVYIEPCNSVIV
QIKAAEIVPSDMYKTGCTLRFPRIEKIRDDKEWHECMTLDDLEQLRGKASGKLASKHLYIGGDDEPQEKKRKAAPKMKKV
IGIIEHLKAPNLTNVNKISNIFEDVEFCVMSGTDSQPKPDLENRIAEFGGYIVQNPGPDTYCVIAGSENIRVKNIILSNK
HDVVKPAWLLECFKTKSFVPWQPRFMIHMCPSTKEHFAREYDCYGDSYFIDTDLNQLKEVFSGIKNSNEQTPEEMASLIA
DLEYRYSWDCSPLSMFRRHTVYLDSYAVINDLSTKNEGTRLAIKALELRFHGAKVVSCLAEGVSHVIIGEDHSRVADFKA
FRRTFKRKFKILKESWVTDSIDKCELQEENQYLI
;
F,f
6 'polypeptide(L)'
;MGSSHHHHHHSQDPMDPLSPPLCTLPPGPEPPRFVCYCEGEESGEGDRGGFNLYVTDAAELWSTCFTPDSLAALKARFGL
SAAEDITPRFRAACEQQAVALTLQEDRASLTLSGGPSALAFDLSKVPGPEAAPRLRALTLGLAKRVWSLERRLAAAEETA
VSPRKSPRPAGPQLFLPDPDPQRGGPGPGVRRRCPGESLINPGFKSKKPAGGVDFDET
;
G,H
7 'polydeoxyribonucleotide'
;(DC)(DG)(DC)(DG)(DC)(DC)(DC)(DA)(DG)(DC)(DT)(DT)(DT)(DC)(DC)(DC)(DA)(DG)(DC)(DT)
(DA)(DA)(DT)(DA)(DA)(DA)(DC)(DT)(DA)(DA)(DA)(DA)(DA)(DC)(DT)(DA)(DT)(DG)(DC)(DA)
(DT)(DG)(DC)(DT)(DC)(DT)(DA)(DC)(DT)(DG)(DC)(DT)(DT)(DC)(DT)(DG)(DA)(DT)(DC)(DT)
(DA)(DG)(DT)(DC)(DG)(DA)(DC)(DT)
;
I
8 'polydeoxyribonucleotide'
;(DC)(DG)(DC)(DG)(DC)(DC)(DC)(DA)(DG)(DC)(DT)(DT)(DT)(DC)(DC)(DC)(DA)(DG)(DC)(DT)
(DA)(DA)(DT)(DA)(DA)(DA)(DC)(DT)(DA)(DA)(DA)(DA)(DA)(DC)(DA)(DT)(DT)(DC)(DG)(DT)
(DT)(DC)(DA)(DC)(DG)(DT)(DG)(DA)(DG)(DT)(DT)(DC)(DC)(DA)(DG)(DT)(DA)(DC)(DA)(DA)
(DG)(DT)(DC)(DT)(DA)(DG)(DT)(DC)
;
J
9 'polydeoxyribonucleotide'
;(DG)(DA)(DC)(DT)(DA)(DG)(DA)(DT)(DC)(DA)(DG)(DA)(DA)(DG)(DC)(DA)(DG)(DT)(DA)(DG)
(DA)(DG)(DC)(DA)(DT)(DG)(DC)(DA)(DT)(DA)(DG)(DT)(DT)(DT)(DT)(DT)(DA)(DG)(DT)(DT)
(DT)(DA)(DT)(DT)(DG)(DG)(DG)(DC)(DG)(DC)(DG)
;
K
10 'polydeoxyribonucleotide'
;(DG)(DA)(DC)(DT)(DT)(DG)(DT)(DA)(DC)(DT)(DG)(DG)(DA)(DA)(DC)(DT)(DC)(DA)(DC)(DG)
(DT)(DG)(DA)(DA)(DC)(DG)(DA)(DA)(DT)(DG)(DT)(DT)(DT)(DT)(DT)(DA)(DG)(DT)(DT)(DT)
(DA)(DT)(DT)(DG)(DG)(DG)(DC)(DG)(DC)(DG)
;
L
#
# COMPACT_ATOMS: atom_id res chain seq x y z
N TYR A 35 39.40 -9.02 17.62
CA TYR A 35 39.48 -9.53 16.26
C TYR A 35 40.20 -10.87 16.22
N SER A 36 39.42 -11.95 16.14
CA SER A 36 39.94 -13.31 16.04
C SER A 36 39.45 -13.94 14.75
N GLY A 37 40.38 -14.46 13.95
CA GLY A 37 40.08 -15.09 12.69
C GLY A 37 40.90 -14.48 11.57
N ARG A 38 40.49 -14.75 10.34
CA ARG A 38 41.15 -14.26 9.15
C ARG A 38 40.28 -13.21 8.47
N ASP A 39 40.79 -12.67 7.36
CA ASP A 39 40.09 -11.66 6.57
C ASP A 39 39.81 -12.21 5.18
N SER A 40 38.58 -12.05 4.71
CA SER A 40 38.16 -12.51 3.39
C SER A 40 37.77 -11.30 2.56
N LEU A 41 38.27 -11.25 1.33
CA LEU A 41 37.99 -10.15 0.41
C LEU A 41 37.64 -10.71 -0.96
N ILE A 42 36.59 -10.15 -1.57
CA ILE A 42 36.14 -10.56 -2.89
C ILE A 42 36.14 -9.33 -3.79
N PHE A 43 36.75 -9.48 -4.98
CA PHE A 43 36.83 -8.39 -5.94
C PHE A 43 35.78 -8.60 -7.02
N LEU A 44 34.74 -7.78 -6.99
CA LEU A 44 33.70 -7.79 -8.03
C LEU A 44 34.07 -6.77 -9.09
N VAL A 45 34.37 -7.24 -10.30
CA VAL A 45 34.80 -6.39 -11.40
C VAL A 45 33.73 -6.44 -12.49
N ASP A 46 33.22 -5.27 -12.87
CA ASP A 46 32.23 -5.20 -13.93
C ASP A 46 32.89 -5.44 -15.28
N ALA A 47 32.20 -6.17 -16.16
CA ALA A 47 32.70 -6.50 -17.48
C ALA A 47 31.91 -5.80 -18.58
N SER A 48 31.14 -4.76 -18.23
CA SER A 48 30.35 -4.04 -19.21
C SER A 48 31.25 -3.23 -20.14
N LYS A 49 30.69 -2.82 -21.28
CA LYS A 49 31.46 -2.05 -22.25
C LYS A 49 31.93 -0.73 -21.67
N ALA A 50 31.18 -0.16 -20.73
CA ALA A 50 31.60 1.09 -20.10
C ALA A 50 32.95 0.93 -19.40
N MET A 51 33.30 -0.28 -18.98
CA MET A 51 34.59 -0.52 -18.34
C MET A 51 35.72 -0.66 -19.34
N PHE A 52 35.42 -0.84 -20.62
CA PHE A 52 36.42 -1.00 -21.68
C PHE A 52 36.29 0.19 -22.62
N GLU A 53 36.94 1.30 -22.26
CA GLU A 53 36.93 2.49 -23.08
C GLU A 53 37.91 3.52 -22.53
N SER A 54 38.51 4.32 -23.39
CA SER A 54 39.46 5.35 -23.01
C SER A 54 38.83 6.71 -23.26
N GLN A 55 38.44 7.40 -22.19
CA GLN A 55 37.87 8.74 -22.33
C GLN A 55 38.87 9.71 -22.93
N SER A 56 40.17 9.49 -22.68
CA SER A 56 41.20 10.34 -23.23
C SER A 56 42.47 9.52 -23.42
N GLU A 57 43.36 10.03 -24.26
CA GLU A 57 44.62 9.34 -24.52
C GLU A 57 45.51 9.39 -23.29
N ASP A 58 46.44 8.43 -23.21
CA ASP A 58 47.35 8.30 -22.08
C ASP A 58 46.58 8.16 -20.77
N GLU A 59 45.47 7.40 -20.82
CA GLU A 59 44.64 7.17 -19.65
C GLU A 59 44.21 5.72 -19.64
N LEU A 60 44.66 4.96 -18.63
CA LEU A 60 44.29 3.56 -18.54
C LEU A 60 42.78 3.41 -18.36
N THR A 61 42.22 2.39 -19.00
CA THR A 61 40.79 2.17 -18.95
C THR A 61 40.37 1.76 -17.54
N PRO A 62 39.08 1.92 -17.21
CA PRO A 62 38.64 1.52 -15.85
C PRO A 62 38.94 0.07 -15.52
N PHE A 63 38.83 -0.82 -16.51
CA PHE A 63 39.18 -2.21 -16.28
C PHE A 63 40.66 -2.35 -15.93
N ASP A 64 41.52 -1.64 -16.65
CA ASP A 64 42.95 -1.69 -16.35
C ASP A 64 43.24 -1.13 -14.95
N MET A 65 42.55 -0.05 -14.58
CA MET A 65 42.74 0.52 -13.25
C MET A 65 42.31 -0.47 -12.17
N SER A 66 41.17 -1.14 -12.37
CA SER A 66 40.72 -2.13 -11.40
C SER A 66 41.70 -3.29 -11.30
N ILE A 67 42.24 -3.74 -12.44
CA ILE A 67 43.21 -4.83 -12.41
C ILE A 67 44.47 -4.40 -11.67
N GLN A 68 44.93 -3.17 -11.91
CA GLN A 68 46.10 -2.67 -11.20
C GLN A 68 45.85 -2.60 -9.70
N CYS A 69 44.67 -2.13 -9.30
CA CYS A 69 44.35 -2.07 -7.88
C CYS A 69 44.31 -3.46 -7.26
N ILE A 70 43.73 -4.43 -7.98
CA ILE A 70 43.67 -5.79 -7.47
C ILE A 70 45.07 -6.37 -7.32
N GLN A 71 45.94 -6.13 -8.31
CA GLN A 71 47.31 -6.61 -8.23
C GLN A 71 48.05 -5.98 -7.04
N SER A 72 47.87 -4.68 -6.85
CA SER A 72 48.52 -4.00 -5.72
C SER A 72 48.03 -4.56 -4.39
N VAL A 73 46.72 -4.80 -4.27
CA VAL A 73 46.18 -5.37 -3.04
C VAL A 73 46.75 -6.76 -2.81
N TYR A 74 46.82 -7.57 -3.86
CA TYR A 74 47.38 -8.91 -3.73
C TYR A 74 48.82 -8.86 -3.26
N ILE A 75 49.63 -7.97 -3.87
CA ILE A 75 51.04 -7.87 -3.50
C ILE A 75 51.17 -7.42 -2.05
N SER A 76 50.37 -6.42 -1.65
CA SER A 76 50.45 -5.94 -0.28
C SER A 76 50.04 -7.02 0.72
N LYS A 77 49.00 -7.80 0.40
CA LYS A 77 48.56 -8.85 1.30
C LYS A 77 49.59 -9.98 1.36
N ILE A 78 50.34 -10.20 0.29
CA ILE A 78 51.38 -11.23 0.32
C ILE A 78 52.36 -10.98 1.45
N ILE A 79 52.74 -9.72 1.65
CA ILE A 79 53.74 -9.37 2.66
C ILE A 79 53.10 -9.11 4.01
N SER A 80 52.08 -8.23 4.06
CA SER A 80 51.52 -7.83 5.34
C SER A 80 50.91 -9.02 6.07
N SER A 81 50.06 -9.78 5.39
CA SER A 81 49.39 -10.93 6.02
C SER A 81 49.07 -11.94 4.91
N ASP A 82 49.90 -12.96 4.80
CA ASP A 82 49.69 -13.99 3.78
C ASP A 82 48.62 -15.00 4.18
N ARG A 83 48.12 -14.96 5.41
CA ARG A 83 47.09 -15.88 5.86
C ARG A 83 45.68 -15.45 5.48
N ASP A 84 45.52 -14.26 4.92
CA ASP A 84 44.20 -13.79 4.53
C ASP A 84 43.73 -14.49 3.26
N LEU A 85 42.44 -14.36 2.98
CA LEU A 85 41.80 -15.00 1.83
C LEU A 85 41.34 -13.94 0.85
N LEU A 86 41.67 -14.13 -0.43
CA LEU A 86 41.31 -13.20 -1.49
C LEU A 86 40.65 -13.97 -2.63
N ALA A 87 39.62 -13.36 -3.22
CA ALA A 87 38.90 -13.96 -4.33
C ALA A 87 38.65 -12.91 -5.40
N VAL A 88 38.53 -13.37 -6.65
CA VAL A 88 38.30 -12.51 -7.80
C VAL A 88 37.14 -13.08 -8.59
N VAL A 89 36.09 -12.27 -8.78
CA VAL A 89 34.88 -12.68 -9.48
C VAL A 89 34.56 -11.63 -10.54
N PHE A 90 34.26 -12.08 -11.75
CA PHE A 90 33.89 -11.20 -12.86
C PHE A 90 32.44 -11.47 -13.23
N TYR A 91 31.68 -10.40 -13.43
CA TYR A 91 30.28 -10.50 -13.80
C TYR A 91 30.02 -9.67 -15.05
N GLY A 92 29.08 -10.13 -15.87
CA GLY A 92 28.77 -9.48 -17.12
C GLY A 92 29.44 -10.08 -18.34
N THR A 93 30.11 -11.22 -18.19
CA THR A 93 30.81 -11.87 -19.29
C THR A 93 29.97 -13.01 -19.84
N GLU A 94 30.18 -13.32 -21.13
CA GLU A 94 29.39 -14.37 -21.76
C GLU A 94 29.62 -15.71 -21.08
N LYS A 95 30.87 -16.04 -20.77
CA LYS A 95 31.17 -17.29 -20.08
C LYS A 95 30.74 -17.21 -18.62
N ASP A 96 30.40 -18.36 -18.06
CA ASP A 96 29.96 -18.45 -16.67
C ASP A 96 30.66 -19.61 -15.99
N LYS A 97 31.05 -19.39 -14.73
CA LYS A 97 31.69 -20.44 -13.93
C LYS A 97 31.38 -20.13 -12.46
N ASN A 98 30.37 -20.80 -11.92
CA ASN A 98 29.99 -20.62 -10.52
C ASN A 98 29.47 -21.94 -9.98
N SER A 99 29.50 -22.06 -8.66
CA SER A 99 28.92 -23.25 -8.01
C SER A 99 27.43 -23.31 -8.23
N VAL A 100 26.77 -22.15 -8.36
CA VAL A 100 25.33 -22.12 -8.63
C VAL A 100 25.01 -22.25 -10.10
N ASN A 101 26.03 -22.21 -10.97
CA ASN A 101 25.83 -22.31 -12.41
C ASN A 101 24.92 -21.19 -12.92
N PHE A 102 25.07 -20.00 -12.35
CA PHE A 102 24.31 -18.85 -12.79
C PHE A 102 24.78 -18.42 -14.18
N LYS A 103 24.12 -17.40 -14.73
CA LYS A 103 24.40 -16.92 -16.07
C LYS A 103 25.12 -15.58 -16.00
N ASN A 104 26.19 -15.45 -16.78
CA ASN A 104 26.93 -14.20 -16.93
C ASN A 104 27.69 -13.82 -15.66
N ILE A 105 28.14 -14.83 -14.92
CA ILE A 105 29.00 -14.62 -13.75
C ILE A 105 30.12 -15.65 -13.79
N TYR A 106 31.36 -15.18 -13.69
CA TYR A 106 32.54 -16.04 -13.70
C TYR A 106 33.35 -15.79 -12.43
N VAL A 107 33.66 -16.88 -11.72
CA VAL A 107 34.48 -16.81 -10.51
C VAL A 107 35.89 -17.17 -10.94
N LEU A 108 36.68 -16.14 -11.26
CA LEU A 108 38.04 -16.37 -11.75
C LEU A 108 38.89 -17.07 -10.70
N GLN A 109 38.77 -16.65 -9.44
CA GLN A 109 39.55 -17.24 -8.36
C GLN A 109 38.69 -17.28 -7.11
N GLU A 110 38.52 -18.48 -6.55
CA GLU A 110 37.77 -18.65 -5.32
C GLU A 110 38.60 -18.21 -4.12
N LEU A 111 37.94 -18.06 -2.98
CA LEU A 111 38.61 -17.61 -1.77
C LEU A 111 39.78 -18.53 -1.43
N ASP A 112 40.99 -17.98 -1.47
CA ASP A 112 42.19 -18.74 -1.15
C ASP A 112 43.28 -17.75 -0.77
N ASN A 113 44.35 -18.29 -0.17
CA ASN A 113 45.46 -17.44 0.23
C ASN A 113 46.12 -16.84 -1.00
N PRO A 114 46.62 -15.60 -0.91
CA PRO A 114 47.25 -14.98 -2.07
C PRO A 114 48.54 -15.69 -2.46
N GLY A 115 48.85 -15.63 -3.76
CA GLY A 115 50.04 -16.28 -4.27
C GLY A 115 50.51 -15.61 -5.54
N ALA A 116 51.73 -15.97 -5.95
CA ALA A 116 52.31 -15.40 -7.17
C ALA A 116 51.55 -15.85 -8.41
N LYS A 117 51.05 -17.09 -8.42
CA LYS A 117 50.32 -17.58 -9.58
C LYS A 117 49.06 -16.75 -9.81
N ARG A 118 48.34 -16.42 -8.74
CA ARG A 118 47.15 -15.58 -8.87
C ARG A 118 47.50 -14.21 -9.40
N ILE A 119 48.61 -13.63 -8.92
CA ILE A 119 49.02 -12.32 -9.40
C ILE A 119 49.35 -12.37 -10.90
N LEU A 120 50.06 -13.42 -11.32
CA LEU A 120 50.38 -13.56 -12.74
C LEU A 120 49.11 -13.73 -13.57
N GLU A 121 48.15 -14.52 -13.08
CA GLU A 121 46.90 -14.70 -13.80
C GLU A 121 46.17 -13.38 -13.94
N LEU A 122 46.12 -12.58 -12.87
CA LEU A 122 45.46 -11.27 -12.94
C LEU A 122 46.18 -10.36 -13.92
N ASP A 123 47.52 -10.35 -13.88
CA ASP A 123 48.28 -9.49 -14.79
C ASP A 123 48.19 -9.94 -16.24
N GLN A 124 47.80 -11.20 -16.47
CA GLN A 124 47.66 -11.68 -17.85
C GLN A 124 46.71 -10.80 -18.65
N PHE A 125 45.74 -10.18 -17.99
CA PHE A 125 44.79 -9.28 -18.64
C PHE A 125 45.21 -7.82 -18.55
N LYS A 126 46.42 -7.54 -18.03
CA LYS A 126 46.82 -6.17 -17.75
C LYS A 126 46.86 -5.33 -19.03
N GLY A 127 47.58 -5.81 -20.04
CA GLY A 127 47.82 -5.02 -21.24
C GLY A 127 46.67 -5.06 -22.22
N GLN A 128 46.84 -4.30 -23.31
CA GLN A 128 45.85 -4.30 -24.37
C GLN A 128 45.69 -5.70 -24.98
N GLN A 129 46.81 -6.38 -25.20
CA GLN A 129 46.74 -7.78 -25.60
C GLN A 129 46.07 -8.61 -24.51
N GLY A 130 46.32 -8.28 -23.24
CA GLY A 130 45.62 -8.94 -22.16
C GLY A 130 44.13 -8.68 -22.20
N GLN A 131 43.74 -7.43 -22.50
CA GLN A 131 42.32 -7.11 -22.62
C GLN A 131 41.69 -7.90 -23.76
N LYS A 132 42.37 -8.00 -24.90
CA LYS A 132 41.85 -8.78 -26.01
C LYS A 132 41.70 -10.25 -25.64
N ARG A 133 42.70 -10.80 -24.93
CA ARG A 133 42.62 -12.19 -24.52
C ARG A 133 41.45 -12.41 -23.56
N PHE A 134 41.25 -11.49 -22.61
CA PHE A 134 40.13 -11.60 -21.69
C PHE A 134 38.80 -11.54 -22.42
N GLN A 135 38.68 -10.61 -23.38
CA GLN A 135 37.44 -10.49 -24.14
C GLN A 135 37.16 -11.76 -24.94
N ASP A 136 38.20 -12.33 -25.55
CA ASP A 136 38.01 -13.52 -26.38
C ASP A 136 37.65 -14.73 -25.52
N MET A 137 38.38 -14.93 -24.42
CA MET A 137 38.20 -16.14 -23.61
C MET A 137 37.05 -16.04 -22.63
N MET A 138 36.67 -14.83 -22.22
CA MET A 138 35.67 -14.64 -21.18
C MET A 138 34.33 -14.14 -21.71
N GLY A 139 34.33 -13.19 -22.63
CA GLY A 139 33.12 -12.64 -23.19
C GLY A 139 32.90 -11.20 -22.76
N HIS A 140 31.93 -10.56 -23.41
CA HIS A 140 31.64 -9.16 -23.18
C HIS A 140 30.21 -8.87 -23.62
N GLY A 141 29.70 -7.72 -23.16
CA GLY A 141 28.39 -7.25 -23.58
C GLY A 141 27.27 -8.21 -23.23
N SER A 142 27.25 -8.70 -22.00
CA SER A 142 26.25 -9.65 -21.54
C SER A 142 25.48 -9.07 -20.37
N ASP A 143 24.18 -9.37 -20.33
CA ASP A 143 23.33 -8.91 -19.23
C ASP A 143 23.72 -9.61 -17.93
N TYR A 144 23.32 -9.01 -16.82
CA TYR A 144 23.65 -9.53 -15.50
C TYR A 144 22.58 -9.09 -14.51
N SER A 145 22.75 -9.52 -13.26
CA SER A 145 21.85 -9.12 -12.18
C SER A 145 22.65 -9.00 -10.89
N LEU A 146 22.50 -7.85 -10.21
CA LEU A 146 23.24 -7.65 -8.98
C LEU A 146 22.90 -8.71 -7.93
N SER A 147 21.64 -9.17 -7.91
CA SER A 147 21.25 -10.21 -6.96
C SER A 147 22.05 -11.48 -7.19
N GLU A 148 22.27 -11.85 -8.46
CA GLU A 148 23.00 -13.07 -8.76
C GLU A 148 24.44 -12.98 -8.28
N VAL A 149 25.10 -11.84 -8.52
CA VAL A 149 26.50 -11.71 -8.11
C VAL A 149 26.61 -11.65 -6.58
N LEU A 150 25.64 -11.00 -5.93
CA LEU A 150 25.65 -11.02 -4.46
C LEU A 150 25.44 -12.43 -3.93
N TRP A 151 24.57 -13.21 -4.55
CA TRP A 151 24.38 -14.59 -4.16
C TRP A 151 25.67 -15.39 -4.34
N VAL A 152 26.36 -15.18 -5.46
CA VAL A 152 27.61 -15.89 -5.71
C VAL A 152 28.65 -15.52 -4.65
N CYS A 153 28.73 -14.24 -4.31
CA CYS A 153 29.68 -13.81 -3.28
C CYS A 153 29.34 -14.44 -1.93
N ALA A 154 28.05 -14.49 -1.59
CA ALA A 154 27.65 -15.11 -0.33
C ALA A 154 28.01 -16.59 -0.31
N ASN A 155 27.77 -17.29 -1.42
CA ASN A 155 28.14 -18.70 -1.50
C ASN A 155 29.64 -18.88 -1.36
N LEU A 156 30.42 -18.01 -2.01
CA LEU A 156 31.87 -18.09 -1.88
C LEU A 156 32.30 -17.90 -0.43
N PHE A 157 31.70 -16.93 0.26
CA PHE A 157 32.02 -16.73 1.67
C PHE A 157 31.67 -17.96 2.50
N SER A 158 30.50 -18.55 2.23
CA SER A 158 30.10 -19.75 2.98
C SER A 158 31.02 -20.92 2.71
N ASP A 159 31.64 -20.96 1.53
CA ASP A 159 32.49 -22.10 1.18
C ASP A 159 33.68 -22.22 2.11
N VAL A 160 34.30 -21.10 2.48
CA VAL A 160 35.51 -21.13 3.30
C VAL A 160 35.19 -21.81 4.62
N GLN A 161 36.12 -22.66 5.08
CA GLN A 161 35.94 -23.42 6.31
C GLN A 161 36.62 -22.78 7.51
N PHE A 162 37.43 -21.75 7.32
CA PHE A 162 38.13 -21.10 8.42
C PHE A 162 37.18 -20.13 9.13
N LYS A 163 37.72 -19.33 10.03
CA LYS A 163 36.97 -18.30 10.75
C LYS A 163 37.39 -16.94 10.19
N MET A 164 36.41 -16.18 9.71
CA MET A 164 36.66 -14.90 9.07
C MET A 164 36.32 -13.78 10.04
N SER A 165 37.33 -13.04 10.49
CA SER A 165 37.09 -11.87 11.32
C SER A 165 36.32 -10.81 10.55
N HIS A 166 36.68 -10.59 9.28
CA HIS A 166 36.03 -9.60 8.43
C HIS A 166 35.70 -10.24 7.09
N LYS A 167 34.45 -10.10 6.66
CA LYS A 167 34.01 -10.51 5.34
C LYS A 167 33.67 -9.26 4.54
N ARG A 168 34.37 -9.05 3.42
CA ARG A 168 34.26 -7.82 2.67
C ARG A 168 34.12 -8.11 1.18
N ILE A 169 33.36 -7.25 0.51
CA ILE A 169 33.20 -7.29 -0.93
C ILE A 169 33.52 -5.90 -1.48
N MET A 170 34.21 -5.87 -2.62
CA MET A 170 34.55 -4.63 -3.31
C MET A 170 33.98 -4.70 -4.71
N LEU A 171 33.19 -3.70 -5.08
CA LEU A 171 32.56 -3.64 -6.39
C LEU A 171 33.27 -2.60 -7.25
N PHE A 172 33.80 -3.02 -8.38
CA PHE A 172 34.50 -2.14 -9.32
C PHE A 172 33.57 -1.94 -10.53
N THR A 173 32.71 -0.93 -10.44
CA THR A 173 31.76 -0.63 -11.50
C THR A 173 31.75 0.88 -11.75
N ASN A 174 31.36 1.26 -12.96
CA ASN A 174 31.27 2.65 -13.36
C ASN A 174 29.90 2.97 -13.95
N GLU A 175 28.88 2.21 -13.56
CA GLU A 175 27.51 2.42 -14.03
C GLU A 175 26.65 2.85 -12.85
N ASP A 176 25.93 3.96 -13.03
CA ASP A 176 25.09 4.48 -11.95
C ASP A 176 23.85 3.62 -11.74
N ASN A 177 23.20 3.19 -12.82
CA ASN A 177 21.94 2.45 -12.76
C ASN A 177 22.07 1.17 -13.57
N PRO A 178 22.67 0.12 -12.99
CA PRO A 178 22.72 -1.16 -13.70
C PRO A 178 21.34 -1.70 -14.04
N HIS A 179 20.34 -1.43 -13.20
CA HIS A 179 18.97 -1.87 -13.42
C HIS A 179 18.07 -0.64 -13.41
N GLY A 180 17.92 -0.01 -14.57
CA GLY A 180 17.02 1.14 -14.71
C GLY A 180 15.80 0.80 -15.54
N ASN A 181 15.97 -0.13 -16.47
CA ASN A 181 14.84 -0.53 -17.32
C ASN A 181 13.86 -1.40 -16.55
N ASP A 182 14.35 -2.32 -15.73
CA ASP A 182 13.52 -3.24 -14.97
C ASP A 182 13.60 -2.87 -13.49
N SER A 183 12.45 -2.55 -12.90
CA SER A 183 12.41 -2.22 -11.48
C SER A 183 12.49 -3.47 -10.61
N ALA A 184 11.97 -4.61 -11.10
CA ALA A 184 12.00 -5.82 -10.30
C ALA A 184 13.42 -6.26 -10.00
N LYS A 185 14.30 -6.20 -11.00
CA LYS A 185 15.69 -6.57 -10.77
C LYS A 185 16.35 -5.64 -9.76
N ALA A 186 16.05 -4.34 -9.85
CA ALA A 186 16.62 -3.39 -8.88
C ALA A 186 16.16 -3.70 -7.47
N SER A 187 14.87 -4.02 -7.30
CA SER A 187 14.35 -4.35 -5.98
C SER A 187 14.99 -5.64 -5.46
N ARG A 188 15.14 -6.64 -6.32
CA ARG A 188 15.80 -7.87 -5.92
C ARG A 188 17.23 -7.61 -5.47
N ALA A 189 17.96 -6.79 -6.21
CA ALA A 189 19.32 -6.46 -5.83
C ALA A 189 19.36 -5.72 -4.50
N ARG A 190 18.43 -4.78 -4.30
CA ARG A 190 18.39 -4.03 -3.05
C ARG A 190 18.14 -4.95 -1.87
N THR A 191 17.16 -5.85 -1.98
CA THR A 191 16.87 -6.74 -0.87
C THR A 191 18.02 -7.71 -0.63
N LYS A 192 18.65 -8.21 -1.69
CA LYS A 192 19.77 -9.12 -1.50
C LYS A 192 20.92 -8.42 -0.81
N ALA A 193 21.18 -7.16 -1.18
CA ALA A 193 22.22 -6.39 -0.49
C ALA A 193 21.84 -6.18 0.97
N GLY A 194 20.56 -5.94 1.25
CA GLY A 194 20.14 -5.75 2.62
C GLY A 194 20.39 -6.99 3.47
N ASP A 195 20.01 -8.16 2.97
CA ASP A 195 20.28 -9.39 3.71
C ASP A 195 21.78 -9.65 3.82
N LEU A 196 22.56 -9.34 2.77
CA LEU A 196 24.00 -9.52 2.87
C LEU A 196 24.58 -8.64 3.98
N ARG A 197 24.14 -7.39 4.06
CA ARG A 197 24.60 -6.51 5.14
C ARG A 197 24.16 -7.04 6.50
N ASP A 198 22.93 -7.54 6.60
CA ASP A 198 22.45 -8.07 7.87
C ASP A 198 23.28 -9.27 8.30
N THR A 199 23.71 -10.10 7.34
CA THR A 199 24.51 -11.27 7.67
C THR A 199 25.83 -10.87 8.33
N GLY A 200 26.46 -9.81 7.82
CA GLY A 200 27.73 -9.34 8.37
C GLY A 200 28.77 -9.05 7.31
N ILE A 201 28.35 -9.03 6.05
CA ILE A 201 29.24 -8.76 4.93
C ILE A 201 29.30 -7.26 4.69
N PHE A 202 30.52 -6.72 4.60
CA PHE A 202 30.73 -5.29 4.40
C PHE A 202 31.00 -5.03 2.93
N LEU A 203 30.12 -4.24 2.30
CA LEU A 203 30.19 -3.97 0.87
C LEU A 203 30.73 -2.57 0.63
N ASP A 204 31.73 -2.46 -0.24
CA ASP A 204 32.29 -1.19 -0.65
C ASP A 204 32.16 -1.04 -2.16
N LEU A 205 31.93 0.19 -2.61
CA LEU A 205 31.76 0.52 -4.02
C LEU A 205 32.94 1.37 -4.47
N MET A 206 33.79 0.78 -5.32
CA MET A 206 34.96 1.49 -5.86
C MET A 206 34.60 2.07 -7.23
N HIS A 207 33.70 3.06 -7.20
CA HIS A 207 33.21 3.67 -8.42
C HIS A 207 34.37 4.27 -9.21
N LEU A 208 34.40 3.99 -10.51
CA LEU A 208 35.44 4.49 -11.40
C LEU A 208 34.91 5.63 -12.25
N LYS A 209 35.83 6.33 -12.90
CA LYS A 209 35.46 7.49 -13.72
C LYS A 209 34.54 7.06 -14.85
N LYS A 210 33.48 7.82 -15.07
CA LYS A 210 32.56 7.62 -16.17
C LYS A 210 32.24 8.96 -16.81
N PRO A 211 31.86 8.97 -18.09
CA PRO A 211 31.69 10.25 -18.80
C PRO A 211 30.66 11.17 -18.14
N GLY A 212 29.43 10.68 -17.99
CA GLY A 212 28.37 11.53 -17.44
C GLY A 212 28.65 11.96 -16.01
N GLY A 213 29.12 11.02 -15.17
CA GLY A 213 29.39 11.30 -13.78
C GLY A 213 28.70 10.29 -12.87
N PHE A 214 29.43 9.79 -11.88
CA PHE A 214 28.91 8.77 -10.97
C PHE A 214 28.23 9.44 -9.79
N ASP A 215 27.07 8.90 -9.41
CA ASP A 215 26.28 9.42 -8.30
C ASP A 215 25.81 8.26 -7.44
N ILE A 216 26.26 8.23 -6.19
CA ILE A 216 25.84 7.17 -5.28
C ILE A 216 24.38 7.32 -4.90
N SER A 217 23.92 8.56 -4.74
CA SER A 217 22.57 8.81 -4.25
C SER A 217 21.50 8.25 -5.17
N LEU A 218 21.83 7.97 -6.44
CA LEU A 218 20.81 7.58 -7.40
C LEU A 218 20.30 6.16 -7.13
N PHE A 219 21.19 5.18 -7.20
CA PHE A 219 20.80 3.77 -7.07
C PHE A 219 21.59 3.02 -6.02
N TYR A 220 22.87 3.32 -5.87
CA TYR A 220 23.73 2.58 -4.94
C TYR A 220 23.64 3.09 -3.51
N ARG A 221 22.80 4.09 -3.24
CA ARG A 221 22.72 4.65 -1.89
C ARG A 221 22.33 3.60 -0.87
N ASP A 222 21.34 2.77 -1.20
CA ASP A 222 20.83 1.76 -0.27
C ASP A 222 21.58 0.44 -0.35
N ILE A 223 22.51 0.28 -1.28
CA ILE A 223 23.28 -0.96 -1.40
C ILE A 223 24.50 -0.94 -0.49
N ILE A 224 25.17 0.21 -0.39
CA ILE A 224 26.35 0.31 0.46
C ILE A 224 25.94 0.17 1.92
N SER A 225 26.69 -0.63 2.67
CA SER A 225 26.36 -0.83 4.08
C SER A 225 26.42 0.47 4.85
N ILE A 226 27.45 1.28 4.62
CA ILE A 226 27.61 2.59 5.24
C ILE A 226 27.65 3.63 4.13
N ALA A 227 26.74 4.59 4.18
CA ALA A 227 26.65 5.65 3.18
C ALA A 227 27.06 6.97 3.84
N GLU A 228 28.30 7.37 3.62
CA GLU A 228 28.78 8.63 4.16
C GLU A 228 28.03 9.79 3.52
N ASP A 229 27.67 10.78 4.35
CA ASP A 229 26.92 11.92 3.84
C ASP A 229 27.73 12.69 2.80
N GLU A 230 29.06 12.66 2.91
CA GLU A 230 29.89 13.40 1.95
C GLU A 230 29.74 12.85 0.54
N ASP A 231 29.68 11.52 0.40
CA ASP A 231 29.60 10.90 -0.91
C ASP A 231 28.17 10.85 -1.46
N LEU A 232 27.48 11.98 -1.41
CA LEU A 232 26.12 12.08 -1.91
C LEU A 232 26.01 12.89 -3.20
N ARG A 233 27.04 13.63 -3.57
CA ARG A 233 27.04 14.41 -4.81
C ARG A 233 27.43 13.50 -5.97
N VAL A 234 27.67 14.09 -7.13
CA VAL A 234 28.10 13.37 -8.32
C VAL A 234 29.61 13.46 -8.43
N HIS A 235 30.26 12.32 -8.63
CA HIS A 235 31.71 12.24 -8.70
C HIS A 235 32.13 12.24 -10.18
N PHE A 236 32.96 13.21 -10.55
CA PHE A 236 33.47 13.31 -11.92
C PHE A 236 34.83 12.65 -12.09
N GLU A 237 35.38 12.05 -11.04
CA GLU A 237 36.69 11.43 -11.09
C GLU A 237 36.63 10.08 -10.37
N GLU A 238 37.79 9.42 -10.28
CA GLU A 238 37.86 8.12 -9.64
C GLU A 238 37.63 8.23 -8.14
N SER A 239 37.23 7.11 -7.54
CA SER A 239 37.03 7.07 -6.10
C SER A 239 38.35 7.30 -5.37
N SER A 240 38.30 8.05 -4.28
CA SER A 240 39.51 8.34 -3.52
C SER A 240 40.12 7.10 -2.89
N LYS A 241 39.34 6.03 -2.72
CA LYS A 241 39.86 4.81 -2.13
C LYS A 241 40.85 4.10 -3.03
N LEU A 242 40.79 4.35 -4.35
CA LEU A 242 41.76 3.73 -5.25
C LEU A 242 43.17 4.20 -4.93
N GLU A 243 43.34 5.46 -4.52
CA GLU A 243 44.65 5.95 -4.15
C GLU A 243 45.21 5.15 -2.96
N ASP A 244 44.38 4.90 -1.96
CA ASP A 244 44.81 4.09 -0.83
C ASP A 244 45.12 2.66 -1.26
N LEU A 245 44.29 2.08 -2.12
CA LEU A 245 44.50 0.71 -2.56
C LEU A 245 45.81 0.57 -3.31
N LEU A 246 46.11 1.52 -4.20
CA LEU A 246 47.33 1.45 -5.00
C LEU A 246 48.59 1.72 -4.18
N ARG A 247 48.46 2.20 -2.95
CA ARG A 247 49.62 2.48 -2.10
C ARG A 247 50.12 1.17 -1.51
N LYS A 248 51.18 0.62 -2.10
CA LYS A 248 51.76 -0.61 -1.61
C LYS A 248 52.33 -0.42 -0.21
N VAL A 249 52.14 -1.42 0.65
CA VAL A 249 52.68 -1.43 2.00
C VAL A 249 53.60 -2.63 2.14
N ARG A 250 54.83 -2.38 2.59
CA ARG A 250 55.83 -3.43 2.79
C ARG A 250 56.16 -3.47 4.28
N ALA A 251 55.37 -4.24 5.03
CA ALA A 251 55.56 -4.37 6.46
C ALA A 251 54.68 -5.49 7.01
N LYS A 252 55.27 -6.40 7.78
CA LYS A 252 54.52 -7.52 8.34
C LYS A 252 53.65 -7.03 9.49
N GLU A 253 52.34 -7.03 9.28
CA GLU A 253 51.40 -6.63 10.32
C GLU A 253 50.93 -7.86 11.09
N THR A 254 51.02 -7.80 12.41
CA THR A 254 50.72 -8.92 13.28
C THR A 254 49.59 -8.55 14.23
N ARG A 255 48.64 -9.47 14.40
CA ARG A 255 47.55 -9.27 15.33
C ARG A 255 48.10 -9.23 16.76
N LYS A 256 47.42 -8.45 17.61
CA LYS A 256 47.85 -8.32 18.99
C LYS A 256 47.89 -9.70 19.66
N ARG A 257 48.97 -9.95 20.39
CA ARG A 257 49.18 -11.23 21.06
C ARG A 257 50.04 -11.01 22.28
N ALA A 258 49.52 -11.37 23.45
CA ALA A 258 50.28 -11.20 24.68
C ALA A 258 51.47 -12.15 24.70
N LEU A 259 52.66 -11.61 24.98
CA LEU A 259 53.85 -12.45 25.06
C LEU A 259 53.72 -13.46 26.18
N SER A 260 53.23 -13.03 27.34
CA SER A 260 53.07 -13.92 28.49
C SER A 260 52.15 -13.27 29.50
N ARG A 261 51.30 -14.08 30.14
CA ARG A 261 50.45 -13.65 31.24
C ARG A 261 51.11 -14.08 32.55
N LEU A 262 51.58 -13.11 33.31
CA LEU A 262 52.27 -13.35 34.57
C LEU A 262 51.44 -12.81 35.73
N LYS A 263 51.97 -12.98 36.94
CA LYS A 263 51.32 -12.55 38.16
C LYS A 263 52.23 -11.54 38.86
N LEU A 264 51.70 -10.33 39.07
CA LEU A 264 52.38 -9.32 39.86
C LEU A 264 51.99 -9.51 41.33
N LYS A 265 52.99 -9.70 42.18
CA LYS A 265 52.78 -10.04 43.59
C LYS A 265 53.22 -8.87 44.45
N LEU A 266 52.25 -8.06 44.88
CA LEU A 266 52.56 -7.01 45.86
C LEU A 266 53.01 -7.63 47.17
N ASN A 267 52.39 -8.72 47.58
CA ASN A 267 52.78 -9.48 48.76
C ASN A 267 52.61 -10.96 48.45
N LYS A 268 52.74 -11.80 49.48
CA LYS A 268 52.56 -13.23 49.28
C LYS A 268 51.14 -13.55 48.85
N ASP A 269 50.16 -12.89 49.45
CA ASP A 269 48.75 -13.16 49.16
C ASP A 269 48.19 -12.21 48.10
N ILE A 270 48.57 -10.94 48.14
CA ILE A 270 48.05 -9.97 47.18
C ILE A 270 48.73 -10.21 45.84
N VAL A 271 47.99 -10.80 44.90
CA VAL A 271 48.50 -11.15 43.58
C VAL A 271 47.48 -10.72 42.54
N ILE A 272 47.96 -10.09 41.47
CA ILE A 272 47.11 -9.69 40.36
C ILE A 272 47.68 -10.32 39.08
N SER A 273 46.82 -10.46 38.08
CA SER A 273 47.20 -11.06 36.80
C SER A 273 47.40 -9.96 35.77
N VAL A 274 48.56 -9.98 35.11
CA VAL A 274 48.89 -8.99 34.11
C VAL A 274 49.40 -9.71 32.86
N GLY A 275 49.39 -8.99 31.74
CA GLY A 275 49.90 -9.50 30.49
C GLY A 275 50.97 -8.57 29.95
N ILE A 276 51.95 -9.16 29.27
CA ILE A 276 53.12 -8.46 28.77
C ILE A 276 53.09 -8.47 27.25
N TYR A 277 53.25 -7.30 26.64
CA TYR A 277 53.27 -7.14 25.20
C TYR A 277 54.55 -6.43 24.80
N ASN A 278 54.94 -6.62 23.54
CA ASN A 278 56.11 -5.98 22.96
C ASN A 278 55.63 -4.96 21.93
N LEU A 279 55.35 -3.74 22.39
CA LEU A 279 54.89 -2.70 21.48
C LEU A 279 55.94 -2.37 20.43
N VAL A 280 57.21 -2.58 20.75
CA VAL A 280 58.31 -2.38 19.81
C VAL A 280 59.08 -3.70 19.71
N GLN A 281 59.22 -4.21 18.49
CA GLN A 281 59.92 -5.46 18.25
C GLN A 281 60.69 -5.35 16.94
N LYS A 282 61.92 -5.84 16.94
CA LYS A 282 62.75 -5.79 15.75
C LYS A 282 62.12 -6.62 14.63
N ALA A 283 62.26 -6.13 13.39
CA ALA A 283 61.72 -6.81 12.22
C ALA A 283 62.84 -7.59 11.55
N LEU A 284 62.63 -8.90 11.39
CA LEU A 284 63.60 -9.79 10.77
C LEU A 284 63.04 -10.35 9.47
N LYS A 285 63.91 -10.51 8.49
CA LYS A 285 63.50 -11.08 7.22
C LYS A 285 63.06 -12.53 7.44
N PRO A 286 62.12 -13.04 6.63
CA PRO A 286 61.66 -14.42 6.80
C PRO A 286 62.81 -15.39 6.68
N PRO A 287 62.83 -16.45 7.50
CA PRO A 287 63.96 -17.38 7.47
C PRO A 287 64.07 -18.07 6.12
N PRO A 288 65.28 -18.35 5.65
CA PRO A 288 65.43 -19.08 4.39
C PRO A 288 64.94 -20.51 4.52
N ILE A 289 64.61 -21.10 3.37
CA ILE A 289 64.09 -22.46 3.29
C ILE A 289 64.96 -23.25 2.31
N LYS A 290 65.31 -24.47 2.71
CA LYS A 290 66.07 -25.36 1.84
C LYS A 290 65.15 -26.02 0.83
N LEU A 291 65.63 -26.14 -0.41
CA LEU A 291 64.85 -26.73 -1.48
C LEU A 291 65.76 -27.63 -2.32
N TYR A 292 65.13 -28.58 -3.01
CA TYR A 292 65.83 -29.45 -3.93
C TYR A 292 66.03 -28.72 -5.26
N ARG A 293 67.28 -28.60 -5.69
CA ARG A 293 67.58 -27.80 -6.87
C ARG A 293 66.91 -28.37 -8.12
N GLU A 294 66.90 -29.69 -8.26
CA GLU A 294 66.40 -30.29 -9.48
C GLU A 294 64.91 -30.00 -9.67
N THR A 295 64.12 -30.08 -8.60
CA THR A 295 62.68 -29.93 -8.69
C THR A 295 62.12 -28.76 -7.90
N ASN A 296 62.91 -28.12 -7.04
CA ASN A 296 62.47 -26.97 -6.27
C ASN A 296 61.24 -27.30 -5.42
N GLU A 297 61.44 -28.23 -4.49
CA GLU A 297 60.39 -28.62 -3.55
C GLU A 297 60.97 -28.67 -2.15
N PRO A 298 60.14 -28.48 -1.12
CA PRO A 298 60.65 -28.46 0.25
C PRO A 298 61.34 -29.77 0.60
N VAL A 299 62.44 -29.66 1.35
CA VAL A 299 63.23 -30.81 1.78
C VAL A 299 63.17 -30.89 3.30
N LYS A 300 63.27 -32.10 3.81
CA LYS A 300 63.23 -32.36 5.25
C LYS A 300 64.65 -32.49 5.78
N THR A 301 64.95 -31.74 6.85
CA THR A 301 66.26 -31.76 7.47
C THR A 301 66.20 -32.58 8.76
N LYS A 302 67.15 -33.50 8.92
CA LYS A 302 67.20 -34.38 10.07
C LYS A 302 68.60 -34.33 10.68
N THR A 303 68.65 -34.20 12.00
CA THR A 303 69.91 -34.17 12.74
C THR A 303 69.96 -35.37 13.67
N ARG A 304 71.11 -36.07 13.67
CA ARG A 304 71.28 -37.27 14.47
C ARG A 304 72.64 -37.22 15.16
N THR A 305 72.72 -37.94 16.28
CA THR A 305 73.95 -38.05 17.05
C THR A 305 74.29 -39.53 17.22
N PHE A 306 75.55 -39.87 16.95
CA PHE A 306 76.01 -41.25 17.03
C PHE A 306 77.40 -41.30 17.62
N ASN A 307 77.75 -42.47 18.17
CA ASN A 307 79.08 -42.66 18.73
C ASN A 307 80.11 -42.81 17.61
N THR A 308 81.27 -42.18 17.79
CA THR A 308 82.33 -42.28 16.81
C THR A 308 82.88 -43.70 16.69
N SER A 309 82.70 -44.53 17.73
CA SER A 309 83.19 -45.90 17.73
C SER A 309 82.11 -46.92 17.44
N THR A 310 80.91 -46.75 17.99
CA THR A 310 79.81 -47.69 17.80
C THR A 310 78.86 -47.26 16.70
N GLY A 311 78.58 -45.97 16.56
CA GLY A 311 77.68 -45.47 15.55
C GLY A 311 76.21 -45.54 15.91
N GLY A 312 75.87 -46.04 17.09
CA GLY A 312 74.48 -46.12 17.48
C GLY A 312 73.94 -44.78 18.00
N LEU A 313 72.62 -44.65 17.94
CA LEU A 313 71.98 -43.43 18.39
C LEU A 313 72.19 -43.25 19.89
N LEU A 314 72.35 -42.00 20.31
CA LEU A 314 72.58 -41.65 21.71
C LEU A 314 71.38 -40.89 22.25
N LEU A 315 70.82 -41.38 23.35
CA LEU A 315 69.73 -40.71 24.01
C LEU A 315 70.24 -39.50 24.79
N PRO A 316 69.38 -38.52 25.07
CA PRO A 316 69.83 -37.36 25.85
C PRO A 316 70.40 -37.74 27.20
N SER A 317 69.86 -38.77 27.85
CA SER A 317 70.40 -39.20 29.13
C SER A 317 71.83 -39.72 28.99
N ASP A 318 72.13 -40.36 27.85
CA ASP A 318 73.46 -40.91 27.65
C ASP A 318 74.52 -39.81 27.66
N THR A 319 74.24 -38.68 27.03
CA THR A 319 75.18 -37.58 27.00
C THR A 319 75.19 -36.84 28.34
N LYS A 320 76.29 -36.11 28.57
CA LYS A 320 76.44 -35.31 29.77
C LYS A 320 77.15 -34.01 29.42
N ARG A 321 76.91 -32.99 30.24
CA ARG A 321 77.50 -31.67 30.04
C ARG A 321 78.73 -31.52 30.93
N SER A 322 79.83 -31.07 30.33
CA SER A 322 81.09 -30.92 31.05
C SER A 322 81.75 -29.61 30.66
N GLN A 323 82.56 -29.08 31.57
CA GLN A 323 83.34 -27.87 31.34
C GLN A 323 84.78 -28.14 31.72
N ILE A 324 85.70 -27.55 30.96
CA ILE A 324 87.14 -27.73 31.15
C ILE A 324 87.73 -26.42 31.66
N TYR A 325 88.44 -26.50 32.78
CA TYR A 325 89.13 -25.35 33.37
C TYR A 325 90.57 -25.77 33.63
N GLY A 326 91.44 -25.53 32.65
CA GLY A 326 92.82 -25.97 32.75
C GLY A 326 92.93 -27.48 32.72
N SER A 327 93.44 -28.06 33.81
CA SER A 327 93.57 -29.51 33.94
C SER A 327 92.42 -30.13 34.73
N ARG A 328 91.41 -29.35 35.09
CA ARG A 328 90.28 -29.82 35.86
C ARG A 328 89.04 -29.87 34.99
N GLN A 329 88.27 -30.95 35.13
CA GLN A 329 87.03 -31.16 34.39
C GLN A 329 85.87 -31.31 35.36
N ILE A 330 84.76 -30.64 35.06
CA ILE A 330 83.57 -30.65 35.89
C ILE A 330 82.43 -31.25 35.07
N ILE A 331 81.72 -32.20 35.65
CA ILE A 331 80.67 -32.95 34.96
C ILE A 331 79.33 -32.60 35.58
N LEU A 332 78.36 -32.23 34.73
CA LEU A 332 77.01 -31.93 35.17
C LEU A 332 76.02 -32.43 34.12
N GLU A 333 74.79 -32.67 34.56
CA GLU A 333 73.72 -33.14 33.69
C GLU A 333 72.84 -31.97 33.27
N LYS A 334 71.96 -32.25 32.30
CA LYS A 334 71.06 -31.20 31.81
C LYS A 334 70.16 -30.69 32.91
N GLU A 335 69.61 -31.58 33.73
CA GLU A 335 68.76 -31.15 34.83
C GLU A 335 69.53 -30.26 35.80
N GLU A 336 70.78 -30.63 36.12
CA GLU A 336 71.60 -29.79 36.98
C GLU A 336 71.87 -28.44 36.34
N THR A 337 72.14 -28.43 35.03
CA THR A 337 72.40 -27.18 34.33
C THR A 337 71.18 -26.26 34.39
N GLU A 338 69.98 -26.82 34.21
CA GLU A 338 68.78 -26.01 34.32
C GLU A 338 68.57 -25.53 35.75
N GLU A 339 68.84 -26.39 36.74
CA GLU A 339 68.70 -25.98 38.14
C GLU A 339 69.69 -24.90 38.51
N LEU A 340 70.82 -24.81 37.79
CA LEU A 340 71.81 -23.79 38.07
C LEU A 340 71.20 -22.40 38.03
N LYS A 341 70.47 -22.09 36.94
CA LYS A 341 69.85 -20.78 36.76
C LYS A 341 68.38 -20.89 37.15
N ARG A 342 68.14 -20.90 38.46
CA ARG A 342 66.78 -21.01 38.98
C ARG A 342 66.77 -20.39 40.37
N PHE A 343 66.10 -19.24 40.51
CA PHE A 343 66.02 -18.53 41.78
C PHE A 343 64.60 -18.45 42.31
N ASP A 344 63.64 -18.05 41.47
CA ASP A 344 62.26 -17.92 41.90
C ASP A 344 61.34 -18.27 40.74
N ASP A 345 60.08 -18.54 41.07
CA ASP A 345 59.11 -18.91 40.07
C ASP A 345 58.81 -17.73 39.14
N PRO A 346 58.33 -17.99 37.93
CA PRO A 346 58.06 -16.90 36.99
C PRO A 346 57.06 -15.91 37.55
N GLY A 347 57.28 -14.63 37.26
CA GLY A 347 56.36 -13.60 37.67
C GLY A 347 57.11 -12.30 37.96
N LEU A 348 56.37 -11.34 38.48
CA LEU A 348 56.89 -10.02 38.84
C LEU A 348 56.72 -9.84 40.35
N MET A 349 57.80 -10.06 41.09
CA MET A 349 57.78 -9.86 42.54
C MET A 349 57.99 -8.38 42.83
N LEU A 350 56.97 -7.72 43.35
CA LEU A 350 57.02 -6.28 43.52
C LEU A 350 57.96 -5.90 44.67
N MET A 351 58.76 -4.87 44.43
CA MET A 351 59.61 -4.25 45.44
C MET A 351 59.08 -2.85 45.73
N GLY A 352 59.83 -2.10 46.53
CA GLY A 352 59.44 -0.74 46.85
C GLY A 352 59.39 0.15 45.63
N PHE A 353 58.83 1.33 45.82
CA PHE A 353 58.66 2.31 44.75
C PHE A 353 59.84 3.28 44.74
N LYS A 354 60.18 3.76 43.55
CA LYS A 354 61.33 4.62 43.34
C LYS A 354 60.92 5.89 42.61
N PRO A 355 61.41 7.05 43.01
CA PRO A 355 61.13 8.27 42.24
C PRO A 355 61.65 8.15 40.80
N LEU A 356 60.89 8.71 39.87
CA LEU A 356 61.25 8.62 38.46
C LEU A 356 62.57 9.33 38.17
N VAL A 357 62.99 10.26 39.02
CA VAL A 357 64.24 10.98 38.77
C VAL A 357 65.43 10.04 38.82
N LEU A 358 65.42 9.10 39.76
CA LEU A 358 66.55 8.19 39.93
C LEU A 358 66.74 7.24 38.75
N LEU A 359 65.74 7.13 37.87
CA LEU A 359 65.84 6.25 36.70
C LEU A 359 66.55 7.03 35.59
N LYS A 360 67.84 6.76 35.42
CA LYS A 360 68.61 7.45 34.40
C LYS A 360 68.14 7.07 33.00
N LYS A 361 68.04 8.08 32.13
CA LYS A 361 67.58 7.83 30.77
C LYS A 361 68.59 7.07 29.93
N HIS A 362 69.88 7.16 30.28
CA HIS A 362 70.93 6.49 29.53
C HIS A 362 71.25 5.10 30.04
N HIS A 363 70.55 4.64 31.09
CA HIS A 363 70.75 3.28 31.62
C HIS A 363 69.81 2.30 30.91
N TYR A 364 70.01 2.19 29.60
CA TYR A 364 69.20 1.32 28.75
C TYR A 364 69.94 0.02 28.51
N LEU A 365 69.25 -1.10 28.73
CA LEU A 365 69.81 -2.43 28.52
C LEU A 365 69.06 -3.25 27.48
N ARG A 366 67.73 -3.30 27.58
CA ARG A 366 66.91 -4.14 26.72
C ARG A 366 65.69 -3.34 26.28
N PRO A 367 65.12 -3.65 25.12
CA PRO A 367 63.88 -2.97 24.71
C PRO A 367 62.79 -3.16 25.76
N SER A 368 62.04 -2.09 26.00
CA SER A 368 61.03 -2.08 27.04
C SER A 368 59.80 -2.88 26.60
N LEU A 369 58.98 -3.24 27.58
CA LEU A 369 57.74 -3.98 27.36
C LEU A 369 56.57 -3.19 27.91
N PHE A 370 55.36 -3.68 27.64
CA PHE A 370 54.14 -3.04 28.10
C PHE A 370 53.38 -4.03 28.99
N VAL A 371 52.95 -3.56 30.16
CA VAL A 371 52.23 -4.38 31.13
C VAL A 371 50.81 -3.84 31.22
N TYR A 372 49.83 -4.71 31.00
CA TYR A 372 48.43 -4.34 31.00
C TYR A 372 47.63 -5.37 31.80
N PRO A 373 46.67 -4.94 32.63
CA PRO A 373 45.90 -5.91 33.40
C PRO A 373 45.16 -6.88 32.49
N GLU A 374 45.10 -8.14 32.90
CA GLU A 374 44.49 -9.19 32.09
C GLU A 374 43.00 -9.36 32.42
N GLU A 375 42.69 -9.63 33.67
CA GLU A 375 41.34 -9.81 34.21
C GLU A 375 40.74 -11.16 33.81
N SER A 376 41.40 -11.96 32.98
CA SER A 376 40.90 -13.26 32.58
C SER A 376 41.42 -14.39 33.48
N LEU A 377 42.31 -14.08 34.42
CA LEU A 377 42.85 -15.05 35.35
C LEU A 377 42.41 -14.81 36.78
N VAL A 378 42.49 -13.56 37.24
CA VAL A 378 42.03 -13.18 38.57
C VAL A 378 41.11 -11.98 38.43
N ILE A 379 39.93 -12.06 39.05
CA ILE A 379 38.96 -10.98 38.98
C ILE A 379 39.33 -9.88 39.96
N GLY A 380 39.08 -8.63 39.58
CA GLY A 380 39.39 -7.49 40.41
C GLY A 380 40.79 -6.92 40.23
N SER A 381 41.64 -7.56 39.42
CA SER A 381 42.98 -7.04 39.21
C SER A 381 42.96 -5.71 38.46
N SER A 382 41.95 -5.50 37.60
CA SER A 382 41.90 -4.26 36.83
C SER A 382 41.74 -3.05 37.74
N THR A 383 40.89 -3.15 38.76
CA THR A 383 40.70 -2.01 39.67
C THR A 383 41.98 -1.67 40.40
N LEU A 384 42.68 -2.68 40.93
CA LEU A 384 43.93 -2.42 41.63
C LEU A 384 44.98 -1.84 40.69
N PHE A 385 45.06 -2.36 39.46
CA PHE A 385 46.00 -1.83 38.49
C PHE A 385 45.70 -0.37 38.19
N SER A 386 44.43 -0.03 38.00
CA SER A 386 44.06 1.35 37.72
C SER A 386 44.40 2.26 38.89
N ALA A 387 44.11 1.81 40.11
CA ALA A 387 44.44 2.62 41.29
C ALA A 387 45.95 2.83 41.39
N LEU A 388 46.73 1.77 41.18
CA LEU A 388 48.18 1.89 41.24
C LEU A 388 48.69 2.85 40.19
N LEU A 389 48.17 2.76 38.97
CA LEU A 389 48.60 3.66 37.90
C LEU A 389 48.27 5.11 38.25
N ILE A 390 47.06 5.35 38.75
CA ILE A 390 46.67 6.72 39.09
C ILE A 390 47.56 7.28 40.19
N LYS A 391 47.81 6.49 41.23
CA LYS A 391 48.63 6.99 42.34
C LYS A 391 50.07 7.18 41.91
N CYS A 392 50.59 6.29 41.05
CA CYS A 392 51.95 6.47 40.54
C CYS A 392 52.06 7.74 39.72
N LEU A 393 51.07 8.01 38.87
CA LEU A 393 51.08 9.25 38.10
C LEU A 393 51.02 10.46 39.02
N GLU A 394 50.19 10.39 40.06
CA GLU A 394 50.04 11.54 40.95
C GLU A 394 51.34 11.80 41.71
N LYS A 395 51.98 10.74 42.20
CA LYS A 395 53.22 10.88 42.96
C LYS A 395 54.47 10.85 42.09
N GLU A 396 54.34 10.53 40.80
CA GLU A 396 55.48 10.46 39.89
C GLU A 396 56.54 9.48 40.41
N VAL A 397 56.13 8.22 40.54
CA VAL A 397 56.99 7.16 41.02
C VAL A 397 56.84 5.95 40.09
N ALA A 398 57.75 5.00 40.24
CA ALA A 398 57.76 3.78 39.44
C ALA A 398 57.90 2.58 40.37
N ALA A 399 57.28 1.48 39.96
CA ALA A 399 57.30 0.25 40.76
C ALA A 399 58.52 -0.57 40.40
N LEU A 400 59.43 -0.76 41.35
CA LEU A 400 60.59 -1.61 41.14
C LEU A 400 60.21 -3.05 41.42
N CYS A 401 60.55 -3.95 40.50
CA CYS A 401 60.12 -5.33 40.60
C CYS A 401 61.24 -6.26 40.15
N ARG A 402 61.16 -7.50 40.61
CA ARG A 402 62.01 -8.59 40.15
C ARG A 402 61.23 -9.39 39.12
N TYR A 403 61.74 -9.44 37.89
CA TYR A 403 61.04 -10.03 36.76
C TYR A 403 61.69 -11.37 36.42
N THR A 404 60.85 -12.40 36.29
CA THR A 404 61.28 -13.73 35.89
C THR A 404 60.33 -14.22 34.81
N PRO A 405 60.68 -14.06 33.53
CA PRO A 405 59.72 -14.39 32.46
C PRO A 405 59.31 -15.85 32.44
N ARG A 406 60.27 -16.75 32.36
CA ARG A 406 60.02 -18.18 32.21
C ARG A 406 60.62 -18.95 33.37
N ARG A 407 60.22 -20.22 33.47
CA ARG A 407 60.74 -21.10 34.50
C ARG A 407 62.23 -21.35 34.28
N ASN A 408 62.97 -21.42 35.39
CA ASN A 408 64.41 -21.71 35.35
C ASN A 408 65.14 -20.68 34.48
N ILE A 409 65.03 -19.42 34.89
CA ILE A 409 65.71 -18.32 34.21
C ILE A 409 66.16 -17.33 35.28
N PRO A 410 67.38 -16.79 35.22
CA PRO A 410 67.82 -15.87 36.27
C PRO A 410 66.91 -14.65 36.35
N PRO A 411 66.64 -14.16 37.55
CA PRO A 411 65.77 -12.98 37.68
C PRO A 411 66.50 -11.72 37.24
N TYR A 412 65.71 -10.75 36.79
CA TYR A 412 66.22 -9.43 36.43
C TYR A 412 65.49 -8.37 37.24
N PHE A 413 66.02 -7.15 37.23
CA PHE A 413 65.41 -6.02 37.91
C PHE A 413 64.77 -5.11 36.87
N VAL A 414 63.50 -4.79 37.07
CA VAL A 414 62.75 -3.97 36.12
C VAL A 414 62.04 -2.86 36.88
N ALA A 415 61.74 -1.79 36.14
CA ALA A 415 60.96 -0.68 36.65
C ALA A 415 59.72 -0.51 35.78
N LEU A 416 58.56 -0.51 36.43
CA LEU A 416 57.29 -0.25 35.77
C LEU A 416 56.95 1.22 36.00
N VAL A 417 57.04 2.01 34.94
CA VAL A 417 56.70 3.44 35.00
C VAL A 417 55.28 3.62 34.48
N PRO A 418 54.46 4.46 35.09
CA PRO A 418 53.08 4.62 34.61
C PRO A 418 53.04 5.23 33.22
N GLN A 419 51.99 4.88 32.48
CA GLN A 419 51.77 5.44 31.15
C GLN A 419 50.29 5.75 31.02
N GLU A 420 49.94 7.04 31.06
CA GLU A 420 48.56 7.46 30.89
C GLU A 420 48.15 7.41 29.43
N GLU A 421 46.87 7.18 29.19
CA GLU A 421 46.36 7.12 27.83
C GLU A 421 46.54 8.48 27.15
N GLU A 422 47.04 8.44 25.91
CA GLU A 422 47.24 9.65 25.13
C GLU A 422 46.67 9.44 23.74
N LEU A 423 45.84 10.38 23.29
CA LEU A 423 45.19 10.30 21.99
C LEU A 423 45.35 11.62 21.27
N ASP A 424 45.68 11.54 19.97
CA ASP A 424 45.83 12.74 19.15
C ASP A 424 44.45 13.23 18.70
N ASP A 425 44.44 14.16 17.76
CA ASP A 425 43.18 14.73 17.28
C ASP A 425 42.26 13.63 16.73
N GLN A 426 41.01 14.01 16.51
CA GLN A 426 39.98 13.11 15.97
C GLN A 426 39.88 11.81 16.76
N LYS A 427 40.24 11.86 18.04
CA LYS A 427 40.08 10.74 18.96
C LYS A 427 40.66 9.45 18.35
N ILE A 428 41.97 9.45 18.20
CA ILE A 428 42.73 8.27 17.79
C ILE A 428 43.81 8.03 18.83
N GLN A 429 43.77 6.86 19.45
CA GLN A 429 44.73 6.54 20.50
C GLN A 429 46.13 6.37 19.94
N VAL A 430 47.11 6.93 20.63
CA VAL A 430 48.51 6.78 20.23
C VAL A 430 49.40 6.27 21.36
N THR A 431 49.01 6.42 22.63
CA THR A 431 49.78 5.90 23.75
C THR A 431 48.83 5.14 24.66
N PRO A 432 48.84 3.80 24.62
CA PRO A 432 47.89 3.05 25.43
C PRO A 432 48.18 3.21 26.92
N PRO A 433 47.17 3.09 27.78
CA PRO A 433 47.41 3.20 29.21
C PRO A 433 47.85 1.89 29.84
N GLY A 434 48.78 1.99 30.77
CA GLY A 434 49.30 0.80 31.45
C GLY A 434 50.62 1.12 32.14
N PHE A 435 51.49 0.11 32.16
CA PHE A 435 52.84 0.28 32.70
C PHE A 435 53.86 -0.01 31.61
N GLN A 436 54.97 0.73 31.65
CA GLN A 436 56.09 0.50 30.76
C GLN A 436 57.22 -0.14 31.57
N LEU A 437 57.64 -1.33 31.16
CA LEU A 437 58.62 -2.12 31.89
C LEU A 437 59.98 -1.91 31.25
N VAL A 438 60.92 -1.37 32.01
CA VAL A 438 62.28 -1.09 31.54
C VAL A 438 63.26 -1.85 32.41
N PHE A 439 64.16 -2.60 31.78
CA PHE A 439 65.14 -3.40 32.51
C PHE A 439 66.29 -2.53 32.98
N LEU A 440 66.61 -2.61 34.29
CA LEU A 440 67.71 -1.86 34.85
C LEU A 440 68.97 -2.71 34.81
N PRO A 441 70.07 -2.25 34.21
CA PRO A 441 71.25 -3.10 34.08
C PRO A 441 71.87 -3.42 35.44
N PHE A 442 72.48 -4.60 35.52
CA PHE A 442 73.21 -5.01 36.70
C PHE A 442 74.59 -4.37 36.71
N ALA A 443 75.36 -4.63 37.78
CA ALA A 443 76.71 -4.09 37.86
C ALA A 443 77.59 -4.64 36.74
N ASP A 444 77.44 -5.93 36.43
CA ASP A 444 78.25 -6.54 35.38
C ASP A 444 77.88 -6.05 34.00
N ASP A 445 76.68 -5.51 33.82
CA ASP A 445 76.24 -5.03 32.51
C ASP A 445 76.83 -3.67 32.15
N LYS A 446 77.45 -2.98 33.10
CA LYS A 446 78.06 -1.67 32.85
C LYS A 446 79.55 -1.82 32.64
N ARG A 447 80.09 -1.05 31.70
CA ARG A 447 81.51 -1.06 31.36
C ARG A 447 82.13 0.28 31.72
N LYS A 448 83.33 0.23 32.27
CA LYS A 448 84.04 1.44 32.65
C LYS A 448 84.68 2.10 31.44
N MET A 449 84.60 3.44 31.39
CA MET A 449 85.20 4.18 30.28
C MET A 449 86.61 4.62 30.63
N PRO A 450 87.50 4.74 29.65
CA PRO A 450 88.85 5.23 29.94
C PRO A 450 88.83 6.68 30.39
N PHE A 451 89.81 7.03 31.22
CA PHE A 451 89.91 8.39 31.71
C PHE A 451 90.20 9.35 30.56
N THR A 452 89.46 10.45 30.51
CA THR A 452 89.60 11.46 29.47
C THR A 452 89.62 12.84 30.11
N GLU A 453 90.57 13.67 29.69
CA GLU A 453 90.61 15.05 30.16
C GLU A 453 89.53 15.86 29.47
N LYS A 454 88.77 16.61 30.26
CA LYS A 454 87.66 17.38 29.72
C LYS A 454 88.17 18.71 29.16
N ILE A 455 87.81 19.01 27.92
CA ILE A 455 88.18 20.25 27.26
C ILE A 455 86.91 21.04 26.99
N MET A 456 86.84 22.25 27.54
CA MET A 456 85.67 23.10 27.38
C MET A 456 85.76 23.90 26.08
N ALA A 457 84.61 24.35 25.61
CA ALA A 457 84.49 25.12 24.38
C ALA A 457 84.15 26.56 24.70
N THR A 458 84.81 27.49 24.00
CA THR A 458 84.56 28.91 24.22
C THR A 458 83.12 29.25 23.81
N PRO A 459 82.55 30.30 24.41
CA PRO A 459 81.14 30.62 24.11
C PRO A 459 80.88 30.89 22.64
N GLU A 460 81.85 31.43 21.90
CA GLU A 460 81.63 31.71 20.49
C GLU A 460 81.41 30.41 19.71
N GLN A 461 82.22 29.38 19.98
CA GLN A 461 82.03 28.10 19.31
C GLN A 461 80.68 27.49 19.66
N VAL A 462 80.28 27.58 20.93
CA VAL A 462 78.98 27.05 21.33
C VAL A 462 77.86 27.78 20.62
N GLY A 463 77.98 29.11 20.49
CA GLY A 463 76.96 29.85 19.76
C GLY A 463 76.89 29.48 18.29
N LYS A 464 78.06 29.31 17.67
CA LYS A 464 78.07 28.93 16.25
C LYS A 464 77.43 27.56 16.06
N MET A 465 77.74 26.60 16.95
CA MET A 465 77.09 25.30 16.87
C MET A 465 75.59 25.38 17.16
N LYS A 466 75.18 26.26 18.07
CA LYS A 466 73.74 26.42 18.31
C LYS A 466 73.06 26.93 17.06
N ALA A 467 73.69 27.89 16.37
CA ALA A 467 73.14 28.38 15.11
C ALA A 467 73.07 27.27 14.07
N ILE A 468 74.13 26.47 13.96
CA ILE A 468 74.15 25.39 12.97
C ILE A 468 73.04 24.39 13.28
N VAL A 469 72.88 24.01 14.54
CA VAL A 469 71.84 23.06 14.93
C VAL A 469 70.47 23.63 14.63
N GLU A 470 70.25 24.90 14.96
CA GLU A 470 68.97 25.53 14.65
C GLU A 470 68.70 25.51 13.16
N LYS A 471 69.75 25.68 12.35
CA LYS A 471 69.57 25.61 10.91
C LYS A 471 69.11 24.22 10.47
N LEU A 472 69.65 23.17 11.11
CA LEU A 472 69.32 21.80 10.78
C LEU A 472 68.18 21.25 11.62
N ARG A 473 67.31 22.11 12.14
CA ARG A 473 66.17 21.65 12.91
C ARG A 473 65.21 20.88 12.01
N PHE A 474 64.62 19.83 12.58
CA PHE A 474 63.63 19.04 11.85
C PHE A 474 62.77 18.30 12.87
N THR A 475 61.56 17.93 12.44
CA THR A 475 60.61 17.24 13.29
C THR A 475 60.74 15.74 13.09
N TYR A 476 60.88 15.00 14.18
CA TYR A 476 61.10 13.56 14.16
C TYR A 476 59.85 12.84 14.64
N ARG A 477 59.41 11.84 13.88
CA ARG A 477 58.32 10.97 14.26
C ARG A 477 58.83 9.53 14.35
N SER A 478 58.17 8.73 15.19
CA SER A 478 58.66 7.38 15.46
C SER A 478 58.68 6.52 14.21
N ASP A 479 57.92 6.86 13.17
CA ASP A 479 57.83 6.07 11.95
C ASP A 479 58.20 6.90 10.73
N SER A 480 59.29 7.67 10.83
CA SER A 480 59.76 8.50 9.73
C SER A 480 60.80 7.81 8.85
N PHE A 481 61.19 6.58 9.19
CA PHE A 481 62.26 5.89 8.47
C PHE A 481 61.83 4.45 8.18
N GLU A 482 62.41 3.90 7.11
CA GLU A 482 62.15 2.54 6.68
C GLU A 482 63.44 1.74 6.68
N ASN A 483 63.37 0.50 7.13
CA ASN A 483 64.54 -0.37 7.16
C ASN A 483 64.98 -0.67 5.73
N PRO A 484 66.08 -0.09 5.24
CA PRO A 484 66.45 -0.31 3.84
C PRO A 484 66.67 -1.77 3.50
N VAL A 485 67.26 -2.55 4.42
CA VAL A 485 67.57 -3.95 4.12
C VAL A 485 66.28 -4.73 3.87
N LEU A 486 65.31 -4.60 4.77
CA LEU A 486 64.06 -5.34 4.62
C LEU A 486 63.30 -4.91 3.37
N GLN A 487 63.27 -3.60 3.10
CA GLN A 487 62.57 -3.12 1.91
C GLN A 487 63.22 -3.66 0.64
N GLN A 488 64.56 -3.63 0.57
CA GLN A 488 65.25 -4.15 -0.60
C GLN A 488 65.02 -5.65 -0.75
N HIS A 489 65.04 -6.39 0.37
CA HIS A 489 64.80 -7.83 0.29
C HIS A 489 63.40 -8.12 -0.21
N PHE A 490 62.40 -7.38 0.28
CA PHE A 490 61.03 -7.58 -0.19
C PHE A 490 60.91 -7.24 -1.66
N ARG A 491 61.55 -6.15 -2.11
CA ARG A 491 61.49 -5.78 -3.51
C ARG A 491 62.11 -6.87 -4.39
N ASN A 492 63.27 -7.38 -3.98
CA ASN A 492 63.90 -8.44 -4.76
C ASN A 492 63.05 -9.70 -4.79
N LEU A 493 62.46 -10.07 -3.66
CA LEU A 493 61.60 -11.25 -3.61
C LEU A 493 60.39 -11.08 -4.53
N GLU A 494 59.76 -9.90 -4.50
CA GLU A 494 58.62 -9.66 -5.36
C GLU A 494 59.03 -9.71 -6.83
N ALA A 495 60.17 -9.12 -7.17
CA ALA A 495 60.62 -9.13 -8.56
C ALA A 495 60.88 -10.56 -9.03
N LEU A 496 61.52 -11.38 -8.19
CA LEU A 496 61.77 -12.77 -8.55
C LEU A 496 60.47 -13.54 -8.69
N ALA A 497 59.53 -13.34 -7.76
CA ALA A 497 58.27 -14.09 -7.80
C ALA A 497 57.44 -13.74 -9.03
N LEU A 498 57.36 -12.45 -9.36
CA LEU A 498 56.50 -11.99 -10.45
C LEU A 498 57.19 -11.97 -11.80
N ASP A 499 58.44 -12.43 -11.88
CA ASP A 499 59.16 -12.47 -13.15
C ASP A 499 59.32 -11.07 -13.74
N LEU A 500 59.57 -10.09 -12.88
CA LEU A 500 59.72 -8.72 -13.33
C LEU A 500 61.03 -8.55 -14.08
N MET A 501 61.08 -7.51 -14.92
CA MET A 501 62.29 -7.23 -15.69
C MET A 501 63.47 -6.94 -14.78
N GLU A 502 63.25 -6.14 -13.74
CA GLU A 502 64.30 -5.78 -12.80
C GLU A 502 63.64 -5.35 -11.50
N PRO A 503 64.36 -5.39 -10.39
CA PRO A 503 63.78 -5.00 -9.10
C PRO A 503 63.53 -3.50 -9.03
N GLU A 504 62.60 -3.13 -8.16
CA GLU A 504 62.28 -1.72 -7.90
C GLU A 504 63.27 -1.19 -6.87
N GLN A 505 64.16 -0.30 -7.30
CA GLN A 505 65.14 0.27 -6.39
C GLN A 505 64.44 1.01 -5.25
N ALA A 506 64.90 0.78 -4.04
CA ALA A 506 64.29 1.38 -2.85
C ALA A 506 65.02 2.67 -2.50
N VAL A 507 64.25 3.75 -2.32
CA VAL A 507 64.83 5.02 -1.92
C VAL A 507 65.29 4.92 -0.47
N ASP A 508 66.53 5.31 -0.20
CA ASP A 508 67.11 5.21 1.14
C ASP A 508 66.77 6.48 1.90
N LEU A 509 65.75 6.40 2.76
CA LEU A 509 65.39 7.53 3.60
C LEU A 509 66.38 7.74 4.73
N THR A 510 67.24 6.75 5.01
CA THR A 510 68.22 6.86 6.08
C THR A 510 69.46 7.64 5.67
N LEU A 511 69.65 7.89 4.37
CA LEU A 511 70.81 8.66 3.95
C LEU A 511 70.66 10.12 4.39
N PRO A 512 71.78 10.80 4.65
CA PRO A 512 71.70 12.18 5.17
C PRO A 512 71.35 13.23 4.13
N LYS A 513 71.15 12.85 2.86
CA LYS A 513 70.86 13.78 1.78
C LYS A 513 71.71 15.03 1.93
N VAL A 514 73.04 14.83 1.88
CA VAL A 514 73.99 15.86 2.28
C VAL A 514 73.88 17.12 1.43
N GLU A 515 73.36 17.02 0.20
CA GLU A 515 73.26 18.20 -0.65
C GLU A 515 72.38 19.26 -0.02
N ALA A 516 71.22 18.86 0.51
CA ALA A 516 70.33 19.82 1.15
C ALA A 516 70.99 20.46 2.37
N MET A 517 71.72 19.66 3.15
CA MET A 517 72.40 20.21 4.32
C MET A 517 73.45 21.23 3.92
N ASN A 518 74.23 20.93 2.87
CA ASN A 518 75.22 21.90 2.39
C ASN A 518 74.55 23.18 1.91
N LYS A 519 73.43 23.04 1.19
CA LYS A 519 72.73 24.23 0.72
C LYS A 519 72.21 25.07 1.89
N ARG A 520 71.65 24.42 2.91
CA ARG A 520 71.08 25.15 4.04
C ARG A 520 72.16 25.82 4.87
N LEU A 521 73.22 25.09 5.21
CA LEU A 521 74.25 25.62 6.10
C LEU A 521 75.02 26.77 5.47
N GLY A 522 75.02 26.88 4.14
CA GLY A 522 75.81 27.92 3.50
C GLY A 522 77.28 27.77 3.85
N SER A 523 77.87 28.85 4.33
CA SER A 523 79.29 28.87 4.70
C SER A 523 79.52 28.63 6.19
N LEU A 524 78.47 28.38 6.96
CA LEU A 524 78.61 28.24 8.41
C LEU A 524 79.69 27.22 8.76
N VAL A 525 79.76 26.13 8.01
CA VAL A 525 80.79 25.13 8.25
C VAL A 525 82.18 25.74 8.12
N ASP A 526 82.38 26.58 7.10
CA ASP A 526 83.70 27.15 6.86
C ASP A 526 84.15 28.04 8.01
N GLU A 527 83.29 28.98 8.42
CA GLU A 527 83.67 29.86 9.53
C GLU A 527 83.82 29.09 10.82
N PHE A 528 82.97 28.10 11.08
CA PHE A 528 83.16 27.30 12.28
C PHE A 528 84.52 26.59 12.26
N LYS A 529 84.87 25.99 11.12
CA LYS A 529 86.14 25.28 11.02
C LYS A 529 87.32 26.22 11.23
N GLU A 530 87.26 27.41 10.61
CA GLU A 530 88.35 28.35 10.78
C GLU A 530 88.42 28.87 12.21
N LEU A 531 87.28 28.92 12.91
CA LEU A 531 87.27 29.38 14.29
C LEU A 531 87.85 28.33 15.23
N VAL A 532 87.52 27.06 15.01
CA VAL A 532 87.84 25.99 15.95
C VAL A 532 89.03 25.16 15.49
N TYR A 533 89.00 24.69 14.24
CA TYR A 533 90.04 23.79 13.76
C TYR A 533 91.32 24.58 13.47
N PRO A 534 92.48 24.07 13.88
CA PRO A 534 93.73 24.75 13.55
C PRO A 534 93.93 24.81 12.06
N PRO A 535 94.75 25.77 11.57
CA PRO A 535 94.93 25.88 10.11
C PRO A 535 95.41 24.60 9.47
N ASP A 536 96.24 23.82 10.16
CA ASP A 536 96.79 22.56 9.65
C ASP A 536 96.34 21.44 10.57
N TYR A 537 95.17 20.87 10.28
CA TYR A 537 94.61 19.77 11.06
C TYR A 537 94.37 18.52 10.24
N ASN A 538 93.85 18.66 9.02
CA ASN A 538 93.62 17.52 8.14
C ASN A 538 92.81 16.44 8.84
N PRO A 539 91.51 16.66 9.07
CA PRO A 539 90.69 15.64 9.75
C PRO A 539 90.36 14.45 8.86
N GLU A 540 91.39 13.84 8.25
CA GLU A 540 91.18 12.69 7.40
C GLU A 540 92.24 11.60 7.59
N GLY A 541 93.16 11.76 8.52
CA GLY A 541 94.20 10.77 8.74
C GLY A 541 95.25 11.24 9.73
N GLY B 5 100.63 -8.99 26.70
CA GLY B 5 99.25 -8.54 26.80
C GLY B 5 98.93 -7.95 28.16
N ASN B 6 97.66 -7.60 28.36
CA ASN B 6 97.24 -7.03 29.63
C ASN B 6 97.40 -8.06 30.76
N LYS B 7 97.85 -7.60 31.91
CA LYS B 7 98.06 -8.47 33.06
C LYS B 7 97.88 -7.66 34.34
N ALA B 8 97.61 -8.37 35.43
CA ALA B 8 97.42 -7.74 36.73
C ALA B 8 97.84 -8.72 37.81
N ALA B 9 98.53 -8.19 38.83
CA ALA B 9 99.00 -8.97 39.97
C ALA B 9 98.28 -8.48 41.22
N VAL B 10 97.70 -9.42 41.97
CA VAL B 10 96.94 -9.11 43.18
C VAL B 10 97.48 -9.98 44.31
N VAL B 11 97.74 -9.35 45.46
CA VAL B 11 98.15 -10.04 46.68
C VAL B 11 97.10 -9.76 47.74
N LEU B 12 96.58 -10.83 48.35
CA LEU B 12 95.51 -10.74 49.32
C LEU B 12 96.10 -10.92 50.72
N CYS B 13 96.04 -9.87 51.53
CA CYS B 13 96.49 -9.91 52.91
C CYS B 13 95.30 -10.23 53.80
N MET B 14 95.36 -11.38 54.48
CA MET B 14 94.27 -11.84 55.34
C MET B 14 94.71 -11.81 56.80
N ASP B 15 93.89 -11.17 57.64
CA ASP B 15 94.10 -11.22 59.08
C ASP B 15 93.62 -12.56 59.62
N VAL B 16 94.41 -13.15 60.52
CA VAL B 16 94.15 -14.47 61.04
C VAL B 16 94.18 -14.52 62.57
N GLY B 17 94.56 -13.43 63.23
CA GLY B 17 94.69 -13.45 64.67
C GLY B 17 93.38 -13.80 65.36
N PHE B 18 93.52 -14.26 66.61
CA PHE B 18 92.36 -14.72 67.37
C PHE B 18 91.33 -13.61 67.54
N THR B 19 91.77 -12.35 67.59
CA THR B 19 90.84 -11.25 67.80
C THR B 19 89.75 -11.23 66.72
N MET B 20 90.09 -11.62 65.49
CA MET B 20 89.09 -11.66 64.44
C MET B 20 88.07 -12.77 64.66
N SER B 21 88.49 -13.89 65.25
CA SER B 21 87.58 -15.01 65.45
C SER B 21 86.41 -14.67 66.36
N ASN B 22 86.56 -13.65 67.22
CA ASN B 22 85.49 -13.29 68.12
C ASN B 22 84.28 -12.78 67.34
N SER B 23 83.09 -13.07 67.86
CA SER B 23 81.86 -12.64 67.21
C SER B 23 80.76 -12.55 68.26
N ILE B 24 79.69 -11.84 67.90
CA ILE B 24 78.53 -11.66 68.77
C ILE B 24 77.44 -12.62 68.29
N PRO B 25 76.61 -13.17 69.17
CA PRO B 25 75.53 -14.05 68.71
C PRO B 25 74.61 -13.33 67.73
N GLY B 26 74.20 -14.05 66.70
CA GLY B 26 73.39 -13.48 65.65
C GLY B 26 74.15 -12.67 64.63
N ILE B 27 75.48 -12.62 64.73
CA ILE B 27 76.32 -11.86 63.80
C ILE B 27 77.34 -12.81 63.22
N GLU B 28 77.49 -12.80 61.90
CA GLU B 28 78.47 -13.64 61.24
C GLU B 28 79.87 -13.23 61.65
N SER B 29 80.74 -14.23 61.83
CA SER B 29 82.11 -13.95 62.26
C SER B 29 82.86 -13.19 61.17
N PRO B 30 83.68 -12.20 61.53
CA PRO B 30 84.46 -11.50 60.49
C PRO B 30 85.34 -12.43 59.67
N PHE B 31 85.88 -13.48 60.27
CA PHE B 31 86.68 -14.43 59.51
C PHE B 31 85.85 -15.08 58.40
N GLU B 32 84.61 -15.46 58.72
CA GLU B 32 83.75 -16.06 57.70
C GLU B 32 83.46 -15.08 56.57
N GLN B 33 83.22 -13.81 56.91
CA GLN B 33 82.94 -12.81 55.88
C GLN B 33 84.16 -12.62 54.97
N ALA B 34 85.35 -12.52 55.57
CA ALA B 34 86.56 -12.37 54.76
C ALA B 34 86.78 -13.60 53.89
N LYS B 35 86.52 -14.79 54.43
CA LYS B 35 86.65 -16.01 53.65
C LYS B 35 85.69 -16.00 52.47
N LYS B 36 84.45 -15.56 52.69
CA LYS B 36 83.48 -15.49 51.60
C LYS B 36 83.93 -14.50 50.53
N VAL B 37 84.43 -13.33 50.95
CA VAL B 37 84.85 -12.32 49.98
C VAL B 37 86.01 -12.85 49.14
N ILE B 38 87.01 -13.45 49.79
CA ILE B 38 88.15 -13.97 49.05
C ILE B 38 87.73 -15.14 48.17
N THR B 39 86.78 -15.96 48.64
CA THR B 39 86.28 -17.05 47.81
C THR B 39 85.63 -16.52 46.55
N MET B 40 84.82 -15.46 46.67
CA MET B 40 84.21 -14.85 45.49
C MET B 40 85.29 -14.32 44.55
N PHE B 41 86.31 -13.64 45.12
CA PHE B 41 87.38 -13.09 44.29
C PHE B 41 88.07 -14.20 43.51
N VAL B 42 88.49 -15.26 44.19
CA VAL B 42 89.23 -16.33 43.53
C VAL B 42 88.34 -17.06 42.54
N GLN B 43 87.05 -17.22 42.87
CA GLN B 43 86.12 -17.87 41.96
C GLN B 43 86.01 -17.09 40.65
N ARG B 44 85.82 -15.78 40.75
CA ARG B 44 85.75 -14.97 39.53
C ARG B 44 87.06 -15.02 38.76
N GLN B 45 88.18 -14.95 39.47
CA GLN B 45 89.48 -14.94 38.79
C GLN B 45 89.73 -16.25 38.04
N VAL B 46 89.39 -17.38 38.65
CA VAL B 46 89.72 -18.67 38.05
C VAL B 46 88.70 -19.06 37.00
N PHE B 47 87.41 -18.87 37.27
CA PHE B 47 86.38 -19.28 36.34
C PHE B 47 86.21 -18.31 35.16
N ALA B 48 86.80 -17.11 35.24
CA ALA B 48 86.78 -16.17 34.13
C ALA B 48 87.91 -16.39 33.14
N GLU B 49 88.85 -17.28 33.44
CA GLU B 49 89.96 -17.60 32.54
C GLU B 49 90.72 -16.34 32.15
N ASN B 50 90.96 -15.46 33.11
CA ASN B 50 91.73 -14.25 32.91
C ASN B 50 93.14 -14.44 33.44
N LYS B 51 94.13 -13.91 32.71
CA LYS B 51 95.53 -14.07 33.08
C LYS B 51 95.90 -13.03 34.13
N ASP B 52 95.44 -13.28 35.35
CA ASP B 52 95.73 -12.44 36.50
C ASP B 52 96.42 -13.28 37.57
N GLU B 53 97.56 -12.79 38.05
CA GLU B 53 98.31 -13.49 39.08
C GLU B 53 97.68 -13.20 40.44
N ILE B 54 97.48 -14.26 41.23
CA ILE B 54 96.87 -14.16 42.55
C ILE B 54 97.83 -14.76 43.56
N ALA B 55 98.11 -14.01 44.63
CA ALA B 55 98.94 -14.48 45.73
C ALA B 55 98.21 -14.24 47.04
N LEU B 56 98.50 -15.09 48.03
CA LEU B 56 97.82 -15.02 49.32
C LEU B 56 98.85 -14.97 50.44
N VAL B 57 98.74 -13.96 51.29
CA VAL B 57 99.58 -13.82 52.48
C VAL B 57 98.66 -13.64 53.67
N LEU B 58 98.94 -14.37 54.75
CA LEU B 58 98.14 -14.30 55.97
C LEU B 58 99.02 -13.83 57.12
N PHE B 59 98.55 -12.83 57.85
CA PHE B 59 99.25 -12.32 59.02
C PHE B 59 98.45 -12.64 60.28
N GLY B 60 99.18 -12.99 61.34
CA GLY B 60 98.58 -13.50 62.56
C GLY B 60 98.66 -15.01 62.71
N THR B 61 99.19 -15.71 61.71
CA THR B 61 99.33 -17.16 61.81
C THR B 61 100.37 -17.51 62.87
N ASP B 62 100.16 -18.66 63.52
CA ASP B 62 101.08 -19.09 64.58
C ASP B 62 102.49 -19.29 64.03
N GLY B 63 102.60 -19.94 62.86
CA GLY B 63 103.89 -20.13 62.23
C GLY B 63 104.37 -18.87 61.53
N THR B 64 105.57 -18.97 60.95
CA THR B 64 106.19 -17.86 60.26
C THR B 64 106.85 -18.37 58.99
N ASP B 65 106.34 -17.94 57.84
CA ASP B 65 106.91 -18.27 56.53
C ASP B 65 106.95 -16.97 55.73
N ASN B 66 108.07 -16.25 55.85
CA ASN B 66 108.21 -14.94 55.23
C ASN B 66 109.68 -14.70 54.93
N PRO B 67 110.04 -14.28 53.71
CA PRO B 67 111.46 -14.03 53.42
C PRO B 67 112.09 -13.01 54.35
N LEU B 68 111.33 -12.02 54.81
CA LEU B 68 111.85 -11.00 55.71
C LEU B 68 111.72 -11.39 57.18
N SER B 69 111.24 -12.59 57.48
CA SER B 69 111.10 -13.01 58.87
C SER B 69 112.44 -13.05 59.59
N GLY B 70 113.54 -13.19 58.86
CA GLY B 70 114.85 -13.21 59.48
C GLY B 70 115.13 -11.95 60.28
N GLY B 71 115.72 -12.12 61.45
CA GLY B 71 115.99 -11.00 62.34
C GLY B 71 114.96 -10.78 63.43
N ASP B 72 114.10 -11.76 63.70
CA ASP B 72 113.07 -11.64 64.74
C ASP B 72 112.17 -10.43 64.47
N GLN B 73 111.81 -10.24 63.21
CA GLN B 73 110.93 -9.15 62.81
C GLN B 73 109.88 -9.68 61.84
N TYR B 74 108.75 -9.00 61.79
CA TYR B 74 107.64 -9.40 60.92
C TYR B 74 107.22 -10.85 61.18
N GLN B 75 107.17 -11.21 62.46
CA GLN B 75 106.85 -12.58 62.85
C GLN B 75 105.35 -12.85 62.68
N ASN B 76 105.00 -14.14 62.73
CA ASN B 76 103.61 -14.58 62.63
C ASN B 76 102.98 -14.12 61.33
N ILE B 77 103.77 -14.11 60.25
CA ILE B 77 103.30 -13.79 58.92
C ILE B 77 103.73 -14.90 57.98
N THR B 78 102.77 -15.46 57.24
CA THR B 78 103.03 -16.57 56.33
C THR B 78 102.64 -16.18 54.93
N VAL B 79 103.57 -16.37 53.99
CA VAL B 79 103.31 -16.15 52.56
C VAL B 79 102.77 -17.48 52.03
N HIS B 80 101.45 -17.66 52.15
CA HIS B 80 100.86 -18.95 51.82
C HIS B 80 101.05 -19.30 50.35
N ARG B 81 100.85 -18.33 49.45
CA ARG B 81 100.96 -18.59 48.02
C ARG B 81 101.58 -17.38 47.35
N HIS B 82 102.62 -17.62 46.55
CA HIS B 82 103.32 -16.55 45.85
C HIS B 82 102.54 -16.14 44.60
N LEU B 83 103.16 -15.34 43.74
CA LEU B 83 102.50 -14.87 42.52
C LEU B 83 102.43 -16.02 41.52
N MET B 84 101.21 -16.48 41.24
CA MET B 84 100.99 -17.54 40.27
C MET B 84 99.53 -17.55 39.86
N LEU B 85 99.23 -18.28 38.80
CA LEU B 85 97.87 -18.34 38.30
C LEU B 85 96.95 -18.94 39.37
N PRO B 86 95.74 -18.39 39.54
CA PRO B 86 94.81 -19.00 40.50
C PRO B 86 94.47 -20.43 40.11
N ASP B 87 94.29 -21.29 41.11
CA ASP B 87 94.03 -22.70 40.88
C ASP B 87 93.08 -23.21 41.95
N PHE B 88 92.46 -24.36 41.65
CA PHE B 88 91.54 -24.97 42.61
C PHE B 88 92.21 -25.26 43.95
N ASP B 89 93.53 -25.43 43.96
CA ASP B 89 94.24 -25.65 45.22
C ASP B 89 94.07 -24.45 46.15
N LEU B 90 94.15 -23.24 45.61
CA LEU B 90 93.96 -22.05 46.44
C LEU B 90 92.56 -22.01 47.03
N LEU B 91 91.54 -22.33 46.23
CA LEU B 91 90.17 -22.35 46.74
C LEU B 91 90.00 -23.41 47.82
N GLU B 92 90.59 -24.60 47.61
CA GLU B 92 90.52 -25.63 48.63
C GLU B 92 91.19 -25.18 49.92
N ASP B 93 92.34 -24.52 49.81
CA ASP B 93 93.03 -24.01 51.00
C ASP B 93 92.16 -22.99 51.73
N ILE B 94 91.55 -22.07 50.98
CA ILE B 94 90.74 -21.02 51.61
C ILE B 94 89.53 -21.64 52.30
N GLU B 95 88.83 -22.54 51.60
CA GLU B 95 87.54 -23.02 52.10
C GLU B 95 87.70 -24.02 53.25
N SER B 96 88.65 -24.95 53.13
CA SER B 96 88.67 -26.13 53.99
C SER B 96 89.81 -26.12 55.00
N LYS B 97 91.06 -26.03 54.55
CA LYS B 97 92.22 -26.24 55.41
C LYS B 97 92.92 -24.93 55.77
N ILE B 98 92.14 -23.89 56.00
CA ILE B 98 92.63 -22.64 56.59
C ILE B 98 91.81 -22.37 57.84
N GLN B 99 92.49 -22.17 58.96
CA GLN B 99 91.86 -22.04 60.26
C GLN B 99 92.36 -20.78 60.96
N PRO B 100 91.58 -20.23 61.88
CA PRO B 100 92.02 -19.03 62.59
C PRO B 100 93.24 -19.30 63.45
N GLY B 101 94.03 -18.24 63.68
CA GLY B 101 95.23 -18.32 64.48
C GLY B 101 95.03 -17.74 65.86
N SER B 102 95.86 -18.18 66.80
CA SER B 102 95.78 -17.75 68.19
C SER B 102 96.72 -16.60 68.51
N GLN B 103 97.45 -16.06 67.52
CA GLN B 103 98.42 -15.01 67.73
C GLN B 103 98.04 -13.78 66.89
N GLN B 104 98.14 -12.61 67.49
CA GLN B 104 97.85 -11.37 66.80
C GLN B 104 99.09 -10.89 66.03
N ALA B 105 98.88 -9.90 65.17
CA ALA B 105 99.96 -9.35 64.36
C ALA B 105 99.58 -7.94 63.92
N ASP B 106 100.59 -7.19 63.47
CA ASP B 106 100.41 -5.84 62.99
C ASP B 106 100.30 -5.87 61.47
N PHE B 107 99.28 -5.19 60.94
CA PHE B 107 99.05 -5.20 59.49
C PHE B 107 100.13 -4.44 58.73
N LEU B 108 100.92 -3.60 59.41
CA LEU B 108 102.02 -2.91 58.73
C LEU B 108 103.09 -3.90 58.28
N ASP B 109 103.39 -4.90 59.11
CA ASP B 109 104.32 -5.93 58.70
C ASP B 109 103.79 -6.70 57.50
N ALA B 110 102.48 -6.97 57.48
CA ALA B 110 101.88 -7.61 56.32
C ALA B 110 102.00 -6.74 55.08
N LEU B 111 101.83 -5.42 55.25
CA LEU B 111 102.01 -4.49 54.14
C LEU B 111 103.42 -4.57 53.59
N ILE B 112 104.41 -4.57 54.48
CA ILE B 112 105.81 -4.64 54.05
C ILE B 112 106.08 -5.94 53.32
N VAL B 113 105.55 -7.05 53.86
CA VAL B 113 105.76 -8.35 53.23
C VAL B 113 105.13 -8.38 51.84
N SER B 114 103.91 -7.84 51.72
CA SER B 114 103.23 -7.81 50.43
C SER B 114 103.99 -6.97 49.42
N MET B 115 104.52 -5.81 49.87
CA MET B 115 105.30 -4.97 48.96
C MET B 115 106.56 -5.69 48.52
N ASP B 116 107.23 -6.39 49.44
CA ASP B 116 108.42 -7.14 49.07
C ASP B 116 108.08 -8.24 48.06
N VAL B 117 106.97 -8.94 48.28
CA VAL B 117 106.56 -9.99 47.35
C VAL B 117 106.27 -9.41 45.98
N ILE B 118 105.56 -8.28 45.94
CA ILE B 118 105.25 -7.64 44.66
C ILE B 118 106.53 -7.26 43.93
N GLN B 119 107.47 -6.64 44.66
CA GLN B 119 108.71 -6.21 44.03
C GLN B 119 109.53 -7.39 43.52
N HIS B 120 109.58 -8.48 44.29
CA HIS B 120 110.42 -9.62 43.91
C HIS B 120 109.80 -10.41 42.77
N GLU B 121 108.49 -10.60 42.78
CA GLU B 121 107.82 -11.44 41.79
C GLU B 121 107.36 -10.66 40.56
N THR B 122 107.38 -9.33 40.59
CA THR B 122 106.95 -8.55 39.45
C THR B 122 107.99 -8.53 38.33
N ILE B 123 109.26 -8.69 38.68
CA ILE B 123 110.33 -8.58 37.67
C ILE B 123 110.19 -9.67 36.62
N GLY B 124 109.61 -10.81 36.99
CA GLY B 124 109.57 -11.93 36.05
C GLY B 124 108.81 -11.61 34.78
N LYS B 125 107.62 -11.03 34.91
CA LYS B 125 106.74 -10.74 33.78
C LYS B 125 106.23 -9.31 33.87
N LYS B 126 105.86 -8.77 32.72
CA LYS B 126 105.26 -7.44 32.67
C LYS B 126 103.91 -7.44 33.37
N PHE B 127 103.64 -6.39 34.13
CA PHE B 127 102.39 -6.27 34.88
C PHE B 127 101.87 -4.85 34.70
N GLU B 128 100.73 -4.71 34.01
CA GLU B 128 100.15 -3.39 33.78
C GLU B 128 99.74 -2.74 35.10
N LYS B 129 99.13 -3.51 36.00
CA LYS B 129 98.65 -2.98 37.27
C LYS B 129 99.02 -3.93 38.39
N ARG B 130 99.29 -3.35 39.57
CA ARG B 130 99.58 -4.10 40.78
C ARG B 130 98.61 -3.65 41.86
N HIS B 131 97.97 -4.62 42.52
CA HIS B 131 96.93 -4.34 43.49
C HIS B 131 97.18 -5.12 44.78
N ILE B 132 96.81 -4.50 45.91
CA ILE B 132 96.91 -5.11 47.22
C ILE B 132 95.57 -4.93 47.91
N GLU B 133 95.05 -5.99 48.50
CA GLU B 133 93.79 -5.95 49.26
C GLU B 133 94.06 -6.49 50.66
N ILE B 134 93.63 -5.76 51.67
CA ILE B 134 93.90 -6.09 53.07
C ILE B 134 92.57 -6.24 53.79
N PHE B 135 92.32 -7.43 54.34
CA PHE B 135 91.13 -7.73 55.12
C PHE B 135 91.57 -7.86 56.59
N THR B 136 91.09 -6.95 57.43
CA THR B 136 91.45 -6.97 58.84
C THR B 136 90.38 -6.23 59.64
N ASP B 137 90.34 -6.55 60.93
CA ASP B 137 89.43 -5.89 61.86
C ASP B 137 90.06 -4.69 62.56
N LEU B 138 91.35 -4.43 62.31
CA LEU B 138 92.05 -3.29 62.92
C LEU B 138 91.92 -3.30 64.44
N SER B 139 92.05 -4.49 65.03
CA SER B 139 91.93 -4.68 66.47
C SER B 139 93.23 -5.22 67.06
N SER B 140 94.36 -4.70 66.60
CA SER B 140 95.66 -5.12 67.08
C SER B 140 96.59 -3.91 67.16
N ARG B 141 97.56 -3.98 68.06
CA ARG B 141 98.53 -2.91 68.22
C ARG B 141 99.43 -2.82 67.00
N PHE B 142 99.82 -1.59 66.65
CA PHE B 142 100.69 -1.35 65.53
C PHE B 142 101.65 -0.21 65.87
N SER B 143 102.78 -0.18 65.16
CA SER B 143 103.81 0.83 65.37
C SER B 143 103.73 1.87 64.26
N LYS B 144 103.83 3.14 64.63
CA LYS B 144 103.71 4.25 63.70
C LYS B 144 105.05 4.74 63.18
N SER B 145 106.13 3.99 63.37
CA SER B 145 107.44 4.41 62.91
C SER B 145 107.66 4.12 61.43
N GLN B 146 106.78 3.35 60.78
CA GLN B 146 106.95 2.95 59.39
C GLN B 146 106.04 3.71 58.43
N LEU B 147 105.38 4.77 58.88
CA LEU B 147 104.43 5.47 58.03
C LEU B 147 105.12 6.12 56.84
N ASP B 148 106.20 6.88 57.09
CA ASP B 148 106.85 7.59 55.99
C ASP B 148 107.42 6.62 54.98
N ILE B 149 108.10 5.57 55.44
CA ILE B 149 108.70 4.60 54.53
C ILE B 149 107.61 3.87 53.76
N ILE B 150 106.51 3.52 54.43
CA ILE B 150 105.41 2.84 53.75
C ILE B 150 104.84 3.71 52.65
N ILE B 151 104.59 4.98 52.95
CA ILE B 151 104.02 5.89 51.97
C ILE B 151 104.97 6.05 50.79
N HIS B 152 106.26 6.24 51.07
CA HIS B 152 107.23 6.43 49.98
C HIS B 152 107.31 5.18 49.10
N SER B 153 107.35 4.00 49.72
CA SER B 153 107.42 2.77 48.94
C SER B 153 106.17 2.58 48.08
N LEU B 154 105.00 2.83 48.65
CA LEU B 154 103.76 2.69 47.89
C LEU B 154 103.74 3.66 46.71
N LYS B 155 104.14 4.91 46.95
CA LYS B 155 104.15 5.90 45.87
C LYS B 155 105.14 5.51 44.78
N LYS B 156 106.33 5.06 45.16
CA LYS B 156 107.32 4.68 44.17
C LYS B 156 106.86 3.48 43.35
N CYS B 157 106.29 2.47 44.00
CA CYS B 157 105.82 1.30 43.29
C CYS B 157 104.53 1.56 42.53
N ASP B 158 103.73 2.52 42.96
CA ASP B 158 102.47 2.87 42.29
C ASP B 158 101.57 1.64 42.16
N ILE B 159 101.18 1.10 43.32
CA ILE B 159 100.33 -0.08 43.40
C ILE B 159 99.07 0.30 44.17
N SER B 160 97.91 -0.03 43.60
CA SER B 160 96.65 0.31 44.24
C SER B 160 96.48 -0.49 45.53
N LEU B 161 95.78 0.12 46.49
CA LEU B 161 95.59 -0.47 47.81
C LEU B 161 94.12 -0.35 48.19
N GLN B 162 93.56 -1.46 48.68
CA GLN B 162 92.17 -1.50 49.12
C GLN B 162 92.10 -2.13 50.51
N PHE B 163 91.23 -1.58 51.35
CA PHE B 163 91.00 -2.06 52.71
C PHE B 163 89.57 -2.56 52.84
N PHE B 164 89.40 -3.68 53.53
CA PHE B 164 88.09 -4.24 53.83
C PHE B 164 87.97 -4.45 55.33
N LEU B 165 86.91 -3.92 55.91
CA LEU B 165 86.70 -3.91 57.35
C LEU B 165 85.41 -4.65 57.69
N PRO B 166 85.27 -5.12 58.93
CA PRO B 166 84.00 -5.74 59.34
C PRO B 166 82.84 -4.76 59.43
N PHE B 167 83.12 -3.45 59.45
CA PHE B 167 82.09 -2.44 59.58
C PHE B 167 82.35 -1.33 58.56
N SER B 168 81.28 -0.64 58.19
CA SER B 168 81.36 0.47 57.24
C SER B 168 81.64 1.77 57.98
N LEU B 169 82.26 2.71 57.25
CA LEU B 169 82.59 4.01 57.83
C LEU B 169 81.33 4.70 58.34
N ASP B 180 67.00 -0.94 64.11
CA ASP B 180 68.07 -1.89 64.43
C ASP B 180 67.55 -3.32 64.37
N GLY B 181 67.25 -3.78 63.16
CA GLY B 181 66.75 -5.12 62.95
C GLY B 181 67.87 -6.13 62.84
N PRO B 182 67.52 -7.38 62.53
CA PRO B 182 68.55 -8.42 62.39
C PRO B 182 69.56 -8.05 61.30
N PHE B 183 70.80 -8.42 61.53
CA PHE B 183 71.89 -8.15 60.59
C PHE B 183 71.96 -9.26 59.57
N ARG B 184 71.92 -8.90 58.29
CA ARG B 184 72.03 -9.84 57.18
C ARG B 184 73.18 -9.41 56.27
N LEU B 185 73.83 -10.40 55.67
CA LEU B 185 74.97 -10.13 54.81
C LEU B 185 74.50 -9.48 53.51
N GLY B 186 74.94 -8.26 53.25
CA GLY B 186 74.57 -7.55 52.04
C GLY B 186 73.08 -7.34 51.93
N GLY B 187 72.44 -6.92 53.02
CA GLY B 187 71.01 -6.71 53.02
C GLY B 187 70.59 -5.28 52.78
N HIS B 188 71.51 -4.45 52.28
CA HIS B 188 71.24 -3.04 52.04
C HIS B 188 70.76 -2.34 53.30
N GLY B 189 71.36 -2.70 54.44
CA GLY B 189 71.00 -2.13 55.70
C GLY B 189 72.20 -1.90 56.60
N PRO B 190 71.99 -1.30 57.76
CA PRO B 190 73.11 -1.05 58.68
C PRO B 190 73.80 -2.34 59.08
N SER B 191 75.12 -2.28 59.20
CA SER B 191 75.93 -3.42 59.57
C SER B 191 76.85 -3.03 60.73
N PHE B 192 77.03 -3.95 61.67
CA PHE B 192 77.86 -3.68 62.84
C PHE B 192 77.40 -2.40 63.52
N PRO B 193 76.25 -2.42 64.21
CA PRO B 193 75.71 -1.19 64.80
C PRO B 193 76.74 -0.39 65.59
N LEU B 194 76.49 0.91 65.73
CA LEU B 194 77.44 1.79 66.38
C LEU B 194 77.64 1.37 67.84
N LYS B 195 78.64 1.99 68.48
CA LYS B 195 79.05 1.73 69.85
C LYS B 195 79.81 0.42 70.01
N GLY B 196 79.99 -0.35 68.94
CA GLY B 196 80.76 -1.57 68.97
C GLY B 196 82.20 -1.42 68.55
N ILE B 197 82.71 -0.20 68.45
CA ILE B 197 84.06 0.06 67.99
C ILE B 197 84.93 0.39 69.20
N THR B 198 86.03 -0.34 69.35
CA THR B 198 86.94 -0.14 70.47
C THR B 198 87.90 1.01 70.18
N GLU B 199 88.61 1.44 71.22
CA GLU B 199 89.60 2.52 71.04
C GLU B 199 90.70 2.09 70.10
N GLN B 200 91.17 0.85 70.23
CA GLN B 200 92.16 0.33 69.28
C GLN B 200 91.59 0.31 67.87
N GLN B 201 90.32 -0.09 67.72
CA GLN B 201 89.68 -0.05 66.42
C GLN B 201 89.52 1.38 65.92
N LYS B 202 89.27 2.33 66.82
CA LYS B 202 89.21 3.73 66.42
C LYS B 202 90.55 4.20 65.88
N GLU B 203 91.65 3.84 66.56
CA GLU B 203 92.97 4.21 66.08
C GLU B 203 93.27 3.57 64.74
N GLY B 204 92.88 2.31 64.57
CA GLY B 204 93.06 1.66 63.28
C GLY B 204 92.28 2.33 62.17
N LEU B 205 91.04 2.73 62.47
CA LEU B 205 90.24 3.45 61.48
C LEU B 205 90.91 4.77 61.12
N GLU B 206 91.43 5.48 62.12
CA GLU B 206 92.10 6.74 61.85
C GLU B 206 93.33 6.54 60.96
N ILE B 207 94.14 5.52 61.26
CA ILE B 207 95.36 5.31 60.50
C ILE B 207 95.04 4.86 59.08
N VAL B 208 94.06 3.98 58.91
CA VAL B 208 93.69 3.54 57.56
C VAL B 208 93.13 4.71 56.76
N LYS B 209 92.31 5.55 57.39
CA LYS B 209 91.79 6.72 56.70
C LYS B 209 92.93 7.66 56.28
N MET B 210 93.89 7.90 57.18
CA MET B 210 94.98 8.81 56.85
C MET B 210 95.81 8.27 55.70
N VAL B 211 96.15 6.98 55.73
CA VAL B 211 96.97 6.41 54.68
C VAL B 211 96.22 6.44 53.35
N MET B 212 94.92 6.11 53.37
CA MET B 212 94.15 6.14 52.14
C MET B 212 94.08 7.56 51.56
N ILE B 213 93.86 8.55 52.43
CA ILE B 213 93.81 9.94 51.96
C ILE B 213 95.15 10.35 51.36
N SER B 214 96.24 10.01 52.03
CA SER B 214 97.56 10.37 51.50
C SER B 214 97.82 9.71 50.17
N LEU B 215 97.47 8.43 50.03
CA LEU B 215 97.73 7.71 48.78
C LEU B 215 96.88 8.27 47.64
N GLU B 216 95.58 8.39 47.85
CA GLU B 216 94.65 8.78 46.79
C GLU B 216 94.05 10.16 46.98
N GLY B 217 93.63 10.50 48.20
CA GLY B 217 92.99 11.77 48.47
C GLY B 217 91.57 11.58 48.98
N GLU B 218 90.69 12.52 48.62
CA GLU B 218 89.30 12.43 49.04
C GLU B 218 88.64 11.18 48.47
N ASP B 219 88.85 10.93 47.18
CA ASP B 219 88.27 9.74 46.56
C ASP B 219 88.76 8.47 47.22
N GLY B 220 90.02 8.45 47.66
CA GLY B 220 90.53 7.29 48.36
C GLY B 220 89.74 6.95 49.60
N LEU B 221 89.07 7.95 50.18
CA LEU B 221 88.23 7.69 51.35
C LEU B 221 87.12 6.70 51.05
N ASP B 222 86.75 6.53 49.78
CA ASP B 222 85.72 5.58 49.40
C ASP B 222 86.27 4.17 49.17
N GLU B 223 87.57 3.95 49.35
CA GLU B 223 88.18 2.66 49.14
C GLU B 223 88.15 1.78 50.38
N ILE B 224 87.61 2.26 51.49
CA ILE B 224 87.49 1.47 52.73
C ILE B 224 86.09 0.87 52.70
N TYR B 225 85.99 -0.35 52.16
CA TYR B 225 84.72 -1.03 52.05
C TYR B 225 84.48 -1.92 53.26
N SER B 226 83.33 -2.60 53.27
CA SER B 226 82.99 -3.57 54.30
C SER B 226 82.72 -4.91 53.64
N PHE B 227 82.89 -5.99 54.41
CA PHE B 227 82.71 -7.33 53.85
C PHE B 227 81.30 -7.49 53.29
N SER B 228 80.29 -7.08 54.05
CA SER B 228 78.91 -7.17 53.57
C SER B 228 78.72 -6.32 52.31
N GLU B 229 79.23 -5.10 52.32
CA GLU B 229 79.13 -4.24 51.14
C GLU B 229 79.88 -4.84 49.96
N SER B 230 81.11 -5.29 50.19
CA SER B 230 81.92 -5.85 49.11
C SER B 230 81.27 -7.11 48.54
N LEU B 231 80.46 -7.81 49.35
CA LEU B 231 79.80 -9.02 48.88
C LEU B 231 78.72 -8.75 47.85
N ARG B 232 78.28 -7.50 47.71
CA ARG B 232 77.19 -7.17 46.79
C ARG B 232 77.46 -5.86 46.05
N LYS B 233 78.73 -5.55 45.76
CA LYS B 233 79.07 -4.29 45.12
C LYS B 233 80.05 -4.43 43.97
N LEU B 234 80.71 -5.57 43.80
CA LEU B 234 81.69 -5.76 42.72
C LEU B 234 82.90 -4.83 42.86
N CYS B 235 83.11 -4.29 44.06
CA CYS B 235 84.20 -3.34 44.26
C CYS B 235 85.56 -4.01 44.21
N VAL B 236 85.65 -5.28 44.58
CA VAL B 236 86.95 -5.96 44.64
C VAL B 236 87.62 -5.96 43.28
N PHE B 237 86.85 -6.00 42.20
CA PHE B 237 87.38 -6.03 40.84
C PHE B 237 87.42 -4.66 40.19
N LYS B 238 87.19 -3.59 40.96
CA LYS B 238 87.16 -2.25 40.37
C LYS B 238 88.51 -1.88 39.78
N LYS B 239 89.59 -2.16 40.48
CA LYS B 239 90.94 -1.80 40.04
C LYS B 239 91.56 -2.83 39.10
N ILE B 240 90.88 -3.94 38.84
CA ILE B 240 91.40 -4.98 37.97
C ILE B 240 90.64 -5.08 36.65
N GLU B 241 89.41 -4.60 36.57
CA GLU B 241 88.64 -4.69 35.33
C GLU B 241 89.31 -3.86 34.24
N ARG B 242 89.31 -4.39 33.02
CA ARG B 242 89.94 -3.75 31.89
C ARG B 242 88.97 -2.76 31.25
N HIS B 243 89.33 -2.23 30.09
CA HIS B 243 88.48 -1.32 29.33
C HIS B 243 88.27 -1.88 27.93
N SER B 244 87.03 -1.84 27.46
CA SER B 244 86.70 -2.37 26.15
C SER B 244 87.37 -1.56 25.05
N ILE B 245 87.66 -2.23 23.94
CA ILE B 245 88.29 -1.54 22.82
C ILE B 245 87.38 -0.43 22.31
N HIS B 246 87.98 0.52 21.60
CA HIS B 246 87.28 1.69 21.10
C HIS B 246 86.97 1.53 19.62
N TRP B 247 85.80 2.02 19.22
CA TRP B 247 85.40 2.00 17.82
C TRP B 247 85.60 3.39 17.23
N PRO B 248 86.57 3.61 16.36
CA PRO B 248 86.81 4.95 15.84
C PRO B 248 86.04 5.23 14.55
N CYS B 249 85.53 6.45 14.44
CA CYS B 249 84.79 6.87 13.26
C CYS B 249 84.85 8.40 13.18
N ARG B 250 84.06 8.98 12.28
CA ARG B 250 84.02 10.42 12.07
C ARG B 250 82.57 10.86 11.99
N LEU B 251 82.14 11.63 13.00
CA LEU B 251 80.81 12.21 12.99
C LEU B 251 80.78 13.36 11.98
N THR B 252 79.96 13.20 10.94
CA THR B 252 79.85 14.17 9.87
C THR B 252 78.45 14.77 9.87
N ILE B 253 78.38 16.10 9.90
CA ILE B 253 77.09 16.78 9.81
C ILE B 253 76.63 16.89 8.36
N GLY B 254 77.47 17.49 7.51
CA GLY B 254 77.21 17.57 6.10
C GLY B 254 78.26 16.86 5.29
N SER B 255 78.76 17.49 4.23
CA SER B 255 79.84 16.94 3.43
C SER B 255 81.21 17.38 3.89
N ASN B 256 81.32 18.56 4.51
CA ASN B 256 82.60 19.16 4.85
C ASN B 256 82.96 19.00 6.31
N LEU B 257 82.06 19.35 7.22
CA LEU B 257 82.37 19.28 8.65
C LEU B 257 82.46 17.83 9.09
N SER B 258 83.54 17.50 9.80
CA SER B 258 83.75 16.16 10.32
C SER B 258 84.53 16.25 11.62
N ILE B 259 84.17 15.38 12.57
CA ILE B 259 84.82 15.35 13.88
C ILE B 259 85.19 13.91 14.18
N ARG B 260 86.48 13.65 14.39
CA ARG B 260 86.93 12.31 14.75
C ARG B 260 86.41 11.95 16.14
N ILE B 261 85.85 10.75 16.26
CA ILE B 261 85.23 10.31 17.51
C ILE B 261 85.55 8.85 17.75
N ALA B 262 85.47 8.45 19.02
CA ALA B 262 85.65 7.06 19.44
C ALA B 262 84.47 6.68 20.33
N ALA B 263 83.86 5.54 20.02
CA ALA B 263 82.68 5.06 20.74
C ALA B 263 83.01 3.78 21.49
N TYR B 264 82.64 3.75 22.76
CA TYR B 264 82.75 2.57 23.60
C TYR B 264 81.35 2.04 23.93
N LYS B 265 81.30 0.79 24.36
CA LYS B 265 80.03 0.15 24.72
C LYS B 265 79.80 0.40 26.21
N SER B 266 79.05 1.47 26.51
CA SER B 266 78.83 1.83 27.90
C SER B 266 78.06 0.75 28.65
N ILE B 267 77.01 0.22 28.02
CA ILE B 267 76.16 -0.80 28.63
C ILE B 267 75.97 -1.92 27.61
N LEU B 268 76.16 -3.16 28.06
CA LEU B 268 75.97 -4.32 27.21
C LEU B 268 75.65 -5.51 28.09
N GLN B 269 74.63 -6.27 27.71
CA GLN B 269 74.24 -7.45 28.49
C GLN B 269 75.41 -8.41 28.59
N GLU B 270 75.68 -8.89 29.80
CA GLU B 270 76.80 -9.77 30.07
C GLU B 270 76.31 -11.21 30.11
N ARG B 271 76.89 -12.07 29.27
CA ARG B 271 76.56 -13.48 29.21
C ARG B 271 77.72 -14.30 29.80
N VAL B 272 77.57 -15.62 29.73
CA VAL B 272 78.58 -16.54 30.24
C VAL B 272 79.50 -16.91 29.08
N LYS B 273 80.79 -16.61 29.24
CA LYS B 273 81.74 -16.90 28.17
C LYS B 273 81.90 -18.41 27.97
N LYS B 274 82.05 -19.15 29.06
CA LYS B 274 82.21 -20.60 28.96
C LYS B 274 80.88 -21.24 28.55
N THR B 275 80.98 -22.26 27.71
CA THR B 275 79.80 -22.96 27.18
C THR B 275 79.91 -24.44 27.46
N TRP B 276 78.79 -25.05 27.84
CA TRP B 276 78.77 -26.49 28.07
C TRP B 276 78.88 -27.25 26.75
N THR B 277 79.46 -28.44 26.82
CA THR B 277 79.60 -29.31 25.67
C THR B 277 79.20 -30.72 26.04
N VAL B 278 78.50 -31.40 25.13
CA VAL B 278 77.98 -32.73 25.41
C VAL B 278 79.13 -33.72 25.42
N VAL B 279 79.15 -34.59 26.44
CA VAL B 279 80.14 -35.65 26.55
C VAL B 279 79.42 -36.92 27.00
N ASP B 280 79.80 -38.05 26.42
CA ASP B 280 79.14 -39.31 26.74
C ASP B 280 79.31 -39.64 28.23
N ALA B 281 78.23 -40.14 28.83
CA ALA B 281 78.27 -40.45 30.26
C ALA B 281 79.28 -41.54 30.57
N LYS B 282 79.32 -42.59 29.74
CA LYS B 282 80.24 -43.70 29.99
C LYS B 282 81.68 -43.20 29.99
N THR B 283 82.14 -42.67 28.86
CA THR B 283 83.47 -42.09 28.74
C THR B 283 83.32 -40.60 28.46
N LEU B 284 84.02 -39.78 29.25
CA LEU B 284 83.89 -38.32 29.17
C LEU B 284 84.91 -37.77 28.20
N LYS B 285 84.67 -38.03 26.91
CA LYS B 285 85.54 -37.61 25.83
C LYS B 285 84.73 -36.85 24.79
N LYS B 286 85.32 -35.76 24.27
CA LYS B 286 84.64 -34.97 23.26
C LYS B 286 84.41 -35.77 21.99
N GLU B 287 85.41 -36.55 21.56
CA GLU B 287 85.32 -37.26 20.29
C GLU B 287 84.29 -38.37 20.30
N ASP B 288 83.86 -38.82 21.48
CA ASP B 288 82.89 -39.92 21.53
C ASP B 288 81.57 -39.54 20.88
N ILE B 289 81.09 -38.33 21.13
CA ILE B 289 79.81 -37.88 20.61
C ILE B 289 80.04 -37.12 19.31
N GLN B 290 79.33 -37.52 18.25
CA GLN B 290 79.40 -36.87 16.96
C GLN B 290 77.99 -36.60 16.46
N LYS B 291 77.80 -35.44 15.85
CA LYS B 291 76.50 -35.01 15.34
C LYS B 291 76.56 -34.88 13.82
N GLU B 292 75.56 -35.43 13.15
CA GLU B 292 75.48 -35.39 11.69
C GLU B 292 74.10 -34.93 11.27
N THR B 293 74.05 -34.14 10.19
CA THR B 293 72.81 -33.64 9.62
C THR B 293 72.62 -34.19 8.22
N VAL B 294 71.43 -34.69 7.93
CA VAL B 294 71.11 -35.30 6.65
C VAL B 294 69.83 -34.68 6.12
N TYR B 295 69.82 -34.37 4.82
CA TYR B 295 68.67 -33.81 4.15
C TYR B 295 67.97 -34.89 3.34
N CYS B 296 66.66 -35.05 3.56
CA CYS B 296 65.87 -36.05 2.87
C CYS B 296 64.60 -35.41 2.33
N LEU B 297 64.15 -35.91 1.18
CA LEU B 297 62.95 -35.40 0.54
C LEU B 297 61.69 -35.91 1.24
N ASN B 298 60.57 -35.26 0.96
CA ASN B 298 59.27 -35.67 1.49
C ASN B 298 58.68 -36.77 0.61
N ASP B 299 59.36 -37.92 0.62
CA ASP B 299 58.97 -39.06 -0.18
C ASP B 299 59.06 -40.33 0.65
N ASP B 300 58.33 -41.36 0.22
CA ASP B 300 58.33 -42.61 0.95
C ASP B 300 59.72 -43.23 1.01
N ASP B 301 60.46 -43.16 -0.09
CA ASP B 301 61.81 -43.73 -0.14
C ASP B 301 62.79 -42.97 0.75
N GLU B 302 62.44 -41.77 1.21
CA GLU B 302 63.34 -40.98 2.05
C GLU B 302 64.68 -40.74 1.37
N THR B 303 64.63 -40.42 0.08
CA THR B 303 65.85 -40.22 -0.69
C THR B 303 66.70 -39.12 -0.06
N GLU B 304 68.01 -39.37 0.00
CA GLU B 304 68.97 -38.45 0.59
C GLU B 304 69.64 -37.62 -0.50
N VAL B 305 70.02 -36.39 -0.14
CA VAL B 305 70.65 -35.46 -1.06
C VAL B 305 71.89 -34.89 -0.41
N LEU B 306 72.79 -34.38 -1.25
CA LEU B 306 74.04 -33.79 -0.79
C LEU B 306 73.86 -32.31 -0.49
N LYS B 307 74.82 -31.75 0.25
CA LYS B 307 74.73 -30.35 0.63
C LYS B 307 74.76 -29.44 -0.60
N GLU B 308 75.62 -29.73 -1.56
CA GLU B 308 75.71 -28.91 -2.76
C GLU B 308 74.40 -28.89 -3.53
N ASP B 309 73.62 -29.97 -3.43
CA ASP B 309 72.35 -30.02 -4.15
C ASP B 309 71.33 -29.05 -3.57
N ILE B 310 71.38 -28.81 -2.25
CA ILE B 310 70.41 -27.93 -1.63
C ILE B 310 70.52 -26.52 -2.21
N ILE B 311 69.39 -25.83 -2.30
CA ILE B 311 69.34 -24.45 -2.74
C ILE B 311 68.50 -23.65 -1.75
N GLN B 312 68.70 -22.35 -1.74
CA GLN B 312 68.00 -21.45 -0.84
C GLN B 312 66.80 -20.84 -1.52
N GLY B 313 65.70 -20.70 -0.77
CA GLY B 313 64.49 -20.08 -1.29
C GLY B 313 63.74 -19.40 -0.16
N PHE B 314 62.67 -18.71 -0.54
CA PHE B 314 61.85 -17.98 0.42
C PHE B 314 60.38 -18.24 0.14
N ARG B 315 59.57 -18.19 1.19
CA ARG B 315 58.13 -18.36 1.06
C ARG B 315 57.49 -17.05 0.61
N TYR B 316 56.50 -17.16 -0.28
CA TYR B 316 55.82 -16.01 -0.85
C TYR B 316 54.31 -16.22 -0.81
N GLY B 317 53.80 -16.59 0.36
CA GLY B 317 52.37 -16.80 0.53
C GLY B 317 51.85 -18.02 -0.19
N SER B 318 52.26 -19.20 0.28
CA SER B 318 51.88 -20.51 -0.26
C SER B 318 52.68 -20.85 -1.51
N ASP B 319 53.54 -19.96 -1.99
CA ASP B 319 54.40 -20.21 -3.14
C ASP B 319 55.85 -20.01 -2.73
N ILE B 320 56.71 -20.93 -3.16
CA ILE B 320 58.13 -20.90 -2.84
C ILE B 320 58.90 -20.50 -4.09
N VAL B 321 59.70 -19.44 -3.97
CA VAL B 321 60.49 -18.91 -5.07
C VAL B 321 61.95 -19.19 -4.79
N PRO B 322 62.68 -19.88 -5.67
CA PRO B 322 64.11 -20.10 -5.42
C PRO B 322 64.86 -18.78 -5.31
N PHE B 323 65.84 -18.76 -4.41
CA PHE B 323 66.66 -17.56 -4.19
C PHE B 323 68.06 -18.04 -3.81
N SER B 324 68.93 -18.14 -4.82
CA SER B 324 70.28 -18.63 -4.59
C SER B 324 71.07 -17.67 -3.71
N LYS B 325 71.99 -18.22 -2.93
CA LYS B 325 72.80 -17.39 -2.04
C LYS B 325 73.64 -16.39 -2.84
N VAL B 326 74.22 -16.84 -3.96
CA VAL B 326 74.96 -15.92 -4.82
C VAL B 326 74.03 -14.84 -5.36
N ASP B 327 72.81 -15.23 -5.74
CA ASP B 327 71.83 -14.24 -6.20
C ASP B 327 71.50 -13.26 -5.09
N GLU B 328 71.31 -13.75 -3.86
CA GLU B 328 71.01 -12.86 -2.74
C GLU B 328 72.16 -11.88 -2.52
N GLU B 329 73.40 -12.36 -2.58
CA GLU B 329 74.54 -11.47 -2.42
C GLU B 329 74.58 -10.42 -3.52
N GLN B 330 74.31 -10.84 -4.77
CA GLN B 330 74.32 -9.89 -5.88
C GLN B 330 73.24 -8.82 -5.71
N MET B 331 72.05 -9.22 -5.26
CA MET B 331 70.94 -8.30 -5.07
C MET B 331 70.88 -7.74 -3.66
N LYS B 332 71.83 -8.07 -2.80
CA LYS B 332 71.81 -7.58 -1.43
C LYS B 332 71.96 -6.07 -1.39
N TYR B 333 71.42 -5.46 -0.34
CA TYR B 333 71.52 -4.02 -0.16
C TYR B 333 72.94 -3.65 0.25
N LYS B 334 73.63 -2.91 -0.61
CA LYS B 334 75.03 -2.54 -0.41
C LYS B 334 75.11 -1.11 0.12
N SER B 335 75.87 -0.92 1.19
CA SER B 335 76.05 0.39 1.79
C SER B 335 77.49 0.53 2.29
N GLU B 336 78.05 1.72 2.13
CA GLU B 336 79.40 1.98 2.62
C GLU B 336 79.45 1.78 4.13
N GLY B 337 80.49 1.08 4.59
CA GLY B 337 80.60 0.75 5.99
C GLY B 337 81.18 1.85 6.84
N LYS B 338 81.14 1.63 8.16
CA LYS B 338 81.72 2.55 9.14
C LYS B 338 81.22 3.98 8.90
N CYS B 339 79.90 4.14 9.00
CA CYS B 339 79.24 5.41 8.78
C CYS B 339 78.61 5.89 10.08
N PHE B 340 78.96 7.11 10.49
CA PHE B 340 78.34 7.79 11.64
C PHE B 340 78.04 9.21 11.18
N SER B 341 76.84 9.40 10.63
CA SER B 341 76.44 10.69 10.06
C SER B 341 75.20 11.20 10.79
N VAL B 342 75.13 12.51 10.95
CA VAL B 342 74.02 13.15 11.64
C VAL B 342 72.92 13.42 10.61
N LEU B 343 71.81 12.69 10.71
CA LEU B 343 70.70 12.90 9.79
C LEU B 343 69.99 14.21 10.08
N GLY B 344 69.92 14.60 11.35
CA GLY B 344 69.26 15.85 11.69
C GLY B 344 69.27 16.08 13.18
N PHE B 345 68.63 17.17 13.59
CA PHE B 345 68.50 17.53 15.00
C PHE B 345 67.03 17.72 15.32
N CYS B 346 66.59 17.15 16.45
CA CYS B 346 65.19 17.21 16.84
C CYS B 346 65.10 17.45 18.35
N LYS B 347 63.97 18.04 18.76
CA LYS B 347 63.74 18.29 20.18
C LYS B 347 63.77 16.99 20.95
N SER B 348 64.36 17.03 22.15
CA SER B 348 64.44 15.84 22.99
C SER B 348 63.07 15.31 23.35
N SER B 349 62.03 16.15 23.34
CA SER B 349 60.69 15.69 23.68
C SER B 349 60.19 14.67 22.67
N GLN B 350 60.50 14.87 21.39
CA GLN B 350 60.03 13.95 20.35
C GLN B 350 60.55 12.54 20.59
N VAL B 351 61.83 12.41 20.95
CA VAL B 351 62.42 11.10 21.23
C VAL B 351 61.99 10.66 22.61
N GLN B 352 61.41 9.46 22.71
CA GLN B 352 60.92 8.91 23.96
C GLN B 352 61.65 7.62 24.30
N ARG B 353 61.83 7.38 25.59
CA ARG B 353 62.54 6.19 26.04
C ARG B 353 61.81 4.91 25.65
N ARG B 354 60.50 4.98 25.43
CA ARG B 354 59.74 3.77 25.10
C ARG B 354 60.20 3.15 23.80
N PHE B 355 60.70 3.96 22.86
CA PHE B 355 61.02 3.50 21.51
C PHE B 355 62.45 3.04 21.35
N PHE B 356 63.28 3.13 22.40
CA PHE B 356 64.66 2.67 22.29
C PHE B 356 64.71 1.20 21.92
N MET B 357 65.55 0.86 20.95
CA MET B 357 65.77 -0.51 20.51
C MET B 357 67.25 -0.84 20.63
N GLY B 358 67.61 -2.03 20.15
CA GLY B 358 68.98 -2.50 20.23
C GLY B 358 69.26 -3.18 21.56
N ASN B 359 70.51 -3.59 21.71
CA ASN B 359 70.98 -4.29 22.91
C ASN B 359 72.25 -3.66 23.46
N GLN B 360 72.46 -2.39 23.19
CA GLN B 360 73.68 -1.72 23.65
C GLN B 360 73.44 -0.21 23.67
N VAL B 361 74.29 0.47 24.43
CA VAL B 361 74.33 1.93 24.49
C VAL B 361 75.78 2.34 24.24
N LEU B 362 75.97 3.33 23.37
CA LEU B 362 77.31 3.75 22.97
C LEU B 362 77.65 5.08 23.62
N LYS B 363 78.82 5.15 24.24
CA LYS B 363 79.35 6.40 24.78
C LYS B 363 80.42 6.91 23.81
N VAL B 364 80.17 8.07 23.22
CA VAL B 364 81.01 8.63 22.16
C VAL B 364 81.79 9.80 22.74
N PHE B 365 83.11 9.68 22.76
CA PHE B 365 84.03 10.74 23.11
C PHE B 365 84.79 11.16 21.86
N ALA B 366 85.64 12.18 22.01
CA ALA B 366 86.50 12.59 20.91
C ALA B 366 87.64 11.60 20.71
N ALA B 367 88.34 11.75 19.60
CA ALA B 367 89.45 10.86 19.29
C ALA B 367 90.56 11.03 20.34
N ARG B 368 91.30 9.94 20.56
CA ARG B 368 92.34 9.94 21.57
C ARG B 368 93.38 11.02 21.28
N ASP B 369 93.69 11.81 22.30
CA ASP B 369 94.72 12.85 22.21
C ASP B 369 94.53 13.72 20.97
N ASP B 370 93.38 14.41 20.94
CA ASP B 370 93.03 15.29 19.82
C ASP B 370 92.31 16.51 20.40
N GLU B 371 93.04 17.61 20.56
CA GLU B 371 92.45 18.81 21.14
C GLU B 371 91.35 19.37 20.26
N ALA B 372 91.57 19.41 18.94
CA ALA B 372 90.58 19.98 18.04
C ALA B 372 89.28 19.19 18.06
N ALA B 373 89.38 17.86 17.93
CA ALA B 373 88.18 17.03 17.98
C ALA B 373 87.50 17.13 19.34
N ALA B 374 88.29 17.16 20.41
CA ALA B 374 87.71 17.26 21.74
C ALA B 374 86.91 18.54 21.90
N VAL B 375 87.49 19.67 21.48
CA VAL B 375 86.79 20.94 21.65
C VAL B 375 85.57 21.01 20.74
N ALA B 376 85.68 20.45 19.52
CA ALA B 376 84.52 20.45 18.62
C ALA B 376 83.37 19.63 19.21
N LEU B 377 83.69 18.45 19.74
CA LEU B 377 82.64 17.62 20.34
C LEU B 377 82.07 18.28 21.59
N SER B 378 82.92 18.96 22.37
CA SER B 378 82.42 19.69 23.53
C SER B 378 81.46 20.79 23.11
N SER B 379 81.80 21.52 22.04
CA SER B 379 80.90 22.56 21.56
C SER B 379 79.59 21.97 21.08
N LEU B 380 79.63 20.85 20.37
CA LEU B 380 78.40 20.21 19.91
C LEU B 380 77.54 19.78 21.08
N ILE B 381 78.16 19.17 22.10
CA ILE B 381 77.42 18.70 23.27
C ILE B 381 76.79 19.89 24.00
N HIS B 382 77.55 20.96 24.19
CA HIS B 382 77.04 22.12 24.90
C HIS B 382 75.90 22.77 24.12
N ALA B 383 76.03 22.88 22.80
CA ALA B 383 74.95 23.45 22.00
C ALA B 383 73.69 22.60 22.09
N LEU B 384 73.83 21.27 22.01
CA LEU B 384 72.67 20.40 22.12
C LEU B 384 72.01 20.54 23.49
N ASP B 385 72.82 20.60 24.55
CA ASP B 385 72.25 20.74 25.90
C ASP B 385 71.55 22.09 26.05
N ASP B 386 72.15 23.17 25.56
CA ASP B 386 71.53 24.49 25.69
C ASP B 386 70.23 24.56 24.91
N LEU B 387 70.21 24.02 23.69
CA LEU B 387 69.00 24.04 22.88
C LEU B 387 68.03 22.93 23.25
N ASP B 388 68.40 22.02 24.15
CA ASP B 388 67.56 20.88 24.53
C ASP B 388 67.19 20.08 23.29
N MET B 389 68.22 19.56 22.62
CA MET B 389 68.07 18.86 21.37
C MET B 389 68.86 17.57 21.38
N VAL B 390 68.51 16.67 20.46
CA VAL B 390 69.24 15.43 20.24
C VAL B 390 69.46 15.29 18.74
N ALA B 391 70.45 14.49 18.37
CA ALA B 391 70.83 14.29 16.98
C ALA B 391 70.35 12.92 16.52
N ILE B 392 69.46 12.91 15.52
CA ILE B 392 69.10 11.68 14.84
C ILE B 392 70.19 11.39 13.83
N VAL B 393 70.82 10.21 13.97
CA VAL B 393 72.03 9.87 13.24
C VAL B 393 71.90 8.48 12.64
N ARG B 394 72.76 8.21 11.65
CA ARG B 394 72.86 6.91 11.00
C ARG B 394 74.13 6.24 11.50
N TYR B 395 73.99 4.99 11.96
CA TYR B 395 75.08 4.24 12.57
C TYR B 395 75.27 2.92 11.84
N ALA B 396 76.52 2.61 11.49
CA ALA B 396 76.87 1.35 10.86
C ALA B 396 78.22 0.91 11.39
N TYR B 397 78.26 -0.25 12.05
CA TYR B 397 79.51 -0.74 12.62
C TYR B 397 80.55 -0.99 11.54
N ASP B 398 80.15 -1.59 10.43
CA ASP B 398 81.05 -1.87 9.32
C ASP B 398 80.21 -2.11 8.07
N LYS B 399 80.90 -2.38 6.96
CA LYS B 399 80.21 -2.58 5.69
C LYS B 399 79.31 -3.82 5.71
N ARG B 400 79.57 -4.76 6.61
CA ARG B 400 78.77 -5.98 6.71
C ARG B 400 77.65 -5.88 7.74
N ALA B 401 77.50 -4.73 8.39
CA ALA B 401 76.46 -4.54 9.40
C ALA B 401 75.32 -3.71 8.83
N ASN B 402 74.10 -4.10 9.18
CA ASN B 402 72.93 -3.38 8.68
C ASN B 402 72.92 -1.96 9.24
N PRO B 403 72.59 -0.96 8.42
CA PRO B 403 72.51 0.41 8.93
C PRO B 403 71.38 0.57 9.93
N GLN B 404 71.57 1.49 10.87
CA GLN B 404 70.60 1.75 11.93
C GLN B 404 70.37 3.25 12.05
N VAL B 405 69.17 3.61 12.48
CA VAL B 405 68.81 5.00 12.79
C VAL B 405 68.73 5.10 14.30
N GLY B 406 69.54 5.98 14.89
CA GLY B 406 69.62 6.11 16.33
C GLY B 406 69.58 7.57 16.76
N VAL B 407 69.55 7.76 18.07
CA VAL B 407 69.53 9.08 18.68
C VAL B 407 70.76 9.22 19.55
N ALA B 408 71.49 10.32 19.37
CA ALA B 408 72.62 10.69 20.20
C ALA B 408 72.24 11.93 20.99
N PHE B 409 72.37 11.86 22.31
CA PHE B 409 72.02 12.97 23.17
C PHE B 409 73.19 13.30 24.10
N PRO B 410 73.29 14.55 24.53
CA PRO B 410 74.44 14.95 25.36
C PRO B 410 74.38 14.31 26.74
N HIS B 411 75.56 14.22 27.36
CA HIS B 411 75.67 13.72 28.73
C HIS B 411 76.89 14.41 29.34
N ILE B 412 76.65 15.42 30.16
CA ILE B 412 77.69 16.27 30.72
C ILE B 412 77.80 15.98 32.21
N LYS B 413 79.02 15.77 32.68
CA LYS B 413 79.29 15.54 34.09
C LYS B 413 80.44 16.43 34.53
N HIS B 414 80.60 16.58 35.84
CA HIS B 414 81.65 17.43 36.37
C HIS B 414 83.03 16.96 35.91
N ASN B 415 83.18 15.67 35.61
CA ASN B 415 84.45 15.10 35.20
C ASN B 415 84.59 15.01 33.68
N TYR B 416 83.62 14.39 33.01
CA TYR B 416 83.69 14.17 31.58
C TYR B 416 82.34 14.46 30.94
N GLU B 417 82.38 14.80 29.65
CA GLU B 417 81.19 15.02 28.85
C GLU B 417 81.30 14.23 27.55
N CYS B 418 80.20 13.62 27.14
CA CYS B 418 80.22 12.75 25.97
C CYS B 418 78.81 12.60 25.42
N LEU B 419 78.73 12.10 24.20
CA LEU B 419 77.44 11.79 23.59
C LEU B 419 77.03 10.36 23.97
N VAL B 420 75.73 10.13 24.05
CA VAL B 420 75.17 8.82 24.34
C VAL B 420 74.25 8.45 23.18
N TYR B 421 74.57 7.36 22.50
CA TYR B 421 73.85 6.89 21.32
C TYR B 421 73.06 5.64 21.67
N VAL B 422 71.78 5.65 21.29
CA VAL B 422 70.91 4.50 21.45
C VAL B 422 70.09 4.34 20.18
N GLN B 423 69.96 3.10 19.71
CA GLN B 423 69.25 2.84 18.46
C GLN B 423 67.78 3.21 18.58
N LEU B 424 67.17 3.55 17.46
CA LEU B 424 65.78 3.92 17.36
C LEU B 424 65.06 3.02 16.37
N PRO B 425 63.74 2.90 16.48
CA PRO B 425 63.01 1.92 15.67
C PRO B 425 62.71 2.43 14.28
N PHE B 426 62.53 1.48 13.36
CA PHE B 426 62.00 1.76 12.04
C PHE B 426 60.49 1.64 12.07
N MET B 427 59.84 1.92 10.93
CA MET B 427 58.39 1.80 10.88
C MET B 427 57.95 0.35 11.00
N GLU B 428 58.73 -0.59 10.45
CA GLU B 428 58.36 -2.00 10.53
C GLU B 428 58.37 -2.48 11.98
N ASP B 429 59.35 -2.04 12.76
CA ASP B 429 59.50 -2.55 14.12
C ASP B 429 58.29 -2.21 14.98
N LEU B 430 57.75 -1.00 14.82
CA LEU B 430 56.65 -0.56 15.68
C LEU B 430 55.44 -1.48 15.52
N ARG B 431 54.76 -1.74 16.63
CA ARG B 431 53.55 -2.55 16.65
C ARG B 431 52.38 -1.67 17.06
N GLN B 432 51.28 -1.76 16.32
CA GLN B 432 50.10 -0.94 16.58
C GLN B 432 49.08 -1.82 17.32
N TYR B 433 49.07 -1.71 18.64
CA TYR B 433 48.13 -2.42 19.49
C TYR B 433 47.21 -1.42 20.17
N MET B 434 45.92 -1.73 20.15
CA MET B 434 44.90 -0.88 20.76
C MET B 434 44.47 -1.49 22.09
N PHE B 435 44.53 -0.70 23.15
CA PHE B 435 44.18 -1.15 24.49
C PHE B 435 43.01 -0.32 25.01
N SER B 436 42.02 -1.00 25.58
CA SER B 436 40.85 -0.31 26.12
C SER B 436 41.26 0.62 27.25
N SER B 437 40.66 1.81 27.27
CA SER B 437 40.96 2.78 28.29
C SER B 437 40.54 2.28 29.67
N LEU B 438 41.34 2.64 30.67
CA LEU B 438 41.06 2.26 32.06
C LEU B 438 40.52 3.40 32.90
N LYS B 439 40.90 4.64 32.62
CA LYS B 439 40.43 5.76 33.43
C LYS B 439 38.91 5.92 33.33
N ASN B 440 38.36 5.78 32.12
CA ASN B 440 36.93 5.96 31.90
C ASN B 440 36.13 4.69 32.12
N SER B 441 36.79 3.57 32.42
CA SER B 441 36.09 2.31 32.64
C SER B 441 35.29 2.39 33.93
N LYS B 442 33.97 2.51 33.81
CA LYS B 442 33.12 2.58 34.99
C LYS B 442 33.18 1.29 35.80
N LYS B 443 33.22 0.15 35.13
CA LYS B 443 33.24 -1.13 35.84
C LYS B 443 34.47 -1.25 36.74
N TYR B 444 35.63 -0.83 36.24
CA TYR B 444 36.88 -0.94 36.97
C TYR B 444 37.28 0.35 37.68
N ALA B 445 36.37 1.31 37.77
CA ALA B 445 36.70 2.57 38.43
C ALA B 445 37.03 2.32 39.89
N PRO B 446 38.00 3.05 40.46
CA PRO B 446 38.34 2.83 41.88
C PRO B 446 37.48 3.65 42.82
N THR B 447 37.76 3.56 44.12
CA THR B 447 37.04 4.29 45.15
C THR B 447 38.02 5.14 45.94
N GLU B 448 37.49 6.19 46.58
CA GLU B 448 38.34 7.10 47.35
C GLU B 448 39.11 6.35 48.43
N ALA B 449 38.44 5.44 49.14
CA ALA B 449 39.14 4.66 50.15
C ALA B 449 40.24 3.80 49.53
N GLN B 450 39.94 3.18 48.38
CA GLN B 450 40.95 2.37 47.71
C GLN B 450 42.14 3.22 47.28
N LEU B 451 41.88 4.41 46.73
CA LEU B 451 42.97 5.29 46.32
C LEU B 451 43.80 5.72 47.51
N ASN B 452 43.15 6.03 48.64
CA ASN B 452 43.89 6.40 49.83
C ASN B 452 44.75 5.24 50.33
N ALA B 453 44.22 4.02 50.29
CA ALA B 453 44.99 2.86 50.71
C ALA B 453 46.20 2.66 49.80
N VAL B 454 46.01 2.81 48.49
CA VAL B 454 47.12 2.64 47.56
C VAL B 454 48.17 3.72 47.79
N ASP B 455 47.73 4.96 48.07
CA ASP B 455 48.68 6.03 48.36
C ASP B 455 49.47 5.71 49.62
N ALA B 456 48.80 5.21 50.66
CA ALA B 456 49.51 4.83 51.87
C ALA B 456 50.53 3.73 51.60
N LEU B 457 50.13 2.73 50.79
CA LEU B 457 51.06 1.65 50.44
C LEU B 457 52.28 2.20 49.70
N ILE B 458 52.05 3.11 48.75
CA ILE B 458 53.16 3.68 47.99
C ILE B 458 54.09 4.47 48.91
N ASP B 459 53.51 5.26 49.81
CA ASP B 459 54.34 6.04 50.73
C ASP B 459 55.14 5.14 51.65
N SER B 460 54.55 4.05 52.11
CA SER B 460 55.23 3.17 53.07
C SER B 460 56.36 2.38 52.43
N MET B 461 56.39 2.25 51.10
CA MET B 461 57.36 1.42 50.41
C MET B 461 58.25 2.24 49.48
N SER B 462 58.53 3.49 49.85
CA SER B 462 59.42 4.32 49.06
C SER B 462 60.87 3.86 49.25
N LEU B 463 61.56 3.64 48.14
CA LEU B 463 62.95 3.20 48.17
C LEU B 463 63.94 4.36 48.22
N ALA B 464 63.47 5.59 48.08
CA ALA B 464 64.31 6.78 48.12
C ALA B 464 63.94 7.64 49.30
N LYS B 465 64.95 8.20 49.96
CA LYS B 465 64.75 9.05 51.13
C LYS B 465 65.14 10.48 50.79
N LYS B 466 64.30 11.43 51.18
CA LYS B 466 64.56 12.84 50.94
C LYS B 466 65.41 13.38 52.09
N ASP B 467 66.72 13.37 51.90
CA ASP B 467 67.65 13.81 52.92
C ASP B 467 67.68 15.34 52.96
N GLU B 468 67.33 15.90 54.11
CA GLU B 468 67.29 17.36 54.27
C GLU B 468 68.65 17.94 54.60
N LYS B 469 69.59 17.15 55.12
CA LYS B 469 70.91 17.67 55.43
C LYS B 469 71.60 18.17 54.18
N THR B 470 71.48 17.44 53.07
CA THR B 470 71.97 17.88 51.77
C THR B 470 70.85 18.25 50.81
N ASP B 471 69.59 18.05 51.21
CA ASP B 471 68.44 18.35 50.35
C ASP B 471 68.55 17.61 49.02
N THR B 472 68.69 16.28 49.12
CA THR B 472 68.86 15.43 47.95
C THR B 472 68.06 14.15 48.14
N LEU B 473 68.16 13.26 47.16
CA LEU B 473 67.49 11.96 47.20
C LEU B 473 68.55 10.87 47.38
N GLU B 474 68.41 10.08 48.43
CA GLU B 474 69.33 8.99 48.73
C GLU B 474 68.64 7.67 48.40
N ASP B 475 69.31 6.84 47.61
CA ASP B 475 68.77 5.57 47.17
C ASP B 475 69.05 4.49 48.22
N LEU B 476 68.00 3.80 48.64
CA LEU B 476 68.13 2.72 49.60
C LEU B 476 68.31 1.35 48.94
N PHE B 477 67.86 1.19 47.70
CA PHE B 477 67.97 -0.07 46.97
C PHE B 477 68.51 0.20 45.58
N PRO B 478 69.82 0.50 45.47
CA PRO B 478 70.42 0.77 44.16
C PRO B 478 70.75 -0.50 43.38
N THR B 479 69.74 -1.02 42.69
CA THR B 479 69.88 -2.29 41.97
C THR B 479 70.96 -2.22 40.89
N THR B 480 71.29 -1.02 40.40
CA THR B 480 72.28 -0.90 39.35
C THR B 480 73.65 -1.38 39.80
N LYS B 481 73.95 -1.32 41.10
CA LYS B 481 75.24 -1.71 41.64
C LYS B 481 75.28 -3.16 42.10
N ILE B 482 74.17 -3.88 42.03
CA ILE B 482 74.14 -5.27 42.49
C ILE B 482 74.72 -6.17 41.40
N PRO B 483 75.72 -7.00 41.69
CA PRO B 483 76.21 -7.94 40.68
C PRO B 483 75.13 -8.95 40.30
N ASN B 484 75.23 -9.46 39.08
CA ASN B 484 74.29 -10.44 38.59
C ASN B 484 74.40 -11.73 39.41
N PRO B 485 73.34 -12.19 40.06
CA PRO B 485 73.45 -13.41 40.89
C PRO B 485 73.75 -14.66 40.08
N ARG B 486 73.46 -14.67 38.78
CA ARG B 486 73.65 -15.88 37.99
C ARG B 486 75.11 -16.32 37.98
N PHE B 487 76.02 -15.36 37.78
CA PHE B 487 77.44 -15.71 37.74
C PHE B 487 77.91 -16.25 39.08
N GLN B 488 77.50 -15.62 40.18
CA GLN B 488 77.90 -16.09 41.49
C GLN B 488 77.37 -17.49 41.76
N ARG B 489 76.10 -17.74 41.42
CA ARG B 489 75.55 -19.08 41.61
C ARG B 489 76.30 -20.11 40.78
N LEU B 490 76.57 -19.77 39.52
CA LEU B 490 77.28 -20.70 38.65
C LEU B 490 78.67 -21.02 39.20
N PHE B 491 79.40 -20.00 39.65
CA PHE B 491 80.74 -20.23 40.19
C PHE B 491 80.68 -21.07 41.46
N GLN B 492 79.73 -20.77 42.34
CA GLN B 492 79.60 -21.55 43.58
C GLN B 492 79.32 -23.01 43.27
N CYS B 493 78.37 -23.26 42.36
CA CYS B 493 78.00 -24.63 42.04
C CYS B 493 79.14 -25.37 41.35
N LEU B 494 79.85 -24.69 40.44
CA LEU B 494 80.98 -25.32 39.78
C LEU B 494 82.07 -25.68 40.78
N LEU B 495 82.36 -24.78 41.71
CA LEU B 495 83.36 -25.09 42.74
C LEU B 495 82.92 -26.25 43.60
N HIS B 496 81.64 -26.27 43.99
CA HIS B 496 81.14 -27.37 44.81
C HIS B 496 81.25 -28.70 44.08
N ARG B 497 80.89 -28.73 42.80
CA ARG B 497 80.98 -29.97 42.03
C ARG B 497 82.42 -30.40 41.86
N ALA B 498 83.33 -29.46 41.59
CA ALA B 498 84.72 -29.81 41.41
C ALA B 498 85.32 -30.38 42.70
N LEU B 499 85.01 -29.76 43.84
CA LEU B 499 85.56 -30.21 45.11
C LEU B 499 84.86 -31.47 45.61
N HIS B 500 83.56 -31.62 45.35
CA HIS B 500 82.78 -32.77 45.80
C HIS B 500 82.07 -33.37 44.59
N PRO B 501 82.76 -34.21 43.82
CA PRO B 501 82.12 -34.78 42.61
C PRO B 501 80.81 -35.49 42.89
N ARG B 502 80.72 -36.23 44.00
CA ARG B 502 79.52 -36.96 44.37
C ARG B 502 78.83 -36.20 45.50
N GLU B 503 78.01 -35.21 45.13
CA GLU B 503 77.28 -34.41 46.11
C GLU B 503 76.22 -33.58 45.40
N PRO B 504 75.01 -33.48 45.96
CA PRO B 504 73.99 -32.60 45.34
C PRO B 504 74.42 -31.15 45.38
N LEU B 505 73.95 -30.39 44.40
CA LEU B 505 74.33 -28.99 44.31
C LEU B 505 73.84 -28.23 45.54
N PRO B 506 74.63 -27.30 46.08
CA PRO B 506 74.24 -26.62 47.30
C PRO B 506 73.13 -25.62 47.04
N PRO B 507 72.37 -25.23 48.07
CA PRO B 507 71.32 -24.23 47.88
C PRO B 507 71.91 -22.85 47.67
N ILE B 508 71.07 -21.95 47.14
CA ILE B 508 71.51 -20.59 46.89
C ILE B 508 72.02 -19.96 48.18
N GLN B 509 73.14 -19.25 48.08
CA GLN B 509 73.74 -18.64 49.26
C GLN B 509 72.79 -17.61 49.87
N GLN B 510 72.81 -17.51 51.20
CA GLN B 510 71.91 -16.61 51.89
C GLN B 510 72.18 -15.16 51.52
N HIS B 511 73.46 -14.78 51.41
CA HIS B 511 73.78 -13.39 51.12
C HIS B 511 73.29 -12.97 49.75
N ILE B 512 73.23 -13.91 48.79
CA ILE B 512 72.68 -13.58 47.47
C ILE B 512 71.21 -13.17 47.61
N TRP B 513 70.44 -13.96 48.36
CA TRP B 513 69.04 -13.61 48.58
C TRP B 513 68.92 -12.30 49.33
N ASN B 514 69.79 -12.06 50.32
CA ASN B 514 69.75 -10.81 51.06
C ASN B 514 69.98 -9.62 50.16
N MET B 515 70.95 -9.73 49.25
CA MET B 515 71.25 -8.63 48.32
C MET B 515 70.20 -8.51 47.23
N LEU B 516 69.45 -9.57 46.94
CA LEU B 516 68.38 -9.54 45.96
C LEU B 516 67.04 -9.14 46.55
N ASN B 517 67.03 -8.64 47.78
CA ASN B 517 65.82 -8.25 48.48
C ASN B 517 65.98 -6.83 49.02
N PRO B 518 64.88 -6.13 49.25
CA PRO B 518 64.97 -4.75 49.75
C PRO B 518 65.33 -4.73 51.22
N PRO B 519 65.69 -3.56 51.76
CA PRO B 519 66.01 -3.49 53.19
C PRO B 519 64.82 -3.88 54.04
N ALA B 520 65.12 -4.46 55.20
CA ALA B 520 64.07 -4.91 56.10
C ALA B 520 63.16 -3.77 56.56
N GLU B 521 63.65 -2.53 56.51
CA GLU B 521 62.85 -1.40 56.98
C GLU B 521 61.57 -1.26 56.16
N VAL B 522 61.69 -1.25 54.83
CA VAL B 522 60.51 -1.09 54.00
C VAL B 522 59.60 -2.32 54.13
N THR B 523 60.20 -3.51 54.26
CA THR B 523 59.39 -4.72 54.40
C THR B 523 58.55 -4.68 55.67
N THR B 524 59.13 -4.25 56.79
CA THR B 524 58.39 -4.21 58.04
C THR B 524 57.51 -2.97 58.16
N LYS B 525 57.74 -1.96 57.34
CA LYS B 525 56.96 -0.73 57.37
C LYS B 525 55.78 -0.74 56.40
N SER B 526 55.56 -1.85 55.68
CA SER B 526 54.50 -1.92 54.68
C SER B 526 53.57 -3.10 54.92
N GLN B 527 53.50 -3.62 56.15
CA GLN B 527 52.62 -4.75 56.43
C GLN B 527 51.18 -4.30 56.60
N ILE B 528 50.95 -3.27 57.41
CA ILE B 528 49.58 -2.78 57.62
C ILE B 528 48.99 -2.23 56.34
N PRO B 529 49.69 -1.40 55.56
CA PRO B 529 49.12 -0.96 54.28
C PRO B 529 48.80 -2.11 53.34
N LEU B 530 49.65 -3.13 53.31
CA LEU B 530 49.39 -4.28 52.44
C LEU B 530 48.15 -5.05 52.91
N SER B 531 47.99 -5.21 54.22
CA SER B 531 46.79 -5.85 54.74
C SER B 531 45.54 -5.03 54.41
N LYS B 532 45.64 -3.71 54.51
CA LYS B 532 44.52 -2.85 54.14
C LYS B 532 44.17 -3.00 52.67
N ILE B 533 45.19 -3.06 51.80
CA ILE B 533 44.94 -3.28 50.38
C ILE B 533 44.27 -4.63 50.16
N LYS B 534 44.76 -5.66 50.84
CA LYS B 534 44.18 -7.00 50.70
C LYS B 534 42.70 -7.00 51.06
N THR B 535 42.37 -6.45 52.24
CA THR B 535 40.98 -6.47 52.68
C THR B 535 40.10 -5.60 51.80
N LEU B 536 40.61 -4.45 51.36
CA LEU B 536 39.79 -3.53 50.57
C LEU B 536 39.58 -4.05 49.15
N PHE B 537 40.63 -4.61 48.54
CA PHE B 537 40.56 -5.05 47.15
C PHE B 537 40.17 -6.52 47.10
N PRO B 538 39.02 -6.88 46.53
CA PRO B 538 38.65 -8.31 46.42
C PRO B 538 39.31 -8.94 45.20
N LEU B 539 40.13 -9.96 45.43
CA LEU B 539 40.81 -10.69 44.37
C LEU B 539 40.49 -12.17 44.51
N ILE B 540 39.96 -12.76 43.44
CA ILE B 540 39.62 -14.18 43.42
C ILE B 540 40.06 -14.78 42.09
N GLU B 541 40.58 -16.00 42.14
CA GLU B 541 40.99 -16.68 40.93
C GLU B 541 39.80 -17.00 40.05
N ALA B 542 40.01 -16.92 38.73
CA ALA B 542 38.94 -17.20 37.77
C ALA B 542 39.52 -17.83 36.51
N VAL C 3 -13.35 43.38 -38.83
CA VAL C 3 -12.09 44.18 -38.89
C VAL C 3 -11.71 44.62 -37.48
N MET C 4 -12.42 45.64 -36.97
CA MET C 4 -12.12 46.15 -35.64
C MET C 4 -12.35 45.06 -34.58
N GLU C 5 -13.50 44.39 -34.66
CA GLU C 5 -13.79 43.32 -33.72
C GLU C 5 -12.80 42.17 -33.89
N GLU C 6 -12.42 41.87 -35.13
CA GLU C 6 -11.44 40.82 -35.37
C GLU C 6 -10.12 41.14 -34.67
N LEU C 7 -9.63 42.36 -34.83
CA LEU C 7 -8.39 42.75 -34.18
C LEU C 7 -8.52 42.73 -32.67
N GLU C 8 -9.65 43.20 -32.14
CA GLU C 8 -9.84 43.19 -30.70
C GLU C 8 -9.82 41.77 -30.15
N GLN C 9 -10.54 40.85 -30.81
CA GLN C 9 -10.56 39.46 -30.35
C GLN C 9 -9.17 38.83 -30.46
N GLY C 10 -8.46 39.09 -31.56
CA GLY C 10 -7.12 38.54 -31.70
C GLY C 10 -6.18 39.03 -30.60
N LEU C 11 -6.26 40.32 -30.28
CA LEU C 11 -5.45 40.84 -29.17
C LEU C 11 -5.85 40.20 -27.86
N LEU C 12 -7.15 40.03 -27.63
CA LEU C 12 -7.61 39.45 -26.38
C LEU C 12 -7.11 38.02 -26.21
N MET C 13 -7.16 37.21 -27.27
CA MET C 13 -6.80 35.81 -27.20
C MET C 13 -5.32 35.56 -27.45
N GLN C 14 -4.46 36.56 -27.20
CA GLN C 14 -3.03 36.40 -27.39
C GLN C 14 -2.32 36.33 -26.04
N PRO C 15 -1.21 35.60 -25.94
CA PRO C 15 -0.47 35.54 -24.69
C PRO C 15 0.56 36.64 -24.56
N TRP C 16 0.83 37.03 -23.31
CA TRP C 16 1.81 38.06 -23.04
C TRP C 16 3.21 37.58 -23.39
N ALA C 17 4.05 38.52 -23.86
CA ALA C 17 5.43 38.24 -24.20
C ALA C 17 6.33 39.28 -23.54
N TRP C 18 7.59 38.89 -23.34
CA TRP C 18 8.56 39.75 -22.68
C TRP C 18 9.37 40.53 -23.71
N LEU C 19 9.60 41.80 -23.43
CA LEU C 19 10.40 42.67 -24.29
C LEU C 19 11.50 43.32 -23.47
N GLN C 20 12.73 43.25 -23.96
CA GLN C 20 13.88 43.89 -23.35
C GLN C 20 14.40 44.96 -24.29
N LEU C 21 14.58 46.18 -23.78
CA LEU C 21 14.97 47.29 -24.63
C LEU C 21 15.67 48.35 -23.78
N ALA C 22 16.95 48.57 -24.05
CA ALA C 22 17.72 49.64 -23.41
C ALA C 22 17.59 49.57 -21.89
N GLU C 23 17.88 48.39 -21.33
CA GLU C 23 17.88 48.12 -19.90
C GLU C 23 16.48 48.10 -19.31
N ASN C 24 15.44 48.37 -20.09
CA ASN C 24 14.06 48.37 -19.61
C ASN C 24 13.35 47.09 -20.05
N SER C 25 12.28 46.76 -19.33
CA SER C 25 11.51 45.57 -19.58
C SER C 25 10.04 45.93 -19.75
N LEU C 26 9.34 45.15 -20.58
CA LEU C 26 7.93 45.40 -20.85
C LEU C 26 7.24 44.07 -21.12
N LEU C 27 5.91 44.07 -20.93
CA LEU C 27 5.05 42.95 -21.29
C LEU C 27 4.16 43.40 -22.42
N ALA C 28 4.22 42.69 -23.54
CA ALA C 28 3.58 43.13 -24.78
C ALA C 28 2.68 42.03 -25.33
N LYS C 29 1.52 42.43 -25.83
CA LYS C 29 0.62 41.58 -26.60
C LYS C 29 0.41 42.24 -27.96
N VAL C 30 0.57 41.47 -29.03
CA VAL C 30 0.52 41.99 -30.39
C VAL C 30 -0.39 41.10 -31.23
N PHE C 31 -1.20 41.72 -32.07
CA PHE C 31 -2.01 41.01 -33.05
C PHE C 31 -1.95 41.75 -34.37
N ILE C 32 -1.43 41.09 -35.40
CA ILE C 32 -1.27 41.68 -36.73
C ILE C 32 -2.26 41.04 -37.68
N THR C 33 -2.73 41.82 -38.64
CA THR C 33 -3.63 41.33 -39.68
C THR C 33 -3.55 42.27 -40.87
N LYS C 34 -3.99 41.78 -42.03
CA LYS C 34 -3.90 42.58 -43.24
C LYS C 34 -4.62 43.91 -43.11
N GLN C 35 -5.63 43.97 -42.24
CA GLN C 35 -6.42 45.20 -42.07
C GLN C 35 -5.80 46.15 -41.05
N GLY C 36 -4.87 45.70 -40.23
CA GLY C 36 -4.27 46.56 -39.23
C GLY C 36 -3.70 45.73 -38.09
N TYR C 37 -3.24 46.46 -37.06
CA TYR C 37 -2.60 45.80 -35.93
C TYR C 37 -3.08 46.40 -34.62
N ALA C 38 -2.99 45.59 -33.57
CA ALA C 38 -3.34 46.00 -32.21
C ALA C 38 -2.18 45.63 -31.28
N LEU C 39 -1.85 46.55 -30.38
CA LEU C 39 -0.73 46.38 -29.47
C LEU C 39 -1.16 46.82 -28.08
N LEU C 40 -0.74 46.05 -27.08
CA LEU C 40 -1.01 46.35 -25.67
C LEU C 40 0.26 46.11 -24.89
N VAL C 41 0.87 47.19 -24.40
CA VAL C 41 2.12 47.11 -23.66
C VAL C 41 1.87 47.52 -22.22
N SER C 42 2.69 46.99 -21.31
CA SER C 42 2.55 47.29 -19.90
C SER C 42 3.91 47.15 -19.22
N ASP C 43 4.03 47.79 -18.06
CA ASP C 43 5.24 47.73 -17.25
C ASP C 43 4.91 47.51 -15.78
N LEU C 44 3.78 46.87 -15.49
CA LEU C 44 3.27 46.58 -14.16
C LEU C 44 2.83 47.83 -13.41
N GLN C 45 2.89 49.00 -14.04
CA GLN C 45 2.43 50.25 -13.44
C GLN C 45 1.44 50.99 -14.32
N GLN C 46 1.61 50.95 -15.64
CA GLN C 46 0.69 51.57 -16.58
C GLN C 46 0.54 50.67 -17.79
N VAL C 47 -0.61 50.77 -18.44
CA VAL C 47 -0.94 49.96 -19.62
C VAL C 47 -1.29 50.90 -20.77
N TRP C 48 -0.61 50.72 -21.90
CA TRP C 48 -0.85 51.51 -23.10
C TRP C 48 -1.38 50.60 -24.21
N HIS C 49 -2.34 51.11 -24.98
CA HIS C 49 -2.96 50.37 -26.05
C HIS C 49 -2.98 51.20 -27.33
N GLU C 50 -2.71 50.56 -28.46
CA GLU C 50 -2.70 51.23 -29.75
C GLU C 50 -3.29 50.31 -30.80
N GLN C 51 -4.34 50.77 -31.47
CA GLN C 51 -4.94 50.06 -32.60
C GLN C 51 -4.80 50.92 -33.84
N VAL C 52 -4.23 50.35 -34.90
CA VAL C 52 -3.92 51.09 -36.13
C VAL C 52 -4.53 50.34 -37.32
N ASP C 53 -5.14 51.09 -38.22
CA ASP C 53 -5.74 50.58 -39.44
C ASP C 53 -4.87 50.93 -40.64
N THR C 54 -5.37 50.63 -41.84
CA THR C 54 -4.55 50.72 -43.05
C THR C 54 -4.07 52.15 -43.30
N SER C 55 -4.97 53.12 -43.17
CA SER C 55 -4.59 54.50 -43.49
C SER C 55 -3.50 55.01 -42.56
N VAL C 56 -3.65 54.78 -41.26
CA VAL C 56 -2.69 55.29 -40.29
C VAL C 56 -1.33 54.61 -40.49
N VAL C 57 -1.33 53.29 -40.69
CA VAL C 57 -0.07 52.59 -40.88
C VAL C 57 0.62 53.07 -42.16
N SER C 58 -0.15 53.27 -43.23
CA SER C 58 0.44 53.75 -44.47
C SER C 58 1.06 55.13 -44.28
N GLN C 59 0.33 56.04 -43.63
CA GLN C 59 0.84 57.39 -43.41
C GLN C 59 2.11 57.35 -42.57
N ARG C 60 2.09 56.60 -41.46
CA ARG C 60 3.26 56.56 -40.59
C ARG C 60 4.45 55.92 -41.28
N ALA C 61 4.22 54.85 -42.05
CA ALA C 61 5.32 54.22 -42.78
C ALA C 61 5.93 55.17 -43.80
N LYS C 62 5.08 55.91 -44.52
CA LYS C 62 5.61 56.88 -45.47
C LYS C 62 6.40 57.98 -44.76
N GLU C 63 5.90 58.44 -43.62
CA GLU C 63 6.60 59.49 -42.88
C GLU C 63 7.95 59.01 -42.36
N LEU C 64 8.00 57.79 -41.81
CA LEU C 64 9.23 57.29 -41.22
C LEU C 64 10.20 56.79 -42.29
N ASN C 65 9.79 55.78 -43.06
CA ASN C 65 10.60 55.26 -44.15
C ASN C 65 10.37 56.15 -45.36
N LYS C 66 11.20 57.18 -45.51
CA LYS C 66 11.04 58.11 -46.62
C LYS C 66 11.11 57.38 -47.96
N ARG C 67 11.82 56.25 -48.00
CA ARG C 67 12.21 55.62 -49.26
C ARG C 67 11.86 54.14 -49.27
N LEU C 68 10.70 53.77 -48.72
CA LEU C 68 10.21 52.40 -48.70
C LEU C 68 8.77 52.41 -49.19
N THR C 69 8.60 52.23 -50.50
CA THR C 69 7.29 52.22 -51.13
C THR C 69 6.78 50.80 -51.20
N ALA C 70 5.68 50.52 -50.49
CA ALA C 70 5.09 49.18 -50.47
C ALA C 70 3.64 49.31 -50.03
N PRO C 71 2.80 48.34 -50.38
CA PRO C 71 1.41 48.38 -49.93
C PRO C 71 1.32 48.19 -48.43
N PRO C 72 0.29 48.73 -47.78
CA PRO C 72 0.18 48.56 -46.32
C PRO C 72 0.12 47.11 -45.88
N ALA C 73 -0.50 46.24 -46.68
CA ALA C 73 -0.58 44.83 -46.29
C ALA C 73 0.81 44.20 -46.20
N ALA C 74 1.67 44.52 -47.18
CA ALA C 74 3.04 44.01 -47.12
C ALA C 74 3.77 44.54 -45.89
N PHE C 75 3.56 45.81 -45.56
CA PHE C 75 4.19 46.37 -44.37
C PHE C 75 3.72 45.64 -43.11
N LEU C 76 2.43 45.37 -43.01
CA LEU C 76 1.91 44.64 -41.85
C LEU C 76 2.50 43.24 -41.79
N CYS C 77 2.57 42.55 -42.94
CA CYS C 77 3.12 41.20 -42.96
C CYS C 77 4.58 41.19 -42.54
N HIS C 78 5.37 42.15 -43.04
CA HIS C 78 6.78 42.23 -42.65
C HIS C 78 6.92 42.54 -41.17
N LEU C 79 6.09 43.45 -40.64
CA LEU C 79 6.14 43.74 -39.21
C LEU C 79 5.83 42.51 -38.39
N ASP C 80 4.83 41.73 -38.80
CA ASP C 80 4.50 40.50 -38.10
C ASP C 80 5.67 39.52 -38.14
N ASN C 81 6.23 39.30 -39.34
CA ASN C 81 7.35 38.38 -39.44
C ASN C 81 8.53 38.83 -38.59
N LEU C 82 8.72 40.14 -38.45
CA LEU C 82 9.84 40.64 -37.66
C LEU C 82 9.58 40.49 -36.16
N LEU C 83 8.35 40.73 -35.72
CA LEU C 83 8.06 40.83 -34.29
C LEU C 83 7.66 39.49 -33.67
N ARG C 84 6.75 38.76 -34.31
CA ARG C 84 6.20 37.55 -33.71
C ARG C 84 7.27 36.56 -33.27
N PRO C 85 8.27 36.20 -34.09
CA PRO C 85 9.28 35.24 -33.60
C PRO C 85 10.03 35.73 -32.38
N LEU C 86 10.32 37.03 -32.30
CA LEU C 86 11.02 37.56 -31.13
C LEU C 86 10.17 37.44 -29.87
N LEU C 87 8.89 37.79 -29.97
CA LEU C 87 8.01 37.71 -28.81
C LEU C 87 7.80 36.27 -28.38
N LYS C 88 7.63 35.36 -29.34
CA LYS C 88 7.32 33.97 -29.01
C LYS C 88 8.47 33.33 -28.23
N ASP C 89 9.69 33.55 -28.68
CA ASP C 89 10.87 32.92 -28.08
C ASP C 89 11.93 33.99 -27.80
N ALA C 90 12.48 33.97 -26.59
CA ALA C 90 13.56 34.87 -26.24
C ALA C 90 14.89 34.30 -26.71
N ALA C 91 15.96 35.09 -26.53
CA ALA C 91 17.31 34.71 -26.93
C ALA C 91 17.42 34.49 -28.44
N HIS C 92 16.46 34.98 -29.21
CA HIS C 92 16.53 34.87 -30.65
C HIS C 92 17.68 35.73 -31.18
N PRO C 93 18.27 35.36 -32.33
CA PRO C 93 19.31 36.21 -32.93
C PRO C 93 18.93 37.69 -32.90
N SER C 94 19.76 38.48 -32.23
CA SER C 94 19.45 39.90 -32.00
C SER C 94 19.50 40.65 -33.32
N GLU C 95 18.32 41.01 -33.84
CA GLU C 95 18.20 41.82 -35.04
C GLU C 95 17.23 42.98 -34.92
N ALA C 96 16.32 42.95 -33.95
CA ALA C 96 15.31 43.99 -33.76
C ALA C 96 15.66 44.79 -32.51
N THR C 97 16.10 46.02 -32.69
CA THR C 97 16.40 46.92 -31.58
C THR C 97 15.17 47.74 -31.23
N PHE C 98 14.93 47.92 -29.93
CA PHE C 98 13.76 48.62 -29.44
C PHE C 98 14.18 49.73 -28.49
N SER C 99 13.37 50.79 -28.47
CA SER C 99 13.57 51.89 -27.54
C SER C 99 12.21 52.45 -27.15
N CYS C 100 12.13 53.03 -25.95
CA CYS C 100 10.89 53.56 -25.42
C CYS C 100 11.11 54.98 -24.93
N ASP C 101 10.26 55.90 -25.39
CA ASP C 101 10.26 57.28 -24.94
C ASP C 101 8.93 57.55 -24.26
N CYS C 102 8.99 57.93 -22.98
CA CYS C 102 7.79 58.12 -22.17
C CYS C 102 7.36 59.58 -22.26
N VAL C 103 6.42 59.87 -23.17
CA VAL C 103 5.84 61.19 -23.23
C VAL C 103 4.99 61.44 -21.98
N ALA C 104 4.69 62.72 -21.74
CA ALA C 104 3.90 63.07 -20.55
C ALA C 104 2.60 62.28 -20.49
N ASP C 105 2.00 61.99 -21.64
CA ASP C 105 0.75 61.24 -21.70
C ASP C 105 0.90 59.92 -22.46
N ALA C 106 1.53 59.94 -23.62
CA ALA C 106 1.63 58.77 -24.49
C ALA C 106 3.01 58.12 -24.34
N LEU C 107 3.21 57.05 -25.11
CA LEU C 107 4.48 56.33 -25.14
C LEU C 107 4.85 56.08 -26.60
N ILE C 108 6.11 56.34 -26.94
CA ILE C 108 6.62 56.13 -28.28
C ILE C 108 7.57 54.95 -28.24
N LEU C 109 7.20 53.85 -28.90
CA LEU C 109 8.03 52.66 -28.97
C LEU C 109 8.64 52.61 -30.36
N ARG C 110 9.95 52.84 -30.45
CA ARG C 110 10.66 52.85 -31.72
C ARG C 110 11.33 51.50 -31.93
N VAL C 111 11.08 50.88 -33.07
CA VAL C 111 11.68 49.60 -33.42
C VAL C 111 12.46 49.77 -34.71
N ARG C 112 13.73 49.37 -34.68
CA ARG C 112 14.62 49.44 -35.84
C ARG C 112 15.18 48.05 -36.09
N SER C 113 15.02 47.56 -37.32
CA SER C 113 15.40 46.20 -37.66
C SER C 113 16.07 46.19 -39.03
N GLU C 114 16.53 45.02 -39.45
CA GLU C 114 17.20 44.81 -40.72
C GLU C 114 16.35 43.91 -41.60
N LEU C 115 16.13 44.34 -42.83
CA LEU C 115 15.40 43.56 -43.84
C LEU C 115 16.30 43.41 -45.05
N SER C 116 16.84 42.21 -45.25
CA SER C 116 17.78 41.95 -46.34
C SER C 116 18.93 42.95 -46.31
N GLY C 117 19.39 43.28 -45.10
CA GLY C 117 20.50 44.19 -44.94
C GLY C 117 20.14 45.65 -45.03
N LEU C 118 18.85 45.99 -45.13
CA LEU C 118 18.44 47.38 -45.22
C LEU C 118 17.72 47.82 -43.96
N PRO C 119 17.84 49.09 -43.56
CA PRO C 119 17.16 49.54 -42.35
C PRO C 119 15.65 49.50 -42.50
N PHE C 120 14.97 49.26 -41.39
CA PHE C 120 13.51 49.25 -41.35
C PHE C 120 13.06 49.83 -40.02
N TYR C 121 12.37 50.97 -40.08
CA TYR C 121 11.95 51.70 -38.89
C TYR C 121 10.44 51.63 -38.73
N TRP C 122 9.99 51.57 -37.48
CA TRP C 122 8.58 51.71 -37.18
C TRP C 122 8.43 52.31 -35.79
N ASN C 123 7.28 52.95 -35.58
CA ASN C 123 7.00 53.64 -34.32
C ASN C 123 5.57 53.34 -33.89
N PHE C 124 5.42 52.84 -32.66
CA PHE C 124 4.11 52.66 -32.05
C PHE C 124 3.85 53.85 -31.13
N HIS C 125 2.76 54.58 -31.40
CA HIS C 125 2.33 55.70 -30.56
C HIS C 125 1.16 55.20 -29.71
N CYS C 126 1.47 54.76 -28.49
CA CYS C 126 0.49 54.11 -27.62
C CYS C 126 -0.01 55.09 -26.59
N MET C 127 -1.33 55.29 -26.57
CA MET C 127 -1.98 56.09 -25.54
C MET C 127 -2.29 55.22 -24.33
N LEU C 128 -2.62 55.87 -23.23
CA LEU C 128 -2.99 55.13 -22.02
C LEU C 128 -4.22 54.28 -22.28
N ALA C 129 -4.14 53.01 -21.87
CA ALA C 129 -5.24 52.08 -22.12
C ALA C 129 -6.49 52.52 -21.39
N SER C 130 -7.64 52.31 -22.02
CA SER C 130 -8.91 52.68 -21.40
C SER C 130 -9.17 51.80 -20.18
N PRO C 131 -9.91 52.31 -19.19
CA PRO C 131 -10.16 51.49 -17.99
C PRO C 131 -10.81 50.15 -18.29
N SER C 132 -11.73 50.13 -19.27
CA SER C 132 -12.40 48.87 -19.61
C SER C 132 -11.44 47.88 -20.24
N LEU C 133 -10.60 48.34 -21.18
CA LEU C 133 -9.70 47.42 -21.88
C LEU C 133 -8.69 46.83 -20.92
N VAL C 134 -8.05 47.67 -20.10
CA VAL C 134 -7.04 47.17 -19.17
C VAL C 134 -7.67 46.19 -18.20
N SER C 135 -8.85 46.51 -17.68
CA SER C 135 -9.54 45.60 -16.77
C SER C 135 -9.79 44.25 -17.45
N GLN C 136 -10.43 44.27 -18.61
CA GLN C 136 -10.78 43.03 -19.30
C GLN C 136 -9.54 42.22 -19.66
N HIS C 137 -8.42 42.88 -19.90
CA HIS C 137 -7.22 42.18 -20.35
C HIS C 137 -6.36 41.66 -19.21
N LEU C 138 -6.38 42.30 -18.04
CA LEU C 138 -5.51 41.91 -16.94
C LEU C 138 -6.28 41.45 -15.70
N ILE C 139 -7.23 42.25 -15.22
CA ILE C 139 -7.81 41.99 -13.90
C ILE C 139 -8.68 40.74 -13.94
N ARG C 140 -9.73 40.76 -14.76
CA ARG C 140 -10.62 39.60 -14.84
C ARG C 140 -9.88 38.31 -15.20
N PRO C 141 -9.02 38.28 -16.22
CA PRO C 141 -8.28 37.03 -16.50
C PRO C 141 -7.39 36.59 -15.35
N LEU C 142 -6.65 37.51 -14.74
CA LEU C 142 -5.84 37.14 -13.58
C LEU C 142 -6.72 36.61 -12.45
N MET C 143 -7.90 37.21 -12.29
CA MET C 143 -8.85 36.73 -11.30
C MET C 143 -9.23 35.28 -11.56
N GLY C 144 -9.54 34.97 -12.82
CA GLY C 144 -9.89 33.61 -13.18
C GLY C 144 -8.75 32.63 -12.96
N MET C 145 -7.53 33.03 -13.32
CA MET C 145 -6.38 32.16 -13.08
C MET C 145 -6.19 31.90 -11.60
N SER C 146 -6.36 32.92 -10.76
CA SER C 146 -6.23 32.71 -9.32
C SER C 146 -7.26 31.72 -8.82
N LEU C 147 -8.51 31.87 -9.25
CA LEU C 147 -9.54 30.93 -8.80
C LEU C 147 -9.27 29.52 -9.31
N ALA C 148 -8.83 29.39 -10.56
CA ALA C 148 -8.53 28.07 -11.11
C ALA C 148 -7.38 27.41 -10.35
N LEU C 149 -6.35 28.18 -10.00
CA LEU C 149 -5.25 27.63 -9.24
C LEU C 149 -5.69 27.24 -7.83
N GLN C 150 -6.60 28.01 -7.23
CA GLN C 150 -7.15 27.60 -5.94
C GLN C 150 -7.89 26.26 -6.06
N CYS C 151 -8.68 26.10 -7.12
CA CYS C 151 -9.36 24.82 -7.33
C CYS C 151 -8.36 23.69 -7.54
N GLN C 152 -7.29 23.96 -8.29
CA GLN C 152 -6.26 22.94 -8.48
C GLN C 152 -5.62 22.55 -7.15
N VAL C 153 -5.35 23.53 -6.29
CA VAL C 153 -4.76 23.24 -4.99
C VAL C 153 -5.72 22.39 -4.15
N ARG C 154 -7.02 22.71 -4.19
CA ARG C 154 -7.99 21.92 -3.45
C ARG C 154 -8.04 20.49 -3.95
N GLU C 155 -8.03 20.30 -5.27
CA GLU C 155 -8.06 18.95 -5.82
C GLU C 155 -6.80 18.18 -5.44
N LEU C 156 -5.65 18.83 -5.48
CA LEU C 156 -4.41 18.18 -5.08
C LEU C 156 -4.42 17.82 -3.60
N ALA C 157 -5.04 18.67 -2.78
CA ALA C 157 -5.19 18.34 -1.36
C ALA C 157 -6.08 17.11 -1.17
N THR C 158 -7.15 17.02 -1.95
CA THR C 158 -7.99 15.83 -1.88
C THR C 158 -7.21 14.59 -2.28
N LEU C 159 -6.40 14.69 -3.34
CA LEU C 159 -5.58 13.57 -3.76
C LEU C 159 -4.59 13.18 -2.66
N LEU C 160 -3.99 14.17 -2.00
CA LEU C 160 -3.09 13.87 -0.90
C LEU C 160 -3.82 13.17 0.24
N HIS C 161 -5.05 13.59 0.52
CA HIS C 161 -5.84 12.91 1.56
C HIS C 161 -6.07 11.46 1.20
N MET C 162 -6.41 11.18 -0.07
CA MET C 162 -6.60 9.80 -0.49
C MET C 162 -5.31 9.01 -0.33
N LYS C 163 -4.18 9.57 -0.77
CA LYS C 163 -2.91 8.87 -0.68
C LYS C 163 -2.52 8.62 0.77
N ASP C 164 -2.75 9.60 1.65
CA ASP C 164 -2.43 9.43 3.06
C ASP C 164 -3.30 8.35 3.70
N LEU C 165 -4.59 8.32 3.36
CA LEU C 165 -5.45 7.24 3.82
C LEU C 165 -4.90 5.89 3.39
N GLU C 166 -4.47 5.77 2.13
CA GLU C 166 -4.05 4.45 1.66
C GLU C 166 -2.72 4.07 2.31
N ILE C 167 -1.84 5.05 2.55
CA ILE C 167 -0.60 4.80 3.28
C ILE C 167 -0.92 4.30 4.69
N GLN C 168 -1.90 4.90 5.35
CA GLN C 168 -2.31 4.43 6.67
C GLN C 168 -2.83 3.00 6.59
N ASP C 169 -3.60 2.70 5.54
CA ASP C 169 -4.10 1.33 5.37
C ASP C 169 -2.94 0.35 5.22
N TYR C 170 -1.94 0.69 4.40
CA TYR C 170 -0.79 -0.18 4.23
C TYR C 170 -0.03 -0.36 5.55
N GLN C 171 0.17 0.73 6.28
CA GLN C 171 0.94 0.64 7.52
C GLN C 171 0.20 -0.16 8.58
N GLU C 172 -1.13 -0.09 8.60
CA GLU C 172 -1.89 -0.83 9.60
C GLU C 172 -1.66 -2.33 9.47
N SER C 173 -1.65 -2.84 8.24
CA SER C 173 -1.42 -4.27 7.97
C SER C 173 -0.44 -4.36 6.80
N GLY C 174 0.84 -4.46 7.13
CA GLY C 174 1.86 -4.55 6.09
C GLY C 174 3.22 -4.82 6.71
N ALA C 175 4.19 -5.11 5.83
CA ALA C 175 5.54 -5.39 6.25
C ALA C 175 6.36 -4.10 6.33
N THR C 176 7.56 -4.23 6.90
CA THR C 176 8.45 -3.08 7.04
C THR C 176 8.91 -2.60 5.67
N LEU C 177 9.51 -1.41 5.66
CA LEU C 177 9.97 -0.80 4.42
C LEU C 177 11.32 -1.37 4.02
N ILE C 178 11.46 -1.69 2.73
CA ILE C 178 12.77 -2.09 2.21
C ILE C 178 13.77 -0.96 2.38
N ARG C 179 13.36 0.27 2.09
CA ARG C 179 14.15 1.47 2.35
C ARG C 179 13.39 2.32 3.36
N ASP C 180 14.05 2.66 4.47
CA ASP C 180 13.42 3.48 5.50
C ASP C 180 13.53 4.97 5.21
N ARG C 181 14.33 5.36 4.21
CA ARG C 181 14.49 6.77 3.87
C ARG C 181 13.30 7.35 3.12
N LEU C 182 12.37 6.51 2.65
CA LEU C 182 11.23 6.97 1.86
C LEU C 182 10.02 7.29 2.72
N LYS C 183 10.12 7.20 4.04
CA LYS C 183 8.99 7.51 4.89
C LYS C 183 8.56 8.96 4.71
N THR C 184 7.25 9.18 4.75
CA THR C 184 6.67 10.52 4.60
C THR C 184 5.66 10.75 5.72
N GLU C 185 5.65 11.97 6.24
CA GLU C 185 4.74 12.34 7.30
C GLU C 185 3.34 12.58 6.74
N PRO C 186 2.30 12.42 7.55
CA PRO C 186 0.95 12.70 7.07
C PRO C 186 0.80 14.16 6.66
N PHE C 187 0.01 14.40 5.62
CA PHE C 187 -0.17 15.74 5.10
C PHE C 187 -1.24 16.48 5.88
N GLU C 188 -0.96 17.73 6.24
CA GLU C 188 -1.90 18.61 6.92
C GLU C 188 -2.03 19.89 6.10
N GLU C 189 -3.25 20.20 5.67
CA GLU C 189 -3.45 21.38 4.83
C GLU C 189 -3.08 22.66 5.57
N ASN C 190 -3.49 22.77 6.83
CA ASN C 190 -3.21 23.98 7.59
C ASN C 190 -1.72 24.14 7.82
N SER C 191 -1.04 23.07 8.23
CA SER C 191 0.40 23.14 8.47
C SER C 191 1.15 23.46 7.21
N PHE C 192 0.79 22.82 6.09
CA PHE C 192 1.46 23.10 4.82
C PHE C 192 1.25 24.55 4.41
N LEU C 193 0.03 25.05 4.51
CA LEU C 193 -0.25 26.42 4.13
C LEU C 193 0.55 27.40 4.98
N GLU C 194 0.58 27.16 6.30
CA GLU C 194 1.31 28.06 7.19
C GLU C 194 2.81 28.03 6.88
N GLN C 195 3.37 26.84 6.67
CA GLN C 195 4.80 26.74 6.37
C GLN C 195 5.13 27.45 5.07
N PHE C 196 4.32 27.22 4.02
CA PHE C 196 4.57 27.87 2.75
C PHE C 196 4.52 29.39 2.91
N MET C 197 3.45 29.89 3.55
CA MET C 197 3.29 31.33 3.69
C MET C 197 4.47 31.93 4.46
N ILE C 198 4.89 31.28 5.55
CA ILE C 198 5.95 31.85 6.38
C ILE C 198 7.29 31.80 5.66
N GLU C 199 7.58 30.73 4.92
CA GLU C 199 8.91 30.49 4.38
C GLU C 199 9.07 31.01 2.96
N LYS C 200 8.27 30.51 2.03
CA LYS C 200 8.56 30.64 0.61
C LYS C 200 7.67 31.66 -0.11
N LEU C 201 6.69 32.24 0.57
CA LEU C 201 5.90 33.30 -0.05
C LEU C 201 6.74 34.49 -0.50
N PRO C 202 7.71 34.98 0.28
CA PRO C 202 8.48 36.15 -0.16
C PRO C 202 9.13 35.95 -1.52
N GLU C 203 9.64 34.76 -1.81
CA GLU C 203 10.24 34.47 -3.10
C GLU C 203 9.24 33.98 -4.13
N ALA C 204 8.22 33.24 -3.70
CA ALA C 204 7.23 32.73 -4.64
C ALA C 204 6.42 33.87 -5.26
N CYS C 205 6.05 34.87 -4.46
CA CYS C 205 5.22 35.96 -4.92
C CYS C 205 6.02 37.12 -5.49
N SER C 206 7.34 37.01 -5.54
CA SER C 206 8.19 38.10 -6.06
C SER C 206 7.92 38.26 -7.54
N ILE C 207 7.19 39.32 -7.91
CA ILE C 207 6.90 39.56 -9.33
C ILE C 207 8.17 39.93 -10.08
N GLY C 208 8.99 40.81 -9.50
CA GLY C 208 10.13 41.31 -10.23
C GLY C 208 9.68 42.19 -11.38
N ASP C 209 10.25 41.94 -12.56
CA ASP C 209 9.97 42.74 -13.74
C ASP C 209 8.89 42.14 -14.65
N GLY C 210 8.28 41.03 -14.24
CA GLY C 210 7.25 40.39 -15.05
C GLY C 210 7.70 39.16 -15.80
N LYS C 211 9.00 38.90 -15.87
CA LYS C 211 9.50 37.71 -16.55
C LYS C 211 8.89 36.43 -16.01
N PRO C 212 8.84 36.19 -14.69
CA PRO C 212 8.26 34.92 -14.21
C PRO C 212 6.82 34.72 -14.63
N PHE C 213 6.02 35.78 -14.69
CA PHE C 213 4.62 35.63 -15.08
C PHE C 213 4.50 35.09 -16.50
N VAL C 214 5.24 35.69 -17.45
CA VAL C 214 5.19 35.22 -18.82
C VAL C 214 5.81 33.82 -18.93
N MET C 215 6.84 33.55 -18.13
CA MET C 215 7.56 32.29 -18.27
C MET C 215 6.80 31.10 -17.67
N ASN C 216 5.94 31.34 -16.68
CA ASN C 216 5.40 30.26 -15.87
C ASN C 216 3.98 29.84 -16.29
N LEU C 217 3.04 30.78 -16.28
CA LEU C 217 1.61 30.44 -16.34
C LEU C 217 0.91 31.22 -17.44
N GLN C 218 1.50 31.25 -18.64
CA GLN C 218 0.83 31.86 -19.78
C GLN C 218 -0.26 30.96 -20.34
N ASP C 219 -0.08 29.63 -20.27
CA ASP C 219 -1.10 28.72 -20.79
C ASP C 219 -2.40 28.86 -20.02
N LEU C 220 -2.32 28.99 -18.69
CA LEU C 220 -3.52 29.19 -17.89
C LEU C 220 -4.19 30.51 -18.26
N TYR C 221 -3.40 31.56 -18.48
CA TYR C 221 -3.97 32.84 -18.89
C TYR C 221 -4.73 32.70 -20.20
N MET C 222 -4.10 32.03 -21.19
CA MET C 222 -4.76 31.86 -22.48
C MET C 222 -6.04 31.05 -22.34
N ALA C 223 -6.01 29.98 -21.55
CA ALA C 223 -7.21 29.16 -21.37
C ALA C 223 -8.32 29.96 -20.70
N VAL C 224 -7.98 30.73 -19.67
CA VAL C 224 -8.99 31.52 -18.97
C VAL C 224 -9.59 32.56 -19.90
N THR C 225 -8.75 33.23 -20.69
CA THR C 225 -9.26 34.23 -21.62
C THR C 225 -10.16 33.60 -22.67
N THR C 226 -9.76 32.45 -23.21
CA THR C 226 -10.58 31.78 -24.21
C THR C 226 -11.92 31.36 -23.62
N GLN C 227 -11.92 30.84 -22.40
CA GLN C 227 -13.18 30.49 -21.74
C GLN C 227 -14.05 31.72 -21.53
N GLU C 228 -13.44 32.84 -21.12
CA GLU C 228 -14.20 34.06 -20.92
C GLU C 228 -14.81 34.56 -22.22
N VAL C 229 -14.11 34.34 -23.34
CA VAL C 229 -14.66 34.77 -24.63
C VAL C 229 -15.99 34.08 -24.90
N GLN C 230 -16.07 32.79 -24.63
CA GLN C 230 -17.30 32.04 -24.82
C GLN C 230 -18.30 32.36 -23.72
N MET D 1 29.39 28.31 -85.71
CA MET D 1 29.35 29.77 -85.97
C MET D 1 30.49 30.46 -85.22
N GLU D 2 31.36 31.13 -85.97
CA GLU D 2 32.47 31.88 -85.40
C GLU D 2 32.49 33.28 -86.00
N ARG D 3 32.54 34.29 -85.12
CA ARG D 3 32.58 35.68 -85.53
C ARG D 3 33.76 36.37 -84.87
N LYS D 4 34.40 37.27 -85.62
CA LYS D 4 35.57 38.00 -85.15
C LYS D 4 35.39 39.48 -85.42
N ILE D 5 35.75 40.30 -84.42
CA ILE D 5 35.65 41.75 -84.50
C ILE D 5 37.04 42.32 -84.71
N SER D 6 37.12 43.41 -85.45
CA SER D 6 38.40 44.05 -85.74
C SER D 6 38.19 45.55 -85.92
N ARG D 7 39.28 46.30 -85.77
CA ARG D 7 39.27 47.75 -85.92
C ARG D 7 40.05 48.14 -87.17
N ILE D 8 39.48 49.03 -87.97
CA ILE D 8 40.11 49.53 -89.18
C ILE D 8 39.98 51.05 -89.20
N HIS D 9 41.06 51.73 -89.57
CA HIS D 9 41.09 53.19 -89.67
C HIS D 9 41.07 53.55 -91.15
N LEU D 10 39.93 54.05 -91.63
CA LEU D 10 39.82 54.44 -93.01
C LEU D 10 40.73 55.63 -93.30
N VAL D 11 41.36 55.61 -94.49
CA VAL D 11 42.22 56.71 -94.89
C VAL D 11 41.41 58.00 -95.00
N SER D 12 40.13 57.89 -95.36
CA SER D 12 39.29 59.08 -95.46
C SER D 12 39.11 59.75 -94.11
N GLU D 13 38.96 58.96 -93.05
CA GLU D 13 38.74 59.48 -91.69
C GLU D 13 39.74 58.81 -90.74
N PRO D 14 41.01 59.22 -90.81
CA PRO D 14 42.00 58.62 -89.90
C PRO D 14 41.68 58.83 -88.44
N SER D 15 41.11 59.98 -88.07
CA SER D 15 40.77 60.23 -86.68
C SER D 15 39.76 59.24 -86.15
N ILE D 16 38.74 58.93 -86.95
CA ILE D 16 37.68 58.02 -86.56
C ILE D 16 38.10 56.60 -86.90
N THR D 17 37.71 55.66 -86.04
CA THR D 17 38.01 54.24 -86.22
C THR D 17 36.71 53.47 -86.35
N HIS D 18 36.67 52.51 -87.26
CA HIS D 18 35.49 51.70 -87.53
C HIS D 18 35.71 50.28 -87.02
N PHE D 19 34.62 49.66 -86.57
CA PHE D 19 34.63 48.30 -86.08
C PHE D 19 33.86 47.41 -87.05
N LEU D 20 34.51 46.34 -87.52
CA LEU D 20 33.92 45.41 -88.46
C LEU D 20 33.91 44.01 -87.87
N GLN D 21 32.77 43.35 -87.94
CA GLN D 21 32.61 41.97 -87.49
C GLN D 21 32.39 41.08 -88.70
N VAL D 22 33.16 40.01 -88.78
CA VAL D 22 33.05 39.01 -89.85
C VAL D 22 32.62 37.71 -89.21
N SER D 23 31.50 37.16 -89.68
CA SER D 23 30.93 35.93 -89.13
C SER D 23 30.89 34.87 -90.23
N TRP D 24 31.47 33.70 -89.94
CA TRP D 24 31.47 32.57 -90.85
C TRP D 24 31.09 31.32 -90.07
N GLU D 25 30.47 30.37 -90.77
CA GLU D 25 29.99 29.16 -90.09
C GLU D 25 31.15 28.24 -89.74
N LYS D 26 31.85 27.72 -90.74
CA LYS D 26 33.01 26.86 -90.55
C LYS D 26 34.27 27.40 -91.19
N THR D 27 34.18 27.89 -92.43
CA THR D 27 35.33 28.42 -93.14
C THR D 27 34.89 29.58 -94.01
N LEU D 28 35.85 30.46 -94.31
CA LEU D 28 35.59 31.58 -95.21
C LEU D 28 35.43 31.14 -96.66
N GLU D 29 35.83 29.91 -97.00
CA GLU D 29 35.67 29.45 -98.37
C GLU D 29 34.20 29.45 -98.80
N SER D 30 33.29 29.18 -97.87
CA SER D 30 31.86 29.20 -98.13
C SER D 30 31.26 30.60 -97.96
N GLY D 31 32.09 31.64 -97.99
CA GLY D 31 31.63 32.99 -97.77
C GLY D 31 31.42 33.29 -96.30
N PHE D 32 30.90 34.48 -96.04
CA PHE D 32 30.62 34.93 -94.68
C PHE D 32 29.79 36.20 -94.76
N VAL D 33 29.50 36.78 -93.60
CA VAL D 33 28.73 38.01 -93.49
C VAL D 33 29.58 39.03 -92.75
N ILE D 34 29.68 40.23 -93.32
CA ILE D 34 30.52 41.30 -92.78
C ILE D 34 29.62 42.48 -92.43
N THR D 35 29.74 42.96 -91.19
CA THR D 35 28.97 44.11 -90.73
C THR D 35 29.94 45.15 -90.20
N LEU D 36 29.90 46.34 -90.78
CA LEU D 36 30.76 47.44 -90.39
C LEU D 36 29.94 48.48 -89.64
N THR D 37 30.59 49.18 -88.71
CA THR D 37 29.90 50.18 -87.91
C THR D 37 30.93 51.17 -87.36
N ASP D 38 30.42 52.30 -86.87
CA ASP D 38 31.26 53.34 -86.27
C ASP D 38 30.69 53.87 -84.97
N GLY D 39 29.65 53.23 -84.41
CA GLY D 39 29.02 53.67 -83.19
C GLY D 39 27.74 54.47 -83.39
N HIS D 40 27.51 54.97 -84.60
CA HIS D 40 26.30 55.72 -84.91
C HIS D 40 25.54 55.19 -86.12
N SER D 41 26.16 54.39 -86.98
CA SER D 41 25.49 53.80 -88.13
C SER D 41 26.21 52.52 -88.50
N ALA D 42 25.52 51.68 -89.28
CA ALA D 42 26.07 50.37 -89.62
C ALA D 42 25.69 50.00 -91.05
N TRP D 43 26.49 49.12 -91.63
CA TRP D 43 26.25 48.56 -92.96
C TRP D 43 26.53 47.07 -92.91
N THR D 44 25.87 46.33 -93.79
CA THR D 44 25.96 44.88 -93.79
C THR D 44 26.15 44.37 -95.22
N GLY D 45 26.84 43.24 -95.35
CA GLY D 45 27.04 42.63 -96.65
C GLY D 45 27.36 41.16 -96.50
N THR D 46 27.20 40.43 -97.61
CA THR D 46 27.43 39.00 -97.65
C THR D 46 28.38 38.67 -98.80
N VAL D 47 29.28 37.71 -98.57
CA VAL D 47 30.25 37.29 -99.57
C VAL D 47 30.09 35.81 -99.86
N SER D 48 28.84 35.33 -99.85
CA SER D 48 28.53 33.91 -99.95
C SER D 48 29.35 33.23 -101.04
N GLU D 49 29.55 31.92 -100.90
CA GLU D 49 30.49 31.15 -101.70
C GLU D 49 30.50 31.58 -103.17
N SER D 50 29.32 31.86 -103.73
CA SER D 50 29.26 32.28 -105.12
C SER D 50 30.04 33.58 -105.35
N GLU D 51 29.87 34.54 -104.44
CA GLU D 51 30.54 35.83 -104.61
C GLU D 51 32.05 35.68 -104.54
N ILE D 52 32.54 34.92 -103.55
CA ILE D 52 33.99 34.75 -103.41
C ILE D 52 34.55 33.99 -104.61
N SER D 53 33.83 32.97 -105.09
CA SER D 53 34.29 32.23 -106.26
C SER D 53 34.36 33.14 -107.49
N GLN D 54 33.33 33.97 -107.68
CA GLN D 54 33.34 34.88 -108.82
C GLN D 54 34.48 35.88 -108.71
N GLU D 55 34.72 36.42 -107.51
CA GLU D 55 35.82 37.36 -107.32
C GLU D 55 37.16 36.69 -107.60
N ALA D 56 37.35 35.45 -107.14
CA ALA D 56 38.58 34.75 -107.42
C ALA D 56 38.76 34.51 -108.91
N ASP D 57 37.69 34.14 -109.60
CA ASP D 57 37.78 33.96 -111.05
C ASP D 57 38.14 35.26 -111.74
N ASP D 58 37.56 36.38 -111.30
CA ASP D 58 37.88 37.67 -111.90
C ASP D 58 39.35 38.01 -111.73
N MET D 59 39.90 37.77 -110.55
CA MET D 59 41.31 38.08 -110.29
C MET D 59 42.25 37.06 -110.92
N ALA D 60 41.75 35.87 -111.28
CA ALA D 60 42.55 34.83 -111.91
C ALA D 60 43.76 34.49 -111.05
N MET D 61 43.49 34.12 -109.80
CA MET D 61 44.54 33.84 -108.83
C MET D 61 44.07 32.75 -107.88
N GLU D 62 45.03 32.03 -107.30
CA GLU D 62 44.73 30.80 -106.58
C GLU D 62 43.81 31.08 -105.39
N LYS D 63 42.84 30.18 -105.18
CA LYS D 63 41.90 30.36 -104.09
C LYS D 63 42.58 30.31 -102.73
N GLY D 64 43.55 29.39 -102.57
CA GLY D 64 44.24 29.30 -101.29
C GLY D 64 44.91 30.60 -100.89
N LYS D 65 45.58 31.25 -101.84
CA LYS D 65 46.21 32.54 -101.55
C LYS D 65 45.17 33.58 -101.15
N TYR D 66 44.02 33.58 -101.83
CA TYR D 66 42.97 34.55 -101.50
C TYR D 66 42.45 34.34 -100.09
N VAL D 67 42.19 33.08 -99.71
CA VAL D 67 41.68 32.82 -98.37
C VAL D 67 42.74 33.16 -97.33
N GLY D 68 44.01 32.89 -97.63
CA GLY D 68 45.07 33.27 -96.70
C GLY D 68 45.15 34.78 -96.53
N GLU D 69 45.05 35.53 -97.62
CA GLU D 69 45.08 36.98 -97.54
C GLU D 69 43.87 37.51 -96.77
N LEU D 70 42.70 36.91 -96.99
CA LEU D 70 41.52 37.31 -96.23
C LEU D 70 41.71 37.06 -94.75
N ARG D 71 42.28 35.91 -94.39
CA ARG D 71 42.58 35.64 -92.99
C ARG D 71 43.54 36.68 -92.43
N LYS D 72 44.58 37.02 -93.20
CA LYS D 72 45.56 37.99 -92.72
C LYS D 72 44.92 39.36 -92.50
N ALA D 73 44.09 39.80 -93.44
CA ALA D 73 43.57 41.17 -93.39
C ALA D 73 42.34 41.28 -92.50
N LEU D 74 41.26 40.57 -92.86
CA LEU D 74 39.99 40.75 -92.15
C LEU D 74 40.10 40.33 -90.70
N LEU D 75 40.75 39.21 -90.43
CA LEU D 75 40.89 38.68 -89.08
C LEU D 75 42.05 39.31 -88.31
N SER D 76 42.56 40.46 -88.76
CA SER D 76 43.66 41.15 -88.10
C SER D 76 44.90 40.27 -88.00
N GLY D 77 45.13 39.48 -89.05
CA GLY D 77 46.31 38.64 -89.14
C GLY D 77 47.48 39.30 -89.84
N ALA D 78 47.41 40.59 -90.13
CA ALA D 78 48.49 41.27 -90.83
C ALA D 78 49.78 41.18 -90.04
N GLY D 79 50.87 40.84 -90.73
CA GLY D 79 52.16 40.77 -90.11
C GLY D 79 52.77 42.14 -89.90
N PRO D 80 53.87 42.17 -89.14
CA PRO D 80 54.53 43.48 -88.90
C PRO D 80 54.96 44.18 -90.16
N ALA D 81 55.41 43.43 -91.16
CA ALA D 81 55.86 44.01 -92.42
C ALA D 81 54.75 44.13 -93.46
N ASP D 82 53.55 43.63 -93.16
CA ASP D 82 52.42 43.68 -94.07
C ASP D 82 51.44 44.74 -93.60
N VAL D 83 51.03 45.62 -94.51
CA VAL D 83 50.10 46.69 -94.21
C VAL D 83 48.94 46.63 -95.20
N TYR D 84 47.72 46.66 -94.67
CA TYR D 84 46.50 46.66 -95.48
C TYR D 84 45.76 47.97 -95.27
N THR D 85 45.27 48.54 -96.37
CA THR D 85 44.54 49.80 -96.36
C THR D 85 43.11 49.55 -96.83
N PHE D 86 42.15 50.03 -96.05
CA PHE D 86 40.74 49.90 -96.35
C PHE D 86 40.13 51.27 -96.60
N ASN D 87 39.15 51.32 -97.50
CA ASN D 87 38.45 52.56 -97.80
C ASN D 87 36.99 52.25 -98.09
N PHE D 88 36.10 52.92 -97.37
CA PHE D 88 34.67 52.72 -97.48
C PHE D 88 34.00 54.02 -97.86
N SER D 89 33.16 53.98 -98.90
CA SER D 89 32.40 55.13 -99.36
C SER D 89 30.92 54.85 -99.11
N LYS D 90 30.32 55.60 -98.19
CA LYS D 90 28.90 55.42 -97.89
C LYS D 90 28.02 55.91 -99.02
N GLU D 91 28.45 56.96 -99.74
CA GLU D 91 27.66 57.47 -100.85
C GLU D 91 27.46 56.40 -101.91
N SER D 92 28.53 55.69 -102.27
CA SER D 92 28.45 54.56 -103.18
C SER D 92 28.28 53.23 -102.45
N CYS D 93 28.21 53.25 -101.13
CA CYS D 93 28.00 52.06 -100.31
C CYS D 93 29.03 50.97 -100.60
N TYR D 94 30.20 51.35 -101.08
CA TYR D 94 31.26 50.40 -101.42
C TYR D 94 32.32 50.36 -100.32
N PHE D 95 33.09 49.28 -100.30
CA PHE D 95 34.17 49.12 -99.34
C PHE D 95 35.24 48.25 -99.98
N PHE D 96 36.41 48.83 -100.25
CA PHE D 96 37.49 48.13 -100.92
C PHE D 96 38.75 48.15 -100.06
N PHE D 97 39.43 47.01 -100.02
CA PHE D 97 40.65 46.84 -99.24
C PHE D 97 41.76 46.34 -100.14
N GLU D 98 42.99 46.81 -99.87
CA GLU D 98 44.16 46.46 -100.64
C GLU D 98 45.35 46.31 -99.70
N LYS D 99 46.46 45.82 -100.25
CA LYS D 99 47.71 45.66 -99.51
C LYS D 99 48.76 46.60 -100.09
N ASN D 100 49.44 47.34 -99.22
CA ASN D 100 50.47 48.28 -99.63
C ASN D 100 51.84 47.67 -99.35
N LEU D 101 52.68 47.62 -100.39
CA LEU D 101 54.01 47.05 -100.27
C LEU D 101 54.92 47.69 -101.31
N LYS D 102 56.13 48.03 -100.89
CA LYS D 102 57.13 48.63 -101.78
C LYS D 102 56.58 49.88 -102.45
N ASP D 103 55.83 50.69 -101.69
CA ASP D 103 55.27 51.95 -102.13
C ASP D 103 54.22 51.77 -103.23
N VAL D 104 53.77 50.56 -103.48
CA VAL D 104 52.74 50.27 -104.47
C VAL D 104 51.69 49.39 -103.83
N SER D 105 50.41 49.72 -104.06
CA SER D 105 49.29 49.01 -103.48
C SER D 105 48.60 48.18 -104.55
N PHE D 106 48.36 46.91 -104.25
CA PHE D 106 47.66 45.99 -105.14
C PHE D 106 46.27 45.71 -104.58
N ARG D 107 45.25 45.94 -105.40
CA ARG D 107 43.88 45.73 -104.96
C ARG D 107 43.69 44.29 -104.51
N LEU D 108 43.09 44.12 -103.33
CA LEU D 108 42.82 42.80 -102.77
C LEU D 108 41.35 42.40 -102.92
N GLY D 109 40.42 43.29 -102.58
CA GLY D 109 39.02 42.96 -102.71
C GLY D 109 38.15 44.18 -102.58
N SER D 110 36.88 44.01 -102.95
CA SER D 110 35.89 45.08 -102.86
C SER D 110 34.51 44.45 -102.69
N PHE D 111 33.69 45.10 -101.88
CA PHE D 111 32.35 44.61 -101.58
C PHE D 111 31.38 45.78 -101.54
N ASN D 112 30.09 45.45 -101.64
CA ASN D 112 29.01 46.42 -101.54
C ASN D 112 28.14 46.07 -100.34
N LEU D 113 27.82 47.08 -99.53
CA LEU D 113 27.06 46.90 -98.30
C LEU D 113 25.82 47.79 -98.32
N GLU D 114 24.77 47.32 -97.66
CA GLU D 114 23.51 48.05 -97.56
C GLU D 114 23.33 48.54 -96.12
N LYS D 115 23.00 49.82 -95.97
CA LYS D 115 22.82 50.39 -94.64
C LYS D 115 21.65 49.72 -93.93
N VAL D 116 21.85 49.40 -92.66
CA VAL D 116 20.81 48.75 -91.87
C VAL D 116 19.74 49.78 -91.47
N GLU D 117 18.55 49.27 -91.15
CA GLU D 117 17.46 50.16 -90.79
C GLU D 117 17.77 50.93 -89.51
N ASN D 118 18.38 50.27 -88.53
CA ASN D 118 18.73 50.91 -87.27
C ASN D 118 20.03 50.32 -86.76
N PRO D 119 21.00 51.13 -86.34
CA PRO D 119 22.26 50.60 -85.82
C PRO D 119 22.23 50.22 -84.34
N ALA D 120 21.16 50.59 -83.62
CA ALA D 120 21.12 50.33 -82.19
C ALA D 120 21.15 48.83 -81.90
N GLU D 121 20.41 48.04 -82.68
CA GLU D 121 20.43 46.60 -82.48
C GLU D 121 21.81 46.02 -82.76
N VAL D 122 22.48 46.51 -83.80
CA VAL D 122 23.82 46.02 -84.13
C VAL D 122 24.78 46.32 -82.98
N ILE D 123 24.73 47.55 -82.46
CA ILE D 123 25.60 47.92 -81.36
C ILE D 123 25.30 47.07 -80.13
N ARG D 124 24.01 46.85 -79.86
CA ARG D 124 23.63 46.07 -78.69
C ARG D 124 24.14 44.63 -78.79
N GLU D 125 23.97 44.01 -79.95
CA GLU D 125 24.47 42.64 -80.11
C GLU D 125 25.98 42.60 -80.00
N LEU D 126 26.66 43.60 -80.56
CA LEU D 126 28.12 43.66 -80.43
C LEU D 126 28.53 43.71 -78.96
N ILE D 127 27.90 44.59 -78.18
CA ILE D 127 28.25 44.73 -76.77
C ILE D 127 27.93 43.45 -76.02
N CYS D 128 26.78 42.84 -76.29
CA CYS D 128 26.41 41.61 -75.60
C CYS D 128 27.41 40.49 -75.89
N TYR D 129 27.80 40.35 -77.16
CA TYR D 129 28.79 39.33 -77.50
C TYR D 129 30.11 39.61 -76.81
N CYS D 130 30.54 40.87 -76.79
CA CYS D 130 31.80 41.21 -76.12
C CYS D 130 31.74 40.85 -74.64
N LEU D 131 30.64 41.20 -73.96
CA LEU D 131 30.52 40.92 -72.54
C LEU D 131 30.49 39.42 -72.28
N ASP D 132 29.75 38.66 -73.11
CA ASP D 132 29.71 37.21 -72.92
C ASP D 132 31.08 36.59 -73.12
N THR D 133 31.82 37.03 -74.14
CA THR D 133 33.16 36.51 -74.36
C THR D 133 34.08 36.88 -73.22
N ILE D 134 33.93 38.08 -72.66
CA ILE D 134 34.75 38.48 -71.52
C ILE D 134 34.47 37.58 -70.32
N ALA D 135 33.19 37.29 -70.06
CA ALA D 135 32.86 36.41 -68.94
C ALA D 135 33.44 35.01 -69.16
N GLU D 136 33.33 34.50 -70.39
CA GLU D 136 33.89 33.19 -70.69
C GLU D 136 35.39 33.19 -70.49
N ASN D 137 36.08 34.24 -70.94
CA ASN D 137 37.52 34.33 -70.77
C ASN D 137 37.90 34.38 -69.30
N GLN D 138 37.14 35.14 -68.50
CA GLN D 138 37.42 35.20 -67.07
C GLN D 138 37.27 33.83 -66.42
N ALA D 139 36.19 33.12 -66.76
CA ALA D 139 35.99 31.78 -66.19
C ALA D 139 37.12 30.85 -66.60
N LYS D 140 37.52 30.88 -67.87
CA LYS D 140 38.60 30.03 -68.34
C LYS D 140 39.91 30.37 -67.63
N ASN D 141 40.18 31.66 -67.45
CA ASN D 141 41.40 32.07 -66.76
C ASN D 141 41.41 31.57 -65.32
N GLU D 142 40.26 31.69 -64.63
CA GLU D 142 40.19 31.20 -63.26
C GLU D 142 40.43 29.70 -63.19
N HIS D 143 39.80 28.94 -64.09
CA HIS D 143 39.99 27.49 -64.09
C HIS D 143 41.44 27.13 -64.39
N LEU D 144 42.06 27.83 -65.34
CA LEU D 144 43.45 27.57 -65.68
C LEU D 144 44.37 27.91 -64.51
N GLN D 145 44.07 28.98 -63.79
CA GLN D 145 44.87 29.34 -62.62
C GLN D 145 44.76 28.26 -61.54
N LYS D 146 43.55 27.75 -61.31
CA LYS D 146 43.40 26.67 -60.35
C LYS D 146 44.19 25.44 -60.78
N GLU D 147 44.12 25.10 -62.07
CA GLU D 147 44.87 23.94 -62.57
C GLU D 147 46.37 24.15 -62.42
N ASN D 148 46.83 25.39 -62.67
CA ASN D 148 48.25 25.69 -62.51
C ASN D 148 48.68 25.56 -61.05
N GLU D 149 47.84 26.01 -60.12
CA GLU D 149 48.14 25.82 -58.71
C GLU D 149 48.24 24.35 -58.36
N ARG D 150 47.31 23.54 -58.89
CA ARG D 150 47.38 22.10 -58.66
C ARG D 150 48.67 21.52 -59.23
N LEU D 151 49.07 21.97 -60.41
CA LEU D 151 50.31 21.49 -61.02
C LEU D 151 51.51 21.86 -60.17
N LEU D 152 51.54 23.09 -59.64
CA LEU D 152 52.64 23.50 -58.77
C LEU D 152 52.69 22.63 -57.52
N ARG D 153 51.53 22.36 -56.91
CA ARG D 153 51.50 21.50 -55.73
C ARG D 153 52.03 20.11 -56.05
N ASP D 154 51.60 19.54 -57.18
CA ASP D 154 52.06 18.21 -57.56
C ASP D 154 53.56 18.20 -57.81
N TRP D 155 54.07 19.24 -58.46
CA TRP D 155 55.52 19.32 -58.72
C TRP D 155 56.29 19.40 -57.42
N ASN D 156 55.83 20.21 -56.47
CA ASN D 156 56.52 20.29 -55.19
C ASN D 156 56.49 18.96 -54.45
N ASP D 157 55.34 18.28 -54.46
CA ASP D 157 55.25 16.98 -53.80
C ASP D 157 56.20 15.98 -54.44
N VAL D 158 56.27 15.96 -55.78
CA VAL D 158 57.16 15.03 -56.46
C VAL D 158 58.61 15.34 -56.15
N GLN D 159 58.97 16.63 -56.11
CA GLN D 159 60.35 17.00 -55.77
C GLN D 159 60.70 16.54 -54.36
N GLY D 160 59.77 16.73 -53.41
CA GLY D 160 60.01 16.25 -52.06
C GLY D 160 60.17 14.74 -52.01
N ARG D 161 59.34 14.01 -52.75
CA ARG D 161 59.45 12.56 -52.80
C ARG D 161 60.80 12.13 -53.36
N PHE D 162 61.26 12.78 -54.44
CA PHE D 162 62.54 12.43 -55.03
C PHE D 162 63.68 12.72 -54.05
N GLU D 163 63.62 13.85 -53.35
CA GLU D 163 64.64 14.16 -52.36
C GLU D 163 64.66 13.11 -51.26
N LYS D 164 63.49 12.71 -50.77
CA LYS D 164 63.44 11.67 -49.75
C LYS D 164 64.03 10.36 -50.27
N CYS D 165 63.70 9.99 -51.50
CA CYS D 165 64.21 8.75 -52.07
C CYS D 165 65.73 8.77 -52.18
N VAL D 166 66.30 9.88 -52.68
CA VAL D 166 67.74 9.94 -52.85
C VAL D 166 68.43 9.95 -51.49
N SER D 167 67.86 10.65 -50.51
CA SER D 167 68.43 10.64 -49.17
C SER D 167 68.43 9.23 -48.58
N ALA D 168 67.32 8.51 -48.73
CA ALA D 168 67.25 7.15 -48.22
C ALA D 168 68.26 6.24 -48.92
N LYS D 169 68.38 6.38 -50.23
CA LYS D 169 69.35 5.57 -50.97
C LYS D 169 70.76 5.83 -50.47
N GLU D 170 71.12 7.11 -50.32
CA GLU D 170 72.47 7.44 -49.85
C GLU D 170 72.71 6.90 -48.45
N ALA D 171 71.74 7.04 -47.56
CA ALA D 171 71.91 6.56 -46.19
C ALA D 171 72.10 5.05 -46.17
N LEU D 172 71.26 4.32 -46.92
CA LEU D 172 71.38 2.86 -46.97
C LEU D 172 72.74 2.46 -47.52
N GLU D 173 73.17 3.09 -48.61
CA GLU D 173 74.43 2.72 -49.23
C GLU D 173 75.59 2.96 -48.26
N THR D 174 75.63 4.14 -47.64
CA THR D 174 76.74 4.45 -46.74
C THR D 174 76.74 3.53 -45.52
N ASP D 175 75.57 3.24 -44.96
CA ASP D 175 75.52 2.35 -43.80
C ASP D 175 76.01 0.95 -44.17
N LEU D 176 75.51 0.41 -45.29
CA LEU D 176 75.94 -0.93 -45.70
C LEU D 176 77.44 -0.96 -45.98
N TYR D 177 77.97 0.06 -46.65
CA TYR D 177 79.39 0.07 -46.97
C TYR D 177 80.23 0.21 -45.70
N LYS D 178 79.78 1.01 -44.73
CA LYS D 178 80.51 1.14 -43.48
C LYS D 178 80.56 -0.19 -42.74
N ARG D 179 79.42 -0.86 -42.63
CA ARG D 179 79.40 -2.18 -41.99
C ARG D 179 80.32 -3.15 -42.71
N PHE D 180 80.27 -3.15 -44.05
CA PHE D 180 81.05 -4.09 -44.81
C PHE D 180 82.54 -3.84 -44.68
N ILE D 181 82.97 -2.58 -44.72
CA ILE D 181 84.39 -2.28 -44.59
C ILE D 181 84.85 -2.58 -43.17
N LEU D 182 83.99 -2.40 -42.17
CA LEU D 182 84.35 -2.82 -40.81
C LEU D 182 84.62 -4.32 -40.75
N VAL D 183 83.71 -5.10 -41.35
CA VAL D 183 83.89 -6.55 -41.36
C VAL D 183 85.18 -6.92 -42.10
N LEU D 184 85.43 -6.26 -43.24
CA LEU D 184 86.63 -6.53 -44.02
C LEU D 184 87.89 -6.20 -43.22
N ASN D 185 87.87 -5.09 -42.48
CA ASN D 185 89.01 -4.73 -41.67
C ASN D 185 89.26 -5.77 -40.59
N GLU D 186 88.20 -6.25 -39.94
CA GLU D 186 88.38 -7.29 -38.94
C GLU D 186 88.97 -8.56 -39.55
N LYS D 187 88.45 -8.98 -40.69
CA LYS D 187 88.97 -10.18 -41.34
C LYS D 187 90.41 -10.00 -41.77
N LYS D 188 90.76 -8.79 -42.25
CA LYS D 188 92.14 -8.52 -42.65
C LYS D 188 93.07 -8.54 -41.44
N THR D 189 92.62 -8.03 -40.31
CA THR D 189 93.41 -8.13 -39.09
C THR D 189 93.63 -9.59 -38.72
N LYS D 190 92.59 -10.41 -38.82
CA LYS D 190 92.73 -11.82 -38.47
C LYS D 190 93.70 -12.53 -39.42
N ILE D 191 93.60 -12.28 -40.72
CA ILE D 191 94.50 -12.93 -41.66
C ILE D 191 95.92 -12.44 -41.47
N ARG D 192 96.10 -11.16 -41.13
CA ARG D 192 97.45 -10.66 -40.84
C ARG D 192 98.03 -11.36 -39.63
N SER D 193 97.23 -11.55 -38.58
CA SER D 193 97.71 -12.28 -37.41
C SER D 193 98.06 -13.71 -37.76
N LEU D 194 97.23 -14.36 -38.58
CA LEU D 194 97.52 -15.73 -39.00
C LEU D 194 98.83 -15.80 -39.76
N HIS D 195 99.05 -14.86 -40.69
CA HIS D 195 100.31 -14.84 -41.44
C HIS D 195 101.49 -14.60 -40.52
N ASN D 196 101.33 -13.70 -39.54
CA ASN D 196 102.43 -13.41 -38.62
C ASN D 196 102.80 -14.65 -37.81
N LYS D 197 101.80 -15.38 -37.30
CA LYS D 197 102.08 -16.58 -36.53
C LYS D 197 102.47 -17.77 -37.39
N LEU D 198 102.23 -17.72 -38.71
CA LEU D 198 102.65 -18.80 -39.58
C LEU D 198 104.16 -18.91 -39.66
N LEU D 199 104.85 -17.76 -39.65
CA LEU D 199 106.30 -17.77 -39.86
C LEU D 199 107.02 -18.57 -38.78
N ASN D 200 106.62 -18.39 -37.52
CA ASN D 200 107.31 -19.08 -36.43
C ASN D 200 107.08 -20.59 -36.48
N ALA D 201 106.03 -21.04 -37.14
CA ALA D 201 105.74 -22.48 -37.23
C ALA D 201 105.23 -22.83 -38.63
N MET E 1 42.65 52.69 -61.27
CA MET E 1 41.69 52.92 -62.40
C MET E 1 41.04 51.59 -62.79
N GLU E 2 39.75 51.45 -62.48
CA GLU E 2 38.98 50.28 -62.85
C GLU E 2 37.64 50.70 -63.41
N ARG E 3 37.06 49.84 -64.25
CA ARG E 3 35.77 50.11 -64.87
C ARG E 3 35.05 48.80 -65.10
N LYS E 4 33.73 48.82 -64.94
CA LYS E 4 32.89 47.65 -65.13
C LYS E 4 31.69 48.01 -66.00
N ILE E 5 31.40 47.15 -66.97
CA ILE E 5 30.28 47.31 -67.88
C ILE E 5 29.25 46.25 -67.54
N SER E 6 27.98 46.66 -67.41
CA SER E 6 26.91 45.76 -67.02
C SER E 6 25.69 45.99 -67.91
N ARG E 7 24.86 44.95 -67.99
CA ARG E 7 23.62 44.99 -68.76
C ARG E 7 22.45 45.14 -67.81
N ILE E 8 21.42 45.87 -68.25
CA ILE E 8 20.26 46.16 -67.42
C ILE E 8 19.02 46.19 -68.30
N HIS E 9 17.87 45.97 -67.66
CA HIS E 9 16.57 45.96 -68.32
C HIS E 9 15.71 47.05 -67.70
N LEU E 10 15.60 48.19 -68.37
CA LEU E 10 14.77 49.28 -67.88
C LEU E 10 13.30 48.88 -67.89
N VAL E 11 12.61 49.18 -66.80
CA VAL E 11 11.20 48.79 -66.67
C VAL E 11 10.32 49.56 -67.64
N SER E 12 10.74 50.75 -68.07
CA SER E 12 9.93 51.52 -69.00
C SER E 12 9.74 50.78 -70.32
N GLU E 13 10.82 50.21 -70.86
CA GLU E 13 10.78 49.43 -72.09
C GLU E 13 11.57 48.15 -71.85
N PRO E 14 10.98 47.16 -71.13
CA PRO E 14 11.69 45.92 -70.80
C PRO E 14 11.75 44.94 -71.96
N SER E 15 12.20 45.42 -73.12
CA SER E 15 12.32 44.59 -74.31
C SER E 15 13.73 44.72 -74.91
N ILE E 16 14.35 45.87 -74.73
CA ILE E 16 15.69 46.15 -75.24
C ILE E 16 16.61 46.43 -74.06
N THR E 17 17.75 45.75 -74.02
CA THR E 17 18.69 45.92 -72.93
C THR E 17 19.46 47.23 -73.07
N HIS E 18 20.00 47.71 -71.94
CA HIS E 18 20.88 48.86 -71.91
C HIS E 18 22.19 48.45 -71.26
N PHE E 19 23.24 49.24 -71.50
CA PHE E 19 24.56 48.97 -70.95
C PHE E 19 25.01 50.16 -70.12
N LEU E 20 25.40 49.91 -68.88
CA LEU E 20 25.91 50.94 -67.99
C LEU E 20 27.35 50.62 -67.62
N GLN E 21 28.23 51.59 -67.81
CA GLN E 21 29.63 51.47 -67.44
C GLN E 21 29.92 52.39 -66.27
N VAL E 22 30.49 51.84 -65.21
CA VAL E 22 30.84 52.59 -64.01
C VAL E 22 32.33 52.45 -63.79
N SER E 23 33.02 53.58 -63.65
CA SER E 23 34.47 53.58 -63.48
C SER E 23 34.83 54.34 -62.21
N TRP E 24 35.78 53.79 -61.45
CA TRP E 24 36.22 54.36 -60.20
C TRP E 24 37.75 54.24 -60.11
N GLU E 25 38.34 55.03 -59.22
CA GLU E 25 39.79 55.05 -59.08
C GLU E 25 40.28 53.92 -58.18
N LYS E 26 39.88 53.95 -56.90
CA LYS E 26 40.26 52.92 -55.94
C LYS E 26 39.06 52.16 -55.41
N THR E 27 38.03 52.86 -54.95
CA THR E 27 36.81 52.23 -54.48
C THR E 27 35.66 53.19 -54.72
N LEU E 28 34.44 52.63 -54.74
CA LEU E 28 33.26 53.44 -54.97
C LEU E 28 33.01 54.44 -53.84
N GLU E 29 33.68 54.28 -52.70
CA GLU E 29 33.49 55.20 -51.59
C GLU E 29 33.88 56.62 -51.98
N SER E 30 35.08 56.78 -52.55
CA SER E 30 35.54 58.11 -52.96
C SER E 30 34.63 58.69 -54.02
N GLY E 31 34.25 57.89 -55.00
CA GLY E 31 33.38 58.36 -56.07
C GLY E 31 33.58 57.52 -57.32
N PHE E 32 32.79 57.85 -58.32
CA PHE E 32 32.84 57.14 -59.60
C PHE E 32 32.11 57.95 -60.65
N VAL E 33 32.24 57.50 -61.90
CA VAL E 33 31.53 58.09 -63.04
C VAL E 33 30.76 56.98 -63.74
N ILE E 34 29.48 57.23 -64.01
CA ILE E 34 28.59 56.25 -64.61
C ILE E 34 28.12 56.78 -65.96
N THR E 35 27.94 55.87 -66.91
CA THR E 35 27.49 56.22 -68.25
C THR E 35 26.53 55.15 -68.73
N LEU E 36 25.31 55.57 -69.09
CA LEU E 36 24.28 54.67 -69.59
C LEU E 36 24.14 54.84 -71.10
N THR E 37 23.97 53.73 -71.80
CA THR E 37 23.83 53.76 -73.25
C THR E 37 22.88 52.67 -73.70
N ASP E 38 22.30 52.87 -74.89
CA ASP E 38 21.39 51.91 -75.50
C ASP E 38 21.72 51.62 -76.95
N GLY E 39 22.82 52.17 -77.49
CA GLY E 39 23.21 51.98 -78.86
C GLY E 39 22.89 53.15 -79.77
N HIS E 40 22.01 54.06 -79.35
CA HIS E 40 21.65 55.24 -80.12
C HIS E 40 22.07 56.53 -79.43
N SER E 41 21.66 56.73 -78.18
CA SER E 41 22.01 57.90 -77.40
C SER E 41 22.49 57.46 -76.02
N ALA E 42 23.30 58.31 -75.40
CA ALA E 42 23.92 57.98 -74.13
C ALA E 42 23.78 59.15 -73.16
N TRP E 43 23.82 58.82 -71.88
CA TRP E 43 23.81 59.81 -70.80
C TRP E 43 24.97 59.52 -69.86
N THR E 44 25.45 60.56 -69.19
CA THR E 44 26.59 60.45 -68.30
C THR E 44 26.32 61.18 -66.99
N GLY E 45 26.96 60.72 -65.93
CA GLY E 45 26.84 61.36 -64.64
C GLY E 45 28.00 60.96 -63.76
N THR E 46 28.17 61.71 -62.67
CA THR E 46 29.26 61.45 -61.73
C THR E 46 28.72 61.52 -60.31
N VAL E 47 29.29 60.68 -59.44
CA VAL E 47 28.98 60.68 -58.01
C VAL E 47 30.29 60.88 -57.26
N SER E 48 30.29 61.81 -56.32
CA SER E 48 31.47 62.16 -55.54
C SER E 48 31.35 61.61 -54.13
N GLU E 49 32.42 61.80 -53.35
CA GLU E 49 32.39 61.35 -51.96
C GLU E 49 31.30 62.06 -51.16
N SER E 50 31.14 63.37 -51.38
CA SER E 50 30.11 64.11 -50.67
C SER E 50 28.72 63.59 -50.98
N GLU E 51 28.44 63.32 -52.26
CA GLU E 51 27.11 62.87 -52.65
C GLU E 51 26.79 61.50 -52.04
N ILE E 52 27.73 60.57 -52.14
CA ILE E 52 27.50 59.23 -51.60
C ILE E 52 27.37 59.29 -50.08
N SER E 53 28.19 60.11 -49.43
CA SER E 53 28.10 60.25 -47.98
C SER E 53 26.74 60.81 -47.57
N GLN E 54 26.27 61.84 -48.28
CA GLN E 54 24.96 62.41 -47.98
C GLN E 54 23.86 61.40 -48.18
N GLU E 55 23.92 60.63 -49.27
CA GLU E 55 22.90 59.62 -49.53
C GLU E 55 22.90 58.56 -48.45
N ALA E 56 24.08 58.11 -48.02
CA ALA E 56 24.17 57.12 -46.96
C ALA E 56 23.62 57.68 -45.65
N ASP E 57 23.94 58.94 -45.33
CA ASP E 57 23.43 59.54 -44.10
C ASP E 57 21.90 59.62 -44.15
N ASP E 58 21.35 60.03 -45.29
CA ASP E 58 19.90 60.03 -45.44
C ASP E 58 19.33 58.63 -45.25
N MET E 59 20.11 57.60 -45.57
CA MET E 59 19.67 56.22 -45.41
C MET E 59 19.85 55.71 -43.98
N ALA E 60 20.56 56.44 -43.13
CA ALA E 60 20.83 55.99 -41.77
C ALA E 60 21.49 54.62 -41.79
N MET E 61 22.43 54.44 -42.73
CA MET E 61 23.09 53.16 -42.95
C MET E 61 24.59 53.33 -42.77
N GLU E 62 25.24 52.22 -42.41
CA GLU E 62 26.69 52.23 -42.31
C GLU E 62 27.32 52.43 -43.69
N LYS E 63 28.40 53.19 -43.74
CA LYS E 63 29.04 53.50 -45.01
C LYS E 63 29.51 52.23 -45.71
N GLY E 64 30.10 51.29 -44.96
CA GLY E 64 30.55 50.05 -45.57
C GLY E 64 29.42 49.24 -46.16
N LYS E 65 28.31 49.12 -45.42
CA LYS E 65 27.17 48.36 -45.93
C LYS E 65 26.59 49.01 -47.18
N TYR E 66 26.46 50.34 -47.17
CA TYR E 66 25.94 51.04 -48.35
C TYR E 66 26.86 50.85 -49.54
N VAL E 67 28.18 50.93 -49.32
CA VAL E 67 29.13 50.73 -50.42
C VAL E 67 29.02 49.32 -50.96
N GLY E 68 28.91 48.33 -50.08
CA GLY E 68 28.76 46.95 -50.54
C GLY E 68 27.49 46.75 -51.34
N GLU E 69 26.38 47.31 -50.88
CA GLU E 69 25.13 47.19 -51.61
C GLU E 69 25.23 47.87 -52.97
N LEU E 70 25.85 49.05 -53.03
CA LEU E 70 26.03 49.72 -54.31
C LEU E 70 26.90 48.89 -55.26
N ARG E 71 27.96 48.28 -54.73
CA ARG E 71 28.80 47.42 -55.56
C ARG E 71 28.01 46.23 -56.08
N LYS E 72 27.19 45.63 -55.22
CA LYS E 72 26.37 44.49 -55.66
C LYS E 72 25.39 44.90 -56.75
N ALA E 73 24.76 46.06 -56.59
CA ALA E 73 23.71 46.46 -57.53
C ALA E 73 24.28 46.93 -58.86
N LEU E 74 25.39 47.68 -58.82
CA LEU E 74 25.91 48.31 -60.03
C LEU E 74 26.90 47.44 -60.77
N LEU E 75 27.76 46.70 -60.05
CA LEU E 75 28.77 45.86 -60.66
C LEU E 75 28.26 44.47 -61.00
N SER E 76 26.93 44.31 -61.14
CA SER E 76 26.34 43.01 -61.47
C SER E 76 26.73 41.95 -60.43
N GLY E 77 26.82 42.37 -59.17
CA GLY E 77 27.12 41.45 -58.09
C GLY E 77 25.88 40.77 -57.55
N ALA E 78 25.09 40.18 -58.45
CA ALA E 78 23.85 39.54 -58.03
C ALA E 78 24.14 38.42 -57.04
N GLY E 79 23.39 38.41 -55.94
CA GLY E 79 23.53 37.39 -54.93
C GLY E 79 22.68 36.18 -55.22
N PRO E 80 22.70 35.19 -54.32
CA PRO E 80 21.89 33.99 -54.55
C PRO E 80 20.40 34.28 -54.69
N ALA E 81 19.88 35.26 -53.94
CA ALA E 81 18.47 35.63 -54.04
C ALA E 81 18.37 37.12 -53.74
N ASP E 82 18.34 37.92 -54.81
CA ASP E 82 18.17 39.36 -54.69
C ASP E 82 17.94 39.97 -56.07
N VAL E 83 16.91 40.81 -56.20
CA VAL E 83 16.52 41.41 -57.47
C VAL E 83 16.58 42.92 -57.32
N TYR E 84 17.24 43.58 -58.25
CA TYR E 84 17.34 45.03 -58.28
C TYR E 84 16.67 45.55 -59.55
N THR E 85 15.84 46.57 -59.40
CA THR E 85 15.05 47.12 -60.50
C THR E 85 15.49 48.56 -60.76
N PHE E 86 15.89 48.84 -62.01
CA PHE E 86 16.38 50.16 -62.40
C PHE E 86 15.39 50.80 -63.38
N ASN E 87 15.31 52.13 -63.32
CA ASN E 87 14.47 52.84 -64.28
C ASN E 87 15.00 54.25 -64.47
N PHE E 88 14.93 54.73 -65.71
CA PHE E 88 15.52 56.00 -66.13
C PHE E 88 14.47 56.80 -66.88
N SER E 89 13.88 57.80 -66.22
CA SER E 89 12.96 58.72 -66.87
C SER E 89 13.76 59.61 -67.83
N LYS E 90 13.51 59.44 -69.13
CA LYS E 90 14.25 60.21 -70.13
C LYS E 90 13.80 61.66 -70.17
N GLU E 91 12.50 61.89 -69.98
CA GLU E 91 11.99 63.26 -70.04
C GLU E 91 12.64 64.13 -68.96
N SER E 92 12.73 63.61 -67.75
CA SER E 92 13.38 64.32 -66.64
C SER E 92 14.86 63.97 -66.51
N CYS E 93 15.37 63.04 -67.31
CA CYS E 93 16.77 62.64 -67.26
C CYS E 93 17.16 62.23 -65.85
N TYR E 94 16.33 61.38 -65.23
CA TYR E 94 16.51 60.96 -63.85
C TYR E 94 16.57 59.43 -63.82
N PHE E 95 17.72 58.88 -63.46
CA PHE E 95 17.92 57.44 -63.41
C PHE E 95 18.07 57.01 -61.96
N PHE E 96 17.23 56.07 -61.52
CA PHE E 96 17.30 55.58 -60.16
C PHE E 96 17.06 54.09 -60.11
N PHE E 97 17.67 53.44 -59.12
CA PHE E 97 17.59 52.00 -58.93
C PHE E 97 17.12 51.70 -57.52
N GLU E 98 16.29 50.65 -57.42
CA GLU E 98 15.68 50.21 -56.18
C GLU E 98 15.95 48.72 -56.00
N LYS E 99 15.76 48.25 -54.77
CA LYS E 99 15.96 46.84 -54.44
C LYS E 99 14.59 46.21 -54.23
N ASN E 100 14.05 45.62 -55.29
CA ASN E 100 12.78 44.90 -55.17
C ASN E 100 12.93 43.74 -54.20
N LEU E 101 11.99 43.63 -53.26
CA LEU E 101 12.09 42.69 -52.15
C LEU E 101 10.75 41.97 -51.94
N LYS E 102 10.21 41.42 -53.02
CA LYS E 102 8.98 40.61 -52.94
C LYS E 102 7.80 41.45 -52.42
N ASP E 103 7.40 42.40 -53.26
CA ASP E 103 6.25 43.30 -53.09
C ASP E 103 6.55 44.46 -52.14
N VAL E 104 7.77 44.57 -51.59
CA VAL E 104 8.20 45.74 -50.86
C VAL E 104 9.50 46.21 -51.50
N SER E 105 9.47 47.40 -52.09
CA SER E 105 10.60 47.94 -52.84
C SER E 105 11.27 49.04 -52.04
N PHE E 106 12.59 48.99 -51.94
CA PHE E 106 13.37 49.95 -51.19
C PHE E 106 14.33 50.64 -52.15
N ARG E 107 14.06 51.91 -52.44
CA ARG E 107 14.86 52.65 -53.41
C ARG E 107 16.27 52.81 -52.89
N LEU E 108 17.25 52.48 -53.74
CA LEU E 108 18.65 52.40 -53.33
C LEU E 108 19.46 53.63 -53.74
N GLY E 109 19.38 54.04 -55.01
CA GLY E 109 20.10 55.21 -55.45
C GLY E 109 19.33 55.95 -56.53
N SER E 110 19.69 57.21 -56.73
CA SER E 110 19.05 58.04 -57.73
C SER E 110 19.99 59.17 -58.12
N PHE E 111 20.09 59.43 -59.42
CA PHE E 111 20.95 60.48 -59.95
C PHE E 111 20.27 61.12 -61.15
N ASN E 112 20.79 62.28 -61.54
CA ASN E 112 20.33 63.00 -62.72
C ASN E 112 21.47 63.04 -63.72
N LEU E 113 21.27 62.39 -64.88
CA LEU E 113 22.28 62.30 -65.90
C LEU E 113 22.01 63.32 -67.01
N GLU E 114 23.09 63.80 -67.63
CA GLU E 114 23.00 64.78 -68.70
C GLU E 114 23.24 64.09 -70.04
N LYS E 115 22.37 64.35 -71.01
CA LYS E 115 22.46 63.73 -72.33
C LYS E 115 23.67 64.29 -73.07
N VAL E 116 24.70 63.46 -73.25
CA VAL E 116 25.88 63.87 -73.97
C VAL E 116 25.54 64.10 -75.43
N GLU E 117 26.03 65.21 -75.99
CA GLU E 117 25.71 65.54 -77.37
C GLU E 117 26.27 64.50 -78.34
N ASN E 118 27.44 63.93 -78.02
CA ASN E 118 28.09 62.99 -78.90
C ASN E 118 28.03 61.60 -78.30
N PRO E 119 27.17 60.69 -78.80
CA PRO E 119 27.16 59.32 -78.27
C PRO E 119 28.15 58.41 -78.99
N ALA E 120 28.53 58.81 -80.21
CA ALA E 120 29.46 57.99 -80.99
C ALA E 120 30.79 57.85 -80.28
N GLU E 121 31.29 58.94 -79.69
CA GLU E 121 32.58 58.89 -79.02
C GLU E 121 32.57 57.91 -77.85
N VAL E 122 31.52 57.96 -77.02
CA VAL E 122 31.47 57.08 -75.87
C VAL E 122 31.28 55.63 -76.30
N ILE E 123 30.46 55.39 -77.33
CA ILE E 123 30.28 54.03 -77.82
C ILE E 123 31.61 53.49 -78.35
N ARG E 124 32.34 54.30 -79.12
CA ARG E 124 33.63 53.87 -79.64
C ARG E 124 34.62 53.59 -78.53
N GLU E 125 34.64 54.44 -77.50
CA GLU E 125 35.54 54.21 -76.37
C GLU E 125 35.20 52.91 -75.66
N LEU E 126 33.91 52.63 -75.46
CA LEU E 126 33.51 51.39 -74.83
C LEU E 126 33.94 50.19 -75.67
N ILE E 127 33.77 50.26 -77.00
CA ILE E 127 34.18 49.17 -77.86
C ILE E 127 35.68 48.97 -77.79
N CYS E 128 36.44 50.07 -77.80
CA CYS E 128 37.90 49.97 -77.72
C CYS E 128 38.33 49.31 -76.42
N TYR E 129 37.72 49.72 -75.30
CA TYR E 129 38.05 49.11 -74.02
C TYR E 129 37.73 47.62 -74.04
N CYS E 130 36.57 47.24 -74.59
CA CYS E 130 36.21 45.83 -74.65
C CYS E 130 37.22 45.04 -75.48
N LEU E 131 37.62 45.58 -76.63
CA LEU E 131 38.58 44.89 -77.47
C LEU E 131 39.93 44.74 -76.76
N ASP E 132 40.37 45.80 -76.07
CA ASP E 132 41.65 45.73 -75.37
C ASP E 132 41.61 44.67 -74.28
N THR E 133 40.53 44.64 -73.51
CA THR E 133 40.46 43.67 -72.42
C THR E 133 40.35 42.24 -72.94
N ILE E 134 39.61 42.03 -74.03
CA ILE E 134 39.51 40.67 -74.57
C ILE E 134 40.85 40.22 -75.12
N ALA E 135 41.58 41.12 -75.79
CA ALA E 135 42.91 40.77 -76.28
C ALA E 135 43.84 40.41 -75.13
N GLU E 136 43.81 41.21 -74.06
CA GLU E 136 44.66 40.93 -72.90
C GLU E 136 44.30 39.58 -72.27
N ASN E 137 43.01 39.29 -72.15
CA ASN E 137 42.58 38.02 -71.58
C ASN E 137 43.02 36.85 -72.46
N GLN E 138 42.91 37.01 -73.77
CA GLN E 138 43.35 35.95 -74.68
C GLN E 138 44.85 35.69 -74.54
N ALA E 139 45.64 36.76 -74.48
CA ALA E 139 47.08 36.59 -74.31
C ALA E 139 47.40 35.90 -72.98
N LYS E 140 46.73 36.32 -71.91
CA LYS E 140 46.98 35.70 -70.61
C LYS E 140 46.61 34.22 -70.63
N ASN E 141 45.48 33.88 -71.24
CA ASN E 141 45.06 32.48 -71.32
C ASN E 141 46.06 31.66 -72.12
N GLU E 142 46.55 32.20 -73.24
CA GLU E 142 47.52 31.47 -74.04
C GLU E 142 48.80 31.23 -73.24
N HIS E 143 49.29 32.25 -72.56
CA HIS E 143 50.51 32.10 -71.77
C HIS E 143 50.31 31.06 -70.67
N LEU E 144 49.17 31.12 -69.98
CA LEU E 144 48.92 30.20 -68.89
C LEU E 144 48.81 28.76 -69.41
N GLN E 145 48.16 28.58 -70.56
CA GLN E 145 48.06 27.24 -71.13
C GLN E 145 49.42 26.70 -71.52
N LYS E 146 50.27 27.54 -72.12
CA LYS E 146 51.61 27.10 -72.48
C LYS E 146 52.39 26.69 -71.24
N GLU E 147 52.32 27.51 -70.19
CA GLU E 147 53.04 27.19 -68.96
C GLU E 147 52.53 25.89 -68.35
N ASN E 148 51.20 25.70 -68.35
CA ASN E 148 50.63 24.47 -67.80
C ASN E 148 51.08 23.25 -68.58
N GLU E 149 51.11 23.35 -69.91
CA GLU E 149 51.55 22.22 -70.73
C GLU E 149 53.01 21.89 -70.44
N ARG E 150 53.87 22.92 -70.36
CA ARG E 150 55.28 22.67 -70.08
C ARG E 150 55.45 22.03 -68.70
N LEU E 151 54.72 22.52 -67.70
CA LEU E 151 54.83 21.96 -66.36
C LEU E 151 54.33 20.53 -66.33
N LEU E 152 53.26 20.22 -67.06
CA LEU E 152 52.76 18.85 -67.10
C LEU E 152 53.79 17.93 -67.74
N ARG E 153 54.43 18.37 -68.83
CA ARG E 153 55.47 17.55 -69.45
C ARG E 153 56.62 17.30 -68.47
N ASP E 154 57.05 18.35 -67.77
CA ASP E 154 58.14 18.20 -66.81
C ASP E 154 57.74 17.25 -65.69
N TRP E 155 56.50 17.35 -65.21
CA TRP E 155 56.03 16.46 -64.14
C TRP E 155 56.01 15.01 -64.62
N ASN E 156 55.57 14.78 -65.86
CA ASN E 156 55.58 13.43 -66.39
C ASN E 156 57.00 12.88 -66.46
N ASP E 157 57.93 13.69 -66.93
CA ASP E 157 59.32 13.24 -67.00
C ASP E 157 59.86 12.90 -65.62
N VAL E 158 59.60 13.77 -64.64
CA VAL E 158 60.12 13.54 -63.29
C VAL E 158 59.49 12.29 -62.68
N GLN E 159 58.19 12.09 -62.92
CA GLN E 159 57.54 10.89 -62.41
C GLN E 159 58.14 9.63 -63.02
N GLY E 160 58.41 9.65 -64.33
CA GLY E 160 59.06 8.51 -64.95
C GLY E 160 60.43 8.24 -64.36
N ARG E 161 61.22 9.30 -64.15
CA ARG E 161 62.55 9.11 -63.57
C ARG E 161 62.44 8.57 -62.14
N PHE E 162 61.46 9.04 -61.38
CA PHE E 162 61.27 8.53 -60.02
C PHE E 162 60.89 7.06 -60.02
N GLU E 163 60.01 6.66 -60.95
CA GLU E 163 59.68 5.24 -61.08
C GLU E 163 60.93 4.43 -61.40
N LYS E 164 61.75 4.91 -62.33
CA LYS E 164 62.98 4.19 -62.66
C LYS E 164 63.89 4.07 -61.45
N CYS E 165 64.04 5.15 -60.68
CA CYS E 165 64.92 5.13 -59.52
C CYS E 165 64.43 4.14 -58.47
N VAL E 166 63.13 4.17 -58.17
CA VAL E 166 62.60 3.25 -57.15
C VAL E 166 62.73 1.81 -57.63
N SER E 167 62.53 1.57 -58.94
CA SER E 167 62.71 0.23 -59.46
C SER E 167 64.16 -0.23 -59.32
N ALA E 168 65.11 0.66 -59.62
CA ALA E 168 66.52 0.30 -59.58
C ALA E 168 67.07 0.21 -58.16
N LYS E 169 66.37 0.77 -57.17
CA LYS E 169 66.86 0.68 -55.80
C LYS E 169 67.03 -0.77 -55.36
N GLU E 170 66.02 -1.60 -55.59
CA GLU E 170 66.09 -3.00 -55.17
C GLU E 170 67.17 -3.75 -55.94
N ALA E 171 67.31 -3.47 -57.24
CA ALA E 171 68.37 -4.09 -58.02
C ALA E 171 69.74 -3.73 -57.46
N LEU E 172 69.94 -2.46 -57.12
CA LEU E 172 71.20 -2.05 -56.51
C LEU E 172 71.44 -2.78 -55.19
N GLU E 173 70.41 -2.88 -54.36
CA GLU E 173 70.57 -3.53 -53.07
C GLU E 173 70.97 -4.99 -53.25
N THR E 174 70.28 -5.71 -54.14
CA THR E 174 70.58 -7.13 -54.32
C THR E 174 71.95 -7.32 -54.96
N ASP E 175 72.33 -6.45 -55.89
CA ASP E 175 73.66 -6.55 -56.49
C ASP E 175 74.74 -6.32 -55.44
N LEU E 176 74.53 -5.33 -54.56
CA LEU E 176 75.50 -5.06 -53.51
C LEU E 176 75.62 -6.27 -52.58
N TYR E 177 74.49 -6.85 -52.19
CA TYR E 177 74.54 -8.03 -51.31
C TYR E 177 75.25 -9.20 -51.98
N LYS E 178 74.97 -9.42 -53.28
CA LYS E 178 75.61 -10.50 -54.00
C LYS E 178 77.12 -10.31 -54.05
N ARG E 179 77.57 -9.08 -54.39
CA ARG E 179 78.99 -8.79 -54.41
C ARG E 179 79.61 -8.98 -53.03
N PHE E 180 78.90 -8.54 -51.99
CA PHE E 180 79.38 -8.72 -50.62
C PHE E 180 79.63 -10.19 -50.33
N ILE E 181 78.66 -11.06 -50.66
CA ILE E 181 78.82 -12.47 -50.36
C ILE E 181 79.94 -13.07 -51.21
N LEU E 182 80.09 -12.62 -52.46
CA LEU E 182 81.18 -13.12 -53.28
C LEU E 182 82.53 -12.85 -52.62
N VAL E 183 82.77 -11.59 -52.23
CA VAL E 183 84.07 -11.25 -51.66
C VAL E 183 84.26 -11.90 -50.30
N LEU E 184 83.17 -12.03 -49.53
CA LEU E 184 83.27 -12.71 -48.24
C LEU E 184 83.64 -14.19 -48.43
N ASN E 185 83.05 -14.85 -49.43
CA ASN E 185 83.41 -16.23 -49.70
C ASN E 185 84.86 -16.34 -50.16
N GLU E 186 85.33 -15.35 -50.93
CA GLU E 186 86.74 -15.33 -51.30
C GLU E 186 87.62 -15.24 -50.06
N LYS E 187 87.26 -14.38 -49.11
CA LYS E 187 88.06 -14.26 -47.89
C LYS E 187 87.98 -15.53 -47.05
N LYS E 188 86.82 -16.19 -47.02
CA LYS E 188 86.70 -17.46 -46.32
C LYS E 188 87.61 -18.50 -46.94
N THR E 189 87.67 -18.56 -48.28
CA THR E 189 88.58 -19.48 -48.94
C THR E 189 90.02 -19.15 -48.59
N LYS E 190 90.37 -17.86 -48.55
CA LYS E 190 91.73 -17.47 -48.21
C LYS E 190 92.09 -17.93 -46.80
N ILE E 191 91.21 -17.69 -45.83
CA ILE E 191 91.50 -18.07 -44.45
C ILE E 191 91.55 -19.59 -44.31
N ARG E 192 90.69 -20.30 -45.03
CA ARG E 192 90.73 -21.76 -45.01
C ARG E 192 92.06 -22.27 -45.56
N SER E 193 92.52 -21.69 -46.67
CA SER E 193 93.81 -22.11 -47.23
C SER E 193 94.94 -21.82 -46.27
N LEU E 194 94.93 -20.66 -45.62
CA LEU E 194 95.97 -20.34 -44.66
C LEU E 194 95.96 -21.32 -43.49
N HIS E 195 94.77 -21.65 -42.99
CA HIS E 195 94.67 -22.60 -41.88
C HIS E 195 95.18 -23.97 -42.30
N ASN E 196 94.82 -24.43 -43.50
CA ASN E 196 95.30 -25.72 -43.98
C ASN E 196 96.82 -25.73 -44.11
N LYS E 197 97.39 -24.64 -44.65
CA LYS E 197 98.84 -24.56 -44.77
C LYS E 197 99.50 -24.59 -43.41
N LEU E 198 98.96 -23.86 -42.44
CA LEU E 198 99.52 -23.86 -41.10
C LEU E 198 99.44 -25.25 -40.48
N LEU E 199 98.31 -25.94 -40.66
CA LEU E 199 98.18 -27.30 -40.13
C LEU E 199 99.20 -28.23 -40.76
N ASN E 200 99.39 -28.12 -42.09
CA ASN E 200 100.37 -28.96 -42.75
C ASN E 200 101.78 -28.67 -42.23
N ALA E 201 102.11 -27.40 -42.03
CA ALA E 201 103.42 -27.02 -41.53
C ALA E 201 103.64 -27.57 -40.13
N SER F 659 63.25 -40.20 -28.62
CA SER F 659 64.56 -39.97 -29.21
C SER F 659 65.66 -40.05 -28.16
N ASN F 660 66.79 -40.62 -28.53
CA ASN F 660 67.93 -40.80 -27.62
C ASN F 660 69.05 -39.81 -27.89
N ILE F 661 68.78 -38.74 -28.64
CA ILE F 661 69.81 -37.76 -28.94
C ILE F 661 70.22 -37.00 -27.68
N PHE F 662 69.26 -36.71 -26.81
CA PHE F 662 69.47 -35.86 -25.65
C PHE F 662 69.64 -36.67 -24.36
N GLU F 663 70.16 -37.90 -24.47
CA GLU F 663 70.38 -38.73 -23.30
C GLU F 663 71.63 -38.30 -22.55
N ASP F 664 71.62 -38.50 -21.23
CA ASP F 664 72.76 -38.23 -20.37
C ASP F 664 73.12 -36.76 -20.30
N VAL F 665 72.16 -35.87 -20.63
CA VAL F 665 72.36 -34.44 -20.54
C VAL F 665 71.19 -33.81 -19.80
N GLU F 666 71.45 -32.66 -19.18
CA GLU F 666 70.45 -31.96 -18.39
C GLU F 666 70.38 -30.50 -18.81
N PHE F 667 69.16 -30.00 -18.93
CA PHE F 667 68.90 -28.62 -19.34
C PHE F 667 67.94 -27.96 -18.37
N CYS F 668 68.05 -26.64 -18.26
CA CYS F 668 67.15 -25.83 -17.45
C CYS F 668 66.58 -24.71 -18.31
N VAL F 669 65.26 -24.53 -18.24
CA VAL F 669 64.55 -23.52 -19.00
C VAL F 669 63.83 -22.60 -18.02
N MET F 670 64.01 -21.29 -18.19
CA MET F 670 63.49 -20.30 -17.26
C MET F 670 62.86 -19.12 -18.01
N SER F 671 62.07 -19.41 -19.04
CA SER F 671 61.36 -18.36 -19.76
C SER F 671 60.15 -18.98 -20.44
N GLY F 672 58.96 -18.66 -19.93
CA GLY F 672 57.73 -19.15 -20.53
C GLY F 672 57.04 -18.14 -21.43
N THR F 673 57.55 -16.91 -21.44
CA THR F 673 56.97 -15.85 -22.26
C THR F 673 57.46 -16.02 -23.69
N ASP F 674 56.75 -16.84 -24.44
CA ASP F 674 57.09 -17.12 -25.84
C ASP F 674 55.83 -17.60 -26.55
N SER F 675 55.99 -17.88 -27.84
CA SER F 675 54.86 -18.41 -28.61
C SER F 675 54.40 -19.75 -28.05
N GLN F 676 55.34 -20.61 -27.67
CA GLN F 676 55.01 -21.87 -27.03
C GLN F 676 55.25 -21.78 -25.53
N PRO F 677 54.36 -22.33 -24.71
CA PRO F 677 54.52 -22.18 -23.26
C PRO F 677 55.69 -22.98 -22.72
N LYS F 678 56.17 -22.55 -21.56
CA LYS F 678 57.25 -23.26 -20.87
C LYS F 678 56.95 -24.74 -20.68
N PRO F 679 55.79 -25.14 -20.15
CA PRO F 679 55.53 -26.58 -20.00
C PRO F 679 55.59 -27.34 -21.32
N ASP F 680 55.27 -26.70 -22.44
CA ASP F 680 55.43 -27.37 -23.73
C ASP F 680 56.89 -27.75 -23.97
N LEU F 681 57.80 -26.81 -23.72
CA LEU F 681 59.23 -27.11 -23.86
C LEU F 681 59.67 -28.17 -22.87
N GLU F 682 59.17 -28.12 -21.63
CA GLU F 682 59.53 -29.13 -20.65
C GLU F 682 59.10 -30.52 -21.13
N ASN F 683 57.87 -30.64 -21.61
CA ASN F 683 57.38 -31.93 -22.08
C ASN F 683 58.16 -32.40 -23.30
N ARG F 684 58.49 -31.49 -24.23
CA ARG F 684 59.25 -31.87 -25.40
C ARG F 684 60.63 -32.39 -25.01
N ILE F 685 61.30 -31.69 -24.08
CA ILE F 685 62.62 -32.14 -23.63
C ILE F 685 62.51 -33.50 -22.95
N ALA F 686 61.49 -33.68 -22.11
CA ALA F 686 61.31 -34.96 -21.43
C ALA F 686 61.09 -36.08 -22.44
N GLU F 687 60.27 -35.84 -23.46
CA GLU F 687 60.06 -36.85 -24.49
C GLU F 687 61.35 -37.13 -25.25
N PHE F 688 62.18 -36.11 -25.45
CA PHE F 688 63.46 -36.28 -26.14
C PHE F 688 64.52 -36.91 -25.26
N GLY F 689 64.16 -37.43 -24.09
CA GLY F 689 65.11 -38.07 -23.21
C GLY F 689 66.13 -37.12 -22.61
N GLY F 690 65.73 -35.90 -22.29
CA GLY F 690 66.60 -34.92 -21.66
C GLY F 690 66.20 -34.73 -20.20
N TYR F 691 67.20 -34.49 -19.35
CA TYR F 691 66.97 -34.33 -17.92
C TYR F 691 66.60 -32.87 -17.64
N ILE F 692 65.34 -32.63 -17.32
CA ILE F 692 64.88 -31.28 -17.02
C ILE F 692 65.24 -30.94 -15.58
N VAL F 693 65.85 -29.77 -15.38
CA VAL F 693 66.24 -29.29 -14.06
C VAL F 693 65.66 -27.90 -13.87
N GLN F 694 65.10 -27.65 -12.68
CA GLN F 694 64.39 -26.41 -12.41
C GLN F 694 65.33 -25.24 -12.08
N ASN F 695 66.53 -25.51 -11.57
CA ASN F 695 67.47 -24.46 -11.21
C ASN F 695 68.84 -24.77 -11.77
N PRO F 696 69.57 -23.76 -12.26
CA PRO F 696 70.87 -24.04 -12.90
C PRO F 696 71.94 -24.42 -11.90
N GLY F 697 72.30 -25.70 -11.88
CA GLY F 697 73.31 -26.19 -10.97
C GLY F 697 74.70 -26.12 -11.57
N PRO F 698 75.71 -26.57 -10.82
CA PRO F 698 77.07 -26.59 -11.36
C PRO F 698 77.31 -27.67 -12.39
N ASP F 699 76.41 -28.66 -12.51
CA ASP F 699 76.60 -29.75 -13.44
C ASP F 699 75.96 -29.49 -14.80
N THR F 700 74.79 -28.85 -14.82
CA THR F 700 74.15 -28.55 -16.09
C THR F 700 75.05 -27.68 -16.95
N TYR F 701 75.17 -28.03 -18.22
CA TYR F 701 76.11 -27.38 -19.12
C TYR F 701 75.52 -26.20 -19.87
N CYS F 702 74.23 -25.92 -19.69
CA CYS F 702 73.61 -24.78 -20.36
C CYS F 702 72.32 -24.41 -19.65
N VAL F 703 71.88 -23.18 -19.89
CA VAL F 703 70.59 -22.69 -19.41
C VAL F 703 69.86 -22.07 -20.59
N ILE F 704 68.53 -22.13 -20.55
CA ILE F 704 67.69 -21.70 -21.66
C ILE F 704 66.70 -20.66 -21.15
N ALA F 705 66.60 -19.54 -21.86
CA ALA F 705 65.63 -18.51 -21.51
C ALA F 705 65.45 -17.59 -22.70
N GLY F 706 64.23 -17.53 -23.25
CA GLY F 706 63.93 -16.64 -24.35
C GLY F 706 63.59 -15.23 -23.95
N SER F 707 63.34 -14.97 -22.67
CA SER F 707 63.03 -13.65 -22.17
C SER F 707 64.08 -13.25 -21.16
N GLU F 708 64.69 -12.07 -21.36
CA GLU F 708 65.76 -11.58 -20.49
C GLU F 708 65.14 -10.95 -19.24
N ASN F 709 64.63 -11.82 -18.37
CA ASN F 709 63.97 -11.39 -17.16
C ASN F 709 65.01 -11.18 -16.05
N ILE F 710 64.53 -10.97 -14.82
CA ILE F 710 65.45 -10.75 -13.70
C ILE F 710 66.33 -11.97 -13.48
N ARG F 711 65.75 -13.17 -13.60
CA ARG F 711 66.55 -14.38 -13.46
C ARG F 711 67.63 -14.46 -14.54
N VAL F 712 67.26 -14.13 -15.77
CA VAL F 712 68.24 -14.15 -16.86
C VAL F 712 69.34 -13.14 -16.60
N LYS F 713 68.98 -11.94 -16.13
CA LYS F 713 69.99 -10.93 -15.83
C LYS F 713 70.92 -11.39 -14.71
N ASN F 714 70.35 -12.03 -13.68
CA ASN F 714 71.18 -12.54 -12.59
C ASN F 714 72.14 -13.61 -13.09
N ILE F 715 71.67 -14.49 -13.97
CA ILE F 715 72.55 -15.50 -14.55
C ILE F 715 73.62 -14.82 -15.41
N ILE F 716 73.26 -13.73 -16.08
CA ILE F 716 74.22 -12.99 -16.89
C ILE F 716 75.33 -12.44 -16.00
N LEU F 717 74.96 -11.91 -14.82
CA LEU F 717 75.96 -11.37 -13.91
C LEU F 717 77.02 -12.41 -13.56
N SER F 718 76.58 -13.65 -13.30
CA SER F 718 77.51 -14.74 -13.05
C SER F 718 78.03 -15.29 -14.37
N ASN F 719 79.34 -15.56 -14.42
CA ASN F 719 80.00 -16.07 -15.62
C ASN F 719 80.23 -17.57 -15.56
N LYS F 720 79.29 -18.32 -14.99
CA LYS F 720 79.43 -19.76 -14.81
C LYS F 720 78.36 -20.55 -15.58
N HIS F 721 77.65 -19.92 -16.50
CA HIS F 721 76.62 -20.62 -17.26
C HIS F 721 76.44 -19.93 -18.61
N ASP F 722 75.84 -20.66 -19.55
CA ASP F 722 75.63 -20.19 -20.91
C ASP F 722 74.13 -20.13 -21.21
N VAL F 723 73.68 -19.01 -21.76
CA VAL F 723 72.29 -18.81 -22.12
C VAL F 723 72.14 -19.02 -23.63
N VAL F 724 71.06 -19.70 -24.02
CA VAL F 724 70.79 -19.99 -25.43
C VAL F 724 69.35 -19.63 -25.73
N LYS F 725 69.13 -18.98 -26.87
CA LYS F 725 67.77 -18.62 -27.27
C LYS F 725 66.95 -19.88 -27.51
N PRO F 726 65.66 -19.87 -27.18
CA PRO F 726 64.85 -21.09 -27.31
C PRO F 726 64.80 -21.65 -28.72
N ALA F 727 65.17 -20.87 -29.74
CA ALA F 727 65.17 -21.38 -31.11
C ALA F 727 66.13 -22.55 -31.27
N TRP F 728 67.11 -22.70 -30.38
CA TRP F 728 68.05 -23.81 -30.48
C TRP F 728 67.33 -25.15 -30.35
N LEU F 729 66.43 -25.27 -29.37
CA LEU F 729 65.69 -26.52 -29.22
C LEU F 729 64.82 -26.80 -30.43
N LEU F 730 64.16 -25.77 -30.97
CA LEU F 730 63.33 -25.97 -32.15
C LEU F 730 64.17 -26.43 -33.33
N GLU F 731 65.34 -25.82 -33.53
CA GLU F 731 66.22 -26.23 -34.63
C GLU F 731 66.67 -27.67 -34.44
N CYS F 732 67.01 -28.05 -33.20
CA CYS F 732 67.39 -29.43 -32.94
C CYS F 732 66.26 -30.39 -33.26
N PHE F 733 65.03 -30.03 -32.86
CA PHE F 733 63.90 -30.90 -33.13
C PHE F 733 63.64 -31.05 -34.62
N LYS F 734 63.70 -29.94 -35.36
CA LYS F 734 63.46 -30.01 -36.80
C LYS F 734 64.48 -30.91 -37.49
N THR F 735 65.76 -30.74 -37.14
CA THR F 735 66.81 -31.58 -37.70
C THR F 735 67.00 -32.89 -36.95
N LYS F 736 66.42 -33.02 -35.76
CA LYS F 736 66.56 -34.23 -34.96
C LYS F 736 68.02 -34.61 -34.77
N SER F 737 68.85 -33.59 -34.53
CA SER F 737 70.29 -33.78 -34.36
C SER F 737 70.81 -32.79 -33.34
N PHE F 738 71.98 -33.11 -32.78
CA PHE F 738 72.62 -32.27 -31.77
C PHE F 738 73.53 -31.25 -32.46
N VAL F 739 72.89 -30.27 -33.08
CA VAL F 739 73.62 -29.21 -33.76
C VAL F 739 74.37 -28.37 -32.72
N PRO F 740 75.60 -27.93 -32.98
CA PRO F 740 76.30 -27.10 -32.00
C PRO F 740 75.77 -25.68 -31.99
N TRP F 741 76.15 -24.94 -30.95
CA TRP F 741 75.65 -23.59 -30.77
C TRP F 741 76.20 -22.64 -31.83
N GLN F 742 75.55 -21.50 -31.96
CA GLN F 742 75.99 -20.41 -32.82
C GLN F 742 75.86 -19.10 -32.06
N PRO F 743 76.67 -18.08 -32.41
CA PRO F 743 76.56 -16.81 -31.69
C PRO F 743 75.17 -16.19 -31.78
N ARG F 744 74.44 -16.44 -32.87
CA ARG F 744 73.10 -15.87 -33.01
C ARG F 744 72.18 -16.38 -31.90
N PHE F 745 72.23 -17.67 -31.60
CA PHE F 745 71.32 -18.23 -30.61
C PHE F 745 71.66 -17.76 -29.20
N MET F 746 72.94 -17.82 -28.84
CA MET F 746 73.35 -17.51 -27.47
C MET F 746 73.46 -16.00 -27.26
N ILE F 747 72.99 -15.55 -26.10
CA ILE F 747 73.09 -14.15 -25.69
C ILE F 747 74.17 -13.92 -24.65
N HIS F 748 74.81 -14.98 -24.16
CA HIS F 748 75.87 -14.85 -23.18
C HIS F 748 76.89 -15.94 -23.43
N MET F 749 78.11 -15.71 -22.93
CA MET F 749 79.21 -16.63 -23.13
C MET F 749 79.98 -16.83 -21.83
N CYS F 750 80.25 -18.08 -21.49
CA CYS F 750 81.18 -18.39 -20.43
C CYS F 750 82.61 -18.18 -20.91
N PRO F 751 83.57 -17.97 -20.01
CA PRO F 751 84.96 -17.78 -20.46
C PRO F 751 85.45 -18.92 -21.32
N SER F 752 85.13 -20.17 -20.96
CA SER F 752 85.56 -21.31 -21.76
C SER F 752 84.89 -21.30 -23.12
N THR F 753 83.57 -21.12 -23.16
CA THR F 753 82.86 -21.05 -24.44
C THR F 753 83.29 -19.81 -25.22
N LYS F 754 83.55 -18.70 -24.53
CA LYS F 754 84.01 -17.50 -25.21
C LYS F 754 85.34 -17.76 -25.92
N GLU F 755 86.28 -18.44 -25.24
CA GLU F 755 87.54 -18.80 -25.88
C GLU F 755 87.32 -19.78 -27.02
N HIS F 756 86.42 -20.75 -26.84
CA HIS F 756 86.18 -21.75 -27.87
C HIS F 756 85.66 -21.12 -29.14
N PHE F 757 84.67 -20.23 -29.02
CA PHE F 757 84.09 -19.59 -30.19
C PHE F 757 84.97 -18.48 -30.74
N ALA F 758 85.88 -17.94 -29.94
CA ALA F 758 86.79 -16.91 -30.45
C ALA F 758 87.67 -17.46 -31.57
N ARG F 759 88.16 -18.69 -31.41
CA ARG F 759 88.96 -19.30 -32.46
C ARG F 759 88.12 -19.61 -33.69
N GLU F 760 86.97 -20.26 -33.49
CA GLU F 760 86.14 -20.68 -34.62
C GLU F 760 85.43 -19.49 -35.25
N TYR F 761 84.87 -18.60 -34.43
CA TYR F 761 84.08 -17.48 -34.91
C TYR F 761 84.82 -16.16 -34.65
N ASP F 762 84.27 -15.09 -35.21
CA ASP F 762 84.83 -13.76 -35.09
C ASP F 762 84.12 -12.99 -33.98
N CYS F 763 84.43 -11.70 -33.86
CA CYS F 763 83.77 -10.87 -32.85
C CYS F 763 82.27 -10.79 -33.09
N TYR F 764 81.81 -11.06 -34.30
CA TYR F 764 80.39 -11.06 -34.64
C TYR F 764 79.99 -12.45 -35.12
N GLY F 765 78.76 -12.57 -35.62
CA GLY F 765 78.26 -13.86 -36.06
C GLY F 765 79.08 -14.49 -37.18
N ASP F 766 79.83 -13.69 -37.93
CA ASP F 766 80.63 -14.23 -39.01
C ASP F 766 81.71 -15.16 -38.47
N SER F 767 81.97 -16.22 -39.22
CA SER F 767 82.99 -17.21 -38.88
C SER F 767 84.07 -17.21 -39.96
N TYR F 768 85.11 -18.02 -39.74
CA TYR F 768 86.24 -18.10 -40.66
C TYR F 768 86.17 -19.33 -41.56
N PHE F 769 86.11 -20.51 -40.98
CA PHE F 769 86.21 -21.74 -41.77
C PHE F 769 84.91 -22.06 -42.51
N ILE F 770 83.77 -21.79 -41.89
CA ILE F 770 82.47 -22.08 -42.50
C ILE F 770 82.01 -20.83 -43.25
N ASP F 771 81.57 -21.02 -44.49
CA ASP F 771 81.13 -19.90 -45.32
C ASP F 771 79.87 -19.27 -44.74
N THR F 772 79.41 -18.21 -45.39
CA THR F 772 78.23 -17.46 -44.96
C THR F 772 77.25 -17.38 -46.11
N ASP F 773 75.96 -17.29 -45.76
CA ASP F 773 74.89 -17.15 -46.73
C ASP F 773 74.28 -15.74 -46.62
N LEU F 774 73.29 -15.47 -47.46
CA LEU F 774 72.62 -14.18 -47.41
C LEU F 774 71.96 -13.96 -46.06
N ASN F 775 71.28 -15.00 -45.55
CA ASN F 775 70.67 -14.89 -44.22
C ASN F 775 71.72 -14.68 -43.14
N GLN F 776 72.83 -15.42 -43.23
CA GLN F 776 73.90 -15.27 -42.25
C GLN F 776 74.51 -13.87 -42.32
N LEU F 777 74.72 -13.36 -43.54
CA LEU F 777 75.27 -12.01 -43.67
C LEU F 777 74.31 -10.98 -43.11
N LYS F 778 73.01 -11.13 -43.36
CA LYS F 778 72.03 -10.21 -42.80
C LYS F 778 72.03 -10.26 -41.28
N GLU F 779 72.11 -11.47 -40.71
CA GLU F 779 72.14 -11.60 -39.26
C GLU F 779 73.39 -10.94 -38.68
N VAL F 780 74.54 -11.13 -39.33
CA VAL F 780 75.77 -10.51 -38.86
C VAL F 780 75.66 -8.99 -38.92
N PHE F 781 75.13 -8.47 -40.03
CA PHE F 781 75.01 -7.02 -40.17
C PHE F 781 74.06 -6.44 -39.12
N SER F 782 72.97 -7.15 -38.82
CA SER F 782 72.05 -6.68 -37.79
C SER F 782 72.76 -6.57 -36.44
N GLY F 783 73.81 -7.36 -36.23
CA GLY F 783 74.54 -7.29 -34.97
C GLY F 783 75.20 -5.94 -34.75
N ILE F 784 75.82 -5.39 -35.78
CA ILE F 784 76.48 -4.09 -35.66
C ILE F 784 75.42 -3.02 -35.44
N LYS F 785 75.66 -2.15 -34.45
CA LYS F 785 74.68 -1.14 -34.10
C LYS F 785 74.77 0.08 -35.01
N ASN F 786 75.91 0.76 -35.01
CA ASN F 786 76.08 1.96 -35.81
C ASN F 786 77.56 2.28 -35.95
N SER F 787 77.87 3.12 -36.93
CA SER F 787 79.25 3.56 -37.17
C SER F 787 79.17 4.94 -37.82
N ASN F 788 79.43 5.98 -37.03
CA ASN F 788 79.39 7.36 -37.49
C ASN F 788 80.66 8.10 -37.08
N GLU F 789 81.79 7.40 -37.13
CA GLU F 789 83.07 7.96 -36.69
C GLU F 789 83.87 8.58 -37.83
N GLN F 790 83.33 8.60 -39.05
CA GLN F 790 84.04 9.10 -40.22
C GLN F 790 83.27 10.28 -40.81
N THR F 791 83.73 10.76 -41.97
CA THR F 791 83.18 11.92 -42.64
C THR F 791 82.86 11.58 -44.09
N PRO F 792 81.97 12.34 -44.73
CA PRO F 792 81.57 12.00 -46.10
C PRO F 792 82.74 11.92 -47.07
N GLU F 793 83.72 12.82 -46.95
CA GLU F 793 84.89 12.76 -47.83
C GLU F 793 85.67 11.47 -47.59
N GLU F 794 85.81 11.07 -46.33
CA GLU F 794 86.47 9.81 -46.02
C GLU F 794 85.72 8.64 -46.65
N MET F 795 84.39 8.66 -46.56
CA MET F 795 83.60 7.59 -47.16
C MET F 795 83.78 7.56 -48.67
N ALA F 796 83.80 8.73 -49.32
CA ALA F 796 84.00 8.76 -50.76
C ALA F 796 85.37 8.20 -51.14
N SER F 797 86.41 8.61 -50.41
CA SER F 797 87.75 8.11 -50.70
C SER F 797 87.82 6.59 -50.50
N LEU F 798 87.22 6.09 -49.41
CA LEU F 798 87.24 4.66 -49.16
C LEU F 798 86.47 3.90 -50.24
N ILE F 799 85.33 4.43 -50.66
CA ILE F 799 84.54 3.78 -51.71
C ILE F 799 85.35 3.70 -52.99
N ALA F 800 86.00 4.80 -53.36
CA ALA F 800 86.83 4.79 -54.56
C ALA F 800 87.95 3.77 -54.42
N ASP F 801 88.56 3.69 -53.23
CA ASP F 801 89.65 2.73 -53.02
C ASP F 801 89.16 1.30 -53.22
N LEU F 802 87.99 0.97 -52.64
CA LEU F 802 87.46 -0.38 -52.82
C LEU F 802 87.13 -0.67 -54.28
N GLU F 803 86.49 0.28 -54.96
CA GLU F 803 86.14 0.06 -56.36
C GLU F 803 87.39 -0.17 -57.19
N TYR F 804 88.44 0.62 -56.97
CA TYR F 804 89.69 0.41 -57.71
C TYR F 804 90.32 -0.92 -57.37
N ARG F 805 90.33 -1.29 -56.09
CA ARG F 805 90.97 -2.55 -55.69
C ARG F 805 90.29 -3.75 -56.30
N TYR F 806 88.95 -3.76 -56.29
CA TYR F 806 88.19 -4.90 -56.78
C TYR F 806 87.63 -4.69 -58.18
N SER F 807 87.98 -3.58 -58.84
CA SER F 807 87.52 -3.32 -60.21
C SER F 807 86.01 -3.43 -60.32
N TRP F 808 85.31 -2.82 -59.35
CA TRP F 808 83.86 -2.85 -59.29
C TRP F 808 83.21 -1.71 -60.06
N ASP F 809 83.91 -1.13 -61.04
CA ASP F 809 83.36 -0.01 -61.80
C ASP F 809 82.30 -0.45 -62.79
N CYS F 810 82.08 -1.74 -62.97
CA CYS F 810 81.10 -2.25 -63.92
C CYS F 810 79.68 -2.27 -63.38
N SER F 811 79.47 -1.82 -62.15
CA SER F 811 78.15 -1.84 -61.55
C SER F 811 77.21 -0.89 -62.28
N PRO F 812 75.90 -1.15 -62.22
CA PRO F 812 74.95 -0.26 -62.92
C PRO F 812 74.96 1.17 -62.40
N LEU F 813 75.47 1.41 -61.19
CA LEU F 813 75.57 2.74 -60.61
C LEU F 813 76.96 2.93 -60.02
N SER F 814 77.21 4.13 -59.52
CA SER F 814 78.42 4.53 -58.80
C SER F 814 79.60 4.86 -59.70
N MET F 815 79.49 4.78 -61.03
CA MET F 815 80.62 5.17 -61.86
C MET F 815 80.89 6.68 -61.74
N PHE F 816 79.86 7.48 -61.51
CA PHE F 816 80.03 8.93 -61.40
C PHE F 816 80.68 9.34 -60.09
N ARG F 817 80.90 8.42 -59.16
CA ARG F 817 81.53 8.78 -57.89
C ARG F 817 82.91 9.37 -58.10
N ARG F 818 83.68 8.79 -59.02
CA ARG F 818 85.04 9.28 -59.28
C ARG F 818 85.05 10.69 -59.84
N HIS F 819 83.93 11.17 -60.35
CA HIS F 819 83.85 12.48 -61.00
C HIS F 819 82.96 13.40 -60.19
N THR F 820 83.44 14.62 -59.95
CA THR F 820 82.64 15.65 -59.31
C THR F 820 81.85 16.42 -60.36
N VAL F 821 80.61 16.75 -60.03
CA VAL F 821 79.69 17.40 -60.96
C VAL F 821 79.22 18.72 -60.37
N TYR F 822 79.31 19.78 -61.16
CA TYR F 822 78.78 21.09 -60.83
C TYR F 822 77.66 21.44 -61.81
N LEU F 823 76.70 22.23 -61.34
CA LEU F 823 75.54 22.62 -62.12
C LEU F 823 75.42 24.14 -62.14
N ASP F 824 75.02 24.68 -63.29
CA ASP F 824 74.83 26.12 -63.45
C ASP F 824 73.41 26.52 -63.01
N SER F 825 73.11 26.22 -61.75
CA SER F 825 71.82 26.54 -61.16
C SER F 825 71.79 27.91 -60.49
N TYR F 826 72.88 28.66 -60.55
CA TYR F 826 72.98 29.98 -59.95
C TYR F 826 73.09 31.03 -61.03
N ALA F 827 72.32 32.10 -60.91
CA ALA F 827 72.42 33.20 -61.87
C ALA F 827 73.82 33.82 -61.84
N VAL F 828 74.38 33.98 -60.66
CA VAL F 828 75.75 34.47 -60.48
C VAL F 828 76.59 33.30 -59.97
N ILE F 829 77.70 33.03 -60.68
CA ILE F 829 78.54 31.89 -60.31
C ILE F 829 79.15 32.14 -58.93
N ASN F 830 79.30 31.05 -58.17
CA ASN F 830 79.87 31.11 -56.83
C ASN F 830 79.05 32.02 -55.91
N ASP F 831 77.72 31.89 -56.00
CA ASP F 831 76.81 32.62 -55.14
C ASP F 831 75.77 31.65 -54.59
N LEU F 832 75.55 31.70 -53.27
CA LEU F 832 74.62 30.81 -52.59
C LEU F 832 73.29 31.49 -52.28
N SER F 833 73.05 32.68 -52.82
CA SER F 833 71.81 33.42 -52.56
C SER F 833 71.05 33.74 -53.85
N THR F 834 71.33 33.01 -54.93
CA THR F 834 70.68 33.23 -56.22
C THR F 834 70.29 31.89 -56.85
N LYS F 835 69.74 30.99 -56.04
CA LYS F 835 69.36 29.67 -56.55
C LYS F 835 68.26 29.81 -57.60
N ASN F 836 68.34 28.95 -58.62
CA ASN F 836 67.37 28.91 -59.71
C ASN F 836 66.52 27.65 -59.63
N GLU F 837 66.15 27.25 -58.42
CA GLU F 837 65.36 26.04 -58.23
C GLU F 837 64.01 26.16 -58.92
N GLY F 838 63.52 25.04 -59.43
CA GLY F 838 62.24 25.00 -60.12
C GLY F 838 62.39 24.77 -61.61
N THR F 839 63.40 24.00 -62.00
CA THR F 839 63.67 23.71 -63.39
C THR F 839 64.20 22.29 -63.51
N ARG F 840 64.45 21.86 -64.75
CA ARG F 840 64.99 20.52 -64.98
C ARG F 840 66.38 20.35 -64.37
N LEU F 841 67.08 21.46 -64.10
CA LEU F 841 68.44 21.35 -63.59
C LEU F 841 68.48 20.69 -62.22
N ALA F 842 67.54 21.05 -61.33
CA ALA F 842 67.53 20.48 -59.99
C ALA F 842 67.28 18.98 -60.03
N ILE F 843 66.31 18.55 -60.84
CA ILE F 843 66.00 17.13 -60.92
C ILE F 843 67.16 16.38 -61.56
N LYS F 844 67.81 17.00 -62.56
CA LYS F 844 68.97 16.36 -63.17
C LYS F 844 70.10 16.17 -62.16
N ALA F 845 70.35 17.19 -61.34
CA ALA F 845 71.39 17.08 -60.31
C ALA F 845 71.03 16.01 -59.30
N LEU F 846 69.76 15.95 -58.88
CA LEU F 846 69.34 14.93 -57.93
C LEU F 846 69.52 13.53 -58.51
N GLU F 847 69.14 13.34 -59.77
CA GLU F 847 69.33 12.05 -60.41
C GLU F 847 70.80 11.69 -60.52
N LEU F 848 71.65 12.67 -60.85
CA LEU F 848 73.08 12.41 -60.92
C LEU F 848 73.61 11.98 -59.56
N ARG F 849 73.17 12.65 -58.50
CA ARG F 849 73.59 12.25 -57.15
C ARG F 849 73.12 10.84 -56.83
N PHE F 850 71.89 10.50 -57.22
CA PHE F 850 71.38 9.16 -56.98
C PHE F 850 72.22 8.12 -57.70
N HIS F 851 72.60 8.39 -58.95
CA HIS F 851 73.40 7.44 -59.72
C HIS F 851 74.81 7.29 -59.17
N GLY F 852 75.23 8.15 -58.25
CA GLY F 852 76.56 8.09 -57.67
C GLY F 852 77.42 9.31 -57.92
N ALA F 853 76.96 10.29 -58.70
CA ALA F 853 77.76 11.47 -58.95
C ALA F 853 77.90 12.30 -57.68
N LYS F 854 79.10 12.86 -57.47
CA LYS F 854 79.37 13.72 -56.32
C LYS F 854 79.03 15.15 -56.73
N VAL F 855 77.84 15.62 -56.30
CA VAL F 855 77.40 16.96 -56.63
C VAL F 855 78.09 17.95 -55.70
N VAL F 856 78.73 18.96 -56.29
CA VAL F 856 79.46 19.97 -55.53
C VAL F 856 78.81 21.32 -55.79
N SER F 857 78.50 22.04 -54.72
CA SER F 857 77.86 23.35 -54.82
C SER F 857 78.86 24.50 -54.93
N CYS F 858 80.16 24.23 -54.79
CA CYS F 858 81.21 25.23 -54.89
C CYS F 858 82.10 24.91 -56.08
N LEU F 859 82.48 25.95 -56.83
CA LEU F 859 83.31 25.80 -58.01
C LEU F 859 84.78 25.75 -57.59
N ALA F 860 85.18 24.60 -57.05
CA ALA F 860 86.55 24.39 -56.64
C ALA F 860 87.40 23.96 -57.84
N GLU F 861 88.73 24.03 -57.65
CA GLU F 861 89.64 23.61 -58.70
C GLU F 861 89.57 22.11 -58.96
N GLY F 862 89.05 21.34 -58.02
CA GLY F 862 88.93 19.89 -58.18
C GLY F 862 87.75 19.43 -58.99
N VAL F 863 86.87 20.35 -59.41
CA VAL F 863 85.71 19.95 -60.21
C VAL F 863 86.19 19.40 -61.55
N SER F 864 85.58 18.31 -61.97
CA SER F 864 85.92 17.66 -63.23
C SER F 864 84.81 17.71 -64.27
N HIS F 865 83.55 17.79 -63.85
CA HIS F 865 82.41 17.83 -64.75
C HIS F 865 81.53 19.03 -64.42
N VAL F 866 81.08 19.73 -65.47
CA VAL F 866 80.18 20.87 -65.33
C VAL F 866 79.05 20.68 -66.32
N ILE F 867 77.82 20.91 -65.87
CA ILE F 867 76.63 20.74 -66.70
C ILE F 867 76.01 22.11 -66.92
N ILE F 868 75.79 22.46 -68.18
CA ILE F 868 75.19 23.74 -68.56
C ILE F 868 73.91 23.44 -69.35
N GLY F 869 72.82 24.07 -68.93
CA GLY F 869 71.54 23.88 -69.59
C GLY F 869 71.45 24.61 -70.91
N GLU F 870 70.22 24.93 -71.32
CA GLU F 870 70.03 25.66 -72.57
C GLU F 870 70.66 27.04 -72.55
N ASP F 871 70.88 27.61 -71.37
CA ASP F 871 71.48 28.93 -71.24
C ASP F 871 72.99 28.80 -71.44
N HIS F 872 73.50 29.37 -72.53
CA HIS F 872 74.93 29.35 -72.84
C HIS F 872 75.55 30.74 -72.73
N SER F 873 74.93 31.64 -71.97
CA SER F 873 75.47 32.99 -71.84
C SER F 873 76.82 32.98 -71.13
N ARG F 874 76.96 32.13 -70.10
CA ARG F 874 78.15 32.11 -69.25
C ARG F 874 79.16 31.07 -69.70
N VAL F 875 79.07 30.58 -70.94
CA VAL F 875 80.05 29.62 -71.43
C VAL F 875 81.44 30.25 -71.44
N ALA F 876 81.52 31.54 -71.78
CA ALA F 876 82.81 32.22 -71.77
C ALA F 876 83.40 32.26 -70.37
N ASP F 877 82.57 32.53 -69.36
CA ASP F 877 83.07 32.56 -67.99
C ASP F 877 83.58 31.18 -67.56
N PHE F 878 82.84 30.12 -67.90
CA PHE F 878 83.28 28.78 -67.55
C PHE F 878 84.58 28.43 -68.25
N LYS F 879 84.72 28.80 -69.53
CA LYS F 879 85.96 28.54 -70.25
C LYS F 879 87.12 29.29 -69.62
N ALA F 880 86.90 30.56 -69.24
CA ALA F 880 87.96 31.33 -68.60
C ALA F 880 88.37 30.71 -67.27
N PHE F 881 87.39 30.27 -66.48
CA PHE F 881 87.72 29.62 -65.21
C PHE F 881 88.49 28.32 -65.44
N ARG F 882 88.08 27.54 -66.44
CA ARG F 882 88.80 26.31 -66.75
C ARG F 882 90.23 26.61 -67.15
N ARG F 883 90.44 27.63 -67.97
CA ARG F 883 91.79 28.00 -68.38
C ARG F 883 92.62 28.45 -67.18
N THR F 884 92.03 29.24 -66.29
CA THR F 884 92.76 29.72 -65.12
C THR F 884 93.17 28.58 -64.21
N PHE F 885 92.26 27.63 -63.98
CA PHE F 885 92.56 26.51 -63.10
C PHE F 885 93.64 25.63 -63.71
N LYS F 886 94.48 25.07 -62.84
CA LYS F 886 95.53 24.18 -63.30
C LYS F 886 94.95 22.94 -63.99
N ARG F 887 93.90 22.38 -63.42
CA ARG F 887 93.23 21.21 -63.98
C ARG F 887 91.96 21.68 -64.70
N LYS F 888 91.79 21.20 -65.94
CA LYS F 888 90.69 21.63 -66.78
C LYS F 888 89.55 20.61 -66.69
N PHE F 889 88.32 21.11 -66.56
CA PHE F 889 87.13 20.28 -66.52
C PHE F 889 86.39 20.42 -67.85
N LYS F 890 86.07 19.28 -68.46
CA LYS F 890 85.39 19.30 -69.74
C LYS F 890 84.01 19.92 -69.63
N ILE F 891 83.64 20.72 -70.62
CA ILE F 891 82.31 21.32 -70.66
C ILE F 891 81.33 20.29 -71.19
N LEU F 892 80.25 20.07 -70.44
CA LEU F 892 79.26 19.06 -70.76
C LEU F 892 77.87 19.67 -70.75
N LYS F 893 76.96 19.03 -71.47
CA LYS F 893 75.57 19.47 -71.58
C LYS F 893 74.67 18.52 -70.82
N GLU F 894 73.46 19.01 -70.52
CA GLU F 894 72.51 18.22 -69.75
C GLU F 894 72.04 16.99 -70.51
N SER F 895 71.96 17.07 -71.85
CA SER F 895 71.50 15.92 -72.62
C SER F 895 72.45 14.74 -72.50
N TRP F 896 73.72 14.99 -72.21
CA TRP F 896 74.70 13.91 -72.12
C TRP F 896 74.30 12.90 -71.06
N VAL F 897 73.97 13.38 -69.85
CA VAL F 897 73.61 12.46 -68.78
C VAL F 897 72.28 11.77 -69.08
N THR F 898 71.34 12.48 -69.71
CA THR F 898 70.08 11.85 -70.06
C THR F 898 70.29 10.69 -71.02
N ASP F 899 71.16 10.87 -72.01
CA ASP F 899 71.48 9.77 -72.92
C ASP F 899 72.24 8.65 -72.19
N SER F 900 73.15 9.03 -71.28
CA SER F 900 74.01 8.04 -70.64
C SER F 900 73.23 7.15 -69.69
N ILE F 901 72.22 7.71 -69.01
CA ILE F 901 71.52 6.94 -67.98
C ILE F 901 70.88 5.70 -68.59
N ASP F 902 70.24 5.85 -69.75
CA ASP F 902 69.63 4.71 -70.41
C ASP F 902 70.67 3.65 -70.75
N LYS F 903 71.82 4.07 -71.26
CA LYS F 903 72.91 3.14 -71.55
C LYS F 903 73.66 2.70 -70.30
N CYS F 904 73.54 3.44 -69.20
CA CYS F 904 74.19 3.09 -67.94
C CYS F 904 75.72 3.06 -68.08
N GLU F 905 76.25 3.82 -69.04
CA GLU F 905 77.69 3.88 -69.26
C GLU F 905 78.09 5.32 -69.55
N LEU F 906 79.35 5.63 -69.28
CA LEU F 906 79.88 6.98 -69.49
C LEU F 906 80.08 7.20 -70.98
N GLN F 907 79.14 7.92 -71.61
CA GLN F 907 79.25 8.21 -73.03
C GLN F 907 80.40 9.18 -73.28
N GLU F 908 81.01 9.05 -74.47
CA GLU F 908 82.13 9.90 -74.83
C GLU F 908 81.70 11.36 -74.80
N GLU F 909 82.55 12.20 -74.20
CA GLU F 909 82.26 13.62 -74.07
C GLU F 909 82.55 14.42 -75.34
N ASN F 910 83.22 13.81 -76.33
CA ASN F 910 83.53 14.55 -77.54
C ASN F 910 82.27 14.99 -78.28
N GLN F 911 81.27 14.11 -78.34
CA GLN F 911 80.01 14.44 -79.01
C GLN F 911 79.09 15.30 -78.16
N TYR F 912 79.41 15.48 -76.87
CA TYR F 912 78.60 16.32 -75.98
C TYR F 912 79.41 17.46 -75.38
N LEU F 913 80.56 17.79 -75.97
CA LEU F 913 81.39 18.87 -75.46
C LEU F 913 80.67 20.21 -75.56
N CYS G 194 37.58 4.19 13.79
CA CYS G 194 37.04 3.98 12.46
C CYS G 194 37.78 4.80 11.40
N PRO G 195 37.87 6.12 11.57
CA PRO G 195 38.60 6.93 10.59
C PRO G 195 40.07 6.55 10.53
N GLY G 196 40.63 6.65 9.33
CA GLY G 196 42.02 6.31 9.09
C GLY G 196 42.29 4.83 8.96
N GLU G 197 41.26 3.98 8.97
CA GLU G 197 41.47 2.55 8.85
C GLU G 197 41.99 2.20 7.47
N SER G 198 42.90 1.21 7.41
CA SER G 198 43.46 0.78 6.15
C SER G 198 42.51 -0.20 5.47
N LEU G 199 42.22 0.06 4.20
CA LEU G 199 41.32 -0.79 3.44
C LEU G 199 41.91 -2.16 3.14
N ILE G 200 43.21 -2.34 3.34
CA ILE G 200 43.85 -3.63 3.06
C ILE G 200 43.82 -4.55 4.28
N ASN G 201 44.12 -4.00 5.46
CA ASN G 201 44.17 -4.77 6.71
C ASN G 201 43.24 -4.11 7.71
N PRO G 202 41.96 -4.47 7.71
CA PRO G 202 41.04 -3.88 8.69
C PRO G 202 41.49 -4.16 10.12
N GLY G 203 41.25 -3.19 11.00
CA GLY G 203 41.67 -3.27 12.37
C GLY G 203 43.03 -2.64 12.66
N PHE G 204 43.79 -2.30 11.62
CA PHE G 204 45.08 -1.62 11.77
C PHE G 204 44.99 -0.29 11.05
N LYS G 205 45.34 0.78 11.75
CA LYS G 205 45.26 2.11 11.16
C LYS G 205 46.28 2.24 10.04
N SER G 206 45.87 2.93 8.97
CA SER G 206 46.73 3.12 7.80
C SER G 206 47.93 3.97 8.19
N LYS G 207 49.10 3.36 8.26
CA LYS G 207 50.31 4.09 8.62
C LYS G 207 50.64 5.11 7.55
N LYS G 208 51.05 6.30 7.98
CA LYS G 208 51.43 7.33 7.05
C LYS G 208 52.72 6.94 6.31
N PRO G 209 52.87 7.33 5.05
CA PRO G 209 54.08 6.96 4.31
C PRO G 209 55.32 7.56 4.96
N ALA G 210 56.42 6.80 4.91
CA ALA G 210 57.68 7.28 5.46
C ALA G 210 58.15 8.52 4.73
N GLY G 211 58.54 9.54 5.50
CA GLY G 211 58.97 10.79 4.92
C GLY G 211 60.46 11.04 5.05
N GLY G 212 61.06 10.52 6.11
CA GLY G 212 62.48 10.72 6.35
C GLY G 212 62.73 12.02 7.08
N VAL G 213 63.65 12.83 6.56
CA VAL G 213 64.01 14.11 7.15
C VAL G 213 63.49 15.21 6.24
N ASP G 214 62.70 16.12 6.81
CA ASP G 214 62.14 17.26 6.08
C ASP G 214 62.46 18.51 6.89
N PHE G 215 63.50 19.23 6.48
CA PHE G 215 63.91 20.42 7.22
C PHE G 215 62.83 21.50 7.15
N ASP G 216 62.69 22.23 8.25
CA ASP G 216 61.70 23.30 8.33
C ASP G 216 62.21 24.56 7.64
N CYS H 194 -32.35 -4.62 -6.36
CA CYS H 194 -33.15 -4.38 -7.56
C CYS H 194 -34.36 -3.51 -7.23
N PRO H 195 -34.63 -2.50 -8.06
CA PRO H 195 -35.75 -1.59 -7.76
C PRO H 195 -37.08 -2.31 -7.75
N GLY H 196 -37.99 -1.82 -6.91
CA GLY H 196 -39.31 -2.41 -6.82
C GLY H 196 -39.34 -3.76 -6.14
N GLU H 197 -38.37 -4.06 -5.29
CA GLU H 197 -38.30 -5.33 -4.58
C GLU H 197 -38.75 -5.14 -3.14
N SER H 198 -39.62 -6.02 -2.67
CA SER H 198 -40.14 -5.92 -1.31
C SER H 198 -39.01 -6.13 -0.30
N LEU H 199 -39.00 -5.31 0.75
CA LEU H 199 -37.99 -5.42 1.80
C LEU H 199 -38.29 -6.55 2.78
N ILE H 200 -39.51 -7.09 2.79
CA ILE H 200 -39.84 -8.16 3.72
C ILE H 200 -39.34 -9.50 3.19
N ASN H 201 -39.72 -9.85 1.97
CA ASN H 201 -39.33 -11.12 1.36
C ASN H 201 -38.45 -10.84 0.14
N PRO H 202 -37.13 -10.98 0.25
CA PRO H 202 -36.28 -10.71 -0.92
C PRO H 202 -36.56 -11.69 -2.05
N GLY H 203 -36.38 -11.20 -3.28
CA GLY H 203 -36.66 -11.99 -4.46
C GLY H 203 -38.11 -11.97 -4.91
N PHE H 204 -38.98 -11.30 -4.18
CA PHE H 204 -40.39 -11.19 -4.53
C PHE H 204 -40.72 -9.73 -4.83
N LYS H 205 -41.73 -9.53 -5.67
CA LYS H 205 -42.08 -8.20 -6.16
C LYS H 205 -43.04 -7.53 -5.19
N SER H 206 -42.64 -6.37 -4.67
CA SER H 206 -43.51 -5.62 -3.78
C SER H 206 -44.76 -5.15 -4.52
N LYS H 207 -45.90 -5.26 -3.86
CA LYS H 207 -47.19 -4.90 -4.44
C LYS H 207 -47.88 -3.89 -3.54
N LYS H 208 -48.38 -2.80 -4.13
CA LYS H 208 -49.09 -1.80 -3.37
C LYS H 208 -50.42 -2.35 -2.88
N PRO H 209 -50.96 -1.81 -1.79
CA PRO H 209 -52.24 -2.32 -1.26
C PRO H 209 -53.35 -2.19 -2.29
N ALA H 210 -54.24 -3.17 -2.31
CA ALA H 210 -55.35 -3.16 -3.25
C ALA H 210 -56.20 -1.91 -3.05
N GLY H 211 -56.25 -1.06 -4.08
CA GLY H 211 -57.01 0.16 -4.01
C GLY H 211 -58.48 0.04 -4.30
N GLY H 212 -58.96 -1.16 -4.64
CA GLY H 212 -60.36 -1.34 -4.93
C GLY H 212 -60.77 -0.58 -6.18
N VAL H 213 -62.01 -0.10 -6.17
CA VAL H 213 -62.56 0.65 -7.28
C VAL H 213 -62.22 2.12 -7.12
N ASP H 214 -61.65 2.72 -8.17
CA ASP H 214 -61.28 4.13 -8.17
C ASP H 214 -61.84 4.75 -9.45
N PHE H 215 -63.03 5.33 -9.38
CA PHE H 215 -63.64 5.95 -10.56
C PHE H 215 -62.76 7.07 -11.10
N ASP H 216 -62.69 7.20 -12.42
CA ASP H 216 -61.86 8.24 -13.04
C ASP H 216 -62.64 9.56 -13.12
N GLU H 217 -61.95 10.62 -13.51
CA GLU H 217 -62.56 11.94 -13.63
C GLU H 217 -63.78 11.88 -14.56
N SER M 5 3.23 -29.66 -33.00
CA SER M 5 4.02 -28.43 -33.00
C SER M 5 4.61 -28.17 -31.62
N GLY M 6 5.09 -29.23 -30.98
CA GLY M 6 5.66 -29.11 -29.66
C GLY M 6 4.59 -28.88 -28.60
N TRP M 7 5.05 -28.48 -27.42
CA TRP M 7 4.15 -28.19 -26.31
C TRP M 7 3.59 -26.79 -26.44
N GLU M 8 3.03 -26.46 -27.60
CA GLU M 8 2.41 -25.16 -27.85
C GLU M 8 0.94 -25.27 -28.17
N SER M 9 0.57 -26.10 -29.14
CA SER M 9 -0.82 -26.25 -29.55
C SER M 9 -1.59 -27.27 -28.72
N TYR M 10 -0.89 -28.11 -27.95
CA TYR M 10 -1.53 -29.14 -27.14
C TYR M 10 -1.90 -28.65 -25.75
N TYR M 11 -1.52 -27.44 -25.37
CA TYR M 11 -1.88 -26.85 -24.10
C TYR M 11 -2.46 -25.47 -24.33
N LYS M 12 -3.55 -25.16 -23.63
CA LYS M 12 -4.26 -23.90 -23.76
C LYS M 12 -4.33 -23.21 -22.40
N THR M 13 -4.15 -21.89 -22.41
CA THR M 13 -4.19 -21.10 -21.18
C THR M 13 -3.18 -21.63 -20.16
N TYR M 35 -32.97 -18.44 -4.86
CA TYR M 35 -33.99 -19.40 -5.25
C TYR M 35 -34.01 -20.59 -4.30
N SER M 36 -32.87 -20.85 -3.66
CA SER M 36 -32.77 -21.96 -2.72
C SER M 36 -32.51 -21.45 -1.30
N GLY M 37 -32.80 -22.29 -0.32
CA GLY M 37 -32.62 -21.92 1.08
C GLY M 37 -33.77 -21.07 1.58
N ARG M 38 -33.54 -20.38 2.70
CA ARG M 38 -34.56 -19.52 3.29
C ARG M 38 -33.97 -18.16 3.64
N ASP M 39 -34.78 -17.11 3.55
CA ASP M 39 -34.30 -15.76 3.85
C ASP M 39 -34.10 -15.60 5.36
N SER M 40 -33.15 -14.74 5.72
CA SER M 40 -32.86 -14.43 7.11
C SER M 40 -32.69 -12.93 7.27
N LEU M 41 -32.88 -12.45 8.50
CA LEU M 41 -32.81 -11.03 8.79
C LEU M 41 -32.49 -10.85 10.26
N ILE M 42 -31.66 -9.84 10.56
CA ILE M 42 -31.28 -9.51 11.92
C ILE M 42 -31.57 -8.04 12.15
N PHE M 43 -32.27 -7.73 13.24
CA PHE M 43 -32.60 -6.36 13.60
C PHE M 43 -31.56 -5.83 14.58
N LEU M 44 -30.91 -4.74 14.21
CA LEU M 44 -29.94 -4.07 15.07
C LEU M 44 -30.52 -2.74 15.50
N VAL M 45 -30.68 -2.56 16.81
CA VAL M 45 -31.33 -1.38 17.37
C VAL M 45 -30.37 -0.70 18.34
N ASP M 46 -30.17 0.60 18.15
CA ASP M 46 -29.33 1.36 19.06
C ASP M 46 -30.00 1.49 20.42
N ALA M 47 -29.19 1.54 21.48
CA ALA M 47 -29.69 1.69 22.83
C ALA M 47 -29.16 2.96 23.49
N SER M 48 -28.63 3.89 22.71
CA SER M 48 -28.12 5.14 23.26
C SER M 48 -29.29 6.04 23.67
N LYS M 49 -29.01 6.94 24.63
CA LYS M 49 -30.05 7.86 25.09
C LYS M 49 -30.56 8.75 23.96
N ALA M 50 -29.73 8.97 22.92
CA ALA M 50 -30.16 9.81 21.80
C ALA M 50 -31.37 9.20 21.10
N MET M 51 -31.50 7.88 21.10
CA MET M 51 -32.64 7.23 20.48
C MET M 51 -33.92 7.33 21.29
N PHE M 52 -33.82 7.66 22.59
CA PHE M 52 -35.00 7.67 23.45
C PHE M 52 -35.70 9.02 23.47
N GLU M 53 -34.95 10.11 23.39
CA GLU M 53 -35.56 11.44 23.41
C GLU M 53 -36.38 11.65 22.15
N SER M 54 -37.55 12.27 22.32
CA SER M 54 -38.46 12.57 21.23
C SER M 54 -38.53 14.07 21.01
N GLN M 55 -38.60 14.49 19.75
CA GLN M 55 -38.64 15.90 19.41
C GLN M 55 -40.07 16.40 19.60
N SER M 56 -40.29 17.19 20.66
CA SER M 56 -41.61 17.71 20.96
C SER M 56 -42.59 16.58 21.25
N GLU M 57 -43.83 16.92 21.58
CA GLU M 57 -44.86 15.93 21.87
C GLU M 57 -45.62 15.62 20.58
N ASP M 58 -46.69 14.83 20.69
CA ASP M 58 -47.46 14.40 19.52
C ASP M 58 -46.57 13.70 18.51
N GLU M 59 -45.59 12.94 19.00
CA GLU M 59 -44.66 12.22 18.16
C GLU M 59 -44.19 10.99 18.89
N LEU M 60 -43.70 10.01 18.12
CA LEU M 60 -43.25 8.73 18.65
C LEU M 60 -41.73 8.70 18.65
N THR M 61 -41.14 8.27 19.76
CA THR M 61 -39.70 8.26 19.90
C THR M 61 -39.09 7.26 18.91
N PRO M 62 -37.85 7.52 18.45
CA PRO M 62 -37.27 6.65 17.41
C PRO M 62 -37.22 5.18 17.80
N PHE M 63 -36.91 4.86 19.06
CA PHE M 63 -36.88 3.47 19.48
C PHE M 63 -38.25 2.83 19.33
N ASP M 64 -39.30 3.59 19.65
CA ASP M 64 -40.65 3.07 19.47
C ASP M 64 -40.92 2.77 18.00
N MET M 65 -40.47 3.65 17.10
CA MET M 65 -40.61 3.37 15.67
C MET M 65 -39.88 2.10 15.28
N SER M 66 -38.67 1.91 15.81
CA SER M 66 -37.93 0.68 15.51
C SER M 66 -38.70 -0.54 15.98
N ILE M 67 -39.26 -0.49 17.19
CA ILE M 67 -40.01 -1.62 17.72
C ILE M 67 -41.25 -1.88 16.88
N GLN M 68 -41.95 -0.81 16.47
CA GLN M 68 -43.13 -0.98 15.62
C GLN M 68 -42.77 -1.64 14.30
N CYS M 69 -41.68 -1.20 13.68
CA CYS M 69 -41.24 -1.80 12.43
C CYS M 69 -40.88 -3.27 12.64
N ILE M 70 -40.20 -3.59 13.73
CA ILE M 70 -39.83 -4.97 14.00
C ILE M 70 -41.07 -5.83 14.15
N GLN M 71 -42.06 -5.35 14.90
CA GLN M 71 -43.30 -6.11 15.09
C GLN M 71 -44.04 -6.30 13.77
N SER M 72 -44.12 -5.25 12.95
CA SER M 72 -44.80 -5.37 11.66
C SER M 72 -44.10 -6.37 10.77
N VAL M 73 -42.76 -6.34 10.75
CA VAL M 73 -42.01 -7.31 9.95
C VAL M 73 -42.24 -8.72 10.48
N TYR M 74 -42.32 -8.88 11.81
CA TYR M 74 -42.56 -10.19 12.37
C TYR M 74 -43.92 -10.73 11.93
N ILE M 75 -44.96 -9.90 11.98
CA ILE M 75 -46.29 -10.35 11.56
C ILE M 75 -46.29 -10.68 10.07
N SER M 76 -45.68 -9.82 9.26
CA SER M 76 -45.63 -10.06 7.83
C SER M 76 -44.91 -11.36 7.51
N LYS M 77 -43.82 -11.65 8.23
CA LYS M 77 -43.10 -12.90 8.01
C LYS M 77 -43.94 -14.09 8.49
N ILE M 78 -44.65 -13.94 9.60
CA ILE M 78 -45.48 -15.03 10.09
C ILE M 78 -46.52 -15.41 9.04
N ILE M 79 -47.16 -14.43 8.43
CA ILE M 79 -48.21 -14.73 7.45
C ILE M 79 -47.61 -15.15 6.11
N SER M 80 -46.75 -14.32 5.52
CA SER M 80 -46.27 -14.57 4.17
C SER M 80 -45.42 -15.84 4.12
N SER M 81 -44.42 -15.95 4.99
CA SER M 81 -43.48 -17.07 4.93
C SER M 81 -42.98 -17.34 6.35
N ASP M 82 -43.52 -18.39 6.98
CA ASP M 82 -43.16 -18.72 8.35
C ASP M 82 -41.87 -19.51 8.46
N ARG M 83 -41.28 -19.94 7.33
CA ARG M 83 -40.05 -20.70 7.35
C ARG M 83 -38.80 -19.83 7.42
N ASP M 84 -38.94 -18.52 7.31
CA ASP M 84 -37.80 -17.63 7.38
C ASP M 84 -37.30 -17.50 8.81
N LEU M 85 -36.08 -16.94 8.95
CA LEU M 85 -35.43 -16.78 10.23
C LEU M 85 -35.27 -15.30 10.54
N LEU M 86 -35.56 -14.93 11.79
CA LEU M 86 -35.42 -13.56 12.25
C LEU M 86 -34.71 -13.53 13.59
N ALA M 87 -33.95 -12.47 13.83
CA ALA M 87 -33.22 -12.29 15.07
C ALA M 87 -33.24 -10.82 15.46
N VAL M 88 -33.14 -10.58 16.77
CA VAL M 88 -33.16 -9.23 17.33
C VAL M 88 -31.98 -9.10 18.28
N VAL M 89 -31.12 -8.10 18.03
CA VAL M 89 -29.93 -7.87 18.82
C VAL M 89 -29.89 -6.38 19.19
N PHE M 90 -29.57 -6.10 20.46
CA PHE M 90 -29.43 -4.74 20.95
C PHE M 90 -27.98 -4.48 21.36
N TYR M 91 -27.50 -3.27 21.11
CA TYR M 91 -26.15 -2.88 21.48
C TYR M 91 -26.21 -1.52 22.19
N GLY M 92 -25.17 -1.25 22.97
CA GLY M 92 -25.11 -0.01 23.73
C GLY M 92 -25.89 -0.12 25.03
N THR M 93 -25.86 -1.30 25.64
CA THR M 93 -26.57 -1.57 26.88
C THR M 93 -25.59 -1.99 27.96
N GLU M 94 -25.95 -1.69 29.22
CA GLU M 94 -25.09 -2.07 30.33
C GLU M 94 -24.93 -3.58 30.41
N LYS M 95 -26.02 -4.32 30.23
CA LYS M 95 -25.96 -5.77 30.24
C LYS M 95 -25.48 -6.30 28.89
N ASP M 96 -25.05 -7.55 28.88
CA ASP M 96 -24.58 -8.19 27.67
C ASP M 96 -24.99 -9.66 27.68
N LYS M 97 -25.20 -10.21 26.49
CA LYS M 97 -25.57 -11.61 26.35
C LYS M 97 -25.32 -12.05 24.92
N ASN M 98 -24.49 -13.08 24.74
CA ASN M 98 -24.19 -13.61 23.42
C ASN M 98 -23.28 -14.83 23.61
N SER M 99 -23.14 -15.60 22.53
CA SER M 99 -22.33 -16.82 22.57
C SER M 99 -20.84 -16.54 22.72
N VAL M 100 -20.41 -15.29 22.56
CA VAL M 100 -19.00 -14.94 22.63
C VAL M 100 -18.66 -14.04 23.81
N ASN M 101 -19.68 -13.49 24.49
CA ASN M 101 -19.49 -12.67 25.70
C ASN M 101 -18.92 -11.29 25.39
N PHE M 102 -19.09 -10.80 24.17
CA PHE M 102 -18.65 -9.45 23.84
C PHE M 102 -19.46 -8.43 24.64
N LYS M 103 -18.76 -7.46 25.23
CA LYS M 103 -19.40 -6.51 26.13
C LYS M 103 -20.32 -5.56 25.37
N ASN M 104 -21.36 -5.09 26.05
CA ASN M 104 -22.34 -4.16 25.52
C ASN M 104 -23.14 -4.75 24.37
N ILE M 105 -23.17 -6.08 24.25
CA ILE M 105 -23.89 -6.77 23.19
C ILE M 105 -24.90 -7.70 23.85
N TYR M 106 -26.17 -7.55 23.48
CA TYR M 106 -27.26 -8.38 24.01
C TYR M 106 -28.08 -8.91 22.84
N VAL M 107 -28.01 -10.21 22.61
CA VAL M 107 -28.79 -10.86 21.56
C VAL M 107 -30.11 -11.26 22.20
N LEU M 108 -31.12 -10.38 22.06
CA LEU M 108 -32.41 -10.65 22.69
C LEU M 108 -33.05 -11.91 22.11
N GLN M 109 -32.98 -12.07 20.79
CA GLN M 109 -33.59 -13.23 20.13
C GLN M 109 -32.63 -13.73 19.06
N GLU M 110 -32.23 -14.99 19.17
CA GLU M 110 -31.36 -15.60 18.16
C GLU M 110 -32.17 -15.93 16.90
N LEU M 111 -31.46 -16.26 15.83
CA LEU M 111 -32.10 -16.59 14.56
C LEU M 111 -32.98 -17.82 14.71
N ASP M 112 -34.29 -17.64 14.58
CA ASP M 112 -35.24 -18.74 14.69
C ASP M 112 -36.50 -18.35 13.95
N ASN M 113 -37.35 -19.34 13.69
CA ASN M 113 -38.59 -19.09 12.97
C ASN M 113 -39.47 -18.13 13.78
N PRO M 114 -40.12 -17.17 13.13
CA PRO M 114 -40.94 -16.22 13.88
C PRO M 114 -42.13 -16.90 14.56
N GLY M 115 -42.53 -16.35 15.69
CA GLY M 115 -43.66 -16.90 16.43
C GLY M 115 -44.36 -15.82 17.22
N ALA M 116 -45.57 -16.15 17.68
CA ALA M 116 -46.35 -15.19 18.46
C ALA M 116 -45.66 -14.86 19.78
N LYS M 117 -44.94 -15.82 20.36
CA LYS M 117 -44.26 -15.57 21.63
C LYS M 117 -43.22 -14.47 21.48
N ARG M 118 -42.47 -14.48 20.37
CA ARG M 118 -41.46 -13.45 20.15
C ARG M 118 -42.11 -12.07 20.02
N ILE M 119 -43.23 -11.99 19.31
CA ILE M 119 -43.93 -10.71 19.17
C ILE M 119 -44.43 -10.23 20.53
N LEU M 120 -44.98 -11.14 21.33
CA LEU M 120 -45.45 -10.75 22.66
C LEU M 120 -44.29 -10.27 23.52
N GLU M 121 -43.15 -10.95 23.45
CA GLU M 121 -41.97 -10.52 24.20
C GLU M 121 -41.53 -9.12 23.77
N LEU M 122 -41.49 -8.87 22.46
CA LEU M 122 -41.11 -7.55 21.98
C LEU M 122 -42.14 -6.49 22.39
N ASP M 123 -43.40 -6.90 22.56
CA ASP M 123 -44.44 -5.96 22.96
C ASP M 123 -44.19 -5.36 24.34
N GLN M 124 -43.31 -5.97 25.14
CA GLN M 124 -43.04 -5.45 26.47
C GLN M 124 -42.47 -4.04 26.41
N PHE M 125 -41.57 -3.79 25.45
CA PHE M 125 -40.95 -2.47 25.31
C PHE M 125 -41.77 -1.50 24.49
N LYS M 126 -42.94 -1.92 23.99
CA LYS M 126 -43.73 -1.07 23.11
C LYS M 126 -44.16 0.22 23.82
N GLY M 127 -44.64 0.09 25.05
CA GLY M 127 -45.16 1.24 25.77
C GLY M 127 -44.09 2.03 26.50
N GLN M 128 -44.51 3.18 27.05
CA GLN M 128 -43.60 4.00 27.84
C GLN M 128 -43.10 3.24 29.06
N GLN M 129 -44.01 2.53 29.75
CA GLN M 129 -43.56 1.60 30.78
C GLN M 129 -42.64 0.55 30.18
N GLY M 130 -42.86 0.20 28.91
CA GLY M 130 -41.91 -0.66 28.23
C GLY M 130 -40.54 -0.02 28.08
N GLN M 131 -40.51 1.29 27.81
CA GLN M 131 -39.24 2.01 27.74
C GLN M 131 -38.55 2.00 29.10
N LYS M 132 -39.30 2.21 30.18
CA LYS M 132 -38.71 2.14 31.50
C LYS M 132 -38.19 0.74 31.80
N ARG M 133 -38.92 -0.29 31.39
CA ARG M 133 -38.45 -1.66 31.56
C ARG M 133 -37.15 -1.89 30.80
N PHE M 134 -37.07 -1.38 29.56
CA PHE M 134 -35.82 -1.44 28.81
C PHE M 134 -34.69 -0.80 29.62
N GLN M 135 -34.91 0.42 30.11
CA GLN M 135 -33.87 1.12 30.84
C GLN M 135 -33.42 0.34 32.07
N ASP M 136 -34.37 -0.25 32.79
CA ASP M 136 -34.03 -0.94 34.03
C ASP M 136 -33.38 -2.30 33.79
N MET M 137 -33.78 -3.00 32.73
CA MET M 137 -33.32 -4.36 32.50
C MET M 137 -32.11 -4.45 31.59
N MET M 138 -31.80 -3.39 30.85
CA MET M 138 -30.64 -3.39 29.95
C MET M 138 -29.75 -2.16 30.09
N GLY M 139 -30.25 -1.05 30.62
CA GLY M 139 -29.45 0.15 30.72
C GLY M 139 -29.39 0.90 29.39
N HIS M 140 -28.57 1.95 29.38
CA HIS M 140 -28.39 2.77 28.19
C HIS M 140 -27.18 3.66 28.40
N GLY M 141 -26.73 4.27 27.31
CA GLY M 141 -25.63 5.21 27.36
C GLY M 141 -24.25 4.59 27.40
N SER M 142 -24.14 3.27 27.39
CA SER M 142 -22.84 2.62 27.44
C SER M 142 -22.14 2.73 26.10
N ASP M 143 -20.82 2.92 26.15
CA ASP M 143 -20.03 2.99 24.94
C ASP M 143 -19.99 1.64 24.24
N TYR M 144 -19.80 1.68 22.92
CA TYR M 144 -19.81 0.47 22.11
C TYR M 144 -18.91 0.66 20.90
N SER M 145 -18.51 -0.45 20.30
CA SER M 145 -17.74 -0.47 19.06
C SER M 145 -18.50 -1.29 18.03
N LEU M 146 -18.57 -0.77 16.80
CA LEU M 146 -19.34 -1.44 15.76
C LEU M 146 -18.77 -2.82 15.45
N SER M 147 -17.45 -2.94 15.40
CA SER M 147 -16.83 -4.21 15.04
C SER M 147 -17.36 -5.34 15.91
N GLU M 148 -17.57 -5.08 17.20
CA GLU M 148 -18.12 -6.09 18.09
C GLU M 148 -19.53 -6.50 17.64
N VAL M 149 -20.35 -5.52 17.26
CA VAL M 149 -21.71 -5.80 16.81
C VAL M 149 -21.69 -6.65 15.55
N LEU M 150 -20.83 -6.30 14.60
CA LEU M 150 -20.76 -7.07 13.36
C LEU M 150 -20.22 -8.47 13.62
N TRP M 151 -19.30 -8.62 14.58
CA TRP M 151 -18.81 -9.93 14.98
C TRP M 151 -19.95 -10.79 15.51
N VAL M 152 -20.76 -10.25 16.41
CA VAL M 152 -21.86 -11.05 16.97
C VAL M 152 -22.87 -11.38 15.87
N CYS M 153 -23.12 -10.45 14.95
CA CYS M 153 -24.05 -10.73 13.86
C CYS M 153 -23.52 -11.86 12.98
N ALA M 154 -22.23 -11.83 12.65
CA ALA M 154 -21.65 -12.91 11.84
C ALA M 154 -21.73 -14.24 12.58
N ASN M 155 -21.47 -14.24 13.89
CA ASN M 155 -21.57 -15.47 14.66
C ASN M 155 -23.00 -16.00 14.65
N LEU M 156 -23.99 -15.11 14.78
CA LEU M 156 -25.39 -15.53 14.73
C LEU M 156 -25.72 -16.14 13.36
N PHE M 157 -25.23 -15.52 12.29
CA PHE M 157 -25.46 -16.08 10.96
C PHE M 157 -24.83 -17.47 10.83
N SER M 158 -23.63 -17.63 11.36
CA SER M 158 -22.94 -18.91 11.23
C SER M 158 -23.57 -19.99 12.11
N ASP M 159 -24.25 -19.59 13.19
CA ASP M 159 -24.77 -20.58 14.13
C ASP M 159 -25.80 -21.49 13.48
N VAL M 160 -26.72 -20.92 12.71
CA VAL M 160 -27.80 -21.71 12.13
C VAL M 160 -27.24 -22.65 11.07
N GLN M 161 -27.98 -23.75 10.82
CA GLN M 161 -27.53 -24.78 9.89
C GLN M 161 -28.32 -24.83 8.59
N PHE M 162 -29.53 -24.29 8.56
CA PHE M 162 -30.34 -24.33 7.35
C PHE M 162 -29.69 -23.51 6.23
N LYS M 163 -29.93 -23.93 4.99
CA LYS M 163 -29.40 -23.22 3.84
C LYS M 163 -29.87 -21.77 3.86
N MET M 164 -28.97 -20.85 3.52
CA MET M 164 -29.21 -19.42 3.69
C MET M 164 -29.26 -18.79 2.29
N SER M 165 -30.47 -18.65 1.75
CA SER M 165 -30.62 -18.01 0.45
C SER M 165 -30.17 -16.56 0.51
N HIS M 166 -30.53 -15.85 1.57
CA HIS M 166 -30.15 -14.45 1.75
C HIS M 166 -29.73 -14.22 3.19
N LYS M 167 -28.83 -13.25 3.38
CA LYS M 167 -28.39 -12.84 4.71
C LYS M 167 -28.43 -11.32 4.76
N ARG M 168 -29.31 -10.78 5.62
CA ARG M 168 -29.54 -9.36 5.69
C ARG M 168 -29.41 -8.86 7.12
N ILE M 169 -28.78 -7.71 7.27
CA ILE M 169 -28.67 -7.02 8.57
C ILE M 169 -29.20 -5.61 8.38
N MET M 170 -30.27 -5.28 9.10
CA MET M 170 -30.88 -3.95 9.05
C MET M 170 -30.58 -3.25 10.37
N LEU M 171 -29.82 -2.16 10.29
CA LEU M 171 -29.38 -1.43 11.48
C LEU M 171 -30.32 -0.24 11.69
N PHE M 172 -30.98 -0.21 12.84
CA PHE M 172 -31.85 0.89 13.23
C PHE M 172 -31.08 1.79 14.17
N THR M 173 -30.78 3.00 13.71
CA THR M 173 -30.00 3.94 14.51
C THR M 173 -30.31 5.36 14.02
N ASN M 174 -29.96 6.34 14.87
CA ASN M 174 -30.14 7.74 14.54
C ASN M 174 -28.86 8.53 14.77
N GLU M 175 -27.71 7.87 14.60
CA GLU M 175 -26.41 8.49 14.77
C GLU M 175 -25.63 8.37 13.47
N ASP M 176 -24.99 9.47 13.06
CA ASP M 176 -24.22 9.47 11.82
C ASP M 176 -22.87 8.78 12.01
N ASN M 177 -22.04 9.31 12.92
CA ASN M 177 -20.70 8.79 13.17
C ASN M 177 -20.56 8.53 14.66
N PRO M 178 -20.95 7.33 15.13
CA PRO M 178 -20.83 7.05 16.56
C PRO M 178 -19.41 7.17 17.09
N HIS M 179 -18.41 6.83 16.27
CA HIS M 179 -17.01 6.97 16.66
C HIS M 179 -16.45 8.31 16.16
N GLY M 180 -17.02 9.39 16.68
CA GLY M 180 -16.59 10.72 16.33
C GLY M 180 -15.33 11.20 17.02
N ASN M 181 -14.77 10.39 17.92
CA ASN M 181 -13.55 10.76 18.64
C ASN M 181 -12.42 9.76 18.47
N ASP M 182 -12.69 8.55 17.98
CA ASP M 182 -11.68 7.53 17.78
C ASP M 182 -11.67 7.08 16.34
N SER M 183 -10.47 6.93 15.78
CA SER M 183 -10.29 6.46 14.41
C SER M 183 -10.03 4.97 14.32
N ALA M 184 -9.42 4.38 15.35
CA ALA M 184 -9.18 2.94 15.34
C ALA M 184 -10.50 2.16 15.32
N LYS M 185 -11.47 2.61 16.12
CA LYS M 185 -12.77 1.94 16.12
C LYS M 185 -13.45 2.05 14.77
N ALA M 186 -13.36 3.23 14.14
CA ALA M 186 -13.95 3.39 12.81
C ALA M 186 -13.27 2.48 11.79
N SER M 187 -11.95 2.38 11.85
CA SER M 187 -11.24 1.50 10.92
C SER M 187 -11.63 0.04 11.15
N ARG M 188 -11.75 -0.37 12.41
CA ARG M 188 -12.17 -1.74 12.70
C ARG M 188 -13.56 -2.01 12.15
N ALA M 189 -14.48 -1.05 12.34
CA ALA M 189 -15.84 -1.22 11.82
C ALA M 189 -15.82 -1.30 10.29
N ARG M 190 -15.00 -0.46 9.65
CA ARG M 190 -14.94 -0.47 8.19
C ARG M 190 -14.42 -1.82 7.67
N THR M 191 -13.34 -2.32 8.27
CA THR M 191 -12.78 -3.59 7.79
C THR M 191 -13.76 -4.73 8.05
N LYS M 192 -14.45 -4.71 9.19
CA LYS M 192 -15.41 -5.79 9.45
C LYS M 192 -16.60 -5.70 8.52
N ALA M 193 -17.07 -4.50 8.21
CA ALA M 193 -18.15 -4.35 7.24
C ALA M 193 -17.73 -4.86 5.88
N GLY M 194 -16.50 -4.56 5.46
CA GLY M 194 -16.00 -5.09 4.20
C GLY M 194 -15.94 -6.60 4.21
N ASP M 195 -15.47 -7.19 5.31
CA ASP M 195 -15.40 -8.64 5.41
C ASP M 195 -16.78 -9.27 5.32
N LEU M 196 -17.75 -8.71 6.03
CA LEU M 196 -19.11 -9.26 5.98
C LEU M 196 -19.71 -9.11 4.59
N ARG M 197 -19.48 -7.97 3.94
CA ARG M 197 -19.97 -7.80 2.57
C ARG M 197 -19.34 -8.83 1.64
N ASP M 198 -18.05 -9.11 1.81
CA ASP M 198 -17.40 -10.13 1.00
C ASP M 198 -18.01 -11.51 1.26
N THR M 199 -18.30 -11.82 2.52
CA THR M 199 -18.85 -13.13 2.85
C THR M 199 -20.23 -13.35 2.25
N GLY M 200 -20.92 -12.27 1.86
CA GLY M 200 -22.25 -12.39 1.28
C GLY M 200 -23.35 -11.96 2.22
N ILE M 201 -23.09 -10.90 3.00
CA ILE M 201 -24.06 -10.34 3.92
C ILE M 201 -24.42 -8.94 3.45
N PHE M 202 -25.71 -8.66 3.32
CA PHE M 202 -26.21 -7.39 2.81
C PHE M 202 -26.68 -6.53 3.98
N LEU M 203 -26.13 -5.33 4.08
CA LEU M 203 -26.38 -4.43 5.20
C LEU M 203 -27.18 -3.22 4.74
N ASP M 204 -28.25 -2.91 5.46
CA ASP M 204 -29.07 -1.72 5.21
C ASP M 204 -29.18 -0.92 6.51
N LEU M 205 -29.43 0.38 6.35
CA LEU M 205 -29.53 1.30 7.47
C LEU M 205 -30.88 2.00 7.42
N MET M 206 -31.63 1.93 8.52
CA MET M 206 -32.89 2.64 8.65
C MET M 206 -32.66 3.82 9.59
N HIS M 207 -32.18 4.92 9.02
CA HIS M 207 -31.88 6.10 9.82
C HIS M 207 -33.16 6.77 10.30
N LEU M 208 -33.22 7.06 11.59
CA LEU M 208 -34.40 7.64 12.23
C LEU M 208 -34.20 9.13 12.45
N LYS M 209 -35.14 9.74 13.17
CA LYS M 209 -35.11 11.18 13.38
C LYS M 209 -33.87 11.60 14.17
N LYS M 210 -33.35 12.78 13.82
CA LYS M 210 -32.26 13.39 14.55
C LYS M 210 -32.48 14.89 14.43
N PRO M 211 -32.42 15.65 15.55
CA PRO M 211 -32.73 17.09 15.48
C PRO M 211 -31.95 17.83 14.40
N GLY M 212 -30.62 17.73 14.43
CA GLY M 212 -29.79 18.43 13.47
C GLY M 212 -30.01 17.97 12.04
N GLY M 213 -29.65 16.71 11.76
CA GLY M 213 -29.79 16.15 10.44
C GLY M 213 -28.94 14.91 10.25
N PHE M 214 -29.48 13.91 9.56
CA PHE M 214 -28.81 12.64 9.37
C PHE M 214 -28.23 12.58 7.95
N ASP M 215 -26.93 12.31 7.87
CA ASP M 215 -26.23 12.15 6.60
C ASP M 215 -25.54 10.80 6.57
N ILE M 216 -25.65 10.11 5.43
CA ILE M 216 -25.07 8.78 5.30
C ILE M 216 -23.63 8.82 4.80
N SER M 217 -23.22 9.90 4.12
CA SER M 217 -21.88 9.95 3.55
C SER M 217 -20.80 10.19 4.60
N LEU M 218 -21.17 10.67 5.79
CA LEU M 218 -20.15 11.01 6.79
C LEU M 218 -19.37 9.79 7.23
N PHE M 219 -20.07 8.73 7.65
CA PHE M 219 -19.43 7.55 8.21
C PHE M 219 -19.87 6.25 7.56
N TYR M 220 -21.15 6.14 7.19
CA TYR M 220 -21.71 4.88 6.71
C TYR M 220 -21.49 4.65 5.22
N ARG M 221 -20.86 5.60 4.52
CA ARG M 221 -20.61 5.41 3.09
C ARG M 221 -19.80 4.15 2.83
N ASP M 222 -18.92 3.77 3.76
CA ASP M 222 -18.07 2.60 3.60
C ASP M 222 -18.67 1.34 4.19
N ILE M 223 -19.86 1.42 4.78
CA ILE M 223 -20.49 0.27 5.43
C ILE M 223 -21.66 -0.26 4.61
N ILE M 224 -22.50 0.62 4.07
CA ILE M 224 -23.67 0.17 3.33
C ILE M 224 -23.22 -0.62 2.12
N SER M 225 -23.81 -1.80 1.93
CA SER M 225 -23.41 -2.67 0.83
C SER M 225 -23.68 -2.02 -0.52
N ILE M 226 -24.84 -1.40 -0.68
CA ILE M 226 -25.24 -0.77 -1.93
C ILE M 226 -25.69 0.66 -1.64
N ALA M 227 -25.16 1.61 -2.41
CA ALA M 227 -25.52 3.01 -2.27
C ALA M 227 -26.46 3.41 -3.40
N GLU M 228 -27.61 3.98 -3.03
CA GLU M 228 -28.60 4.37 -4.02
C GLU M 228 -28.07 5.52 -4.88
N ASP M 229 -28.83 5.85 -5.92
CA ASP M 229 -28.42 6.93 -6.82
C ASP M 229 -28.34 8.26 -6.09
N GLU M 230 -29.34 8.55 -5.24
CA GLU M 230 -29.40 9.81 -4.50
C GLU M 230 -29.52 9.47 -3.02
N ASP M 231 -28.38 9.27 -2.36
CA ASP M 231 -28.35 8.99 -0.93
C ASP M 231 -27.30 9.79 -0.17
N LEU M 232 -26.37 10.47 -0.85
CA LEU M 232 -25.34 11.23 -0.15
C LEU M 232 -25.87 12.54 0.44
N ARG M 233 -27.08 12.94 0.09
CA ARG M 233 -27.64 14.18 0.61
C ARG M 233 -27.99 14.02 2.10
N VAL M 234 -28.09 15.16 2.78
CA VAL M 234 -28.46 15.16 4.19
C VAL M 234 -29.94 14.83 4.30
N HIS M 235 -30.26 13.85 5.15
CA HIS M 235 -31.62 13.39 5.35
C HIS M 235 -32.17 13.99 6.64
N PHE M 236 -33.31 14.67 6.53
CA PHE M 236 -33.98 15.25 7.69
C PHE M 236 -35.14 14.38 8.17
N GLU M 237 -36.05 14.01 7.28
CA GLU M 237 -37.15 13.14 7.65
C GLU M 237 -36.65 11.70 7.84
N GLU M 238 -37.40 10.94 8.65
CA GLU M 238 -37.06 9.55 8.88
C GLU M 238 -36.99 8.78 7.57
N SER M 239 -36.33 7.62 7.63
CA SER M 239 -36.07 6.85 6.42
C SER M 239 -37.38 6.44 5.75
N SER M 240 -37.39 6.48 4.41
CA SER M 240 -38.59 6.12 3.68
C SER M 240 -38.93 4.63 3.82
N LYS M 241 -37.91 3.78 3.97
CA LYS M 241 -38.16 2.35 4.10
C LYS M 241 -39.01 2.02 5.32
N LEU M 242 -39.05 2.91 6.31
CA LEU M 242 -39.88 2.67 7.49
C LEU M 242 -41.35 2.56 7.10
N GLU M 243 -41.81 3.41 6.18
CA GLU M 243 -43.20 3.34 5.75
C GLU M 243 -43.50 1.99 5.11
N ASP M 244 -42.60 1.51 4.25
CA ASP M 244 -42.81 0.19 3.64
C ASP M 244 -42.81 -0.91 4.68
N LEU M 245 -41.90 -0.84 5.65
CA LEU M 245 -41.84 -1.88 6.69
C LEU M 245 -43.12 -1.89 7.51
N LEU M 246 -43.63 -0.71 7.88
CA LEU M 246 -44.85 -0.64 8.67
C LEU M 246 -46.07 -1.12 7.90
N ARG M 247 -45.99 -1.18 6.58
CA ARG M 247 -47.12 -1.62 5.74
C ARG M 247 -47.23 -3.14 5.84
N LYS M 248 -48.11 -3.61 6.72
CA LYS M 248 -48.28 -5.05 6.89
C LYS M 248 -48.85 -5.67 5.62
N VAL M 249 -48.34 -6.84 5.27
CA VAL M 249 -48.79 -7.61 4.12
C VAL M 249 -49.32 -8.95 4.63
N ARG M 250 -50.52 -9.31 4.23
CA ARG M 250 -51.18 -10.54 4.64
C ARG M 250 -51.49 -11.35 3.39
N ALA M 251 -50.53 -12.16 2.96
CA ALA M 251 -50.70 -13.00 1.78
C ALA M 251 -49.58 -14.03 1.75
N LYS M 252 -49.94 -15.31 1.73
CA LYS M 252 -48.94 -16.37 1.67
C LYS M 252 -48.11 -16.23 0.41
N GLU M 253 -46.80 -16.40 0.56
CA GLU M 253 -45.85 -16.29 -0.54
C GLU M 253 -45.20 -17.64 -0.78
N THR M 254 -45.22 -18.10 -2.03
CA THR M 254 -44.66 -19.37 -2.44
C THR M 254 -43.54 -19.13 -3.44
N ARG M 255 -42.39 -19.75 -3.20
CA ARG M 255 -41.27 -19.61 -4.13
C ARG M 255 -41.58 -20.32 -5.44
N LYS M 256 -40.86 -19.92 -6.49
CA LYS M 256 -41.04 -20.52 -7.80
C LYS M 256 -40.83 -22.03 -7.72
N ARG M 257 -41.76 -22.79 -8.28
CA ARG M 257 -41.69 -24.24 -8.24
C ARG M 257 -42.46 -24.80 -9.42
N ALA M 258 -41.91 -25.84 -10.04
CA ALA M 258 -42.52 -26.47 -11.20
C ALA M 258 -43.50 -27.54 -10.74
N LEU M 259 -44.75 -27.43 -11.17
CA LEU M 259 -45.74 -28.45 -10.84
C LEU M 259 -45.34 -29.80 -11.40
N SER M 260 -44.84 -29.83 -12.64
CA SER M 260 -44.39 -31.06 -13.25
C SER M 260 -43.34 -30.75 -14.31
N ARG M 261 -42.53 -31.76 -14.62
CA ARG M 261 -41.53 -31.70 -15.68
C ARG M 261 -41.97 -32.71 -16.74
N LEU M 262 -42.75 -32.24 -17.70
CA LEU M 262 -43.33 -33.11 -18.71
C LEU M 262 -42.46 -33.11 -19.96
N LYS M 263 -42.85 -33.93 -20.94
CA LYS M 263 -42.07 -34.19 -22.14
C LYS M 263 -42.95 -33.93 -23.35
N LEU M 264 -42.86 -32.72 -23.91
CA LEU M 264 -43.57 -32.41 -25.13
C LEU M 264 -43.03 -33.27 -26.28
N LYS M 265 -43.94 -33.82 -27.07
CA LYS M 265 -43.58 -34.77 -28.13
C LYS M 265 -44.18 -34.28 -29.45
N LEU M 266 -43.38 -33.53 -30.21
CA LEU M 266 -43.79 -33.20 -31.58
C LEU M 266 -43.90 -34.44 -32.45
N ASN M 267 -43.18 -35.51 -32.09
CA ASN M 267 -43.25 -36.76 -32.82
C ASN M 267 -42.71 -37.86 -31.89
N LYS M 268 -42.91 -39.10 -32.31
CA LYS M 268 -42.43 -40.23 -31.51
C LYS M 268 -40.93 -40.14 -31.27
N ASP M 269 -40.20 -39.48 -32.16
CA ASP M 269 -38.76 -39.32 -32.03
C ASP M 269 -38.36 -37.94 -31.52
N ILE M 270 -39.04 -36.88 -31.96
CA ILE M 270 -38.73 -35.53 -31.52
C ILE M 270 -39.39 -35.28 -30.18
N VAL M 271 -38.61 -34.87 -29.19
CA VAL M 271 -39.10 -34.70 -27.83
C VAL M 271 -38.29 -33.60 -27.15
N ILE M 272 -38.96 -32.79 -26.33
CA ILE M 272 -38.32 -31.74 -25.56
C ILE M 272 -38.94 -31.68 -24.17
N SER M 273 -38.09 -31.58 -23.15
CA SER M 273 -38.56 -31.47 -21.78
C SER M 273 -38.99 -30.05 -21.46
N VAL M 274 -40.14 -29.92 -20.82
CA VAL M 274 -40.69 -28.61 -20.44
C VAL M 274 -41.17 -28.68 -18.99
N GLY M 275 -41.25 -27.52 -18.37
CA GLY M 275 -41.74 -27.38 -17.01
C GLY M 275 -43.06 -26.65 -16.98
N ILE M 276 -43.96 -27.08 -16.09
CA ILE M 276 -45.30 -26.53 -15.97
C ILE M 276 -45.44 -25.85 -14.63
N TYR M 277 -45.92 -24.60 -14.66
CA TYR M 277 -46.13 -23.79 -13.47
C TYR M 277 -47.56 -23.27 -13.46
N ASN M 278 -48.00 -22.78 -12.31
CA ASN M 278 -49.32 -22.17 -12.15
C ASN M 278 -49.12 -20.71 -11.72
N LEU M 279 -49.32 -19.79 -12.66
CA LEU M 279 -49.19 -18.38 -12.34
C LEU M 279 -50.36 -17.87 -11.50
N VAL M 280 -51.52 -18.50 -11.64
CA VAL M 280 -52.70 -18.16 -10.84
C VAL M 280 -53.14 -19.44 -10.13
N GLN M 281 -53.25 -19.37 -8.80
CA GLN M 281 -53.65 -20.50 -7.98
C GLN M 281 -54.56 -20.01 -6.87
N LYS M 282 -55.64 -20.75 -6.62
CA LYS M 282 -56.57 -20.37 -5.57
C LYS M 282 -55.86 -20.36 -4.22
N ALA M 283 -56.10 -19.32 -3.44
CA ALA M 283 -55.49 -19.15 -2.12
C ALA M 283 -56.49 -19.62 -1.06
N LEU M 284 -56.29 -20.82 -0.56
CA LEU M 284 -57.14 -21.37 0.48
C LEU M 284 -56.56 -21.05 1.85
N LYS M 285 -57.44 -20.95 2.84
CA LYS M 285 -57.00 -20.70 4.20
C LYS M 285 -56.20 -21.90 4.73
N PRO M 286 -55.25 -21.67 5.64
CA PRO M 286 -54.43 -22.78 6.12
C PRO M 286 -55.28 -23.89 6.70
N PRO M 287 -54.95 -25.14 6.42
CA PRO M 287 -55.79 -26.25 6.92
C PRO M 287 -55.80 -26.28 8.43
N PRO M 288 -56.93 -26.62 9.05
CA PRO M 288 -56.97 -26.75 10.51
C PRO M 288 -56.54 -28.14 10.95
N ILE M 289 -56.24 -28.25 12.23
CA ILE M 289 -55.83 -29.52 12.84
C ILE M 289 -56.58 -29.70 14.15
N LYS M 290 -56.40 -30.88 14.76
CA LYS M 290 -57.10 -31.25 15.97
C LYS M 290 -56.15 -31.15 17.15
N LEU M 291 -56.61 -30.51 18.23
CA LEU M 291 -55.84 -30.35 19.44
C LEU M 291 -56.60 -30.97 20.61
N TYR M 292 -55.85 -31.55 21.55
CA TYR M 292 -56.47 -32.08 22.76
C TYR M 292 -56.87 -30.92 23.67
N ARG M 293 -58.13 -30.94 24.11
CA ARG M 293 -58.66 -29.81 24.86
C ARG M 293 -57.89 -29.57 26.15
N GLU M 294 -57.60 -30.65 26.89
CA GLU M 294 -56.97 -30.50 28.20
C GLU M 294 -55.57 -29.90 28.08
N THR M 295 -54.65 -30.62 27.42
CA THR M 295 -53.27 -30.18 27.34
C THR M 295 -53.01 -29.21 26.19
N ASN M 296 -53.91 -29.15 25.20
CA ASN M 296 -53.76 -28.22 24.08
C ASN M 296 -52.50 -28.52 23.27
N GLU M 297 -52.35 -29.78 22.88
CA GLU M 297 -51.25 -30.21 22.04
C GLU M 297 -51.78 -31.03 20.87
N PRO M 298 -51.07 -31.02 19.74
CA PRO M 298 -51.60 -31.71 18.55
C PRO M 298 -51.79 -33.20 18.80
N VAL M 299 -52.86 -33.75 18.24
CA VAL M 299 -53.18 -35.17 18.35
C VAL M 299 -52.97 -35.81 16.99
N LYS M 300 -52.82 -37.13 17.00
CA LYS M 300 -52.56 -37.90 15.79
C LYS M 300 -53.86 -38.51 15.26
N THR M 301 -54.00 -38.50 13.93
CA THR M 301 -55.15 -39.05 13.25
C THR M 301 -54.76 -40.38 12.61
N LYS M 302 -55.52 -41.43 12.91
CA LYS M 302 -55.27 -42.75 12.37
C LYS M 302 -56.60 -43.39 11.97
N THR M 303 -56.60 -44.07 10.81
CA THR M 303 -57.77 -44.75 10.30
C THR M 303 -57.40 -46.18 9.93
N ARG M 304 -58.36 -47.08 10.07
CA ARG M 304 -58.14 -48.48 9.77
C ARG M 304 -59.47 -49.14 9.47
N THR M 305 -59.40 -50.29 8.80
CA THR M 305 -60.59 -51.06 8.43
C THR M 305 -60.37 -52.51 8.84
N PHE M 306 -61.37 -53.09 9.50
CA PHE M 306 -61.34 -54.49 9.91
C PHE M 306 -62.69 -55.13 9.63
N ASN M 307 -62.66 -56.44 9.41
CA ASN M 307 -63.89 -57.18 9.14
C ASN M 307 -64.83 -57.07 10.34
N THR M 308 -66.12 -56.86 10.05
CA THR M 308 -67.11 -56.74 11.12
C THR M 308 -67.22 -58.02 11.92
N SER M 309 -66.97 -59.17 11.29
CA SER M 309 -67.06 -60.46 11.97
C SER M 309 -65.70 -60.90 12.52
N THR M 310 -64.70 -61.00 11.64
CA THR M 310 -63.38 -61.44 12.10
C THR M 310 -62.77 -60.44 13.07
N GLY M 311 -62.97 -59.14 12.82
CA GLY M 311 -62.39 -58.12 13.68
C GLY M 311 -60.88 -58.06 13.62
N GLY M 312 -60.30 -58.21 12.43
CA GLY M 312 -58.87 -58.14 12.27
C GLY M 312 -58.51 -57.14 11.18
N LEU M 313 -57.25 -56.69 11.24
CA LEU M 313 -56.78 -55.70 10.29
C LEU M 313 -56.95 -56.19 8.86
N LEU M 314 -57.51 -55.34 8.01
CA LEU M 314 -57.81 -55.67 6.62
C LEU M 314 -57.01 -54.75 5.72
N LEU M 315 -56.23 -55.33 4.81
CA LEU M 315 -55.41 -54.56 3.88
C LEU M 315 -56.20 -54.26 2.62
N PRO M 316 -55.78 -53.23 1.86
CA PRO M 316 -56.50 -52.93 0.61
C PRO M 316 -56.47 -54.06 -0.39
N SER M 317 -55.47 -54.93 -0.34
CA SER M 317 -55.37 -56.02 -1.31
C SER M 317 -56.58 -56.95 -1.22
N ASP M 318 -57.00 -57.28 0.00
CA ASP M 318 -58.12 -58.21 0.17
C ASP M 318 -59.47 -57.58 -0.19
N THR M 319 -59.52 -56.28 -0.42
CA THR M 319 -60.76 -55.61 -0.76
C THR M 319 -60.97 -55.61 -2.27
N LYS M 320 -62.20 -55.24 -2.68
CA LYS M 320 -62.55 -55.16 -4.08
C LYS M 320 -63.48 -53.97 -4.29
N ARG M 321 -63.48 -53.47 -5.52
CA ARG M 321 -64.33 -52.34 -5.91
C ARG M 321 -65.60 -52.88 -6.57
N SER M 322 -66.76 -52.41 -6.11
CA SER M 322 -68.04 -52.89 -6.58
C SER M 322 -68.94 -51.72 -6.93
N GLN M 323 -69.76 -51.92 -7.97
CA GLN M 323 -70.75 -50.93 -8.39
C GLN M 323 -72.05 -51.66 -8.70
N ILE M 324 -73.17 -51.05 -8.33
CA ILE M 324 -74.49 -51.64 -8.48
C ILE M 324 -75.26 -50.87 -9.56
N TYR M 325 -75.91 -51.61 -10.45
CA TYR M 325 -76.72 -51.02 -11.53
C TYR M 325 -77.98 -51.87 -11.68
N GLY M 326 -79.05 -51.45 -11.01
CA GLY M 326 -80.33 -52.11 -11.13
C GLY M 326 -80.28 -53.60 -10.81
N SER M 327 -80.00 -53.92 -9.55
CA SER M 327 -79.96 -55.29 -9.04
C SER M 327 -78.80 -56.09 -9.61
N ARG M 328 -77.86 -55.45 -10.30
CA ARG M 328 -76.69 -56.11 -10.85
C ARG M 328 -75.43 -55.44 -10.30
N GLN M 329 -74.49 -56.25 -9.84
CA GLN M 329 -73.25 -55.76 -9.24
C GLN M 329 -72.09 -56.04 -10.17
N ILE M 330 -71.32 -55.01 -10.49
CA ILE M 330 -70.11 -55.13 -11.29
C ILE M 330 -68.92 -54.88 -10.36
N ILE M 331 -68.00 -55.83 -10.31
CA ILE M 331 -66.90 -55.81 -9.36
C ILE M 331 -65.59 -55.89 -10.13
N LEU M 332 -64.66 -54.99 -9.79
CA LEU M 332 -63.34 -54.97 -10.39
C LEU M 332 -62.31 -54.73 -9.31
N GLU M 333 -61.07 -55.17 -9.58
CA GLU M 333 -59.98 -54.93 -8.65
C GLU M 333 -59.52 -53.48 -8.73
N LYS M 334 -58.77 -53.06 -7.72
CA LYS M 334 -58.25 -51.69 -7.70
C LYS M 334 -57.35 -51.43 -8.90
N GLU M 335 -56.49 -52.39 -9.24
CA GLU M 335 -55.64 -52.24 -10.41
C GLU M 335 -56.46 -52.10 -11.67
N GLU M 336 -57.55 -52.86 -11.79
CA GLU M 336 -58.44 -52.72 -12.95
C GLU M 336 -59.05 -51.34 -13.00
N THR M 337 -59.48 -50.81 -11.85
CA THR M 337 -60.07 -49.47 -11.83
C THR M 337 -59.06 -48.43 -12.28
N GLU M 338 -57.81 -48.55 -11.82
CA GLU M 338 -56.77 -47.63 -12.30
C GLU M 338 -56.53 -47.81 -13.80
N GLU M 339 -56.51 -49.04 -14.28
CA GLU M 339 -56.30 -49.31 -15.69
C GLU M 339 -57.41 -48.71 -16.55
N LEU M 340 -58.63 -48.59 -16.01
CA LEU M 340 -59.72 -48.01 -16.80
C LEU M 340 -59.32 -46.67 -17.39
N LYS M 341 -58.61 -45.84 -16.63
CA LYS M 341 -58.29 -44.49 -17.05
C LYS M 341 -56.97 -44.37 -17.81
N ARG M 342 -56.26 -45.48 -18.02
CA ARG M 342 -54.97 -45.42 -18.69
C ARG M 342 -55.18 -45.27 -20.19
N PHE M 343 -54.67 -44.18 -20.75
CA PHE M 343 -54.71 -43.94 -22.19
C PHE M 343 -53.31 -43.85 -22.80
N ASP M 344 -52.46 -42.99 -22.24
CA ASP M 344 -51.10 -42.82 -22.75
C ASP M 344 -50.22 -42.32 -21.62
N ASP M 345 -48.90 -42.40 -21.85
CA ASP M 345 -47.95 -41.98 -20.83
C ASP M 345 -48.08 -40.48 -20.58
N PRO M 346 -47.78 -40.03 -19.36
CA PRO M 346 -47.92 -38.59 -19.06
C PRO M 346 -47.04 -37.73 -19.95
N GLY M 347 -47.56 -36.58 -20.33
CA GLY M 347 -46.83 -35.64 -21.16
C GLY M 347 -47.77 -34.88 -22.06
N LEU M 348 -47.16 -34.13 -22.99
CA LEU M 348 -47.88 -33.34 -23.97
C LEU M 348 -47.57 -33.90 -25.35
N MET M 349 -48.58 -34.50 -25.99
CA MET M 349 -48.46 -35.02 -27.35
C MET M 349 -48.99 -33.94 -28.29
N LEU M 350 -48.08 -33.32 -29.04
CA LEU M 350 -48.44 -32.18 -29.88
C LEU M 350 -49.22 -32.63 -31.10
N MET M 351 -50.06 -31.73 -31.61
CA MET M 351 -50.81 -31.93 -32.83
C MET M 351 -50.69 -30.65 -33.66
N GLY M 352 -51.52 -30.55 -34.70
CA GLY M 352 -51.47 -29.39 -35.58
C GLY M 352 -51.68 -28.09 -34.83
N PHE M 353 -51.52 -27.00 -35.56
CA PHE M 353 -51.62 -25.65 -35.03
C PHE M 353 -52.95 -25.04 -35.42
N LYS M 354 -53.61 -24.40 -34.46
CA LYS M 354 -54.94 -23.83 -34.65
C LYS M 354 -54.85 -22.31 -34.62
N PRO M 355 -55.52 -21.60 -35.53
CA PRO M 355 -55.53 -20.13 -35.44
C PRO M 355 -56.14 -19.69 -34.12
N LEU M 356 -55.58 -18.59 -33.57
CA LEU M 356 -56.03 -18.11 -32.28
C LEU M 356 -57.47 -17.65 -32.28
N VAL M 357 -58.04 -17.35 -33.45
CA VAL M 357 -59.42 -16.88 -33.51
C VAL M 357 -60.37 -17.98 -33.06
N LEU M 358 -60.07 -19.24 -33.37
CA LEU M 358 -60.96 -20.34 -33.04
C LEU M 358 -61.01 -20.64 -31.55
N LEU M 359 -60.12 -20.05 -30.75
CA LEU M 359 -60.13 -20.25 -29.30
C LEU M 359 -61.11 -19.26 -28.70
N LYS M 360 -62.35 -19.71 -28.54
CA LYS M 360 -63.41 -18.83 -28.04
C LYS M 360 -63.12 -18.43 -26.60
N LYS M 361 -63.36 -17.14 -26.30
CA LYS M 361 -63.10 -16.64 -24.96
C LYS M 361 -64.00 -17.31 -23.92
N HIS M 362 -65.28 -17.49 -24.24
CA HIS M 362 -66.22 -18.05 -23.28
C HIS M 362 -66.02 -19.55 -23.06
N HIS M 363 -65.18 -20.21 -23.86
CA HIS M 363 -64.89 -21.63 -23.68
C HIS M 363 -63.79 -21.82 -22.65
N TYR M 364 -64.09 -21.43 -21.42
CA TYR M 364 -63.17 -21.54 -20.30
C TYR M 364 -63.60 -22.68 -19.39
N LEU M 365 -62.66 -23.58 -19.08
CA LEU M 365 -62.93 -24.73 -18.23
C LEU M 365 -62.12 -24.72 -16.95
N ARG M 366 -60.80 -24.56 -17.04
CA ARG M 366 -59.90 -24.65 -15.90
C ARG M 366 -58.91 -23.50 -15.96
N PRO M 367 -58.32 -23.12 -14.83
CA PRO M 367 -57.29 -22.09 -14.86
C PRO M 367 -56.13 -22.50 -15.75
N SER M 368 -55.60 -21.52 -16.48
CA SER M 368 -54.51 -21.79 -17.41
C SER M 368 -53.21 -22.04 -16.66
N LEU M 369 -52.30 -22.75 -17.32
CA LEU M 369 -50.98 -23.05 -16.79
C LEU M 369 -49.93 -22.39 -17.67
N PHE M 370 -48.67 -22.47 -17.23
CA PHE M 370 -47.55 -21.86 -17.93
C PHE M 370 -46.53 -22.94 -18.27
N VAL M 371 -46.09 -22.98 -19.52
CA VAL M 371 -45.13 -23.96 -20.00
C VAL M 371 -43.85 -23.22 -20.38
N TYR M 372 -42.73 -23.67 -19.81
CA TYR M 372 -41.44 -23.03 -19.99
C TYR M 372 -40.39 -24.07 -20.35
N PRO M 373 -39.31 -23.68 -21.03
CA PRO M 373 -38.22 -24.62 -21.29
C PRO M 373 -37.52 -25.03 -20.00
N GLU M 374 -36.90 -26.20 -20.05
CA GLU M 374 -36.14 -26.74 -18.93
C GLU M 374 -34.64 -26.78 -19.23
N GLU M 375 -34.25 -27.44 -20.32
CA GLU M 375 -32.85 -27.57 -20.76
C GLU M 375 -32.04 -28.48 -19.84
N SER M 376 -32.62 -28.99 -18.76
CA SER M 376 -31.89 -29.86 -17.84
C SER M 376 -32.09 -31.33 -18.20
N LEU M 377 -33.34 -31.81 -18.22
CA LEU M 377 -33.60 -33.19 -18.58
C LEU M 377 -33.18 -33.47 -20.02
N VAL M 378 -33.47 -32.56 -20.94
CA VAL M 378 -33.13 -32.68 -22.35
C VAL M 378 -32.32 -31.46 -22.75
N ILE M 379 -31.17 -31.69 -23.38
CA ILE M 379 -30.29 -30.61 -23.82
C ILE M 379 -30.68 -30.23 -25.25
N GLY M 380 -30.86 -28.94 -25.48
CA GLY M 380 -31.25 -28.44 -26.79
C GLY M 380 -32.73 -28.18 -26.95
N SER M 381 -33.52 -28.31 -25.88
CA SER M 381 -34.95 -28.02 -25.97
C SER M 381 -35.24 -26.53 -25.97
N SER M 382 -34.39 -25.73 -25.33
CA SER M 382 -34.65 -24.30 -25.20
C SER M 382 -34.68 -23.63 -26.57
N THR M 383 -33.74 -23.97 -27.45
CA THR M 383 -33.70 -23.34 -28.77
C THR M 383 -34.95 -23.69 -29.58
N LEU M 384 -35.35 -24.97 -29.55
CA LEU M 384 -36.56 -25.37 -30.27
C LEU M 384 -37.79 -24.66 -29.73
N PHE M 385 -37.90 -24.57 -28.40
CA PHE M 385 -39.05 -23.90 -27.80
C PHE M 385 -39.06 -22.42 -28.19
N SER M 386 -37.89 -21.78 -28.19
CA SER M 386 -37.82 -20.37 -28.56
C SER M 386 -38.22 -20.17 -30.02
N ALA M 387 -37.75 -21.03 -30.91
CA ALA M 387 -38.14 -20.92 -32.32
C ALA M 387 -39.64 -21.11 -32.48
N LEU M 388 -40.21 -22.10 -31.79
CA LEU M 388 -41.63 -22.34 -31.87
C LEU M 388 -42.41 -21.12 -31.36
N LEU M 389 -41.97 -20.55 -30.24
CA LEU M 389 -42.65 -19.36 -29.71
C LEU M 389 -42.59 -18.21 -30.70
N ILE M 390 -41.40 -17.96 -31.29
CA ILE M 390 -41.25 -16.84 -32.21
C ILE M 390 -42.17 -17.01 -33.41
N LYS M 391 -42.15 -18.20 -34.02
CA LYS M 391 -42.95 -18.39 -35.22
C LYS M 391 -44.44 -18.47 -34.92
N CYS M 392 -44.82 -18.97 -33.74
CA CYS M 392 -46.23 -18.97 -33.37
C CYS M 392 -46.73 -17.54 -33.16
N LEU M 393 -45.92 -16.69 -32.52
CA LEU M 393 -46.30 -15.29 -32.40
C LEU M 393 -46.40 -14.63 -33.76
N GLU M 394 -45.45 -14.93 -34.66
CA GLU M 394 -45.49 -14.34 -35.99
C GLU M 394 -46.74 -14.76 -36.75
N LYS M 395 -47.11 -16.05 -36.67
CA LYS M 395 -48.24 -16.57 -37.40
C LYS M 395 -49.56 -16.50 -36.64
N GLU M 396 -49.53 -16.12 -35.37
CA GLU M 396 -50.74 -15.99 -34.54
C GLU M 396 -51.52 -17.32 -34.52
N VAL M 397 -50.84 -18.37 -34.05
CA VAL M 397 -51.42 -19.69 -33.93
C VAL M 397 -51.04 -20.27 -32.57
N ALA M 398 -51.81 -21.27 -32.14
CA ALA M 398 -51.59 -21.96 -30.88
C ALA M 398 -51.44 -23.45 -31.14
N ALA M 399 -50.57 -24.10 -30.37
CA ALA M 399 -50.29 -25.53 -30.56
C ALA M 399 -51.36 -26.33 -29.82
N LEU M 400 -52.18 -27.05 -30.57
CA LEU M 400 -53.17 -27.94 -29.97
C LEU M 400 -52.51 -29.27 -29.65
N CYS M 401 -52.67 -29.74 -28.42
CA CYS M 401 -51.98 -30.95 -28.00
C CYS M 401 -52.80 -31.70 -26.95
N ARG M 402 -52.67 -33.02 -26.96
CA ARG M 402 -53.19 -33.82 -25.87
C ARG M 402 -52.29 -33.71 -24.66
N TYR M 403 -52.89 -33.69 -23.47
CA TYR M 403 -52.17 -33.44 -22.22
C TYR M 403 -52.56 -34.50 -21.21
N THR M 404 -51.56 -35.10 -20.58
CA THR M 404 -51.77 -36.11 -19.53
C THR M 404 -50.87 -35.76 -18.36
N PRO M 405 -51.40 -35.11 -17.31
CA PRO M 405 -50.51 -34.62 -16.23
C PRO M 405 -49.72 -35.73 -15.55
N ARG M 406 -50.29 -36.91 -15.40
CA ARG M 406 -49.63 -37.99 -14.67
C ARG M 406 -50.21 -39.31 -15.14
N ARG M 407 -49.53 -40.40 -14.76
CA ARG M 407 -49.94 -41.72 -15.18
C ARG M 407 -51.34 -42.04 -14.67
N ASN M 408 -52.10 -42.78 -15.48
CA ASN M 408 -53.45 -43.21 -15.14
C ASN M 408 -54.38 -42.01 -14.97
N ILE M 409 -54.34 -41.11 -15.95
CA ILE M 409 -55.23 -39.95 -15.98
C ILE M 409 -55.77 -39.82 -17.41
N PRO M 410 -57.08 -39.63 -17.60
CA PRO M 410 -57.60 -39.47 -18.97
C PRO M 410 -56.98 -38.26 -19.64
N PRO M 411 -56.70 -38.34 -20.93
CA PRO M 411 -56.10 -37.20 -21.63
C PRO M 411 -57.10 -36.06 -21.80
N TYR M 412 -56.56 -34.84 -21.93
CA TYR M 412 -57.38 -33.67 -22.16
C TYR M 412 -56.75 -32.82 -23.25
N PHE M 413 -57.57 -32.31 -24.16
CA PHE M 413 -57.07 -31.47 -25.23
C PHE M 413 -56.84 -30.06 -24.71
N VAL M 414 -55.64 -29.53 -24.94
CA VAL M 414 -55.27 -28.20 -24.48
C VAL M 414 -54.64 -27.43 -25.64
N ALA M 415 -54.61 -26.11 -25.49
CA ALA M 415 -54.03 -25.22 -26.48
C ALA M 415 -52.93 -24.40 -25.83
N LEU M 416 -51.77 -24.38 -26.47
CA LEU M 416 -50.63 -23.58 -26.03
C LEU M 416 -50.59 -22.31 -26.87
N VAL M 417 -50.99 -21.19 -26.27
CA VAL M 417 -50.93 -19.90 -26.93
C VAL M 417 -49.61 -19.23 -26.56
N PRO M 418 -48.81 -18.78 -27.53
CA PRO M 418 -47.53 -18.15 -27.17
C PRO M 418 -47.75 -16.89 -26.36
N GLN M 419 -46.81 -16.61 -25.45
CA GLN M 419 -46.84 -15.41 -24.63
C GLN M 419 -45.62 -14.57 -24.93
N GLU M 420 -45.84 -13.30 -25.23
CA GLU M 420 -44.76 -12.37 -25.56
C GLU M 420 -44.27 -11.70 -24.27
N GLU M 421 -42.96 -11.73 -24.05
CA GLU M 421 -42.39 -11.12 -22.86
C GLU M 421 -42.72 -9.63 -22.85
N GLU M 422 -43.16 -9.14 -21.69
CA GLU M 422 -43.54 -7.75 -21.51
C GLU M 422 -42.86 -7.18 -20.27
N LEU M 423 -42.49 -5.91 -20.33
CA LEU M 423 -41.84 -5.23 -19.23
C LEU M 423 -42.34 -3.79 -19.18
N ASP M 424 -42.41 -3.25 -17.98
CA ASP M 424 -42.93 -1.90 -17.76
C ASP M 424 -41.79 -0.89 -17.89
N ASP M 425 -42.09 0.38 -17.60
CA ASP M 425 -41.08 1.42 -17.69
C ASP M 425 -39.92 1.16 -16.73
N GLN M 426 -40.19 0.49 -15.61
CA GLN M 426 -39.16 0.17 -14.63
C GLN M 426 -38.31 -1.04 -15.03
N LYS M 427 -38.53 -1.59 -16.22
CA LYS M 427 -37.77 -2.74 -16.71
C LYS M 427 -37.90 -3.93 -15.77
N ILE M 428 -39.10 -4.11 -15.21
CA ILE M 428 -39.41 -5.23 -14.34
C ILE M 428 -40.39 -6.13 -15.08
N GLN M 429 -40.10 -7.43 -15.09
CA GLN M 429 -40.92 -8.37 -15.85
C GLN M 429 -42.35 -8.39 -15.32
N VAL M 430 -43.30 -8.41 -16.25
CA VAL M 430 -44.72 -8.48 -15.89
C VAL M 430 -45.42 -9.66 -16.57
N THR M 431 -44.91 -10.18 -17.69
CA THR M 431 -45.50 -11.31 -18.38
C THR M 431 -44.36 -12.21 -18.87
N PRO M 432 -44.05 -13.29 -18.15
CA PRO M 432 -42.90 -14.11 -18.54
C PRO M 432 -43.12 -14.75 -19.89
N PRO M 433 -42.04 -15.01 -20.64
CA PRO M 433 -42.19 -15.66 -21.94
C PRO M 433 -42.34 -17.16 -21.82
N GLY M 434 -43.10 -17.72 -22.74
CA GLY M 434 -43.38 -19.15 -22.75
C GLY M 434 -44.68 -19.42 -23.47
N PHE M 435 -45.36 -20.49 -23.04
CA PHE M 435 -46.66 -20.84 -23.57
C PHE M 435 -47.71 -20.81 -22.46
N GLN M 436 -48.89 -20.32 -22.78
CA GLN M 436 -50.03 -20.38 -21.87
C GLN M 436 -50.90 -21.56 -22.28
N LEU M 437 -51.05 -22.52 -21.38
CA LEU M 437 -51.80 -23.75 -21.64
C LEU M 437 -53.23 -23.55 -21.14
N VAL M 438 -54.18 -23.57 -22.07
CA VAL M 438 -55.59 -23.39 -21.76
C VAL M 438 -56.32 -24.69 -22.08
N PHE M 439 -57.12 -25.16 -21.13
CA PHE M 439 -57.85 -26.41 -21.30
C PHE M 439 -59.09 -26.18 -22.16
N LEU M 440 -59.25 -27.00 -23.20
CA LEU M 440 -60.38 -26.89 -24.10
C LEU M 440 -61.48 -27.85 -23.67
N PRO M 441 -62.68 -27.38 -23.35
CA PRO M 441 -63.72 -28.28 -22.85
C PRO M 441 -64.14 -29.30 -23.91
N PHE M 442 -64.55 -30.46 -23.42
CA PHE M 442 -65.05 -31.51 -24.30
C PHE M 442 -66.52 -31.24 -24.66
N ALA M 443 -67.08 -32.10 -25.50
CA ALA M 443 -68.48 -31.93 -25.90
C ALA M 443 -69.42 -32.03 -24.70
N ASP M 444 -69.17 -32.99 -23.81
CA ASP M 444 -70.01 -33.16 -22.63
C ASP M 444 -69.79 -32.07 -21.59
N ASP M 445 -68.69 -31.31 -21.68
CA ASP M 445 -68.48 -30.23 -20.73
C ASP M 445 -69.48 -29.10 -20.93
N LYS M 446 -69.88 -28.83 -22.18
CA LYS M 446 -70.88 -27.82 -22.44
C LYS M 446 -72.25 -28.28 -21.97
N ARG M 447 -73.13 -27.32 -21.74
N ARG M 447 -73.14 -27.32 -21.74
CA ARG M 447 -74.48 -27.57 -21.25
CA ARG M 447 -74.48 -27.58 -21.26
C ARG M 447 -75.49 -26.88 -22.15
C ARG M 447 -75.50 -26.88 -22.14
N LYS M 448 -76.61 -27.56 -22.40
CA LYS M 448 -77.69 -26.98 -23.18
C LYS M 448 -78.41 -25.90 -22.37
N MET M 449 -79.05 -24.99 -23.08
CA MET M 449 -79.71 -23.86 -22.44
C MET M 449 -81.14 -23.72 -22.94
N PRO M 450 -82.03 -23.16 -22.12
CA PRO M 450 -83.42 -22.98 -22.57
C PRO M 450 -83.52 -21.91 -23.64
N PHE M 451 -84.55 -22.04 -24.47
CA PHE M 451 -84.79 -21.06 -25.52
C PHE M 451 -85.18 -19.73 -24.91
N THR M 452 -84.62 -18.65 -25.45
CA THR M 452 -84.95 -17.29 -25.03
C THR M 452 -85.19 -16.44 -26.26
N GLU M 453 -86.33 -15.74 -26.27
CA GLU M 453 -86.65 -14.87 -27.39
C GLU M 453 -85.76 -13.63 -27.36
N LYS M 454 -85.19 -13.29 -28.51
CA LYS M 454 -84.31 -12.12 -28.60
C LYS M 454 -85.15 -10.86 -28.65
N ILE M 455 -84.90 -9.95 -27.71
CA ILE M 455 -85.59 -8.67 -27.63
C ILE M 455 -84.55 -7.56 -27.76
N MET M 456 -84.79 -6.64 -28.69
CA MET M 456 -83.84 -5.59 -29.01
C MET M 456 -84.26 -4.28 -28.34
N ALA M 457 -83.32 -3.64 -27.65
CA ALA M 457 -83.58 -2.35 -27.05
C ALA M 457 -83.40 -1.23 -28.06
N THR M 458 -84.19 -0.17 -27.90
CA THR M 458 -84.13 0.94 -28.82
C THR M 458 -82.82 1.71 -28.68
N PRO M 459 -82.40 2.44 -29.72
CA PRO M 459 -81.12 3.14 -29.63
C PRO M 459 -81.02 4.12 -28.47
N GLU M 460 -82.14 4.77 -28.10
CA GLU M 460 -82.09 5.72 -27.00
C GLU M 460 -81.73 5.03 -25.68
N GLN M 461 -82.31 3.85 -25.43
CA GLN M 461 -81.96 3.10 -24.22
C GLN M 461 -80.49 2.74 -24.22
N VAL M 462 -79.98 2.30 -25.37
CA VAL M 462 -78.56 1.94 -25.47
C VAL M 462 -77.70 3.17 -25.19
N GLY M 463 -78.10 4.33 -25.70
CA GLY M 463 -77.34 5.54 -25.45
C GLY M 463 -77.32 5.93 -23.99
N LYS M 464 -78.48 5.85 -23.32
CA LYS M 464 -78.53 6.16 -21.90
C LYS M 464 -77.66 5.20 -21.10
N MET M 465 -77.72 3.90 -21.42
CA MET M 465 -76.90 2.94 -20.68
C MET M 465 -75.43 3.14 -20.99
N LYS M 466 -75.10 3.56 -22.22
CA LYS M 466 -73.73 3.92 -22.55
C LYS M 466 -73.25 5.09 -21.71
N ALA M 467 -74.11 6.09 -21.53
CA ALA M 467 -73.74 7.22 -20.67
C ALA M 467 -73.48 6.75 -19.24
N ILE M 468 -74.34 5.86 -18.72
CA ILE M 468 -74.13 5.33 -17.38
C ILE M 468 -72.79 4.59 -17.30
N VAL M 469 -72.51 3.73 -18.28
CA VAL M 469 -71.29 2.94 -18.27
C VAL M 469 -70.08 3.85 -18.30
N GLU M 470 -70.10 4.87 -19.17
CA GLU M 470 -69.00 5.82 -19.23
C GLU M 470 -68.82 6.56 -17.91
N LYS M 471 -69.94 6.95 -17.29
CA LYS M 471 -69.85 7.62 -15.99
C LYS M 471 -69.26 6.71 -14.92
N LEU M 472 -69.44 5.40 -15.03
CA LEU M 472 -68.92 4.45 -14.05
C LEU M 472 -67.66 3.74 -14.52
N ARG M 473 -66.86 4.38 -15.38
CA ARG M 473 -65.63 3.77 -15.84
C ARG M 473 -64.57 3.78 -14.74
N PHE M 474 -63.73 2.74 -14.73
CA PHE M 474 -62.62 2.68 -13.81
C PHE M 474 -61.58 1.73 -14.37
N THR M 475 -60.31 1.99 -14.05
CA THR M 475 -59.21 1.15 -14.50
C THR M 475 -59.09 -0.06 -13.59
N TYR M 476 -59.01 -1.24 -14.20
CA TYR M 476 -58.94 -2.50 -13.46
C TYR M 476 -57.52 -3.05 -13.50
N ARG M 477 -57.01 -3.43 -12.33
CA ARG M 477 -55.72 -4.08 -12.21
C ARG M 477 -55.91 -5.48 -11.65
N SER M 478 -55.01 -6.40 -12.04
CA SER M 478 -55.17 -7.80 -11.66
C SER M 478 -55.19 -7.98 -10.14
N ASP M 479 -54.54 -7.08 -9.41
CA ASP M 479 -54.47 -7.15 -7.95
C ASP M 479 -55.21 -5.97 -7.31
N SER M 480 -56.35 -5.60 -7.86
CA SER M 480 -57.12 -4.48 -7.35
C SER M 480 -58.08 -4.87 -6.22
N PHE M 481 -58.21 -6.16 -5.92
CA PHE M 481 -59.15 -6.63 -4.91
C PHE M 481 -58.47 -7.65 -4.01
N GLU M 482 -59.00 -7.76 -2.79
CA GLU M 482 -58.47 -8.67 -1.78
C GLU M 482 -59.57 -9.63 -1.36
N ASN M 483 -59.19 -10.88 -1.11
CA ASN M 483 -60.14 -11.89 -0.65
C ASN M 483 -60.62 -11.54 0.75
N PRO M 484 -61.84 -11.06 0.93
CA PRO M 484 -62.27 -10.66 2.29
C PRO M 484 -62.23 -11.79 3.29
N VAL M 485 -62.58 -13.01 2.88
CA VAL M 485 -62.63 -14.13 3.82
C VAL M 485 -61.23 -14.41 4.37
N LEU M 486 -60.24 -14.48 3.49
CA LEU M 486 -58.89 -14.80 3.92
C LEU M 486 -58.31 -13.70 4.80
N GLN M 487 -58.54 -12.43 4.43
CA GLN M 487 -58.04 -11.33 5.23
C GLN M 487 -58.68 -11.33 6.62
N GLN M 488 -60.00 -11.54 6.69
CA GLN M 488 -60.65 -11.59 7.99
C GLN M 488 -60.14 -12.76 8.82
N HIS M 489 -59.92 -13.92 8.19
CA HIS M 489 -59.40 -15.07 8.92
C HIS M 489 -58.02 -14.78 9.49
N PHE M 490 -57.15 -14.19 8.67
CA PHE M 490 -55.81 -13.86 9.16
C PHE M 490 -55.86 -12.85 10.29
N ARG M 491 -56.70 -11.83 10.16
CA ARG M 491 -56.80 -10.83 11.23
C ARG M 491 -57.30 -11.46 12.52
N ASN M 492 -58.31 -12.35 12.43
CA ASN M 492 -58.82 -13.02 13.61
C ASN M 492 -57.74 -13.89 14.25
N LEU M 493 -57.01 -14.64 13.43
CA LEU M 493 -55.96 -15.50 13.97
C LEU M 493 -54.87 -14.68 14.65
N GLU M 494 -54.47 -13.57 14.03
CA GLU M 494 -53.46 -12.71 14.63
C GLU M 494 -53.95 -12.12 15.95
N ALA M 495 -55.20 -11.66 15.98
CA ALA M 495 -55.74 -11.08 17.21
C ALA M 495 -55.76 -12.11 18.33
N LEU M 496 -56.18 -13.33 18.04
CA LEU M 496 -56.21 -14.37 19.07
C LEU M 496 -54.80 -14.73 19.51
N ALA M 497 -53.86 -14.85 18.57
CA ALA M 497 -52.49 -15.22 18.92
C ALA M 497 -51.84 -14.18 19.80
N LEU M 498 -52.01 -12.90 19.46
CA LEU M 498 -51.42 -11.80 20.22
C LEU M 498 -52.36 -11.26 21.30
N ASP M 499 -53.54 -11.86 21.49
CA ASP M 499 -54.47 -11.46 22.53
C ASP M 499 -54.89 -10.00 22.39
N LEU M 500 -55.12 -9.57 21.15
CA LEU M 500 -55.66 -8.24 20.91
C LEU M 500 -57.06 -8.14 21.50
N MET M 501 -57.40 -6.95 21.99
CA MET M 501 -58.68 -6.75 22.65
C MET M 501 -59.83 -7.05 21.69
N GLU M 502 -59.73 -6.56 20.46
CA GLU M 502 -60.69 -6.83 19.40
C GLU M 502 -59.93 -7.01 18.09
N PRO M 503 -60.48 -7.78 17.15
CA PRO M 503 -59.81 -7.93 15.85
C PRO M 503 -60.17 -6.79 14.89
N GLU M 504 -59.16 -6.22 14.25
CA GLU M 504 -59.41 -5.13 13.30
C GLU M 504 -60.33 -5.62 12.17
N GLN M 505 -61.30 -4.79 11.83
CA GLN M 505 -62.27 -5.11 10.79
C GLN M 505 -61.73 -4.61 9.45
N ALA M 506 -61.29 -5.54 8.60
CA ALA M 506 -60.77 -5.17 7.29
C ALA M 506 -61.88 -4.58 6.43
N VAL M 507 -61.53 -3.53 5.69
CA VAL M 507 -62.50 -2.91 4.78
C VAL M 507 -62.67 -3.83 3.57
N ASP M 508 -63.93 -4.14 3.25
CA ASP M 508 -64.25 -5.03 2.14
C ASP M 508 -64.21 -4.23 0.85
N LEU M 509 -63.07 -4.27 0.15
CA LEU M 509 -62.95 -3.56 -1.12
C LEU M 509 -63.88 -4.13 -2.18
N THR M 510 -64.32 -5.38 -2.03
CA THR M 510 -65.20 -5.99 -3.01
C THR M 510 -66.58 -5.34 -3.03
N LEU M 511 -66.96 -4.62 -1.98
CA LEU M 511 -68.28 -4.02 -1.93
C LEU M 511 -68.41 -2.96 -3.03
N PRO M 512 -69.63 -2.73 -3.53
CA PRO M 512 -69.80 -1.81 -4.67
C PRO M 512 -69.66 -0.35 -4.30
N LYS M 513 -69.55 -0.01 -3.02
CA LYS M 513 -69.50 1.38 -2.56
C LYS M 513 -70.56 2.22 -3.29
N VAL M 514 -71.81 1.84 -3.07
CA VAL M 514 -72.93 2.37 -3.85
C VAL M 514 -73.13 3.85 -3.63
N GLU M 515 -72.54 4.44 -2.59
CA GLU M 515 -72.72 5.87 -2.34
C GLU M 515 -72.14 6.68 -3.50
N ALA M 516 -70.89 6.41 -3.87
CA ALA M 516 -70.29 7.12 -4.99
C ALA M 516 -71.02 6.80 -6.29
N MET M 517 -71.49 5.56 -6.45
CA MET M 517 -72.24 5.20 -7.65
C MET M 517 -73.50 6.06 -7.78
N ASN M 518 -74.24 6.21 -6.68
CA ASN M 518 -75.43 7.05 -6.70
C ASN M 518 -75.08 8.51 -6.95
N LYS M 519 -73.99 8.99 -6.33
CA LYS M 519 -73.59 10.38 -6.53
C LYS M 519 -73.28 10.66 -7.99
N ARG M 520 -72.54 9.75 -8.64
CA ARG M 520 -72.22 9.94 -10.05
C ARG M 520 -73.47 9.91 -10.92
N LEU M 521 -74.39 8.98 -10.64
CA LEU M 521 -75.62 8.85 -11.41
C LEU M 521 -76.68 9.75 -10.78
N GLY M 522 -76.58 11.04 -11.06
CA GLY M 522 -77.52 12.01 -10.54
C GLY M 522 -78.96 11.70 -10.93
N SER M 523 -79.24 11.80 -12.22
CA SER M 523 -80.58 11.52 -12.75
C SER M 523 -80.57 10.47 -13.86
N LEU M 524 -79.42 9.89 -14.18
CA LEU M 524 -79.37 8.90 -15.26
C LEU M 524 -80.22 7.68 -14.93
N VAL M 525 -80.17 7.22 -13.68
CA VAL M 525 -80.91 6.02 -13.30
C VAL M 525 -82.41 6.24 -13.48
N ASP M 526 -82.92 7.38 -13.01
CA ASP M 526 -84.35 7.65 -13.13
C ASP M 526 -84.77 7.77 -14.59
N GLU M 527 -83.98 8.47 -15.40
CA GLU M 527 -84.31 8.61 -16.81
C GLU M 527 -84.33 7.25 -17.51
N PHE M 528 -83.32 6.41 -17.23
CA PHE M 528 -83.28 5.09 -17.84
C PHE M 528 -84.46 4.24 -17.39
N LYS M 529 -84.80 4.30 -16.11
CA LYS M 529 -85.95 3.53 -15.61
C LYS M 529 -87.23 3.97 -16.29
N GLU M 530 -87.44 5.29 -16.41
CA GLU M 530 -88.63 5.77 -17.10
C GLU M 530 -88.65 5.33 -18.55
N LEU M 531 -87.50 5.36 -19.21
CA LEU M 531 -87.44 4.98 -20.62
C LEU M 531 -87.74 3.49 -20.81
N VAL M 532 -87.23 2.64 -19.92
CA VAL M 532 -87.26 1.21 -20.15
C VAL M 532 -88.21 0.46 -19.22
N TYR M 533 -88.41 0.94 -17.99
CA TYR M 533 -89.31 0.26 -17.06
C TYR M 533 -90.68 0.89 -17.12
N PRO M 534 -91.73 0.14 -17.49
CA PRO M 534 -93.09 0.71 -17.49
C PRO M 534 -93.45 1.23 -16.11
N PRO M 535 -94.48 2.08 -16.01
CA PRO M 535 -94.83 2.64 -14.70
C PRO M 535 -95.16 1.60 -13.65
N ASP M 536 -95.80 0.49 -14.05
CA ASP M 536 -96.19 -0.57 -13.13
C ASP M 536 -95.13 -1.66 -13.18
N TYR M 537 -94.21 -1.62 -12.21
CA TYR M 537 -93.16 -2.63 -12.12
C TYR M 537 -92.54 -2.55 -10.74
N ASN M 538 -92.48 -3.69 -10.04
CA ASN M 538 -91.93 -3.78 -8.69
C ASN M 538 -90.84 -4.82 -8.67
N PRO M 539 -89.57 -4.45 -8.92
CA PRO M 539 -88.47 -5.41 -8.91
C PRO M 539 -88.33 -6.14 -7.58
N ASN N 6 -88.64 -35.85 -15.11
CA ASN N 6 -88.68 -35.81 -16.57
C ASN N 6 -88.28 -37.16 -17.16
N LYS N 7 -89.01 -37.59 -18.18
CA LYS N 7 -88.74 -38.87 -18.85
C LYS N 7 -88.80 -38.66 -20.35
N ALA N 8 -88.09 -39.51 -21.08
CA ALA N 8 -88.05 -39.48 -22.53
C ALA N 8 -88.29 -40.87 -23.08
N ALA N 9 -89.13 -40.96 -24.12
CA ALA N 9 -89.43 -42.20 -24.79
C ALA N 9 -88.64 -42.25 -26.10
N VAL N 10 -87.83 -43.29 -26.27
CA VAL N 10 -86.99 -43.46 -27.44
C VAL N 10 -87.32 -44.79 -28.09
N VAL N 11 -87.42 -44.79 -29.42
CA VAL N 11 -87.69 -46.00 -30.19
C VAL N 11 -86.55 -46.13 -31.20
N LEU N 12 -85.60 -47.02 -30.91
CA LEU N 12 -84.47 -47.25 -31.80
C LEU N 12 -84.91 -48.20 -32.92
N CYS N 13 -84.90 -47.70 -34.15
CA CYS N 13 -85.32 -48.46 -35.31
C CYS N 13 -84.08 -48.93 -36.08
N MET N 14 -84.01 -50.23 -36.34
CA MET N 14 -82.83 -50.84 -36.94
C MET N 14 -83.22 -51.62 -38.19
N ASP N 15 -82.29 -51.65 -39.14
CA ASP N 15 -82.43 -52.43 -40.36
C ASP N 15 -81.39 -53.54 -40.38
N VAL N 16 -81.80 -54.72 -40.87
CA VAL N 16 -80.89 -55.86 -40.96
C VAL N 16 -80.94 -56.44 -42.36
N GLY N 17 -81.31 -55.61 -43.33
CA GLY N 17 -81.37 -56.06 -44.71
C GLY N 17 -80.06 -56.67 -45.18
N PHE N 18 -80.13 -57.46 -46.26
CA PHE N 18 -78.91 -58.10 -46.76
C PHE N 18 -77.88 -57.08 -47.18
N THR N 19 -78.33 -55.95 -47.75
CA THR N 19 -77.41 -54.93 -48.21
C THR N 19 -76.51 -54.45 -47.07
N MET N 20 -77.05 -54.35 -45.86
CA MET N 20 -76.24 -53.91 -44.73
C MET N 20 -75.12 -54.90 -44.44
N SER N 21 -75.42 -56.20 -44.50
CA SER N 21 -74.40 -57.20 -44.21
C SER N 21 -73.22 -57.09 -45.16
N ASN N 22 -73.45 -56.62 -46.39
CA ASN N 22 -72.38 -56.44 -47.35
C ASN N 22 -71.33 -55.50 -46.81
N SER N 23 -70.12 -56.02 -46.55
CA SER N 23 -69.02 -55.24 -45.99
C SER N 23 -68.02 -54.97 -47.12
N ILE N 24 -67.90 -53.70 -47.49
CA ILE N 24 -66.91 -53.34 -48.52
C ILE N 24 -65.51 -53.61 -47.97
N PRO N 25 -64.62 -54.24 -48.73
CA PRO N 25 -63.28 -54.52 -48.19
C PRO N 25 -62.58 -53.24 -47.76
N GLY N 26 -61.90 -53.32 -46.61
CA GLY N 26 -61.22 -52.18 -46.05
C GLY N 26 -62.11 -51.20 -45.32
N ILE N 27 -63.41 -51.48 -45.23
CA ILE N 27 -64.36 -50.60 -44.56
C ILE N 27 -65.27 -51.45 -43.68
N GLU N 28 -65.53 -50.98 -42.47
CA GLU N 28 -66.42 -51.70 -41.57
C GLU N 28 -67.83 -51.72 -42.14
N SER N 29 -68.51 -52.85 -41.96
CA SER N 29 -69.86 -52.99 -42.50
C SER N 29 -70.82 -52.03 -41.82
N PRO N 30 -71.81 -51.51 -42.54
CA PRO N 30 -72.76 -50.58 -41.89
C PRO N 30 -73.47 -51.18 -40.70
N PHE N 31 -73.75 -52.49 -40.73
CA PHE N 31 -74.43 -53.13 -39.60
C PHE N 31 -73.60 -53.02 -38.33
N GLU N 32 -72.29 -53.26 -38.44
CA GLU N 32 -71.43 -53.15 -37.26
C GLU N 32 -71.40 -51.71 -36.74
N GLN N 33 -71.33 -50.73 -37.64
CA GLN N 33 -71.32 -49.34 -37.20
C GLN N 33 -72.61 -48.97 -36.48
N ALA N 34 -73.76 -49.40 -37.03
CA ALA N 34 -75.03 -49.13 -36.37
C ALA N 34 -75.10 -49.81 -35.01
N LYS N 35 -74.60 -51.05 -34.94
CA LYS N 35 -74.57 -51.74 -33.65
C LYS N 35 -73.72 -51.00 -32.65
N LYS N 36 -72.56 -50.50 -33.08
CA LYS N 36 -71.70 -49.75 -32.17
C LYS N 36 -72.37 -48.47 -31.69
N VAL N 37 -73.03 -47.75 -32.60
CA VAL N 37 -73.70 -46.51 -32.21
C VAL N 37 -74.81 -46.80 -31.20
N ILE N 38 -75.61 -47.83 -31.47
CA ILE N 38 -76.70 -48.16 -30.55
C ILE N 38 -76.14 -48.65 -29.22
N THR N 39 -75.02 -49.38 -29.25
CA THR N 39 -74.38 -49.81 -28.00
C THR N 39 -73.94 -48.61 -27.18
N MET N 40 -73.33 -47.62 -27.82
CA MET N 40 -72.93 -46.41 -27.10
C MET N 40 -74.15 -45.71 -26.50
N PHE N 41 -75.22 -45.60 -27.30
CA PHE N 41 -76.42 -44.92 -26.81
C PHE N 41 -76.99 -45.63 -25.59
N VAL N 42 -77.14 -46.96 -25.67
CA VAL N 42 -77.73 -47.70 -24.57
C VAL N 42 -76.82 -47.68 -23.35
N GLN N 43 -75.50 -47.75 -23.57
CA GLN N 43 -74.57 -47.69 -22.45
C GLN N 43 -74.71 -46.37 -21.72
N ARG N 44 -74.76 -45.26 -22.46
CA ARG N 44 -74.92 -43.96 -21.82
C ARG N 44 -76.26 -43.87 -21.10
N GLN N 45 -77.32 -44.38 -21.71
CA GLN N 45 -78.65 -44.26 -21.10
C GLN N 45 -78.80 -45.15 -19.87
N VAL N 46 -78.06 -46.25 -19.80
CA VAL N 46 -78.18 -47.20 -18.69
C VAL N 46 -77.26 -46.78 -17.55
N PHE N 47 -75.95 -46.70 -17.84
CA PHE N 47 -74.99 -46.40 -16.78
C PHE N 47 -75.15 -45.00 -16.21
N ALA N 48 -75.88 -44.12 -16.92
CA ALA N 48 -76.17 -42.79 -16.38
C ALA N 48 -77.38 -42.79 -15.45
N GLU N 49 -78.08 -43.91 -15.33
CA GLU N 49 -79.26 -44.01 -14.47
C GLU N 49 -80.36 -43.05 -14.92
N ASN N 50 -80.41 -42.74 -16.22
CA ASN N 50 -81.43 -41.85 -16.73
C ASN N 50 -82.80 -42.50 -16.65
N LYS N 51 -83.80 -41.73 -16.23
CA LYS N 51 -85.17 -42.21 -16.11
C LYS N 51 -85.88 -42.04 -17.45
N ASP N 52 -85.43 -42.82 -18.43
CA ASP N 52 -85.97 -42.78 -19.79
C ASP N 52 -86.30 -44.20 -20.24
N GLU N 53 -87.32 -44.30 -21.09
CA GLU N 53 -87.77 -45.59 -21.60
C GLU N 53 -87.28 -45.75 -23.03
N ILE N 54 -86.77 -46.95 -23.34
CA ILE N 54 -86.20 -47.25 -24.65
C ILE N 54 -86.83 -48.53 -25.17
N ALA N 55 -87.24 -48.52 -26.44
CA ALA N 55 -87.78 -49.68 -27.13
C ALA N 55 -86.97 -49.91 -28.39
N LEU N 56 -86.95 -51.16 -28.87
CA LEU N 56 -86.20 -51.55 -30.05
C LEU N 56 -87.13 -52.13 -31.09
N VAL N 57 -87.10 -51.57 -32.29
CA VAL N 57 -87.89 -52.05 -33.42
C VAL N 57 -86.93 -52.44 -34.53
N LEU N 58 -87.15 -53.59 -35.15
CA LEU N 58 -86.29 -54.12 -36.19
C LEU N 58 -87.10 -54.36 -37.44
N PHE N 59 -86.53 -54.05 -38.60
CA PHE N 59 -87.14 -54.39 -39.88
C PHE N 59 -86.10 -55.01 -40.79
N GLY N 60 -86.56 -55.92 -41.65
CA GLY N 60 -85.69 -56.76 -42.44
C GLY N 60 -85.42 -58.13 -41.85
N THR N 61 -85.88 -58.38 -40.63
CA THR N 61 -85.68 -59.68 -39.99
C THR N 61 -86.57 -60.73 -40.65
N ASP N 62 -86.18 -61.99 -40.49
CA ASP N 62 -86.96 -63.08 -41.05
C ASP N 62 -88.34 -63.15 -40.42
N GLY N 63 -88.43 -62.95 -39.10
CA GLY N 63 -89.70 -62.99 -38.40
C GLY N 63 -90.50 -61.72 -38.58
N THR N 64 -91.70 -61.74 -37.99
CA THR N 64 -92.61 -60.60 -38.08
C THR N 64 -93.54 -60.63 -36.87
N ASP N 65 -93.44 -59.60 -36.02
CA ASP N 65 -94.30 -59.51 -34.83
C ASP N 65 -94.45 -58.04 -34.49
N ASN N 66 -95.55 -57.45 -34.90
CA ASN N 66 -95.87 -56.06 -34.57
C ASN N 66 -97.39 -55.92 -34.49
N PRO N 67 -97.88 -54.92 -33.76
CA PRO N 67 -99.34 -54.75 -33.68
C PRO N 67 -100.00 -54.53 -35.04
N LEU N 68 -99.29 -53.93 -35.99
CA LEU N 68 -99.84 -53.65 -37.31
C LEU N 68 -99.73 -54.83 -38.27
N SER N 69 -99.16 -55.95 -37.83
CA SER N 69 -99.02 -57.11 -38.70
C SER N 69 -100.31 -57.94 -38.73
N GLY N 70 -101.43 -57.28 -39.04
CA GLY N 70 -102.70 -57.96 -39.16
C GLY N 70 -102.97 -58.59 -40.50
N GLY N 71 -102.06 -58.40 -41.47
CA GLY N 71 -102.24 -58.95 -42.80
C GLY N 71 -100.93 -59.04 -43.55
N ASP N 72 -100.96 -58.71 -44.84
CA ASP N 72 -99.77 -58.75 -45.69
C ASP N 72 -99.00 -57.43 -45.70
N GLN N 73 -99.44 -56.44 -44.93
CA GLN N 73 -98.79 -55.14 -44.87
C GLN N 73 -97.86 -55.06 -43.66
N TYR N 74 -96.75 -54.35 -43.84
CA TYR N 74 -95.76 -54.17 -42.78
C TYR N 74 -95.21 -55.53 -42.33
N GLN N 75 -94.60 -56.23 -43.27
CA GLN N 75 -94.03 -57.54 -43.00
C GLN N 75 -92.54 -57.42 -42.67
N ASN N 76 -92.00 -58.49 -42.09
CA ASN N 76 -90.59 -58.55 -41.71
C ASN N 76 -90.23 -57.46 -40.69
N ILE N 77 -91.19 -57.12 -39.82
CA ILE N 77 -91.00 -56.10 -38.79
C ILE N 77 -91.30 -56.73 -37.44
N THR N 78 -90.41 -56.51 -36.48
CA THR N 78 -90.56 -57.05 -35.14
C THR N 78 -90.29 -55.97 -34.11
N VAL N 79 -90.90 -56.12 -32.94
CA VAL N 79 -90.66 -55.24 -31.80
C VAL N 79 -89.91 -56.02 -30.74
N HIS N 80 -88.58 -55.92 -30.75
CA HIS N 80 -87.78 -56.75 -29.86
C HIS N 80 -88.07 -56.44 -28.40
N ARG N 81 -88.18 -55.16 -28.06
CA ARG N 81 -88.44 -54.73 -26.69
C ARG N 81 -89.36 -53.52 -26.73
N HIS N 82 -90.38 -53.53 -25.87
CA HIS N 82 -91.33 -52.44 -25.78
C HIS N 82 -90.72 -51.31 -24.95
N LEU N 83 -91.55 -50.34 -24.56
CA LEU N 83 -91.10 -49.16 -23.84
C LEU N 83 -91.04 -49.47 -22.35
N MET N 84 -89.82 -49.66 -21.82
CA MET N 84 -89.61 -49.74 -20.39
C MET N 84 -88.16 -49.33 -20.11
N LEU N 85 -87.79 -49.34 -18.84
CA LEU N 85 -86.46 -48.91 -18.47
C LEU N 85 -85.42 -49.86 -19.08
N PRO N 86 -84.36 -49.33 -19.70
CA PRO N 86 -83.35 -50.22 -20.28
C PRO N 86 -82.61 -51.00 -19.21
N ASP N 87 -82.16 -52.20 -19.58
CA ASP N 87 -81.48 -53.09 -18.65
C ASP N 87 -80.36 -53.81 -19.40
N PHE N 88 -79.54 -54.54 -18.64
CA PHE N 88 -78.45 -55.31 -19.24
C PHE N 88 -78.97 -56.33 -20.24
N ASP N 89 -80.23 -56.74 -20.12
CA ASP N 89 -80.79 -57.68 -21.09
C ASP N 89 -80.80 -57.08 -22.48
N LEU N 90 -81.17 -55.80 -22.61
CA LEU N 90 -81.15 -55.14 -23.90
C LEU N 90 -79.73 -55.06 -24.46
N LEU N 91 -78.76 -54.77 -23.59
CA LEU N 91 -77.37 -54.71 -24.02
C LEU N 91 -76.92 -56.06 -24.56
N GLU N 92 -77.25 -57.14 -23.84
CA GLU N 92 -76.88 -58.48 -24.30
C GLU N 92 -77.57 -58.81 -25.62
N ASP N 93 -78.85 -58.44 -25.75
CA ASP N 93 -79.57 -58.72 -26.98
C ASP N 93 -78.92 -58.00 -28.16
N ILE N 94 -78.58 -56.72 -27.98
CA ILE N 94 -77.96 -55.97 -29.07
C ILE N 94 -76.59 -56.55 -29.42
N GLU N 95 -75.81 -56.91 -28.40
CA GLU N 95 -74.43 -57.32 -28.64
C GLU N 95 -74.35 -58.68 -29.32
N SER N 96 -75.11 -59.66 -28.84
CA SER N 96 -74.89 -61.06 -29.19
C SER N 96 -75.98 -61.65 -30.06
N LYS N 97 -77.24 -61.61 -29.63
CA LYS N 97 -78.30 -62.37 -30.27
C LYS N 97 -79.14 -61.53 -31.23
N ILE N 98 -78.51 -60.58 -31.91
CA ILE N 98 -79.12 -59.86 -33.03
C ILE N 98 -78.26 -60.14 -34.26
N GLN N 99 -78.89 -60.68 -35.31
CA GLN N 99 -78.20 -61.15 -36.49
C GLN N 99 -78.80 -60.54 -37.74
N PRO N 100 -78.03 -60.44 -38.82
CA PRO N 100 -78.58 -59.89 -40.06
C PRO N 100 -79.69 -60.76 -40.62
N GLY N 101 -80.62 -60.11 -41.33
CA GLY N 101 -81.72 -60.79 -41.97
C GLY N 101 -81.69 -60.66 -43.47
N SER N 102 -81.90 -61.78 -44.18
CA SER N 102 -81.84 -61.75 -45.64
C SER N 102 -82.96 -60.88 -46.21
N GLN N 103 -84.14 -60.93 -45.59
CA GLN N 103 -85.29 -60.21 -46.13
C GLN N 103 -85.04 -58.70 -46.08
N GLN N 104 -85.37 -58.01 -47.17
CA GLN N 104 -85.28 -56.57 -47.25
C GLN N 104 -86.60 -55.93 -46.82
N ALA N 105 -86.53 -54.65 -46.48
CA ALA N 105 -87.71 -53.92 -46.04
C ALA N 105 -87.48 -52.43 -46.19
N ASP N 106 -88.57 -51.71 -46.46
CA ASP N 106 -88.53 -50.26 -46.54
C ASP N 106 -88.55 -49.65 -45.14
N PHE N 107 -88.17 -48.38 -45.06
CA PHE N 107 -88.13 -47.68 -43.78
C PHE N 107 -89.45 -47.03 -43.42
N LEU N 108 -90.37 -46.86 -44.38
CA LEU N 108 -91.64 -46.22 -44.09
C LEU N 108 -92.54 -47.12 -43.26
N ASP N 109 -92.58 -48.41 -43.57
CA ASP N 109 -93.35 -49.35 -42.76
C ASP N 109 -92.81 -49.40 -41.34
N ALA N 110 -91.49 -49.42 -41.19
CA ALA N 110 -90.89 -49.42 -39.85
C ALA N 110 -91.21 -48.13 -39.12
N LEU N 111 -91.19 -47.00 -39.82
CA LEU N 111 -91.54 -45.73 -39.20
C LEU N 111 -92.99 -45.73 -38.73
N ILE N 112 -93.89 -46.29 -39.53
CA ILE N 112 -95.30 -46.36 -39.14
C ILE N 112 -95.46 -47.26 -37.92
N VAL N 113 -94.74 -48.38 -37.90
CA VAL N 113 -94.82 -49.29 -36.74
C VAL N 113 -94.28 -48.60 -35.50
N SER N 114 -93.20 -47.84 -35.63
CA SER N 114 -92.67 -47.07 -34.51
C SER N 114 -93.70 -46.06 -34.02
N MET N 115 -94.36 -45.37 -34.95
CA MET N 115 -95.42 -44.45 -34.59
C MET N 115 -96.50 -45.16 -33.78
N ASP N 116 -96.95 -46.32 -34.27
CA ASP N 116 -98.03 -47.04 -33.61
C ASP N 116 -97.63 -47.48 -32.21
N VAL N 117 -96.42 -48.03 -32.06
CA VAL N 117 -95.99 -48.48 -30.74
C VAL N 117 -95.83 -47.31 -29.79
N ILE N 118 -95.29 -46.19 -30.27
CA ILE N 118 -95.16 -45.00 -29.42
C ILE N 118 -96.53 -44.55 -28.95
N GLN N 119 -97.49 -44.44 -29.87
CA GLN N 119 -98.82 -43.97 -29.52
C GLN N 119 -99.49 -44.91 -28.53
N HIS N 120 -99.35 -46.22 -28.74
CA HIS N 120 -100.01 -47.18 -27.86
C HIS N 120 -99.39 -47.20 -26.48
N GLU N 121 -98.05 -47.17 -26.39
CA GLU N 121 -97.38 -47.29 -25.11
C GLU N 121 -97.48 -46.00 -24.29
N THR N 122 -97.36 -44.84 -24.95
CA THR N 122 -97.36 -43.58 -24.22
C THR N 122 -98.72 -43.21 -23.64
N ILE N 123 -99.73 -44.06 -23.77
CA ILE N 123 -101.05 -43.73 -23.25
C ILE N 123 -100.99 -43.63 -21.72
N GLY N 124 -100.34 -44.58 -21.07
CA GLY N 124 -100.34 -44.69 -19.63
C GLY N 124 -99.25 -43.92 -18.91
N LYS N 125 -98.37 -43.21 -19.62
CA LYS N 125 -97.28 -42.49 -19.01
C LYS N 125 -97.20 -41.08 -19.59
N LYS N 126 -96.60 -40.18 -18.81
CA LYS N 126 -96.37 -38.80 -19.23
C LYS N 126 -94.92 -38.66 -19.68
N PHE N 127 -94.72 -38.17 -20.90
CA PHE N 127 -93.39 -38.01 -21.48
C PHE N 127 -93.24 -36.57 -21.95
N GLU N 128 -92.22 -35.88 -21.43
CA GLU N 128 -91.94 -34.52 -21.88
C GLU N 128 -91.51 -34.50 -23.34
N LYS N 129 -90.67 -35.44 -23.74
CA LYS N 129 -90.17 -35.51 -25.11
C LYS N 129 -90.24 -36.95 -25.59
N ARG N 130 -90.60 -37.12 -26.86
CA ARG N 130 -90.62 -38.41 -27.52
C ARG N 130 -89.71 -38.34 -28.75
N HIS N 131 -88.86 -39.36 -28.91
CA HIS N 131 -87.86 -39.37 -29.97
C HIS N 131 -87.88 -40.71 -30.69
N ILE N 132 -87.63 -40.66 -32.00
CA ILE N 132 -87.51 -41.86 -32.82
C ILE N 132 -86.25 -41.71 -33.66
N GLU N 133 -85.37 -42.71 -33.59
CA GLU N 133 -84.10 -42.72 -34.32
C GLU N 133 -84.09 -43.90 -35.27
N ILE N 134 -83.75 -43.64 -36.53
CA ILE N 134 -83.75 -44.66 -37.57
C ILE N 134 -82.33 -44.81 -38.10
N PHE N 135 -81.78 -46.01 -37.96
CA PHE N 135 -80.48 -46.36 -38.53
C PHE N 135 -80.73 -47.28 -39.72
N THR N 136 -80.30 -46.83 -40.91
CA THR N 136 -80.54 -47.60 -42.12
C THR N 136 -79.50 -47.25 -43.17
N ASP N 137 -79.22 -48.20 -44.05
CA ASP N 137 -78.34 -47.99 -45.18
C ASP N 137 -79.05 -47.44 -46.40
N LEU N 138 -80.38 -47.40 -46.39
CA LEU N 138 -81.18 -46.81 -47.47
C LEU N 138 -80.87 -47.50 -48.80
N SER N 139 -81.16 -48.80 -48.84
CA SER N 139 -80.93 -49.61 -50.03
C SER N 139 -82.12 -50.53 -50.29
N SER N 140 -83.34 -50.00 -50.17
CA SER N 140 -84.54 -50.79 -50.37
C SER N 140 -85.64 -49.92 -50.94
N ARG N 141 -86.48 -50.52 -51.78
CA ARG N 141 -87.62 -49.82 -52.35
C ARG N 141 -88.65 -49.51 -51.27
N PHE N 142 -89.22 -48.32 -51.33
CA PHE N 142 -90.20 -47.86 -50.35
C PHE N 142 -91.41 -47.30 -51.06
N SER N 143 -92.57 -47.43 -50.42
CA SER N 143 -93.85 -46.96 -50.96
C SER N 143 -94.30 -45.75 -50.16
N LYS N 144 -94.63 -44.66 -50.86
CA LYS N 144 -94.99 -43.39 -50.23
C LYS N 144 -96.49 -43.24 -50.01
N SER N 145 -97.21 -44.34 -49.80
CA SER N 145 -98.66 -44.25 -49.63
C SER N 145 -99.03 -43.43 -48.39
N GLN N 146 -98.31 -43.63 -47.29
CA GLN N 146 -98.59 -42.93 -46.03
C GLN N 146 -97.67 -41.74 -45.81
N LEU N 147 -97.04 -41.24 -46.88
CA LEU N 147 -96.08 -40.15 -46.74
C LEU N 147 -96.73 -38.92 -46.12
N ASP N 148 -97.82 -38.44 -46.71
CA ASP N 148 -98.51 -37.29 -46.16
C ASP N 148 -99.08 -37.59 -44.78
N ILE N 149 -99.64 -38.80 -44.61
CA ILE N 149 -100.14 -39.20 -43.29
C ILE N 149 -98.99 -39.26 -42.29
N ILE N 150 -97.82 -39.74 -42.73
CA ILE N 150 -96.67 -39.81 -41.83
C ILE N 150 -96.27 -38.41 -41.38
N ILE N 151 -96.21 -37.47 -42.32
CA ILE N 151 -95.84 -36.10 -41.97
C ILE N 151 -96.87 -35.48 -41.02
N HIS N 152 -98.15 -35.71 -41.30
CA HIS N 152 -99.20 -35.15 -40.44
C HIS N 152 -99.11 -35.74 -39.03
N SER N 153 -98.85 -37.05 -38.93
CA SER N 153 -98.69 -37.68 -37.62
C SER N 153 -97.48 -37.13 -36.89
N LEU N 154 -96.37 -36.93 -37.60
CA LEU N 154 -95.19 -36.32 -36.99
C LEU N 154 -95.52 -34.94 -36.44
N LYS N 155 -96.24 -34.13 -37.20
CA LYS N 155 -96.56 -32.79 -36.75
C LYS N 155 -97.50 -32.82 -35.54
N LYS N 156 -98.54 -33.66 -35.59
CA LYS N 156 -99.56 -33.64 -34.53
C LYS N 156 -99.03 -34.26 -33.25
N CYS N 157 -98.35 -35.42 -33.36
CA CYS N 157 -97.93 -36.14 -32.16
C CYS N 157 -96.79 -35.45 -31.43
N ASP N 158 -96.08 -34.52 -32.09
CA ASP N 158 -94.97 -33.79 -31.47
C ASP N 158 -93.90 -34.79 -30.99
N ILE N 159 -93.30 -35.47 -31.97
CA ILE N 159 -92.22 -36.41 -31.73
C ILE N 159 -91.06 -36.05 -32.64
N SER N 160 -89.86 -36.03 -32.08
CA SER N 160 -88.66 -35.70 -32.85
C SER N 160 -88.13 -36.93 -33.57
N LEU N 161 -87.46 -36.70 -34.69
CA LEU N 161 -86.95 -37.76 -35.54
C LEU N 161 -85.48 -37.54 -35.84
N GLN N 162 -84.71 -38.63 -35.84
CA GLN N 162 -83.29 -38.61 -36.17
C GLN N 162 -82.99 -39.72 -37.17
N PHE N 163 -82.06 -39.44 -38.08
CA PHE N 163 -81.68 -40.40 -39.12
C PHE N 163 -80.17 -40.58 -39.11
N PHE N 164 -79.73 -41.84 -39.22
CA PHE N 164 -78.32 -42.20 -39.26
C PHE N 164 -78.05 -43.02 -40.50
N LEU N 165 -77.02 -42.65 -41.24
CA LEU N 165 -76.68 -43.24 -42.52
C LEU N 165 -75.24 -43.73 -42.50
N PRO N 166 -74.87 -44.64 -43.40
CA PRO N 166 -73.47 -45.08 -43.50
C PRO N 166 -72.57 -44.14 -44.28
N PHE N 167 -73.08 -42.98 -44.70
CA PHE N 167 -72.28 -42.02 -45.45
C PHE N 167 -72.82 -40.62 -45.19
N SER N 168 -71.92 -39.65 -45.18
CA SER N 168 -72.29 -38.27 -44.92
C SER N 168 -72.92 -37.64 -46.16
N LEU N 169 -73.68 -36.57 -45.93
CA LEU N 169 -74.34 -35.85 -47.01
C LEU N 169 -73.32 -35.26 -47.97
N GLY N 181 -57.78 -41.96 -48.55
CA GLY N 181 -57.84 -43.37 -48.87
C GLY N 181 -58.33 -44.22 -47.70
N PRO N 182 -57.48 -44.40 -46.70
CA PRO N 182 -57.89 -45.20 -45.54
C PRO N 182 -59.09 -44.59 -44.84
N PHE N 183 -59.97 -45.46 -44.34
CA PHE N 183 -61.18 -45.05 -43.65
C PHE N 183 -61.10 -45.48 -42.20
N ARG N 184 -61.43 -44.56 -41.28
CA ARG N 184 -61.44 -44.84 -39.85
C ARG N 184 -62.76 -44.37 -39.26
N LEU N 185 -63.23 -45.12 -38.26
CA LEU N 185 -64.47 -44.75 -37.58
C LEU N 185 -64.25 -43.54 -36.71
N GLY N 186 -64.92 -42.44 -37.02
CA GLY N 186 -64.71 -41.20 -36.29
C GLY N 186 -63.31 -40.66 -36.44
N GLY N 187 -62.76 -40.70 -37.65
CA GLY N 187 -61.40 -40.26 -37.89
C GLY N 187 -61.30 -38.85 -38.42
N HIS N 188 -62.37 -38.06 -38.25
CA HIS N 188 -62.40 -36.68 -38.73
C HIS N 188 -62.10 -36.60 -40.22
N GLY N 189 -62.69 -37.52 -40.99
CA GLY N 189 -62.47 -37.57 -42.41
C GLY N 189 -63.69 -38.12 -43.14
N PRO N 190 -63.57 -38.24 -44.48
CA PRO N 190 -64.71 -38.74 -45.26
C PRO N 190 -65.01 -40.20 -44.98
N SER N 191 -66.15 -40.48 -44.35
CA SER N 191 -66.52 -41.85 -44.03
C SER N 191 -66.70 -42.68 -45.29
N PHE N 192 -67.36 -42.11 -46.30
CA PHE N 192 -67.62 -42.80 -47.55
C PHE N 192 -67.44 -41.83 -48.70
N PRO N 193 -66.43 -42.00 -49.54
CA PRO N 193 -66.30 -41.12 -50.70
C PRO N 193 -67.53 -41.19 -51.60
N LEU N 194 -67.86 -40.06 -52.22
CA LEU N 194 -69.05 -39.94 -53.05
C LEU N 194 -68.83 -40.64 -54.40
N LYS N 195 -68.62 -41.95 -54.32
CA LYS N 195 -68.44 -42.78 -55.52
C LYS N 195 -68.98 -44.17 -55.18
N GLY N 196 -70.21 -44.44 -55.59
CA GLY N 196 -70.86 -45.70 -55.28
C GLY N 196 -72.32 -45.52 -54.93
N ILE N 197 -72.75 -44.27 -54.75
CA ILE N 197 -74.15 -44.00 -54.45
C ILE N 197 -75.02 -44.48 -55.60
N THR N 198 -76.08 -45.19 -55.28
CA THR N 198 -76.97 -45.78 -56.26
C THR N 198 -78.22 -44.92 -56.43
N GLU N 199 -78.98 -45.23 -57.49
CA GLU N 199 -80.23 -44.50 -57.73
C GLU N 199 -81.21 -44.66 -56.58
N GLN N 200 -81.34 -45.88 -56.06
CA GLN N 200 -82.17 -46.08 -54.88
C GLN N 200 -81.63 -45.32 -53.69
N GLN N 201 -80.32 -45.30 -53.52
CA GLN N 201 -79.71 -44.53 -52.46
C GLN N 201 -80.01 -43.04 -52.61
N LYS N 202 -79.92 -42.52 -53.84
CA LYS N 202 -80.22 -41.12 -54.08
C LYS N 202 -81.68 -40.80 -53.79
N GLU N 203 -82.59 -41.68 -54.20
CA GLU N 203 -84.01 -41.47 -53.93
C GLU N 203 -84.27 -41.47 -52.43
N GLY N 204 -83.67 -42.41 -51.70
CA GLY N 204 -83.82 -42.43 -50.26
C GLY N 204 -83.29 -41.16 -49.61
N LEU N 205 -82.13 -40.69 -50.05
CA LEU N 205 -81.57 -39.47 -49.52
C LEU N 205 -82.49 -38.28 -49.79
N GLU N 206 -83.02 -38.18 -51.00
CA GLU N 206 -83.90 -37.08 -51.33
C GLU N 206 -85.17 -37.11 -50.48
N ILE N 207 -85.77 -38.29 -50.33
CA ILE N 207 -87.02 -38.37 -49.58
C ILE N 207 -86.78 -38.06 -48.11
N VAL N 208 -85.69 -38.57 -47.53
CA VAL N 208 -85.42 -38.29 -46.13
C VAL N 208 -85.10 -36.81 -45.92
N LYS N 209 -84.35 -36.20 -46.85
CA LYS N 209 -84.07 -34.78 -46.73
C LYS N 209 -85.36 -33.96 -46.79
N MET N 210 -86.25 -34.30 -47.72
CA MET N 210 -87.51 -33.56 -47.82
C MET N 210 -88.34 -33.75 -46.57
N VAL N 211 -88.38 -34.97 -46.02
CA VAL N 211 -89.16 -35.22 -44.80
C VAL N 211 -88.62 -34.39 -43.65
N MET N 212 -87.28 -34.38 -43.49
CA MET N 212 -86.68 -33.60 -42.42
C MET N 212 -86.97 -32.11 -42.60
N ILE N 213 -86.88 -31.62 -43.84
CA ILE N 213 -87.17 -30.21 -44.10
C ILE N 213 -88.60 -29.88 -43.72
N SER N 214 -89.55 -30.74 -44.12
CA SER N 214 -90.94 -30.50 -43.79
C SER N 214 -91.20 -30.62 -42.28
N LEU N 215 -90.37 -31.39 -41.57
CA LEU N 215 -90.60 -31.59 -40.15
C LEU N 215 -90.11 -30.40 -39.32
N GLU N 216 -88.84 -30.04 -39.48
CA GLU N 216 -88.23 -28.96 -38.68
C GLU N 216 -87.70 -27.84 -39.56
N GLY N 217 -88.22 -27.69 -40.78
CA GLY N 217 -87.76 -26.61 -41.63
C GLY N 217 -86.33 -26.83 -42.10
N GLU N 218 -85.71 -25.73 -42.51
CA GLU N 218 -84.34 -25.79 -43.00
C GLU N 218 -83.38 -26.31 -41.93
N ASP N 219 -83.71 -26.09 -40.65
CA ASP N 219 -82.86 -26.56 -39.57
C ASP N 219 -82.82 -28.08 -39.46
N GLY N 220 -83.72 -28.79 -40.15
CA GLY N 220 -83.76 -30.23 -40.06
C GLY N 220 -82.63 -30.94 -40.80
N LEU N 221 -81.89 -30.23 -41.64
CA LEU N 221 -80.77 -30.84 -42.35
C LEU N 221 -79.66 -31.28 -41.41
N ASP N 222 -79.61 -30.74 -40.19
CA ASP N 222 -78.60 -31.10 -39.22
C ASP N 222 -78.96 -32.34 -38.41
N GLU N 223 -80.15 -32.90 -38.61
CA GLU N 223 -80.58 -34.08 -37.89
C GLU N 223 -80.23 -35.38 -38.60
N ILE N 224 -79.60 -35.31 -39.76
CA ILE N 224 -79.17 -36.49 -40.50
C ILE N 224 -77.67 -36.64 -40.27
N TYR N 225 -77.27 -37.72 -39.62
CA TYR N 225 -75.88 -37.95 -39.24
C TYR N 225 -75.37 -39.24 -39.89
N SER N 226 -74.07 -39.46 -39.74
CA SER N 226 -73.41 -40.67 -40.18
C SER N 226 -72.88 -41.43 -38.98
N PHE N 227 -72.83 -42.76 -39.10
CA PHE N 227 -72.38 -43.59 -37.98
C PHE N 227 -71.00 -43.16 -37.52
N SER N 228 -70.05 -43.00 -38.46
CA SER N 228 -68.72 -42.57 -38.09
C SER N 228 -68.75 -41.18 -37.46
N GLU N 229 -69.50 -40.26 -38.05
CA GLU N 229 -69.63 -38.93 -37.46
C GLU N 229 -70.36 -38.99 -36.12
N SER N 230 -71.42 -39.78 -36.03
CA SER N 230 -72.21 -39.84 -34.79
C SER N 230 -71.40 -40.43 -33.65
N LEU N 231 -70.43 -41.30 -33.95
CA LEU N 231 -69.65 -41.94 -32.90
C LEU N 231 -68.77 -40.95 -32.14
N ARG N 232 -68.58 -39.73 -32.64
CA ARG N 232 -67.70 -38.76 -32.01
C ARG N 232 -68.34 -37.38 -32.02
N LYS N 233 -69.66 -37.32 -31.81
CA LYS N 233 -70.36 -36.05 -31.80
C LYS N 233 -71.36 -35.88 -30.67
N LEU N 234 -71.74 -36.94 -29.97
CA LEU N 234 -72.72 -36.85 -28.88
C LEU N 234 -74.07 -36.33 -29.40
N CYS N 235 -74.34 -36.54 -30.69
CA CYS N 235 -75.57 -36.04 -31.29
C CYS N 235 -76.79 -36.87 -30.90
N VAL N 236 -76.59 -38.16 -30.57
CA VAL N 236 -77.72 -39.03 -30.30
C VAL N 236 -78.52 -38.54 -29.10
N PHE N 237 -77.84 -37.99 -28.09
CA PHE N 237 -78.48 -37.53 -26.87
C PHE N 237 -78.92 -36.08 -26.95
N LYS N 238 -78.82 -35.45 -28.12
CA LYS N 238 -79.10 -34.02 -28.22
C LYS N 238 -80.53 -33.70 -27.83
N LYS N 239 -81.49 -34.52 -28.27
CA LYS N 239 -82.91 -34.23 -28.09
C LYS N 239 -83.49 -34.81 -26.81
N ILE N 240 -82.65 -35.28 -25.88
CA ILE N 240 -83.13 -35.84 -24.62
C ILE N 240 -82.40 -35.21 -23.45
N GLU N 241 -81.69 -34.10 -23.71
CA GLU N 241 -81.00 -33.40 -22.64
C GLU N 241 -81.99 -32.59 -21.80
N ARG N 242 -81.65 -32.38 -20.54
CA ARG N 242 -82.47 -31.64 -19.60
C ARG N 242 -81.85 -30.28 -19.34
N HIS N 243 -82.69 -29.24 -19.33
CA HIS N 243 -82.21 -27.89 -19.07
C HIS N 243 -81.63 -27.79 -17.67
N SER N 244 -80.51 -27.09 -17.55
CA SER N 244 -79.90 -26.88 -16.24
C SER N 244 -80.77 -25.95 -15.40
N ILE N 245 -80.80 -26.20 -14.09
CA ILE N 245 -81.61 -25.37 -13.20
C ILE N 245 -81.07 -23.95 -13.21
N HIS N 246 -81.98 -22.98 -13.26
CA HIS N 246 -81.62 -21.58 -13.35
C HIS N 246 -81.43 -20.98 -11.96
N TRP N 247 -80.43 -20.10 -11.85
CA TRP N 247 -80.17 -19.40 -10.60
C TRP N 247 -80.69 -17.98 -10.74
N PRO N 248 -81.77 -17.60 -10.04
CA PRO N 248 -82.30 -16.24 -10.18
C PRO N 248 -81.68 -15.27 -9.20
N CYS N 249 -81.43 -14.05 -9.68
CA CYS N 249 -80.87 -12.99 -8.86
C CYS N 249 -81.21 -11.66 -9.51
N ARG N 250 -80.57 -10.58 -9.04
CA ARG N 250 -80.77 -9.25 -9.59
C ARG N 250 -79.42 -8.59 -9.79
N LEU N 251 -79.17 -8.15 -11.03
CA LEU N 251 -78.00 -7.33 -11.32
C LEU N 251 -78.29 -5.91 -10.85
N THR N 252 -77.49 -5.42 -9.90
CA THR N 252 -77.71 -4.13 -9.27
C THR N 252 -76.52 -3.23 -9.56
N ILE N 253 -76.74 -2.23 -10.42
CA ILE N 253 -75.69 -1.24 -10.66
C ILE N 253 -75.50 -0.36 -9.43
N GLY N 254 -76.60 0.03 -8.79
CA GLY N 254 -76.54 0.82 -7.58
C GLY N 254 -77.65 0.47 -6.61
N SER N 255 -78.15 1.47 -5.88
CA SER N 255 -79.24 1.28 -4.94
C SER N 255 -80.60 1.62 -5.54
N ASN N 256 -80.65 1.97 -6.82
CA ASN N 256 -81.89 2.35 -7.49
C ASN N 256 -82.21 1.53 -8.73
N LEU N 257 -81.19 1.08 -9.47
CA LEU N 257 -81.39 0.31 -10.69
C LEU N 257 -81.10 -1.16 -10.41
N SER N 258 -82.09 -2.01 -10.72
CA SER N 258 -81.96 -3.44 -10.51
C SER N 258 -82.67 -4.17 -11.65
N ILE N 259 -82.01 -5.15 -12.24
CA ILE N 259 -82.54 -5.92 -13.36
C ILE N 259 -82.60 -7.39 -12.93
N ARG N 260 -83.80 -7.97 -12.99
CA ARG N 260 -83.96 -9.38 -12.66
C ARG N 260 -83.27 -10.23 -13.71
N ILE N 261 -82.45 -11.18 -13.26
CA ILE N 261 -81.64 -12.00 -14.16
C ILE N 261 -81.67 -13.45 -13.70
N ALA N 262 -81.39 -14.35 -14.66
CA ALA N 262 -81.25 -15.77 -14.41
C ALA N 262 -79.94 -16.25 -15.01
N ALA N 263 -79.18 -17.00 -14.23
CA ALA N 263 -77.86 -17.48 -14.64
C ALA N 263 -77.86 -18.99 -14.76
N TYR N 264 -77.18 -19.49 -15.79
CA TYR N 264 -77.03 -20.92 -16.04
C TYR N 264 -75.55 -21.26 -16.15
N LYS N 265 -75.19 -22.46 -15.71
CA LYS N 265 -73.81 -22.91 -15.78
C LYS N 265 -73.52 -23.38 -17.21
N SER N 266 -72.99 -22.47 -18.03
CA SER N 266 -72.76 -22.80 -19.44
C SER N 266 -71.74 -23.91 -19.60
N ILE N 267 -70.64 -23.83 -18.86
CA ILE N 267 -69.54 -24.79 -18.96
C ILE N 267 -69.21 -25.30 -17.57
N LEU N 268 -69.09 -26.62 -17.42
CA LEU N 268 -68.76 -27.22 -16.16
C LEU N 268 -68.05 -28.54 -16.41
N GLN N 269 -67.02 -28.82 -15.59
CA GLN N 269 -66.30 -30.08 -15.72
C GLN N 269 -67.25 -31.24 -15.45
N GLU N 270 -67.17 -32.26 -16.30
CA GLU N 270 -68.04 -33.44 -16.20
C GLU N 270 -67.28 -34.56 -15.49
N ARG N 271 -67.85 -35.04 -14.40
CA ARG N 271 -67.27 -36.12 -13.62
C ARG N 271 -68.23 -37.31 -13.57
N VAL N 272 -67.70 -38.45 -13.13
CA VAL N 272 -68.53 -39.65 -13.02
C VAL N 272 -69.53 -39.47 -11.88
N LYS N 273 -70.80 -39.72 -12.17
CA LYS N 273 -71.85 -39.53 -11.18
C LYS N 273 -71.95 -40.68 -10.19
N LYS N 274 -71.34 -41.82 -10.49
CA LYS N 274 -71.41 -43.01 -9.63
C LYS N 274 -70.05 -43.25 -9.00
N THR N 275 -70.05 -43.49 -7.69
CA THR N 275 -68.83 -43.73 -6.95
C THR N 275 -68.50 -45.22 -6.93
N TRP N 276 -67.32 -45.54 -6.39
CA TRP N 276 -66.84 -46.90 -6.28
C TRP N 276 -66.96 -47.36 -4.83
N THR N 277 -67.61 -48.49 -4.61
CA THR N 277 -67.82 -49.04 -3.28
C THR N 277 -66.81 -50.16 -3.02
N VAL N 278 -66.30 -50.20 -1.79
CA VAL N 278 -65.32 -51.20 -1.38
C VAL N 278 -66.05 -52.39 -0.79
N VAL N 279 -65.68 -53.59 -1.24
CA VAL N 279 -66.26 -54.84 -0.74
C VAL N 279 -65.15 -55.84 -0.51
N ASP N 280 -65.42 -56.81 0.36
CA ASP N 280 -64.45 -57.85 0.65
C ASP N 280 -64.36 -58.83 -0.52
N ALA N 281 -63.15 -59.37 -0.73
CA ALA N 281 -62.94 -60.30 -1.82
C ALA N 281 -63.71 -61.60 -1.60
N LYS N 282 -63.56 -62.20 -0.42
CA LYS N 282 -64.21 -63.49 -0.16
C LYS N 282 -65.73 -63.36 -0.19
N THR N 283 -66.26 -62.31 0.45
CA THR N 283 -67.69 -62.06 0.50
C THR N 283 -67.98 -60.72 -0.14
N LEU N 284 -68.90 -60.71 -1.10
CA LEU N 284 -69.17 -59.52 -1.91
C LEU N 284 -70.29 -58.68 -1.27
N LYS N 285 -70.06 -58.30 -0.03
CA LYS N 285 -70.99 -57.46 0.73
C LYS N 285 -70.25 -56.26 1.28
N LYS N 286 -70.82 -55.06 1.06
CA LYS N 286 -70.22 -53.85 1.60
C LYS N 286 -70.48 -53.68 3.08
N GLU N 287 -71.45 -54.40 3.64
CA GLU N 287 -71.76 -54.27 5.05
C GLU N 287 -70.59 -54.71 5.91
N ASP N 288 -69.91 -55.78 5.53
CA ASP N 288 -68.83 -56.32 6.36
C ASP N 288 -67.70 -55.30 6.52
N ILE N 289 -67.32 -54.63 5.43
CA ILE N 289 -66.25 -53.65 5.47
C ILE N 289 -66.78 -52.35 6.03
N GLN N 290 -66.01 -51.75 6.95
CA GLN N 290 -66.38 -50.47 7.53
C GLN N 290 -65.10 -49.72 7.91
N LYS N 291 -65.21 -48.41 8.02
CA LYS N 291 -64.09 -47.53 8.33
C LYS N 291 -64.22 -46.99 9.73
N GLU N 292 -63.14 -47.08 10.51
CA GLU N 292 -63.09 -46.56 11.87
C GLU N 292 -61.89 -45.64 12.01
N THR N 293 -62.10 -44.48 12.63
CA THR N 293 -61.05 -43.50 12.86
C THR N 293 -60.72 -43.46 14.34
N VAL N 294 -59.44 -43.54 14.66
CA VAL N 294 -58.95 -43.55 16.04
C VAL N 294 -57.97 -42.40 16.21
N TYR N 295 -58.17 -41.62 17.26
CA TYR N 295 -57.30 -40.48 17.58
C TYR N 295 -56.51 -40.80 18.85
N CYS N 296 -55.21 -40.57 18.80
CA CYS N 296 -54.33 -40.84 19.93
C CYS N 296 -53.31 -39.73 20.06
N LEU N 297 -52.81 -39.55 21.28
CA LEU N 297 -51.79 -38.55 21.54
C LEU N 297 -50.40 -39.09 21.19
N ASN N 298 -49.44 -38.18 21.11
CA ASN N 298 -48.05 -38.54 20.81
C ASN N 298 -47.34 -38.94 22.11
N ASP N 299 -47.78 -40.07 22.66
CA ASP N 299 -47.24 -40.60 23.90
C ASP N 299 -46.98 -42.09 23.73
N ASP N 300 -46.11 -42.62 24.59
CA ASP N 300 -45.74 -44.03 24.49
C ASP N 300 -46.96 -44.93 24.68
N ASP N 301 -47.80 -44.62 25.68
CA ASP N 301 -48.98 -45.44 25.93
C ASP N 301 -50.04 -45.25 24.84
N GLU N 302 -49.93 -44.21 24.03
CA GLU N 302 -50.86 -43.96 22.92
C GLU N 302 -52.31 -43.92 23.43
N THR N 303 -52.54 -43.02 24.38
CA THR N 303 -53.88 -42.87 24.94
C THR N 303 -54.87 -42.45 23.86
N GLU N 304 -56.03 -43.12 23.84
CA GLU N 304 -57.08 -42.78 22.90
C GLU N 304 -57.88 -41.60 23.43
N VAL N 305 -58.24 -40.69 22.52
CA VAL N 305 -58.96 -39.47 22.86
C VAL N 305 -60.32 -39.50 22.19
N LEU N 306 -61.36 -39.19 22.97
CA LEU N 306 -62.71 -39.22 22.45
C LEU N 306 -62.94 -38.08 21.46
N LYS N 307 -63.98 -38.23 20.63
CA LYS N 307 -64.30 -37.22 19.63
C LYS N 307 -64.77 -35.91 20.26
N GLU N 308 -65.20 -35.93 21.52
CA GLU N 308 -65.74 -34.75 22.18
C GLU N 308 -64.68 -33.92 22.89
N ASP N 309 -63.43 -34.38 22.92
CA ASP N 309 -62.33 -33.65 23.55
C ASP N 309 -61.34 -33.10 22.54
N ILE N 310 -61.76 -32.90 21.30
CA ILE N 310 -60.91 -32.39 20.23
C ILE N 310 -61.39 -30.99 19.87
N ILE N 311 -60.46 -30.06 19.76
CA ILE N 311 -60.75 -28.67 19.43
C ILE N 311 -60.00 -28.29 18.17
N GLN N 312 -60.66 -27.55 17.29
CA GLN N 312 -60.03 -27.09 16.07
C GLN N 312 -58.95 -26.06 16.37
N GLY N 313 -57.83 -26.16 15.67
CA GLY N 313 -56.72 -25.25 15.89
C GLY N 313 -55.97 -24.97 14.60
N PHE N 314 -55.18 -23.90 14.63
CA PHE N 314 -54.41 -23.44 13.49
C PHE N 314 -52.97 -23.18 13.91
N ARG N 315 -52.08 -23.24 12.93
CA ARG N 315 -50.66 -22.98 13.14
C ARG N 315 -50.34 -21.53 12.80
N TYR N 316 -49.57 -20.88 13.66
CA TYR N 316 -49.22 -19.47 13.53
C TYR N 316 -47.71 -19.29 13.58
N GLY N 317 -46.99 -20.08 12.80
CA GLY N 317 -45.54 -19.97 12.74
C GLY N 317 -44.85 -20.54 13.95
N SER N 318 -44.94 -21.86 14.14
CA SER N 318 -44.34 -22.61 15.23
C SER N 318 -45.13 -22.44 16.53
N ASP N 319 -46.17 -21.61 16.55
CA ASP N 319 -47.03 -21.44 17.70
C ASP N 319 -48.44 -21.89 17.33
N ILE N 320 -49.09 -22.61 18.24
CA ILE N 320 -50.41 -23.19 17.99
C ILE N 320 -51.46 -22.27 18.62
N VAL N 321 -52.47 -21.91 17.83
CA VAL N 321 -53.51 -20.99 18.25
C VAL N 321 -54.84 -21.73 18.27
N PRO N 322 -55.37 -22.09 19.44
CA PRO N 322 -56.69 -22.74 19.48
C PRO N 322 -57.75 -21.83 18.86
N PHE N 323 -58.67 -22.43 18.13
CA PHE N 323 -59.74 -21.69 17.45
C PHE N 323 -60.95 -22.61 17.34
N SER N 324 -61.89 -22.44 18.27
CA SER N 324 -63.05 -23.31 18.32
C SER N 324 -63.96 -23.08 17.11
N LYS N 325 -64.70 -24.12 16.74
CA LYS N 325 -65.63 -24.00 15.62
C LYS N 325 -66.69 -22.95 15.90
N VAL N 326 -67.22 -22.93 17.13
CA VAL N 326 -68.21 -21.92 17.49
C VAL N 326 -67.60 -20.53 17.38
N ASP N 327 -66.36 -20.37 17.84
CA ASP N 327 -65.67 -19.09 17.70
C ASP N 327 -65.50 -18.72 16.23
N GLU N 328 -65.14 -19.69 15.40
CA GLU N 328 -65.00 -19.42 13.97
C GLU N 328 -66.31 -18.92 13.38
N GLU N 329 -67.42 -19.60 13.69
CA GLU N 329 -68.71 -19.18 13.16
C GLU N 329 -69.08 -17.79 13.66
N GLN N 330 -68.83 -17.50 14.94
CA GLN N 330 -69.16 -16.19 15.48
C GLN N 330 -68.35 -15.10 14.80
N MET N 331 -67.06 -15.34 14.58
CA MET N 331 -66.17 -14.36 13.97
C MET N 331 -66.03 -14.54 12.47
N LYS N 332 -66.79 -15.46 11.86
CA LYS N 332 -66.70 -15.67 10.42
C LYS N 332 -67.15 -14.42 9.67
N TYR N 333 -66.55 -14.21 8.50
CA TYR N 333 -66.89 -13.07 7.66
C TYR N 333 -68.31 -13.26 7.12
N LYS N 334 -69.26 -12.49 7.65
CA LYS N 334 -70.64 -12.57 7.19
C LYS N 334 -70.82 -11.78 5.90
N SER N 335 -71.79 -12.20 5.10
CA SER N 335 -72.06 -11.57 3.82
C SER N 335 -73.54 -11.73 3.48
N GLU N 336 -74.01 -10.88 2.57
CA GLU N 336 -75.39 -10.93 2.11
C GLU N 336 -75.47 -11.91 0.94
N GLY N 337 -76.19 -13.01 1.13
CA GLY N 337 -76.25 -14.05 0.13
C GLY N 337 -77.04 -13.64 -1.10
N LYS N 338 -76.79 -14.35 -2.19
CA LYS N 338 -77.50 -14.16 -3.45
C LYS N 338 -77.41 -12.71 -3.90
N CYS N 339 -76.18 -12.26 -4.13
CA CYS N 339 -75.89 -10.88 -4.54
C CYS N 339 -75.17 -10.89 -5.88
N PHE N 340 -75.60 -10.02 -6.79
CA PHE N 340 -74.96 -9.83 -8.09
C PHE N 340 -74.95 -8.32 -8.35
N SER N 341 -73.86 -7.67 -7.96
CA SER N 341 -73.74 -6.23 -8.02
C SER N 341 -72.57 -5.84 -8.91
N VAL N 342 -72.71 -4.70 -9.59
CA VAL N 342 -71.69 -4.21 -10.50
C VAL N 342 -70.80 -3.23 -9.75
N LEU N 343 -69.50 -3.53 -9.70
CA LEU N 343 -68.55 -2.62 -9.07
C LEU N 343 -68.13 -1.50 -10.02
N GLY N 344 -68.03 -1.79 -11.31
CA GLY N 344 -67.63 -0.78 -12.27
C GLY N 344 -67.50 -1.41 -13.64
N PHE N 345 -67.07 -0.59 -14.59
CA PHE N 345 -66.87 -1.02 -15.97
C PHE N 345 -65.46 -0.67 -16.40
N CYS N 346 -64.75 -1.64 -17.00
CA CYS N 346 -63.36 -1.47 -17.38
C CYS N 346 -63.17 -1.92 -18.83
N LYS N 347 -62.14 -1.37 -19.46
CA LYS N 347 -61.85 -1.71 -20.84
C LYS N 347 -61.60 -3.21 -20.98
N SER N 348 -62.09 -3.78 -22.08
CA SER N 348 -61.96 -5.23 -22.28
C SER N 348 -60.50 -5.65 -22.34
N SER N 349 -59.66 -4.86 -23.01
CA SER N 349 -58.25 -5.22 -23.14
C SER N 349 -57.57 -5.35 -21.80
N GLN N 350 -58.06 -4.63 -20.78
CA GLN N 350 -57.44 -4.70 -19.45
C GLN N 350 -57.53 -6.11 -18.88
N VAL N 351 -58.68 -6.76 -19.05
CA VAL N 351 -58.90 -8.10 -18.53
C VAL N 351 -58.41 -9.11 -19.56
N GLN N 352 -57.42 -9.90 -19.18
CA GLN N 352 -56.87 -10.95 -20.04
C GLN N 352 -57.38 -12.31 -19.57
N ARG N 353 -57.62 -13.20 -20.53
CA ARG N 353 -58.17 -14.51 -20.21
C ARG N 353 -57.24 -15.35 -19.35
N ARG N 354 -55.93 -15.07 -19.38
CA ARG N 354 -54.98 -15.85 -18.61
C ARG N 354 -55.21 -15.71 -17.11
N PHE N 355 -55.92 -14.66 -16.68
CA PHE N 355 -56.20 -14.44 -15.26
C PHE N 355 -57.52 -15.07 -14.83
N PHE N 356 -58.29 -15.64 -15.75
CA PHE N 356 -59.57 -16.25 -15.38
C PHE N 356 -59.35 -17.34 -14.35
N MET N 357 -60.22 -17.36 -13.34
CA MET N 357 -60.13 -18.31 -12.24
C MET N 357 -61.47 -19.06 -12.12
N GLY N 358 -61.56 -19.90 -11.10
CA GLY N 358 -62.75 -20.70 -10.89
C GLY N 358 -62.78 -21.92 -11.79
N ASN N 359 -63.87 -22.67 -11.69
CA ASN N 359 -64.05 -23.88 -12.48
C ASN N 359 -65.40 -23.89 -13.21
N GLN N 360 -65.99 -22.71 -13.43
CA GLN N 360 -67.28 -22.64 -14.08
C GLN N 360 -67.39 -21.32 -14.84
N VAL N 361 -68.26 -21.32 -15.84
CA VAL N 361 -68.60 -20.11 -16.61
C VAL N 361 -70.11 -19.97 -16.57
N LEU N 362 -70.59 -18.77 -16.25
CA LEU N 362 -72.02 -18.51 -16.14
C LEU N 362 -72.50 -17.72 -17.34
N LYS N 363 -73.72 -18.01 -17.78
CA LYS N 363 -74.39 -17.24 -18.81
C LYS N 363 -75.66 -16.65 -18.20
N VAL N 364 -75.80 -15.33 -18.27
CA VAL N 364 -76.85 -14.60 -17.59
C VAL N 364 -77.78 -14.01 -18.63
N PHE N 365 -79.07 -14.32 -18.51
CA PHE N 365 -80.13 -13.76 -19.34
C PHE N 365 -81.10 -13.00 -18.44
N ALA N 366 -82.06 -12.32 -19.07
CA ALA N 366 -83.11 -11.66 -18.32
C ALA N 366 -84.06 -12.70 -17.73
N ALA N 367 -84.94 -12.23 -16.84
CA ALA N 367 -85.89 -13.12 -16.21
C ALA N 367 -86.75 -13.83 -17.25
N ARG N 368 -87.40 -14.91 -16.82
CA ARG N 368 -88.07 -15.80 -17.76
C ARG N 368 -89.24 -15.10 -18.46
N ASP N 369 -90.03 -14.33 -17.72
CA ASP N 369 -91.32 -13.84 -18.22
C ASP N 369 -91.28 -12.36 -18.59
N ASP N 370 -90.88 -11.49 -17.67
CA ASP N 370 -91.02 -10.05 -17.91
C ASP N 370 -90.16 -9.62 -19.09
N GLU N 371 -90.66 -8.63 -19.85
CA GLU N 371 -89.94 -8.09 -20.98
C GLU N 371 -89.14 -6.84 -20.63
N ALA N 372 -89.49 -6.15 -19.54
CA ALA N 372 -88.73 -4.98 -19.13
C ALA N 372 -87.29 -5.37 -18.80
N ALA N 373 -87.11 -6.46 -18.06
CA ALA N 373 -85.76 -6.94 -17.77
C ALA N 373 -85.04 -7.34 -19.05
N ALA N 374 -85.76 -7.95 -19.99
CA ALA N 374 -85.16 -8.33 -21.26
C ALA N 374 -84.60 -7.11 -21.99
N VAL N 375 -85.41 -6.06 -22.11
CA VAL N 375 -84.95 -4.87 -22.84
C VAL N 375 -83.82 -4.18 -22.09
N ALA N 376 -83.90 -4.13 -20.75
CA ALA N 376 -82.83 -3.51 -19.98
C ALA N 376 -81.51 -4.24 -20.17
N LEU N 377 -81.54 -5.57 -20.08
CA LEU N 377 -80.33 -6.36 -20.26
C LEU N 377 -79.81 -6.25 -21.69
N SER N 378 -80.72 -6.20 -22.67
CA SER N 378 -80.28 -6.03 -24.05
C SER N 378 -79.59 -4.69 -24.23
N SER N 379 -80.14 -3.63 -23.64
CA SER N 379 -79.50 -2.32 -23.73
C SER N 379 -78.14 -2.33 -23.07
N LEU N 380 -78.03 -2.95 -21.90
CA LEU N 380 -76.72 -3.01 -21.23
C LEU N 380 -75.71 -3.78 -22.06
N ILE N 381 -76.12 -4.92 -22.62
CA ILE N 381 -75.21 -5.74 -23.42
C ILE N 381 -74.76 -4.96 -24.66
N HIS N 382 -75.70 -4.29 -25.32
CA HIS N 382 -75.35 -3.53 -26.52
C HIS N 382 -74.42 -2.38 -26.18
N ALA N 383 -74.67 -1.69 -25.07
CA ALA N 383 -73.79 -0.60 -24.66
C ALA N 383 -72.38 -1.12 -24.38
N LEU N 384 -72.28 -2.24 -23.66
CA LEU N 384 -70.96 -2.79 -23.36
C LEU N 384 -70.25 -3.22 -24.64
N ASP N 385 -70.97 -3.86 -25.57
CA ASP N 385 -70.34 -4.29 -26.81
C ASP N 385 -69.88 -3.10 -27.64
N ASP N 386 -70.71 -2.06 -27.74
CA ASP N 386 -70.33 -0.89 -28.54
C ASP N 386 -69.13 -0.17 -27.93
N LEU N 387 -69.13 -0.02 -26.59
CA LEU N 387 -68.03 0.66 -25.93
C LEU N 387 -66.84 -0.27 -25.67
N ASP N 388 -66.97 -1.57 -25.93
CA ASP N 388 -65.89 -2.53 -25.75
C ASP N 388 -65.40 -2.53 -24.29
N MET N 389 -66.36 -2.57 -23.37
CA MET N 389 -66.07 -2.60 -21.95
C MET N 389 -66.79 -3.77 -21.31
N VAL N 390 -66.27 -4.21 -20.16
CA VAL N 390 -66.81 -5.34 -19.42
C VAL N 390 -67.01 -4.91 -17.98
N ALA N 391 -68.05 -5.46 -17.34
CA ALA N 391 -68.38 -5.12 -15.98
C ALA N 391 -67.61 -6.00 -15.01
N ILE N 392 -67.21 -5.41 -13.88
CA ILE N 392 -66.58 -6.15 -12.78
C ILE N 392 -67.64 -6.33 -11.71
N VAL N 393 -68.13 -7.57 -11.57
CA VAL N 393 -69.27 -7.86 -10.72
C VAL N 393 -68.81 -8.67 -9.51
N ARG N 394 -69.64 -8.60 -8.46
CA ARG N 394 -69.45 -9.41 -7.27
C ARG N 394 -70.47 -10.55 -7.29
N TYR N 395 -69.99 -11.77 -7.19
CA TYR N 395 -70.82 -12.97 -7.29
C TYR N 395 -70.82 -13.70 -5.95
N ALA N 396 -72.01 -14.16 -5.55
CA ALA N 396 -72.17 -14.93 -4.33
C ALA N 396 -73.38 -15.82 -4.51
N TYR N 397 -73.15 -17.14 -4.58
CA TYR N 397 -74.26 -18.07 -4.80
C TYR N 397 -75.28 -17.98 -3.67
N ASP N 398 -74.80 -17.90 -2.43
CA ASP N 398 -75.68 -17.77 -1.28
C ASP N 398 -74.88 -17.14 -0.15
N LYS N 399 -75.53 -17.01 1.01
CA LYS N 399 -74.85 -16.42 2.16
C LYS N 399 -73.67 -17.28 2.60
N ARG N 400 -73.83 -18.61 2.57
CA ARG N 400 -72.74 -19.50 2.92
C ARG N 400 -71.57 -19.37 1.96
N ALA N 401 -71.86 -19.25 0.65
CA ALA N 401 -70.81 -19.19 -0.35
C ALA N 401 -69.92 -17.98 -0.14
N ASN N 402 -68.63 -18.16 -0.35
CA ASN N 402 -67.68 -17.05 -0.22
C ASN N 402 -67.85 -16.09 -1.40
N PRO N 403 -67.92 -14.78 -1.16
CA PRO N 403 -68.04 -13.84 -2.28
C PRO N 403 -66.80 -13.85 -3.15
N GLN N 404 -67.00 -13.58 -4.44
CA GLN N 404 -65.92 -13.55 -5.40
C GLN N 404 -66.11 -12.37 -6.34
N VAL N 405 -65.02 -11.97 -6.99
CA VAL N 405 -65.02 -10.89 -7.97
C VAL N 405 -64.77 -11.50 -9.35
N GLY N 406 -65.68 -11.21 -10.29
CA GLY N 406 -65.57 -11.75 -11.62
C GLY N 406 -65.83 -10.69 -12.67
N VAL N 407 -65.65 -11.09 -13.93
CA VAL N 407 -65.85 -10.23 -15.08
C VAL N 407 -67.04 -10.75 -15.86
N ALA N 408 -67.98 -9.86 -16.16
CA ALA N 408 -69.13 -10.15 -17.02
C ALA N 408 -68.97 -9.35 -18.30
N PHE N 409 -69.00 -10.04 -19.43
CA PHE N 409 -68.83 -9.41 -20.72
C PHE N 409 -69.95 -9.81 -21.67
N PRO N 410 -70.30 -8.94 -22.62
CA PRO N 410 -71.42 -9.25 -23.51
C PRO N 410 -71.13 -10.42 -24.42
N HIS N 411 -72.20 -11.11 -24.83
CA HIS N 411 -72.11 -12.18 -25.81
C HIS N 411 -73.37 -12.10 -26.68
N ILE N 412 -73.20 -11.68 -27.93
CA ILE N 412 -74.31 -11.44 -28.84
C ILE N 412 -74.20 -12.41 -30.00
N LYS N 413 -75.30 -13.09 -30.31
CA LYS N 413 -75.37 -14.03 -31.41
C LYS N 413 -76.62 -13.75 -32.23
N HIS N 414 -76.74 -14.45 -33.37
CA HIS N 414 -77.82 -14.18 -34.30
C HIS N 414 -79.20 -14.47 -33.70
N ASN N 415 -79.27 -15.36 -32.70
CA ASN N 415 -80.55 -15.75 -32.13
C ASN N 415 -80.71 -15.47 -30.65
N TYR N 416 -79.61 -15.30 -29.91
CA TYR N 416 -79.70 -15.02 -28.48
C TYR N 416 -78.52 -14.17 -28.05
N GLU N 417 -78.71 -13.43 -26.95
CA GLU N 417 -77.67 -12.61 -26.36
C GLU N 417 -77.72 -12.78 -24.85
N CYS N 418 -76.56 -12.58 -24.21
CA CYS N 418 -76.46 -12.80 -22.77
C CYS N 418 -75.19 -12.14 -22.26
N LEU N 419 -74.95 -12.29 -20.96
CA LEU N 419 -73.73 -11.83 -20.32
C LEU N 419 -72.95 -13.04 -19.82
N VAL N 420 -71.72 -13.20 -20.28
CA VAL N 420 -70.87 -14.31 -19.87
C VAL N 420 -70.03 -13.85 -18.69
N TYR N 421 -70.15 -14.56 -17.57
CA TYR N 421 -69.45 -14.25 -16.33
C TYR N 421 -68.40 -15.31 -16.05
N VAL N 422 -67.19 -14.85 -15.75
CA VAL N 422 -66.08 -15.73 -15.36
C VAL N 422 -65.37 -15.10 -14.18
N GLN N 423 -65.07 -15.91 -13.16
CA GLN N 423 -64.45 -15.39 -11.96
C GLN N 423 -63.06 -14.85 -12.25
N LEU N 424 -62.63 -13.87 -11.44
CA LEU N 424 -61.34 -13.24 -11.56
C LEU N 424 -60.53 -13.46 -10.28
N PRO N 425 -59.21 -13.34 -10.36
CA PRO N 425 -58.37 -13.68 -9.21
C PRO N 425 -58.27 -12.53 -8.20
N PHE N 426 -57.98 -12.92 -6.96
CA PHE N 426 -57.63 -11.98 -5.92
C PHE N 426 -56.10 -11.81 -5.89
N MET N 427 -55.65 -10.78 -5.16
CA MET N 427 -54.22 -10.52 -5.09
C MET N 427 -53.47 -11.69 -4.47
N GLU N 428 -54.12 -12.44 -3.57
CA GLU N 428 -53.49 -13.61 -2.97
C GLU N 428 -53.24 -14.70 -4.00
N ASP N 429 -54.19 -14.89 -4.94
CA ASP N 429 -54.06 -15.98 -5.90
C ASP N 429 -52.90 -15.77 -6.85
N LEU N 430 -52.59 -14.52 -7.20
CA LEU N 430 -51.55 -14.25 -8.18
C LEU N 430 -50.20 -14.74 -7.68
N ARG N 431 -49.40 -15.28 -8.61
CA ARG N 431 -48.06 -15.76 -8.32
C ARG N 431 -47.05 -14.91 -9.07
N GLN N 432 -46.02 -14.45 -8.37
CA GLN N 432 -44.98 -13.61 -8.96
C GLN N 432 -43.75 -14.48 -9.19
N TYR N 433 -43.63 -15.00 -10.41
CA TYR N 433 -42.51 -15.84 -10.81
C TYR N 433 -41.69 -15.12 -11.87
N MET N 434 -40.38 -15.14 -11.71
CA MET N 434 -39.45 -14.52 -12.64
C MET N 434 -38.83 -15.57 -13.53
N PHE N 435 -38.95 -15.39 -14.84
CA PHE N 435 -38.41 -16.32 -15.84
C PHE N 435 -37.48 -15.56 -16.77
N SER N 436 -36.29 -16.11 -16.98
CA SER N 436 -35.31 -15.46 -17.84
C SER N 436 -35.83 -15.38 -19.27
N SER N 437 -35.62 -14.22 -19.88
CA SER N 437 -36.06 -14.01 -21.26
C SER N 437 -35.26 -14.90 -22.22
N LEU N 438 -35.93 -15.35 -23.28
CA LEU N 438 -35.31 -16.21 -24.27
C LEU N 438 -34.86 -15.45 -25.52
N LYS N 439 -35.43 -14.28 -25.79
CA LYS N 439 -35.07 -13.55 -26.99
C LYS N 439 -33.61 -13.12 -26.97
N ASN N 440 -33.13 -12.64 -25.83
CA ASN N 440 -31.77 -12.12 -25.72
C ASN N 440 -30.75 -13.17 -25.30
N SER N 441 -31.17 -14.42 -25.12
CA SER N 441 -30.25 -15.49 -24.75
C SER N 441 -29.42 -15.88 -25.96
N LYS N 442 -28.12 -15.58 -25.92
CA LYS N 442 -27.27 -15.89 -27.06
C LYS N 442 -27.20 -17.38 -27.33
N LYS N 443 -27.04 -18.19 -26.29
CA LYS N 443 -26.96 -19.64 -26.46
C LYS N 443 -28.28 -20.24 -26.88
N TYR N 444 -29.39 -19.51 -26.76
CA TYR N 444 -30.71 -19.99 -27.12
C TYR N 444 -31.28 -19.15 -28.27
N ALA N 445 -30.46 -18.87 -29.27
CA ALA N 445 -30.87 -18.06 -30.42
C ALA N 445 -30.90 -18.93 -31.67
N PRO N 446 -32.06 -19.44 -32.09
CA PRO N 446 -32.11 -20.27 -33.29
C PRO N 446 -31.72 -19.47 -34.53
N THR N 447 -31.11 -20.17 -35.49
CA THR N 447 -30.63 -19.53 -36.71
C THR N 447 -31.77 -19.42 -37.73
N GLU N 448 -31.44 -18.84 -38.89
CA GLU N 448 -32.46 -18.63 -39.92
C GLU N 448 -33.00 -19.95 -40.44
N ALA N 449 -32.14 -20.95 -40.64
CA ALA N 449 -32.59 -22.24 -41.13
C ALA N 449 -33.54 -22.89 -40.14
N GLN N 450 -33.24 -22.80 -38.85
CA GLN N 450 -34.13 -23.36 -37.83
C GLN N 450 -35.49 -22.67 -37.86
N LEU N 451 -35.50 -21.34 -37.98
CA LEU N 451 -36.76 -20.62 -38.06
C LEU N 451 -37.56 -21.04 -39.29
N ASN N 452 -36.89 -21.20 -40.43
CA ASN N 452 -37.58 -21.61 -41.65
C ASN N 452 -38.15 -23.02 -41.49
N ALA N 453 -37.41 -23.93 -40.88
CA ALA N 453 -37.92 -25.28 -40.67
C ALA N 453 -39.13 -25.27 -39.75
N VAL N 454 -39.08 -24.48 -38.67
CA VAL N 454 -40.22 -24.40 -37.76
C VAL N 454 -41.43 -23.82 -38.48
N ASP N 455 -41.20 -22.79 -39.31
CA ASP N 455 -42.31 -22.20 -40.07
C ASP N 455 -42.91 -23.21 -41.02
N ALA N 456 -42.08 -24.00 -41.70
CA ALA N 456 -42.59 -25.03 -42.60
C ALA N 456 -43.41 -26.06 -41.84
N LEU N 457 -42.92 -26.49 -40.67
CA LEU N 457 -43.68 -27.44 -39.87
C LEU N 457 -45.03 -26.86 -39.45
N ILE N 458 -45.04 -25.59 -39.02
CA ILE N 458 -46.29 -24.97 -38.60
C ILE N 458 -47.27 -24.89 -39.77
N ASP N 459 -46.77 -24.49 -40.94
CA ASP N 459 -47.64 -24.39 -42.10
C ASP N 459 -48.20 -25.75 -42.50
N SER N 460 -47.36 -26.78 -42.49
CA SER N 460 -47.80 -28.10 -42.91
C SER N 460 -48.77 -28.74 -41.93
N MET N 461 -48.81 -28.27 -40.69
CA MET N 461 -49.61 -28.87 -39.63
C MET N 461 -50.74 -27.95 -39.17
N SER N 462 -51.37 -27.26 -40.12
CA SER N 462 -52.48 -26.37 -39.80
C SER N 462 -53.76 -27.17 -39.62
N LEU N 463 -54.49 -26.89 -38.54
CA LEU N 463 -55.78 -27.52 -38.27
C LEU N 463 -56.95 -26.70 -38.77
N ALA N 464 -56.69 -25.59 -39.46
CA ALA N 464 -57.74 -24.74 -40.02
C ALA N 464 -57.51 -24.57 -41.51
N LYS N 465 -58.60 -24.43 -42.25
CA LYS N 465 -58.54 -24.31 -43.70
C LYS N 465 -59.45 -23.17 -44.15
N LYS N 466 -59.22 -22.73 -45.39
CA LYS N 466 -60.04 -21.68 -45.99
C LYS N 466 -61.19 -22.31 -46.76
N ASP N 467 -62.41 -21.87 -46.45
CA ASP N 467 -63.62 -22.43 -47.03
C ASP N 467 -63.85 -21.79 -48.39
N GLU N 468 -63.20 -22.33 -49.41
CA GLU N 468 -63.35 -21.87 -50.79
C GLU N 468 -63.04 -20.38 -50.93
N LYS N 469 -62.09 -19.89 -50.13
CA LYS N 469 -61.69 -18.48 -50.17
C LYS N 469 -62.89 -17.56 -49.95
N THR N 470 -63.79 -17.96 -49.07
CA THR N 470 -64.98 -17.18 -48.74
C THR N 470 -64.84 -16.41 -47.44
N ASP N 471 -63.62 -16.31 -46.89
CA ASP N 471 -63.38 -15.57 -45.66
C ASP N 471 -64.10 -16.22 -44.48
N THR N 472 -64.11 -17.55 -44.46
CA THR N 472 -64.74 -18.31 -43.38
C THR N 472 -63.84 -19.49 -43.05
N LEU N 473 -63.15 -19.41 -41.92
CA LEU N 473 -62.26 -20.49 -41.50
C LEU N 473 -63.07 -21.74 -41.18
N GLU N 474 -62.52 -22.90 -41.56
CA GLU N 474 -63.12 -24.19 -41.27
C GLU N 474 -62.16 -24.97 -40.37
N ASP N 475 -62.69 -25.51 -39.28
CA ASP N 475 -61.89 -26.25 -38.30
C ASP N 475 -61.82 -27.72 -38.71
N LEU N 476 -60.61 -28.20 -38.99
CA LEU N 476 -60.43 -29.59 -39.37
C LEU N 476 -60.51 -30.53 -38.18
N PHE N 477 -60.09 -30.06 -37.00
CA PHE N 477 -60.04 -30.89 -35.79
C PHE N 477 -60.75 -30.17 -34.66
N PRO N 478 -62.09 -30.14 -34.69
CA PRO N 478 -62.87 -29.46 -33.62
C PRO N 478 -62.94 -30.27 -32.33
N THR N 479 -61.89 -30.13 -31.51
CA THR N 479 -61.82 -30.89 -30.27
C THR N 479 -62.97 -30.58 -29.33
N THR N 480 -63.60 -29.41 -29.47
CA THR N 480 -64.70 -29.05 -28.59
C THR N 480 -65.94 -29.90 -28.79
N LYS N 481 -66.02 -30.66 -29.88
CA LYS N 481 -67.18 -31.49 -30.19
C LYS N 481 -66.88 -32.97 -30.06
N ILE N 482 -65.89 -33.32 -29.26
CA ILE N 482 -65.48 -34.71 -29.03
C ILE N 482 -65.91 -35.09 -27.62
N PRO N 483 -66.73 -36.13 -27.44
CA PRO N 483 -67.11 -36.53 -26.08
C PRO N 483 -65.90 -37.00 -25.28
N ASN N 484 -65.98 -36.81 -23.97
CA ASN N 484 -64.90 -37.24 -23.08
C ASN N 484 -64.71 -38.74 -23.21
N PRO N 485 -63.54 -39.21 -23.70
CA PRO N 485 -63.37 -40.65 -23.91
C PRO N 485 -63.42 -41.47 -22.63
N ARG N 486 -63.19 -40.85 -21.46
CA ARG N 486 -63.14 -41.62 -20.22
C ARG N 486 -64.49 -42.27 -19.93
N PHE N 487 -65.58 -41.55 -20.16
CA PHE N 487 -66.91 -42.12 -19.90
C PHE N 487 -67.18 -43.32 -20.80
N GLN N 488 -66.85 -43.20 -22.10
CA GLN N 488 -67.06 -44.31 -23.00
C GLN N 488 -66.21 -45.50 -22.62
N ARG N 489 -64.95 -45.27 -22.27
CA ARG N 489 -64.08 -46.36 -21.85
C ARG N 489 -64.62 -47.05 -20.60
N LEU N 490 -65.07 -46.27 -19.62
CA LEU N 490 -65.60 -46.83 -18.40
C LEU N 490 -66.86 -47.65 -18.67
N PHE N 491 -67.75 -47.14 -19.52
CA PHE N 491 -68.96 -47.89 -19.84
C PHE N 491 -68.63 -49.18 -20.58
N GLN N 492 -67.68 -49.13 -21.51
CA GLN N 492 -67.29 -50.33 -22.23
C GLN N 492 -66.72 -51.38 -21.28
N CYS N 493 -65.83 -50.96 -20.38
CA CYS N 493 -65.24 -51.90 -19.44
C CYS N 493 -66.29 -52.48 -18.49
N LEU N 494 -67.21 -51.63 -18.01
CA LEU N 494 -68.25 -52.13 -17.12
C LEU N 494 -69.16 -53.14 -17.83
N LEU N 495 -69.53 -52.85 -19.08
CA LEU N 495 -70.36 -53.79 -19.83
C LEU N 495 -69.63 -55.10 -20.06
N HIS N 496 -68.35 -55.03 -20.42
CA HIS N 496 -67.58 -56.24 -20.64
C HIS N 496 -67.49 -57.07 -19.36
N ARG N 497 -67.25 -56.42 -18.22
CA ARG N 497 -67.17 -57.14 -16.96
C ARG N 497 -68.51 -57.76 -16.60
N ALA N 498 -69.61 -57.03 -16.81
CA ALA N 498 -70.93 -57.56 -16.47
C ALA N 498 -71.27 -58.77 -17.33
N LEU N 499 -71.04 -58.67 -18.64
CA LEU N 499 -71.37 -59.78 -19.53
C LEU N 499 -70.34 -60.90 -19.46
N HIS N 500 -69.09 -60.58 -19.11
CA HIS N 500 -68.02 -61.56 -19.03
C HIS N 500 -67.32 -61.42 -17.67
N PRO N 501 -67.94 -61.94 -16.61
CA PRO N 501 -67.31 -61.81 -15.28
C PRO N 501 -65.97 -62.50 -15.17
N ARG N 502 -65.66 -63.45 -16.06
CA ARG N 502 -64.43 -64.24 -15.97
C ARG N 502 -63.49 -63.96 -17.14
N GLU N 503 -63.36 -62.69 -17.51
CA GLU N 503 -62.47 -62.28 -18.59
C GLU N 503 -61.78 -60.98 -18.20
N PRO N 504 -60.61 -60.71 -18.76
CA PRO N 504 -59.92 -59.44 -18.47
C PRO N 504 -60.55 -58.29 -19.24
N LEU N 505 -60.18 -57.08 -18.81
CA LEU N 505 -60.72 -55.89 -19.46
C LEU N 505 -60.25 -55.82 -20.91
N PRO N 506 -61.11 -55.40 -21.83
CA PRO N 506 -60.71 -55.33 -23.24
C PRO N 506 -59.87 -54.09 -23.51
N PRO N 507 -59.18 -54.04 -24.64
CA PRO N 507 -58.38 -52.85 -24.97
C PRO N 507 -59.27 -51.70 -25.43
N ILE N 508 -58.64 -50.53 -25.57
CA ILE N 508 -59.37 -49.34 -26.01
C ILE N 508 -59.85 -49.55 -27.44
N GLN N 509 -61.11 -49.19 -27.69
CA GLN N 509 -61.68 -49.35 -29.01
C GLN N 509 -60.96 -48.45 -30.01
N GLN N 510 -60.88 -48.93 -31.25
CA GLN N 510 -60.12 -48.21 -32.27
C GLN N 510 -60.73 -46.84 -32.54
N HIS N 511 -62.06 -46.76 -32.59
CA HIS N 511 -62.70 -45.48 -32.91
C HIS N 511 -62.37 -44.41 -31.87
N ILE N 512 -62.11 -44.82 -30.63
CA ILE N 512 -61.71 -43.85 -29.60
C ILE N 512 -60.41 -43.18 -30.01
N TRP N 513 -59.40 -43.97 -30.39
CA TRP N 513 -58.13 -43.41 -30.84
C TRP N 513 -58.32 -42.60 -32.12
N ASN N 514 -59.17 -43.09 -33.02
CA ASN N 514 -59.39 -42.37 -34.28
C ASN N 514 -59.96 -40.98 -34.03
N MET N 515 -60.93 -40.87 -33.11
CA MET N 515 -61.51 -39.56 -32.80
C MET N 515 -60.58 -38.71 -31.95
N LEU N 516 -59.71 -39.33 -31.17
CA LEU N 516 -58.77 -38.59 -30.34
C LEU N 516 -57.48 -38.22 -31.07
N ASN N 517 -57.36 -38.59 -32.35
CA ASN N 517 -56.19 -38.29 -33.14
C ASN N 517 -56.54 -37.34 -34.29
N PRO N 518 -55.58 -36.54 -34.76
CA PRO N 518 -55.86 -35.62 -35.86
C PRO N 518 -56.05 -36.37 -37.17
N PRO N 519 -56.67 -35.74 -38.17
CA PRO N 519 -56.86 -36.41 -39.45
C PRO N 519 -55.53 -36.82 -40.07
N ALA N 520 -55.55 -37.94 -40.79
CA ALA N 520 -54.34 -38.49 -41.37
C ALA N 520 -53.67 -37.53 -42.35
N GLU N 521 -54.43 -36.58 -42.91
CA GLU N 521 -53.83 -35.63 -43.85
C GLU N 521 -52.77 -34.79 -43.16
N VAL N 522 -53.01 -34.37 -41.92
CA VAL N 522 -52.04 -33.55 -41.20
C VAL N 522 -50.73 -34.32 -41.03
N THR N 523 -50.83 -35.59 -40.62
CA THR N 523 -49.62 -36.40 -40.45
C THR N 523 -48.92 -36.62 -41.79
N THR N 524 -49.69 -36.86 -42.85
CA THR N 524 -49.08 -37.08 -44.16
C THR N 524 -48.33 -35.84 -44.61
N LYS N 525 -48.87 -34.65 -44.33
CA LYS N 525 -48.19 -33.42 -44.71
C LYS N 525 -47.00 -33.12 -43.79
N SER N 526 -47.07 -33.54 -42.53
CA SER N 526 -46.02 -33.23 -41.56
C SER N 526 -44.92 -34.27 -41.48
N GLN N 527 -45.02 -35.37 -42.21
CA GLN N 527 -43.96 -36.38 -42.16
C GLN N 527 -42.59 -35.78 -42.42
N ILE N 528 -42.46 -35.00 -43.50
CA ILE N 528 -41.15 -34.54 -43.96
C ILE N 528 -40.66 -33.37 -43.12
N PRO N 529 -41.49 -32.36 -42.85
CA PRO N 529 -41.00 -31.24 -42.01
C PRO N 529 -40.51 -31.68 -40.65
N LEU N 530 -41.13 -32.69 -40.04
CA LEU N 530 -40.66 -33.20 -38.77
C LEU N 530 -39.24 -33.78 -38.90
N SER N 531 -39.00 -34.53 -39.97
CA SER N 531 -37.66 -35.08 -40.19
C SER N 531 -36.65 -33.96 -40.41
N LYS N 532 -37.03 -32.92 -41.16
CA LYS N 532 -36.13 -31.80 -41.38
C LYS N 532 -35.79 -31.10 -40.07
N ILE N 533 -36.79 -30.89 -39.21
CA ILE N 533 -36.55 -30.28 -37.92
C ILE N 533 -35.64 -31.16 -37.06
N LYS N 534 -35.89 -32.47 -37.07
CA LYS N 534 -35.04 -33.37 -36.30
C LYS N 534 -33.59 -33.29 -36.77
N THR N 535 -33.38 -33.25 -38.09
CA THR N 535 -32.02 -33.12 -38.61
C THR N 535 -31.40 -31.80 -38.20
N LEU N 536 -32.16 -30.71 -38.29
CA LEU N 536 -31.61 -29.39 -37.99
C LEU N 536 -31.42 -29.19 -36.48
N PHE N 537 -32.39 -29.61 -35.68
CA PHE N 537 -32.34 -29.36 -34.24
C PHE N 537 -31.64 -30.51 -33.54
N PRO N 538 -30.57 -30.26 -32.78
CA PRO N 538 -29.97 -31.34 -31.99
C PRO N 538 -30.68 -31.50 -30.65
N LEU N 539 -30.81 -32.75 -30.23
CA LEU N 539 -31.50 -33.08 -28.98
C LEU N 539 -30.80 -34.27 -28.34
N ILE N 540 -30.28 -34.08 -27.13
CA ILE N 540 -29.60 -35.12 -26.37
C ILE N 540 -30.22 -35.17 -24.99
N GLU N 541 -30.69 -36.34 -24.58
CA GLU N 541 -31.26 -36.51 -23.25
C GLU N 541 -30.15 -36.51 -22.21
N ALA N 542 -30.43 -35.89 -21.07
CA ALA N 542 -29.46 -35.81 -19.97
C ALA N 542 -29.64 -36.99 -19.02
N PRO O 2 2.06 63.12 6.59
CA PRO O 2 1.97 61.85 7.30
C PRO O 2 0.57 61.23 7.22
N VAL O 3 -0.46 62.07 7.30
CA VAL O 3 -1.84 61.58 7.26
C VAL O 3 -2.12 60.90 5.93
N MET O 4 -1.70 61.54 4.83
CA MET O 4 -1.95 60.96 3.51
C MET O 4 -1.23 59.63 3.34
N GLU O 5 0.02 59.56 3.76
CA GLU O 5 0.77 58.32 3.65
C GLU O 5 0.15 57.22 4.50
N GLU O 6 -0.29 57.56 5.72
CA GLU O 6 -0.95 56.59 6.57
C GLU O 6 -2.24 56.09 5.93
N LEU O 7 -3.02 57.00 5.35
CA LEU O 7 -4.25 56.60 4.66
C LEU O 7 -3.95 55.66 3.51
N GLU O 8 -2.93 55.99 2.70
CA GLU O 8 -2.59 55.13 1.58
C GLU O 8 -2.15 53.75 2.05
N GLN O 9 -1.32 53.70 3.09
CA GLN O 9 -0.86 52.40 3.59
C GLN O 9 -2.01 51.59 4.15
N GLY O 10 -2.90 52.23 4.91
CA GLY O 10 -4.05 51.52 5.45
C GLY O 10 -4.96 50.99 4.36
N LEU O 11 -5.21 51.80 3.33
CA LEU O 11 -6.01 51.34 2.21
C LEU O 11 -5.34 50.15 1.52
N LEU O 12 -4.03 50.23 1.30
CA LEU O 12 -3.33 49.13 0.65
C LEU O 12 -3.44 47.85 1.47
N MET O 13 -3.26 47.95 2.80
CA MET O 13 -3.35 46.77 3.64
C MET O 13 -4.78 46.25 3.74
N GLN O 14 -5.78 47.13 3.56
CA GLN O 14 -7.15 46.71 3.72
C GLN O 14 -7.54 45.72 2.63
N PRO O 15 -8.35 44.71 2.95
CA PRO O 15 -8.78 43.74 1.94
C PRO O 15 -9.99 44.25 1.16
N TRP O 16 -10.50 43.39 0.27
CA TRP O 16 -11.70 43.69 -0.49
C TRP O 16 -12.92 43.11 0.21
N ALA O 17 -14.07 43.73 -0.06
CA ALA O 17 -15.34 43.29 0.52
C ALA O 17 -16.43 43.44 -0.53
N TRP O 18 -17.51 42.69 -0.34
CA TRP O 18 -18.63 42.68 -1.27
C TRP O 18 -19.76 43.55 -0.72
N LEU O 19 -20.30 44.41 -1.57
CA LEU O 19 -21.38 45.33 -1.19
C LEU O 19 -22.51 45.19 -2.20
N GLN O 20 -23.59 44.53 -1.81
CA GLN O 20 -24.80 44.45 -2.63
C GLN O 20 -25.69 45.61 -2.25
N LEU O 21 -25.94 46.52 -3.21
CA LEU O 21 -26.59 47.80 -2.88
C LEU O 21 -27.96 47.95 -3.50
N ALA O 22 -28.09 47.85 -4.83
CA ALA O 22 -29.39 48.01 -5.48
C ALA O 22 -29.32 47.28 -6.81
N GLU O 23 -29.98 46.12 -6.89
CA GLU O 23 -29.99 45.30 -8.09
C GLU O 23 -28.60 45.19 -8.69
N ASN O 24 -27.57 45.25 -7.84
CA ASN O 24 -26.18 45.24 -8.29
C ASN O 24 -25.29 45.18 -7.07
N SER O 25 -24.01 44.86 -7.31
CA SER O 25 -23.04 44.72 -6.24
C SER O 25 -21.69 45.25 -6.73
N LEU O 26 -20.84 45.60 -5.77
CA LEU O 26 -19.53 46.15 -6.05
C LEU O 26 -18.51 45.56 -5.08
N LEU O 27 -17.24 45.69 -5.44
CA LEU O 27 -16.13 45.33 -4.58
C LEU O 27 -15.56 46.62 -3.99
N ALA O 28 -15.60 46.74 -2.67
CA ALA O 28 -15.24 47.96 -1.97
C ALA O 28 -14.10 47.70 -0.99
N LYS O 29 -13.28 48.72 -0.79
CA LYS O 29 -12.14 48.64 0.13
C LYS O 29 -11.95 50.03 0.71
N VAL O 30 -12.25 50.18 2.01
CA VAL O 30 -12.30 51.49 2.66
C VAL O 30 -11.45 51.45 3.91
N PHE O 31 -10.69 52.53 4.15
CA PHE O 31 -9.91 52.71 5.37
C PHE O 31 -10.17 54.12 5.88
N ILE O 32 -10.76 54.21 7.08
CA ILE O 32 -11.18 55.49 7.66
C ILE O 32 -10.43 55.69 8.97
N THR O 33 -9.79 56.85 9.10
CA THR O 33 -9.14 57.25 10.34
C THR O 33 -9.65 58.63 10.72
N LYS O 34 -9.33 59.05 11.96
CA LYS O 34 -9.88 60.29 12.48
C LYS O 34 -9.52 61.50 11.62
N GLN O 35 -8.45 61.41 10.82
CA GLN O 35 -8.00 62.52 10.00
C GLN O 35 -8.50 62.46 8.57
N GLY O 36 -9.34 61.49 8.23
CA GLY O 36 -9.87 61.39 6.88
C GLY O 36 -10.21 59.95 6.55
N TYR O 37 -10.28 59.66 5.25
CA TYR O 37 -10.55 58.31 4.81
C TYR O 37 -10.13 58.14 3.36
N ALA O 38 -10.02 56.88 2.95
CA ALA O 38 -9.73 56.49 1.58
C ALA O 38 -10.66 55.37 1.18
N LEU O 39 -11.15 55.40 -0.06
CA LEU O 39 -12.09 54.42 -0.56
C LEU O 39 -11.71 54.03 -1.97
N LEU O 40 -11.82 52.74 -2.27
CA LEU O 40 -11.56 52.19 -3.59
C LEU O 40 -12.67 51.21 -3.93
N VAL O 41 -13.45 51.51 -4.97
CA VAL O 41 -14.57 50.67 -5.36
C VAL O 41 -14.37 50.22 -6.80
N SER O 42 -14.97 49.09 -7.14
CA SER O 42 -14.84 48.54 -8.48
C SER O 42 -16.03 47.63 -8.77
N ASP O 43 -16.22 47.34 -10.05
CA ASP O 43 -17.22 46.40 -10.52
C ASP O 43 -16.62 45.40 -11.51
N LEU O 44 -15.31 45.17 -11.42
CA LEU O 44 -14.56 44.31 -12.32
C LEU O 44 -14.44 44.88 -13.72
N GLN O 45 -14.93 46.10 -13.95
CA GLN O 45 -14.80 46.77 -15.24
C GLN O 45 -14.18 48.16 -15.12
N GLN O 46 -14.50 48.89 -14.06
CA GLN O 46 -13.91 50.20 -13.80
C GLN O 46 -13.59 50.31 -12.32
N VAL O 47 -12.59 51.12 -12.00
CA VAL O 47 -12.13 51.31 -10.63
C VAL O 47 -12.20 52.80 -10.31
N TRP O 48 -12.85 53.12 -9.18
CA TRP O 48 -12.97 54.49 -8.71
C TRP O 48 -12.28 54.61 -7.36
N HIS O 49 -11.63 55.75 -7.13
CA HIS O 49 -10.89 56.01 -5.90
C HIS O 49 -11.27 57.38 -5.36
N GLU O 50 -11.27 57.50 -4.03
CA GLU O 50 -11.61 58.77 -3.38
C GLU O 50 -10.84 58.85 -2.07
N GLN O 51 -9.92 59.81 -1.97
CA GLN O 51 -9.23 60.13 -0.74
C GLN O 51 -9.74 61.47 -0.23
N VAL O 52 -10.15 61.52 1.04
CA VAL O 52 -10.89 62.65 1.58
C VAL O 52 -10.31 63.02 2.93
N ASP O 53 -10.21 64.33 3.18
CA ASP O 53 -9.68 64.89 4.42
C ASP O 53 -10.83 65.51 5.24
N THR O 54 -10.48 66.05 6.40
CA THR O 54 -11.50 66.46 7.37
C THR O 54 -12.29 67.69 6.91
N SER O 55 -11.62 68.66 6.29
CA SER O 55 -12.32 69.89 5.90
C SER O 55 -13.46 69.60 4.92
N VAL O 56 -13.16 68.86 3.86
CA VAL O 56 -14.20 68.51 2.90
C VAL O 56 -15.21 67.57 3.54
N VAL O 57 -14.79 66.76 4.52
CA VAL O 57 -15.74 65.92 5.25
C VAL O 57 -16.81 66.79 5.90
N SER O 58 -16.37 67.82 6.64
CA SER O 58 -17.33 68.71 7.29
C SER O 58 -18.18 69.44 6.26
N GLN O 59 -17.56 69.93 5.20
CA GLN O 59 -18.30 70.67 4.18
C GLN O 59 -19.41 69.81 3.58
N ARG O 60 -19.06 68.60 3.13
CA ARG O 60 -20.04 67.74 2.49
C ARG O 60 -21.09 67.25 3.49
N ALA O 61 -20.68 66.98 4.74
CA ALA O 61 -21.64 66.56 5.74
C ALA O 61 -22.68 67.65 5.98
N LYS O 62 -22.25 68.91 6.06
CA LYS O 62 -23.21 69.99 6.23
C LYS O 62 -24.08 70.16 4.99
N GLU O 63 -23.47 70.04 3.80
CA GLU O 63 -24.25 70.16 2.57
C GLU O 63 -25.34 69.10 2.50
N LEU O 64 -25.05 67.89 2.98
CA LEU O 64 -25.99 66.78 2.85
C LEU O 64 -27.02 66.78 3.99
N ASN O 65 -26.56 66.66 5.22
CA ASN O 65 -27.47 66.49 6.34
C ASN O 65 -28.41 67.69 6.48
N LYS O 66 -27.84 68.90 6.47
CA LYS O 66 -28.57 70.16 6.55
C LYS O 66 -29.18 70.40 7.93
N ARG O 67 -29.05 69.46 8.86
CA ARG O 67 -29.57 69.65 10.21
C ARG O 67 -28.67 69.09 11.30
N LEU O 68 -27.49 68.58 10.96
CA LEU O 68 -26.58 67.96 11.93
C LEU O 68 -25.32 68.79 12.04
N THR O 69 -24.86 69.00 13.28
CA THR O 69 -23.65 69.77 13.57
C THR O 69 -22.76 68.92 14.46
N ALA O 70 -21.76 68.28 13.86
CA ALA O 70 -20.83 67.43 14.58
C ALA O 70 -19.43 67.63 14.04
N PRO O 71 -18.40 67.40 14.85
CA PRO O 71 -17.03 67.55 14.35
C PRO O 71 -16.72 66.49 13.31
N PRO O 72 -15.80 66.78 12.38
CA PRO O 72 -15.48 65.77 11.34
C PRO O 72 -14.99 64.46 11.91
N ALA O 73 -14.24 64.48 13.01
CA ALA O 73 -13.74 63.24 13.60
C ALA O 73 -14.89 62.34 14.02
N ALA O 74 -15.89 62.90 14.69
CA ALA O 74 -17.04 62.11 15.11
C ALA O 74 -17.81 61.58 13.90
N PHE O 75 -17.94 62.41 12.86
CA PHE O 75 -18.64 61.96 11.65
C PHE O 75 -17.91 60.78 11.02
N LEU O 76 -16.59 60.86 10.92
CA LEU O 76 -15.82 59.74 10.35
C LEU O 76 -15.92 58.50 11.23
N CYS O 77 -15.87 58.68 12.56
CA CYS O 77 -16.01 57.54 13.45
C CYS O 77 -17.35 56.86 13.28
N HIS O 78 -18.43 57.64 13.17
CA HIS O 78 -19.75 57.05 12.96
C HIS O 78 -19.84 56.37 11.60
N LEU O 79 -19.25 56.99 10.57
CA LEU O 79 -19.25 56.36 9.25
C LEU O 79 -18.53 55.02 9.29
N ASP O 80 -17.39 54.96 9.97
CA ASP O 80 -16.68 53.69 10.11
C ASP O 80 -17.51 52.67 10.87
N ASN O 81 -18.13 53.10 11.97
CA ASN O 81 -18.97 52.18 12.74
C ASN O 81 -20.11 51.63 11.89
N LEU O 82 -20.64 52.45 10.98
CA LEU O 82 -21.73 51.99 10.13
C LEU O 82 -21.23 51.05 9.03
N LEU O 83 -20.06 51.35 8.46
CA LEU O 83 -19.60 50.63 7.28
C LEU O 83 -18.86 49.33 7.63
N ARG O 84 -17.89 49.40 8.53
CA ARG O 84 -17.03 48.25 8.81
C ARG O 84 -17.81 46.99 9.16
N PRO O 85 -18.78 47.00 10.08
CA PRO O 85 -19.51 45.75 10.36
C PRO O 85 -20.21 45.18 9.15
N LEU O 86 -20.75 46.04 8.28
CA LEU O 86 -21.38 45.55 7.06
C LEU O 86 -20.37 44.90 6.13
N LEU O 87 -19.19 45.52 5.99
CA LEU O 87 -18.17 44.96 5.10
C LEU O 87 -17.63 43.63 5.63
N LYS O 88 -17.43 43.53 6.94
CA LYS O 88 -16.79 42.33 7.51
C LYS O 88 -17.61 41.08 7.24
N ASP O 89 -18.94 41.16 7.42
CA ASP O 89 -19.81 40.02 7.24
C ASP O 89 -21.06 40.44 6.48
N ALA O 90 -21.65 39.49 5.76
CA ALA O 90 -22.86 39.74 5.01
C ALA O 90 -24.09 39.51 5.88
N ALA O 91 -25.25 39.94 5.37
CA ALA O 91 -26.52 39.81 6.09
C ALA O 91 -26.43 40.44 7.47
N HIS O 92 -25.81 41.62 7.55
CA HIS O 92 -25.68 42.34 8.81
C HIS O 92 -26.81 43.35 8.93
N PRO O 93 -27.72 43.20 9.90
CA PRO O 93 -28.81 44.19 10.02
C PRO O 93 -28.30 45.54 10.53
N SER O 94 -27.58 46.26 9.67
CA SER O 94 -27.03 47.56 10.00
C SER O 94 -27.96 48.71 9.62
N GLU O 95 -29.09 48.42 8.99
CA GLU O 95 -30.03 49.47 8.56
C GLU O 95 -29.33 50.49 7.68
N ALA O 96 -28.48 50.00 6.78
CA ALA O 96 -27.72 50.84 5.86
C ALA O 96 -28.19 50.59 4.44
N THR O 97 -28.58 51.66 3.75
CA THR O 97 -29.03 51.60 2.37
C THR O 97 -27.99 52.23 1.47
N PHE O 98 -27.61 51.52 0.41
CA PHE O 98 -26.59 51.97 -0.53
C PHE O 98 -27.19 52.15 -1.91
N SER O 99 -26.85 53.27 -2.55
CA SER O 99 -27.29 53.55 -3.92
C SER O 99 -26.11 54.06 -4.72
N CYS O 100 -26.17 53.85 -6.04
CA CYS O 100 -25.09 54.24 -6.93
C CYS O 100 -25.64 55.03 -8.11
N ASP O 101 -24.91 56.07 -8.50
CA ASP O 101 -25.23 56.88 -9.67
C ASP O 101 -23.95 57.07 -10.47
N CYS O 102 -23.91 56.49 -11.67
CA CYS O 102 -22.75 56.61 -12.55
C CYS O 102 -22.96 57.82 -13.48
N VAL O 103 -22.98 58.99 -12.86
CA VAL O 103 -23.19 60.24 -13.60
C VAL O 103 -21.87 60.65 -14.24
N ALA O 104 -21.90 60.85 -15.55
CA ALA O 104 -20.70 61.23 -16.32
C ALA O 104 -19.62 60.17 -16.02
N ASP O 105 -18.37 60.57 -15.81
CA ASP O 105 -17.32 59.62 -15.47
C ASP O 105 -17.24 59.36 -13.97
N ALA O 106 -17.62 60.33 -13.15
CA ALA O 106 -17.58 60.16 -11.71
C ALA O 106 -18.72 59.26 -11.23
N LEU O 107 -18.53 58.70 -10.04
CA LEU O 107 -19.50 57.79 -9.43
C LEU O 107 -19.91 58.34 -8.07
N ILE O 108 -21.21 58.47 -7.86
CA ILE O 108 -21.75 58.95 -6.59
C ILE O 108 -22.33 57.75 -5.85
N LEU O 109 -21.74 57.42 -4.71
CA LEU O 109 -22.21 56.32 -3.86
C LEU O 109 -22.88 56.93 -2.64
N ARG O 110 -24.19 56.80 -2.56
CA ARG O 110 -24.99 57.40 -1.49
C ARG O 110 -25.26 56.34 -0.42
N VAL O 111 -24.99 56.71 0.83
CA VAL O 111 -25.21 55.84 1.98
C VAL O 111 -26.21 56.52 2.90
N ARG O 112 -27.25 55.80 3.28
CA ARG O 112 -28.28 56.29 4.19
C ARG O 112 -28.38 55.34 5.38
N SER O 113 -28.61 55.90 6.56
CA SER O 113 -28.68 55.10 7.77
C SER O 113 -29.58 55.79 8.79
N GLU O 114 -29.98 55.03 9.80
CA GLU O 114 -30.79 55.53 10.91
C GLU O 114 -29.90 55.51 12.15
N LEU O 115 -29.19 56.62 12.37
CA LEU O 115 -28.29 56.73 13.52
C LEU O 115 -29.14 56.90 14.78
N SER O 116 -29.27 55.83 15.55
CA SER O 116 -30.07 55.84 16.77
C SER O 116 -31.51 56.30 16.48
N GLY O 117 -32.02 55.88 15.33
CA GLY O 117 -33.38 56.21 14.96
C GLY O 117 -33.56 57.56 14.27
N LEU O 118 -32.48 58.18 13.80
CA LEU O 118 -32.56 59.45 13.12
C LEU O 118 -31.76 59.40 11.82
N PRO O 119 -32.13 60.22 10.84
CA PRO O 119 -31.50 60.10 9.52
C PRO O 119 -30.01 60.44 9.55
N PHE O 120 -29.26 59.79 8.66
CA PHE O 120 -27.84 60.05 8.51
C PHE O 120 -27.47 59.76 7.07
N TYR O 121 -26.99 60.77 6.34
CA TYR O 121 -26.69 60.67 4.92
C TYR O 121 -25.22 60.94 4.66
N TRP O 122 -24.68 60.28 3.64
CA TRP O 122 -23.33 60.56 3.19
C TRP O 122 -23.21 60.21 1.71
N ASN O 123 -22.27 60.86 1.03
CA ASN O 123 -22.03 60.61 -0.39
C ASN O 123 -20.54 60.50 -0.64
N PHE O 124 -20.13 59.47 -1.36
CA PHE O 124 -18.78 59.33 -1.87
C PHE O 124 -18.76 59.73 -3.34
N HIS O 125 -18.01 60.78 -3.66
CA HIS O 125 -17.87 61.26 -5.04
C HIS O 125 -16.55 60.72 -5.59
N CYS O 126 -16.57 59.45 -5.96
CA CYS O 126 -15.36 58.76 -6.39
C CYS O 126 -15.09 59.04 -7.86
N MET O 127 -13.87 59.48 -8.16
CA MET O 127 -13.41 59.70 -9.52
C MET O 127 -12.71 58.44 -10.04
N LEU O 128 -12.48 58.43 -11.35
CA LEU O 128 -11.80 57.29 -11.97
C LEU O 128 -10.45 57.08 -11.31
N ALA O 129 -10.17 55.82 -10.94
CA ALA O 129 -8.93 55.51 -10.26
C ALA O 129 -7.73 55.81 -11.15
N SER O 130 -6.67 56.35 -10.55
CA SER O 130 -5.47 56.65 -11.31
C SER O 130 -4.85 55.35 -11.81
N PRO O 131 -4.20 55.38 -12.99
CA PRO O 131 -3.62 54.14 -13.51
C PRO O 131 -2.64 53.47 -12.57
N SER O 132 -1.84 54.25 -11.84
CA SER O 132 -0.88 53.66 -10.92
C SER O 132 -1.57 53.03 -9.71
N LEU O 133 -2.59 53.71 -9.17
CA LEU O 133 -3.27 53.19 -8.00
C LEU O 133 -3.97 51.86 -8.30
N VAL O 134 -4.73 51.82 -9.40
CA VAL O 134 -5.43 50.59 -9.77
C VAL O 134 -4.42 49.49 -10.02
N SER O 135 -3.32 49.80 -10.70
CA SER O 135 -2.28 48.80 -10.92
C SER O 135 -1.80 48.23 -9.60
N GLN O 136 -1.24 49.08 -8.73
CA GLN O 136 -0.68 48.60 -7.47
C GLN O 136 -1.70 47.85 -6.64
N HIS O 137 -2.99 48.22 -6.73
CA HIS O 137 -3.99 47.63 -5.85
C HIS O 137 -4.58 46.33 -6.39
N LEU O 138 -4.63 46.14 -7.71
CA LEU O 138 -5.27 44.97 -8.27
C LEU O 138 -4.33 44.10 -9.11
N ILE O 139 -3.56 44.71 -10.02
CA ILE O 139 -2.83 43.91 -11.01
C ILE O 139 -1.65 43.20 -10.34
N ARG O 140 -0.73 43.97 -9.76
CA ARG O 140 0.45 43.37 -9.15
C ARG O 140 0.08 42.38 -8.04
N PRO O 141 -0.78 42.72 -7.08
CA PRO O 141 -1.16 41.72 -6.07
C PRO O 141 -1.78 40.47 -6.65
N LEU O 142 -2.62 40.61 -7.68
CA LEU O 142 -3.26 39.44 -8.28
C LEU O 142 -2.23 38.51 -8.91
N MET O 143 -1.26 39.07 -9.63
CA MET O 143 -0.29 38.23 -10.32
C MET O 143 0.70 37.62 -9.32
N GLY O 144 1.01 38.35 -8.25
CA GLY O 144 1.75 37.73 -7.15
C GLY O 144 1.00 36.57 -6.53
N MET O 145 -0.32 36.73 -6.34
CA MET O 145 -1.14 35.64 -5.84
C MET O 145 -1.09 34.45 -6.80
N SER O 146 -1.17 34.71 -8.09
CA SER O 146 -1.12 33.64 -9.08
C SER O 146 0.20 32.90 -9.02
N LEU O 147 1.31 33.63 -8.91
CA LEU O 147 2.62 32.98 -8.81
C LEU O 147 2.73 32.16 -7.53
N ALA O 148 2.21 32.69 -6.41
CA ALA O 148 2.24 31.93 -5.16
C ALA O 148 1.43 30.66 -5.28
N LEU O 149 0.26 30.73 -5.92
CA LEU O 149 -0.56 29.53 -6.09
C LEU O 149 0.11 28.54 -7.02
N GLN O 150 0.81 29.01 -8.05
CA GLN O 150 1.56 28.12 -8.92
C GLN O 150 2.66 27.39 -8.14
N CYS O 151 3.37 28.13 -7.28
CA CYS O 151 4.38 27.48 -6.45
C CYS O 151 3.76 26.47 -5.50
N GLN O 152 2.60 26.80 -4.94
CA GLN O 152 1.89 25.83 -4.10
C GLN O 152 1.53 24.58 -4.88
N VAL O 153 1.07 24.74 -6.12
CA VAL O 153 0.72 23.59 -6.94
C VAL O 153 1.96 22.74 -7.24
N ARG O 154 3.08 23.39 -7.52
CA ARG O 154 4.31 22.65 -7.77
C ARG O 154 4.75 21.88 -6.53
N GLU O 155 4.64 22.51 -5.36
CA GLU O 155 4.94 21.81 -4.10
C GLU O 155 4.04 20.60 -3.92
N LEU O 156 2.74 20.78 -4.18
CA LEU O 156 1.80 19.67 -4.04
C LEU O 156 2.15 18.55 -5.01
N ALA O 157 2.55 18.90 -6.24
CA ALA O 157 2.91 17.88 -7.22
C ALA O 157 4.14 17.09 -6.79
N THR O 158 5.16 17.79 -6.28
CA THR O 158 6.36 17.06 -5.84
C THR O 158 6.05 16.19 -4.62
N LEU O 159 5.19 16.67 -3.72
CA LEU O 159 4.78 15.83 -2.59
C LEU O 159 4.02 14.61 -3.07
N LEU O 160 3.16 14.78 -4.07
CA LEU O 160 2.50 13.63 -4.69
C LEU O 160 3.51 12.65 -5.26
N HIS O 161 4.56 13.18 -5.90
CA HIS O 161 5.58 12.30 -6.46
C HIS O 161 6.31 11.52 -5.36
N MET O 162 6.63 12.18 -4.24
CA MET O 162 7.26 11.48 -3.14
C MET O 162 6.34 10.39 -2.58
N LYS O 163 5.05 10.71 -2.43
CA LYS O 163 4.10 9.73 -1.92
C LYS O 163 3.99 8.55 -2.89
N ASP O 164 4.01 8.82 -4.19
CA ASP O 164 3.96 7.74 -5.18
C ASP O 164 5.23 6.90 -5.14
N LEU O 165 6.39 7.51 -4.90
CA LEU O 165 7.59 6.71 -4.77
C LEU O 165 7.50 5.81 -3.54
N GLU O 166 7.04 6.35 -2.42
CA GLU O 166 6.82 5.53 -1.24
C GLU O 166 5.81 4.41 -1.54
N ILE O 167 4.80 4.69 -2.37
CA ILE O 167 3.77 3.71 -2.62
C ILE O 167 4.33 2.58 -3.47
N GLN O 168 5.16 2.93 -4.46
CA GLN O 168 5.81 1.92 -5.28
C GLN O 168 6.74 1.07 -4.43
N ASP O 169 7.44 1.70 -3.47
CA ASP O 169 8.29 0.94 -2.56
C ASP O 169 7.46 -0.04 -1.74
N TYR O 170 6.33 0.41 -1.19
CA TYR O 170 5.47 -0.49 -0.42
C TYR O 170 5.00 -1.65 -1.28
N GLN O 171 4.57 -1.37 -2.51
CA GLN O 171 4.12 -2.43 -3.39
C GLN O 171 5.24 -3.43 -3.68
N GLU O 172 6.44 -2.93 -3.96
CA GLU O 172 7.58 -3.82 -4.21
C GLU O 172 7.97 -4.59 -2.97
N SER O 173 7.60 -4.13 -1.78
CA SER O 173 7.88 -4.85 -0.54
C SER O 173 6.99 -6.08 -0.35
N GLY O 174 6.19 -6.44 -1.34
CA GLY O 174 5.34 -7.63 -1.24
C GLY O 174 4.25 -7.53 -0.20
N ALA O 175 3.57 -6.38 -0.12
CA ALA O 175 2.47 -6.17 0.81
C ALA O 175 1.18 -6.00 0.03
N THR O 176 0.11 -6.64 0.51
CA THR O 176 -1.18 -6.64 -0.16
C THR O 176 -2.21 -5.90 0.68
N LEU O 177 -3.06 -5.12 0.01
CA LEU O 177 -4.11 -4.39 0.70
C LEU O 177 -5.25 -5.32 1.10
N ILE O 178 -5.79 -5.09 2.30
CA ILE O 178 -6.97 -5.83 2.72
C ILE O 178 -8.16 -5.47 1.84
N ARG O 179 -8.34 -4.19 1.53
CA ARG O 179 -9.44 -3.71 0.72
C ARG O 179 -8.89 -2.98 -0.50
N ASP O 180 -9.38 -3.33 -1.68
CA ASP O 180 -9.00 -2.65 -2.91
C ASP O 180 -9.91 -1.49 -3.26
N ARG O 181 -11.01 -1.30 -2.52
CA ARG O 181 -11.89 -0.17 -2.80
C ARG O 181 -11.19 1.16 -2.59
N LEU O 182 -10.18 1.19 -1.73
CA LEU O 182 -9.44 2.41 -1.42
C LEU O 182 -8.25 2.62 -2.34
N LYS O 183 -7.94 1.66 -3.21
CA LYS O 183 -6.76 1.75 -4.07
C LYS O 183 -6.80 3.02 -4.92
N THR O 184 -5.67 3.71 -4.98
CA THR O 184 -5.51 4.89 -5.80
C THR O 184 -4.48 4.62 -6.90
N GLU O 185 -4.62 5.29 -8.04
CA GLU O 185 -3.76 5.09 -9.19
C GLU O 185 -2.60 6.08 -9.17
N PRO O 186 -1.53 5.79 -9.92
CA PRO O 186 -0.40 6.73 -9.97
C PRO O 186 -0.82 8.08 -10.53
N PHE O 187 -0.16 9.13 -10.06
CA PHE O 187 -0.47 10.50 -10.44
C PHE O 187 0.53 11.01 -11.46
N GLU O 188 0.03 11.62 -12.53
CA GLU O 188 0.85 12.24 -13.55
C GLU O 188 0.46 13.71 -13.67
N GLU O 189 1.46 14.59 -13.65
CA GLU O 189 1.19 16.02 -13.70
C GLU O 189 0.51 16.41 -15.00
N ASN O 190 1.01 15.90 -16.13
CA ASN O 190 0.44 16.27 -17.43
C ASN O 190 -1.00 15.80 -17.55
N SER O 191 -1.26 14.54 -17.19
CA SER O 191 -2.60 13.98 -17.31
C SER O 191 -3.57 14.74 -16.41
N PHE O 192 -3.17 14.99 -15.17
CA PHE O 192 -4.05 15.72 -14.25
C PHE O 192 -4.33 17.12 -14.74
N LEU O 193 -3.30 17.81 -15.25
CA LEU O 193 -3.49 19.17 -15.74
C LEU O 193 -4.46 19.18 -16.93
N GLU O 194 -4.27 18.27 -17.87
CA GLU O 194 -5.17 18.22 -19.03
C GLU O 194 -6.59 17.89 -18.60
N GLN O 195 -6.77 16.93 -17.70
CA GLN O 195 -8.10 16.57 -17.24
C GLN O 195 -8.77 17.75 -16.55
N PHE O 196 -8.03 18.45 -15.68
CA PHE O 196 -8.61 19.61 -15.01
C PHE O 196 -8.99 20.69 -16.01
N MET O 197 -8.11 20.99 -16.96
CA MET O 197 -8.40 22.03 -17.94
C MET O 197 -9.63 21.67 -18.75
N ILE O 198 -9.78 20.40 -19.13
CA ILE O 198 -10.92 20.00 -19.95
C ILE O 198 -12.21 20.05 -19.13
N GLU O 199 -12.16 19.60 -17.87
CA GLU O 199 -13.39 19.38 -17.11
C GLU O 199 -13.78 20.58 -16.25
N LYS O 200 -12.92 20.97 -15.31
CA LYS O 200 -13.31 21.86 -14.23
C LYS O 200 -12.96 23.32 -14.48
N LEU O 201 -12.07 23.63 -15.42
CA LEU O 201 -11.69 25.01 -15.65
C LEU O 201 -12.89 25.92 -15.93
N PRO O 202 -13.85 25.53 -16.77
CA PRO O 202 -14.98 26.44 -17.04
C PRO O 202 -15.73 26.88 -15.79
N GLU O 203 -15.86 25.98 -14.81
CA GLU O 203 -16.59 26.33 -13.59
C GLU O 203 -15.70 27.08 -12.60
N ALA O 204 -14.43 26.69 -12.49
CA ALA O 204 -13.55 27.31 -11.51
C ALA O 204 -13.17 28.73 -11.92
N CYS O 205 -12.81 28.93 -13.19
CA CYS O 205 -12.35 30.23 -13.63
C CYS O 205 -13.44 31.30 -13.58
N SER O 206 -14.71 30.90 -13.50
CA SER O 206 -15.80 31.87 -13.47
C SER O 206 -15.68 32.76 -12.25
N ILE O 207 -15.83 34.06 -12.47
CA ILE O 207 -15.79 35.03 -11.39
C ILE O 207 -17.17 35.60 -11.06
N GLY O 208 -18.09 35.63 -12.03
CA GLY O 208 -19.40 36.21 -11.77
C GLY O 208 -19.27 37.66 -11.37
N ASP O 209 -19.89 38.01 -10.25
CA ASP O 209 -19.85 39.37 -9.73
C ASP O 209 -18.62 39.65 -8.88
N GLY O 210 -17.75 38.67 -8.67
CA GLY O 210 -16.56 38.82 -7.86
C GLY O 210 -16.67 38.25 -6.46
N LYS O 211 -17.78 37.61 -6.12
CA LYS O 211 -17.95 37.06 -4.78
C LYS O 211 -16.89 36.00 -4.46
N PRO O 212 -16.60 35.03 -5.34
CA PRO O 212 -15.66 33.97 -4.96
C PRO O 212 -14.29 34.50 -4.57
N PHE O 213 -13.85 35.61 -5.15
CA PHE O 213 -12.56 36.17 -4.79
C PHE O 213 -12.53 36.62 -3.34
N VAL O 214 -13.50 37.43 -2.92
CA VAL O 214 -13.55 37.87 -1.53
C VAL O 214 -13.80 36.69 -0.60
N MET O 215 -14.47 35.65 -1.08
CA MET O 215 -14.74 34.50 -0.21
C MET O 215 -13.50 33.65 0.02
N ASN O 216 -12.70 33.43 -1.03
CA ASN O 216 -11.64 32.43 -0.98
C ASN O 216 -10.22 32.97 -1.12
N LEU O 217 -10.04 34.18 -1.65
CA LEU O 217 -8.72 34.67 -2.04
C LEU O 217 -8.44 36.01 -1.38
N GLN O 218 -8.63 36.09 -0.06
CA GLN O 218 -8.34 37.29 0.71
C GLN O 218 -7.09 37.17 1.57
N ASP O 219 -6.90 36.05 2.26
CA ASP O 219 -5.71 35.90 3.09
C ASP O 219 -4.44 35.94 2.23
N LEU O 220 -4.45 35.23 1.10
CA LEU O 220 -3.30 35.28 0.20
C LEU O 220 -3.10 36.69 -0.34
N TYR O 221 -4.20 37.38 -0.64
CA TYR O 221 -4.10 38.77 -1.07
C TYR O 221 -3.47 39.63 0.02
N MET O 222 -3.89 39.42 1.28
CA MET O 222 -3.29 40.15 2.40
C MET O 222 -1.79 39.91 2.46
N ALA O 223 -1.37 38.65 2.39
CA ALA O 223 0.05 38.34 2.51
C ALA O 223 0.83 38.93 1.34
N VAL O 224 0.30 38.84 0.12
CA VAL O 224 1.00 39.37 -1.04
C VAL O 224 1.15 40.88 -0.94
N THR O 225 0.08 41.57 -0.53
CA THR O 225 0.15 43.02 -0.40
C THR O 225 1.13 43.42 0.70
N THR O 226 1.12 42.70 1.82
CA THR O 226 2.07 43.00 2.90
C THR O 226 3.50 42.81 2.42
N GLN O 227 3.77 41.73 1.69
CA GLN O 227 5.12 41.52 1.17
C GLN O 227 5.51 42.62 0.19
N GLU O 228 4.58 43.03 -0.68
CA GLU O 228 4.88 44.06 -1.66
C GLU O 228 5.21 45.38 -0.97
N VAL O 229 4.42 45.76 0.03
CA VAL O 229 4.68 47.03 0.73
C VAL O 229 5.98 46.93 1.52
N GLN O 230 6.27 45.76 2.09
CA GLN O 230 7.54 45.58 2.80
C GLN O 230 8.72 45.74 1.86
N VAL O 231 8.63 45.20 0.65
CA VAL O 231 9.71 45.31 -0.32
C VAL O 231 9.97 46.78 -0.65
N GLY O 232 8.91 47.55 -0.89
CA GLY O 232 9.05 48.95 -1.21
C GLY O 232 7.70 49.66 -1.29
N MET P 1 -41.45 65.88 55.66
CA MET P 1 -42.03 67.25 55.68
C MET P 1 -43.43 67.18 55.05
N GLU P 2 -44.43 67.75 55.73
CA GLU P 2 -45.81 67.68 55.27
C GLU P 2 -46.32 69.08 54.96
N ARG P 3 -46.69 69.32 53.71
CA ARG P 3 -47.19 70.62 53.29
C ARG P 3 -48.52 70.44 52.56
N LYS P 4 -49.34 71.49 52.61
CA LYS P 4 -50.65 71.50 51.99
C LYS P 4 -50.84 72.83 51.27
N ILE P 5 -51.67 72.81 50.23
CA ILE P 5 -51.99 73.99 49.44
C ILE P 5 -53.50 74.16 49.39
N SER P 6 -53.93 75.41 49.27
CA SER P 6 -55.35 75.71 49.23
C SER P 6 -55.58 77.02 48.49
N ARG P 7 -56.82 77.24 48.07
CA ARG P 7 -57.23 78.47 47.41
C ARG P 7 -57.83 79.44 48.41
N ILE P 8 -57.77 80.73 48.07
CA ILE P 8 -58.38 81.77 48.89
C ILE P 8 -58.64 82.99 48.02
N HIS P 9 -59.84 83.56 48.15
CA HIS P 9 -60.20 84.74 47.39
C HIS P 9 -59.65 86.00 48.08
N LEU P 10 -59.81 87.14 47.43
CA LEU P 10 -59.37 88.43 47.96
C LEU P 10 -60.58 89.32 48.16
N VAL P 11 -60.65 89.98 49.31
CA VAL P 11 -61.78 90.87 49.58
C VAL P 11 -61.82 92.01 48.58
N SER P 12 -60.65 92.60 48.29
CA SER P 12 -60.60 93.72 47.36
C SER P 12 -60.87 93.26 45.92
N GLU P 13 -60.24 92.16 45.51
CA GLU P 13 -60.37 91.63 44.16
C GLU P 13 -60.68 90.14 44.23
N PRO P 14 -61.92 89.79 44.57
CA PRO P 14 -62.28 88.36 44.64
C PRO P 14 -62.17 87.64 43.31
N SER P 15 -62.19 88.36 42.19
CA SER P 15 -62.08 87.70 40.89
C SER P 15 -60.75 86.96 40.77
N ILE P 16 -59.67 87.57 41.21
CA ILE P 16 -58.36 86.93 41.17
C ILE P 16 -58.20 86.07 42.42
N THR P 17 -57.74 84.84 42.22
CA THR P 17 -57.61 83.87 43.30
C THR P 17 -56.15 83.73 43.71
N HIS P 18 -55.93 83.65 45.02
CA HIS P 18 -54.60 83.45 45.60
C HIS P 18 -54.48 82.04 46.16
N PHE P 19 -53.23 81.62 46.35
CA PHE P 19 -52.91 80.29 46.84
C PHE P 19 -52.14 80.40 48.14
N LEU P 20 -52.55 79.62 49.13
CA LEU P 20 -51.87 79.54 50.43
C LEU P 20 -51.22 78.17 50.58
N GLN P 21 -49.93 78.18 50.92
CA GLN P 21 -49.19 76.94 51.16
C GLN P 21 -48.71 76.95 52.60
N VAL P 22 -49.09 75.91 53.35
CA VAL P 22 -48.72 75.79 54.76
C VAL P 22 -47.92 74.50 54.93
N SER P 23 -46.73 74.61 55.50
CA SER P 23 -45.84 73.47 55.69
C SER P 23 -45.54 73.29 57.17
N TRP P 24 -45.58 72.04 57.61
CA TRP P 24 -45.33 71.67 59.00
C TRP P 24 -44.77 70.26 59.03
N GLU P 25 -44.17 69.91 60.17
CA GLU P 25 -43.51 68.61 60.35
C GLU P 25 -44.33 67.80 61.36
N LYS P 26 -45.23 66.98 60.84
CA LYS P 26 -45.93 65.96 61.63
C LYS P 26 -46.80 66.54 62.73
N THR P 27 -46.91 67.87 62.83
CA THR P 27 -47.73 68.48 63.86
C THR P 27 -47.83 69.98 63.62
N LEU P 28 -49.00 70.54 63.90
CA LEU P 28 -49.24 71.97 63.81
C LEU P 28 -48.91 72.71 65.09
N GLU P 29 -48.72 71.99 66.20
CA GLU P 29 -48.49 72.66 67.49
C GLU P 29 -47.11 73.29 67.57
N SER P 30 -46.08 72.57 67.12
CA SER P 30 -44.73 73.09 67.22
C SER P 30 -44.57 74.36 66.38
N GLY P 31 -45.11 74.35 65.17
CA GLY P 31 -45.02 75.51 64.30
C GLY P 31 -45.28 75.12 62.86
N PHE P 32 -45.20 76.12 61.99
CA PHE P 32 -45.41 75.92 60.57
C PHE P 32 -44.99 77.19 59.84
N VAL P 33 -44.91 77.09 58.52
CA VAL P 33 -44.58 78.20 57.65
C VAL P 33 -45.72 78.36 56.64
N ILE P 34 -46.23 79.59 56.53
CA ILE P 34 -47.38 79.89 55.67
C ILE P 34 -46.94 80.93 54.65
N THR P 35 -47.20 80.64 53.38
CA THR P 35 -46.87 81.55 52.29
C THR P 35 -48.12 81.80 51.45
N LEU P 36 -48.35 83.06 51.10
CA LEU P 36 -49.47 83.48 50.27
C LEU P 36 -48.93 84.02 48.96
N THR P 37 -49.43 83.48 47.85
CA THR P 37 -48.98 83.86 46.52
C THR P 37 -50.17 84.23 45.65
N ASP P 38 -49.94 85.16 44.71
CA ASP P 38 -50.95 85.60 43.78
C ASP P 38 -50.61 85.33 42.32
N GLY P 39 -49.35 85.07 42.00
CA GLY P 39 -48.95 84.81 40.62
C GLY P 39 -47.75 85.64 40.21
N HIS P 40 -47.70 86.89 40.69
CA HIS P 40 -46.58 87.78 40.42
C HIS P 40 -45.85 88.24 41.67
N SER P 41 -46.46 88.08 42.85
CA SER P 41 -45.82 88.44 44.11
C SER P 41 -46.23 87.43 45.17
N ALA P 42 -45.39 87.28 46.18
CA ALA P 42 -45.64 86.33 47.25
C ALA P 42 -45.10 86.87 48.56
N TRP P 43 -45.70 86.42 49.65
CA TRP P 43 -45.28 86.78 51.00
C TRP P 43 -45.19 85.50 51.84
N THR P 44 -44.31 85.52 52.84
CA THR P 44 -44.06 84.34 53.65
C THR P 44 -43.99 84.74 55.12
N GLY P 45 -44.31 83.78 55.99
CA GLY P 45 -44.24 84.01 57.43
C GLY P 45 -44.19 82.67 58.15
N THR P 46 -43.84 82.74 59.43
CA THR P 46 -43.69 81.56 60.26
C THR P 46 -44.45 81.74 61.57
N VAL P 47 -44.99 80.63 62.08
CA VAL P 47 -45.67 80.60 63.36
C VAL P 47 -45.00 79.53 64.20
N SER P 48 -44.51 79.92 65.37
CA SER P 48 -43.79 79.02 66.26
C SER P 48 -44.69 78.58 67.41
N GLU P 49 -44.15 77.71 68.27
CA GLU P 49 -44.90 77.26 69.44
C GLU P 49 -45.22 78.44 70.35
N SER P 50 -44.28 79.35 70.54
CA SER P 50 -44.53 80.53 71.36
C SER P 50 -45.64 81.37 70.78
N GLU P 51 -45.68 81.52 69.45
CA GLU P 51 -46.72 82.33 68.82
C GLU P 51 -48.10 81.75 69.09
N ILE P 52 -48.27 80.44 68.88
CA ILE P 52 -49.57 79.82 69.12
C ILE P 52 -49.92 79.87 70.60
N SER P 53 -48.92 79.71 71.48
CA SER P 53 -49.18 79.77 72.91
C SER P 53 -49.70 81.14 73.31
N GLN P 54 -49.04 82.20 72.87
CA GLN P 54 -49.49 83.55 73.20
C GLN P 54 -50.86 83.83 72.58
N GLU P 55 -51.08 83.34 71.36
CA GLU P 55 -52.38 83.52 70.73
C GLU P 55 -53.47 82.88 71.59
N ALA P 56 -53.30 81.61 71.96
CA ALA P 56 -54.29 80.95 72.80
C ALA P 56 -54.47 81.68 74.12
N ASP P 57 -53.39 82.25 74.66
CA ASP P 57 -53.49 83.05 75.89
C ASP P 57 -54.27 84.34 75.67
N ASP P 58 -54.34 84.83 74.43
CA ASP P 58 -55.00 86.10 74.19
C ASP P 58 -56.48 86.06 74.57
N MET P 59 -57.18 84.97 74.21
CA MET P 59 -58.59 84.83 74.58
C MET P 59 -58.89 83.55 75.34
N ALA P 60 -57.90 82.70 75.60
CA ALA P 60 -58.07 81.51 76.43
C ALA P 60 -59.15 80.59 75.86
N MET P 61 -58.87 80.05 74.68
CA MET P 61 -59.74 79.07 74.04
C MET P 61 -59.07 77.72 74.03
N GLU P 62 -59.88 76.66 74.04
CA GLU P 62 -59.34 75.30 74.13
C GLU P 62 -58.34 75.04 73.01
N LYS P 63 -57.19 74.47 73.37
CA LYS P 63 -56.14 74.25 72.38
C LYS P 63 -56.59 73.26 71.32
N GLY P 64 -57.25 72.16 71.72
CA GLY P 64 -57.68 71.18 70.75
C GLY P 64 -58.68 71.74 69.76
N LYS P 65 -59.67 72.49 70.27
CA LYS P 65 -60.66 73.09 69.39
C LYS P 65 -60.01 74.10 68.45
N TYR P 66 -59.08 74.89 68.96
CA TYR P 66 -58.38 75.85 68.12
C TYR P 66 -57.61 75.15 67.01
N VAL P 67 -56.89 74.08 67.35
CA VAL P 67 -56.10 73.36 66.36
C VAL P 67 -57.01 72.74 65.31
N GLY P 68 -58.10 72.11 65.74
CA GLY P 68 -59.02 71.51 64.79
C GLY P 68 -59.65 72.54 63.88
N GLU P 69 -60.06 73.69 64.43
CA GLU P 69 -60.65 74.73 63.61
C GLU P 69 -59.65 75.27 62.60
N LEU P 70 -58.39 75.47 63.02
CA LEU P 70 -57.38 75.95 62.10
C LEU P 70 -57.14 74.94 60.98
N ARG P 71 -57.07 73.65 61.33
CA ARG P 71 -56.89 72.62 60.31
C ARG P 71 -58.06 72.61 59.33
N LYS P 72 -59.29 72.72 59.85
CA LYS P 72 -60.45 72.73 58.97
C LYS P 72 -60.43 73.94 58.05
N ALA P 73 -60.06 75.10 58.56
CA ALA P 73 -60.12 76.33 57.77
C ALA P 73 -59.01 76.36 56.73
N LEU P 74 -57.75 76.35 57.18
CA LEU P 74 -56.64 76.53 56.25
C LEU P 74 -56.54 75.38 55.27
N LEU P 75 -56.70 74.14 55.74
CA LEU P 75 -56.48 72.99 54.88
C LEU P 75 -57.69 72.67 54.02
N SER P 76 -58.82 72.35 54.65
CA SER P 76 -60.00 71.92 53.90
C SER P 76 -60.77 73.12 53.36
N GLY P 77 -61.29 73.96 54.25
CA GLY P 77 -62.09 75.10 53.81
C GLY P 77 -63.32 74.70 53.03
N ALA P 78 -64.03 73.68 53.50
CA ALA P 78 -65.20 73.18 52.78
C ALA P 78 -66.27 74.25 52.68
N GLY P 79 -66.95 74.29 51.55
CA GLY P 79 -68.01 75.25 51.31
C GLY P 79 -69.17 75.13 52.28
N PRO P 80 -69.72 73.92 52.43
CA PRO P 80 -70.85 73.74 53.35
C PRO P 80 -70.47 73.60 54.81
N ALA P 81 -69.21 73.84 55.17
CA ALA P 81 -68.75 73.77 56.55
C ALA P 81 -68.53 75.16 57.14
N ASP P 82 -69.41 76.11 56.81
CA ASP P 82 -69.33 77.47 57.32
C ASP P 82 -68.00 78.12 56.93
N VAL P 83 -67.81 78.29 55.62
CA VAL P 83 -66.62 78.96 55.12
C VAL P 83 -66.49 80.33 55.79
N TYR P 84 -65.27 80.64 56.24
CA TYR P 84 -65.01 81.84 57.01
C TYR P 84 -64.59 82.99 56.09
N THR P 85 -64.27 84.13 56.69
CA THR P 85 -63.84 85.32 55.98
C THR P 85 -62.35 85.52 56.17
N PHE P 86 -61.74 86.25 55.23
CA PHE P 86 -60.31 86.50 55.24
C PHE P 86 -60.05 87.98 54.96
N ASN P 87 -58.91 88.47 55.46
CA ASN P 87 -58.51 89.84 55.22
C ASN P 87 -57.00 89.90 55.11
N PHE P 88 -56.51 90.89 54.36
CA PHE P 88 -55.07 91.03 54.12
C PHE P 88 -54.79 92.49 53.79
N SER P 89 -54.16 93.21 54.73
CA SER P 89 -53.72 94.57 54.49
C SER P 89 -52.38 94.55 53.77
N LYS P 90 -52.34 95.16 52.58
CA LYS P 90 -51.13 95.13 51.77
C LYS P 90 -50.08 96.12 52.31
N GLU P 91 -50.52 97.28 52.78
CA GLU P 91 -49.56 98.27 53.27
C GLU P 91 -48.74 97.72 54.43
N SER P 92 -49.40 97.05 55.37
CA SER P 92 -48.71 96.42 56.49
C SER P 92 -48.37 94.96 56.22
N CYS P 93 -48.78 94.41 55.08
CA CYS P 93 -48.49 93.01 54.74
C CYS P 93 -48.97 92.08 55.84
N TYR P 94 -50.16 92.37 56.38
CA TYR P 94 -50.72 91.65 57.51
C TYR P 94 -51.96 90.90 57.05
N PHE P 95 -51.88 89.57 57.02
CA PHE P 95 -52.96 88.71 56.57
C PHE P 95 -53.48 87.86 57.73
N PHE P 96 -54.80 87.69 57.78
CA PHE P 96 -55.41 86.84 58.80
C PHE P 96 -56.82 86.49 58.35
N PHE P 97 -57.51 85.72 59.20
CA PHE P 97 -58.85 85.23 58.90
C PHE P 97 -59.79 85.53 60.06
N GLU P 98 -60.99 85.98 59.73
CA GLU P 98 -62.02 86.29 60.69
C GLU P 98 -63.17 85.30 60.53
N LYS P 99 -63.62 84.73 61.64
CA LYS P 99 -64.70 83.75 61.60
C LYS P 99 -66.04 84.46 61.53
N ASN P 100 -66.96 83.90 60.77
CA ASN P 100 -68.29 84.46 60.61
C ASN P 100 -69.33 83.36 60.60
N LEU P 101 -70.38 83.54 61.39
CA LEU P 101 -71.55 82.67 61.39
C LEU P 101 -72.80 83.56 61.34
N LYS P 102 -73.97 82.92 61.35
CA LYS P 102 -75.22 83.64 61.20
C LYS P 102 -75.29 84.83 62.15
N ASP P 103 -75.31 86.04 61.58
CA ASP P 103 -75.44 87.27 62.35
C ASP P 103 -74.41 87.35 63.48
N VAL P 104 -73.17 86.97 63.17
CA VAL P 104 -72.09 87.07 64.15
C VAL P 104 -70.74 86.92 63.44
N SER P 105 -69.73 87.61 63.96
CA SER P 105 -68.39 87.50 63.41
C SER P 105 -67.38 87.93 64.47
N PHE P 106 -66.15 87.47 64.31
CA PHE P 106 -65.09 87.82 65.25
C PHE P 106 -63.74 87.39 64.68
N ARG P 107 -62.71 88.20 64.93
CA ARG P 107 -61.37 87.87 64.49
C ARG P 107 -60.78 86.75 65.34
N LEU P 108 -60.06 85.84 64.70
CA LEU P 108 -59.43 84.73 65.40
C LEU P 108 -57.95 84.62 65.08
N GLY P 109 -57.57 85.01 63.86
CA GLY P 109 -56.20 84.89 63.40
C GLY P 109 -55.47 86.21 63.41
N SER P 110 -54.15 86.13 63.63
CA SER P 110 -53.28 87.30 63.55
C SER P 110 -51.90 86.80 63.11
N PHE P 111 -51.65 86.88 61.81
CA PHE P 111 -50.41 86.40 61.21
C PHE P 111 -49.73 87.54 60.46
N ASN P 112 -48.46 87.77 60.76
CA ASN P 112 -47.66 88.78 60.09
C ASN P 112 -46.77 88.11 59.06
N LEU P 113 -46.85 88.58 57.81
CA LEU P 113 -46.11 88.00 56.70
C LEU P 113 -44.89 88.85 56.38
N GLU P 114 -43.73 88.20 56.26
CA GLU P 114 -42.50 88.89 55.96
C GLU P 114 -42.30 89.00 54.46
N LYS P 115 -41.71 90.11 54.02
CA LYS P 115 -41.46 90.32 52.60
C LYS P 115 -40.42 89.33 52.08
N VAL P 116 -40.57 88.98 50.81
CA VAL P 116 -39.64 88.07 50.14
C VAL P 116 -38.97 88.84 49.00
N GLU P 117 -37.65 88.70 48.89
CA GLU P 117 -36.92 89.44 47.86
C GLU P 117 -37.43 89.09 46.47
N ASN P 118 -37.59 87.79 46.19
CA ASN P 118 -38.09 87.33 44.91
C ASN P 118 -39.18 86.27 45.14
N PRO P 119 -40.23 86.25 44.32
CA PRO P 119 -41.22 85.18 44.39
C PRO P 119 -40.91 83.98 43.52
N ALA P 120 -39.88 84.08 42.67
CA ALA P 120 -39.57 82.99 41.75
C ALA P 120 -39.22 81.71 42.51
N GLU P 121 -38.45 81.83 43.59
CA GLU P 121 -38.02 80.64 44.33
C GLU P 121 -39.22 79.90 44.92
N VAL P 122 -40.12 80.64 45.59
CA VAL P 122 -41.28 79.99 46.20
C VAL P 122 -42.21 79.44 45.13
N ILE P 123 -42.40 80.17 44.04
CA ILE P 123 -43.22 79.68 42.95
C ILE P 123 -42.67 78.36 42.41
N ARG P 124 -41.36 78.33 42.18
CA ARG P 124 -40.71 77.12 41.66
C ARG P 124 -40.85 75.97 42.63
N GLU P 125 -40.64 76.24 43.93
CA GLU P 125 -40.80 75.18 44.92
C GLU P 125 -42.21 74.60 44.87
N LEU P 126 -43.22 75.48 44.85
CA LEU P 126 -44.60 75.01 44.84
C LEU P 126 -44.88 74.16 43.60
N ILE P 127 -44.48 74.66 42.42
CA ILE P 127 -44.86 73.97 41.19
C ILE P 127 -44.10 72.65 41.05
N CYS P 128 -42.82 72.62 41.42
CA CYS P 128 -42.09 71.35 41.35
C CYS P 128 -42.64 70.35 42.37
N TYR P 129 -43.04 70.84 43.55
CA TYR P 129 -43.65 69.95 44.52
C TYR P 129 -44.95 69.35 44.00
N CYS P 130 -45.79 70.18 43.36
CA CYS P 130 -47.05 69.65 42.84
C CYS P 130 -46.79 68.67 41.69
N LEU P 131 -45.76 68.95 40.87
CA LEU P 131 -45.41 68.01 39.82
C LEU P 131 -44.97 66.67 40.39
N ASP P 132 -44.14 66.68 41.42
CA ASP P 132 -43.75 65.44 42.07
C ASP P 132 -44.96 64.73 42.67
N THR P 133 -45.89 65.50 43.24
CA THR P 133 -47.09 64.92 43.81
C THR P 133 -47.91 64.19 42.75
N ILE P 134 -48.10 64.83 41.59
CA ILE P 134 -48.90 64.20 40.53
C ILE P 134 -48.18 62.96 40.02
N ALA P 135 -46.85 63.02 39.90
CA ALA P 135 -46.10 61.85 39.44
C ALA P 135 -46.29 60.68 40.40
N GLU P 136 -46.09 60.91 41.70
CA GLU P 136 -46.23 59.83 42.67
C GLU P 136 -47.67 59.31 42.71
N ASN P 137 -48.65 60.21 42.56
CA ASN P 137 -50.05 59.77 42.60
C ASN P 137 -50.40 58.96 41.36
N GLN P 138 -49.83 59.32 40.20
CA GLN P 138 -50.03 58.50 39.01
C GLN P 138 -49.43 57.12 39.20
N ALA P 139 -48.23 57.04 39.78
CA ALA P 139 -47.62 55.75 40.04
C ALA P 139 -48.49 54.92 40.99
N LYS P 140 -48.98 55.56 42.05
CA LYS P 140 -49.83 54.86 43.01
C LYS P 140 -51.12 54.39 42.37
N ASN P 141 -51.72 55.22 41.52
CA ASN P 141 -52.95 54.83 40.83
C ASN P 141 -52.71 53.65 39.91
N GLU P 142 -51.59 53.65 39.19
CA GLU P 142 -51.29 52.51 38.32
C GLU P 142 -51.10 51.24 39.15
N HIS P 143 -50.37 51.34 40.25
CA HIS P 143 -50.17 50.16 41.10
C HIS P 143 -51.49 49.65 41.67
N LEU P 144 -52.35 50.57 42.13
CA LEU P 144 -53.64 50.18 42.68
C LEU P 144 -54.52 49.55 41.61
N GLN P 145 -54.49 50.07 40.39
CA GLN P 145 -55.27 49.47 39.30
C GLN P 145 -54.77 48.06 39.01
N LYS P 146 -53.46 47.87 38.97
CA LYS P 146 -52.91 46.53 38.74
C LYS P 146 -53.35 45.57 39.85
N GLU P 147 -53.25 46.02 41.10
CA GLU P 147 -53.64 45.16 42.22
C GLU P 147 -55.13 44.83 42.16
N ASN P 148 -55.96 45.83 41.82
CA ASN P 148 -57.39 45.59 41.71
C ASN P 148 -57.70 44.59 40.61
N GLU P 149 -57.00 44.70 39.47
CA GLU P 149 -57.19 43.72 38.40
C GLU P 149 -56.82 42.32 38.87
N ARG P 150 -55.69 42.19 39.56
CA ARG P 150 -55.29 40.87 40.06
C ARG P 150 -56.32 40.32 41.04
N LEU P 151 -56.80 41.14 41.96
CA LEU P 151 -57.77 40.67 42.94
C LEU P 151 -59.10 40.31 42.29
N LEU P 152 -59.52 41.08 41.28
CA LEU P 152 -60.74 40.76 40.56
C LEU P 152 -60.60 39.43 39.82
N ARG P 153 -59.45 39.20 39.19
CA ARG P 153 -59.21 37.91 38.55
C ARG P 153 -59.26 36.77 39.55
N ASP P 154 -58.65 36.97 40.72
CA ASP P 154 -58.69 35.93 41.76
C ASP P 154 -60.12 35.67 42.22
N TRP P 155 -60.91 36.74 42.39
CA TRP P 155 -62.30 36.58 42.81
C TRP P 155 -63.11 35.82 41.76
N ASN P 156 -62.89 36.14 40.48
CA ASN P 156 -63.58 35.42 39.42
C ASN P 156 -63.19 33.95 39.41
N ASP P 157 -61.90 33.66 39.61
CA ASP P 157 -61.46 32.27 39.67
C ASP P 157 -62.10 31.54 40.85
N VAL P 158 -62.19 32.21 42.00
CA VAL P 158 -62.81 31.59 43.17
C VAL P 158 -64.30 31.33 42.91
N GLN P 159 -64.97 32.28 42.27
CA GLN P 159 -66.39 32.08 41.93
C GLN P 159 -66.56 30.90 40.99
N GLY P 160 -65.69 30.78 39.98
CA GLY P 160 -65.76 29.63 39.09
C GLY P 160 -65.51 28.32 39.81
N ARG P 161 -64.55 28.32 40.73
CA ARG P 161 -64.28 27.11 41.51
C ARG P 161 -65.48 26.73 42.37
N PHE P 162 -66.12 27.72 43.00
CA PHE P 162 -67.31 27.45 43.79
C PHE P 162 -68.43 26.87 42.92
N GLU P 163 -68.62 27.44 41.73
CA GLU P 163 -69.65 26.93 40.82
C GLU P 163 -69.34 25.49 40.43
N LYS P 164 -68.08 25.20 40.12
CA LYS P 164 -67.71 23.84 39.76
C LYS P 164 -67.96 22.87 40.91
N CYS P 165 -67.60 23.28 42.14
CA CYS P 165 -67.79 22.40 43.29
C CYS P 165 -69.26 22.12 43.53
N VAL P 166 -70.10 23.15 43.47
CA VAL P 166 -71.53 22.95 43.72
C VAL P 166 -72.13 22.09 42.61
N SER P 167 -71.72 22.31 41.36
CA SER P 167 -72.24 21.49 40.27
C SER P 167 -71.83 20.03 40.44
N ALA P 168 -70.58 19.78 40.83
CA ALA P 168 -70.15 18.41 41.05
C ALA P 168 -70.93 17.75 42.18
N LYS P 169 -71.14 18.49 43.28
CA LYS P 169 -71.91 17.94 44.38
C LYS P 169 -73.34 17.61 43.94
N GLU P 170 -73.96 18.52 43.19
CA GLU P 170 -75.32 18.28 42.74
C GLU P 170 -75.40 17.07 41.82
N ALA P 171 -74.44 16.93 40.91
CA ALA P 171 -74.44 15.78 40.00
C ALA P 171 -74.25 14.48 40.77
N LEU P 172 -73.34 14.49 41.76
CA LEU P 172 -73.17 13.30 42.59
C LEU P 172 -74.46 12.96 43.32
N GLU P 173 -75.16 13.98 43.84
CA GLU P 173 -76.44 13.74 44.51
C GLU P 173 -77.44 13.13 43.55
N THR P 174 -77.52 13.65 42.32
CA THR P 174 -78.46 13.10 41.35
C THR P 174 -78.17 11.64 41.05
N ASP P 175 -76.90 11.31 40.78
CA ASP P 175 -76.54 9.93 40.47
C ASP P 175 -76.85 9.01 41.64
N LEU P 176 -76.48 9.44 42.85
CA LEU P 176 -76.69 8.61 44.02
C LEU P 176 -78.18 8.39 44.27
N TYR P 177 -78.99 9.43 44.12
CA TYR P 177 -80.42 9.28 44.34
C TYR P 177 -81.05 8.41 43.26
N LYS P 178 -80.56 8.50 42.02
CA LYS P 178 -81.05 7.60 40.99
C LYS P 178 -80.78 6.16 41.35
N ARG P 179 -79.58 5.87 41.85
CA ARG P 179 -79.29 4.53 42.34
C ARG P 179 -80.24 4.13 43.45
N PHE P 180 -80.47 5.05 44.40
CA PHE P 180 -81.37 4.75 45.51
C PHE P 180 -82.76 4.39 45.03
N ILE P 181 -83.33 5.22 44.15
CA ILE P 181 -84.69 4.99 43.70
C ILE P 181 -84.77 3.70 42.90
N LEU P 182 -83.76 3.42 42.07
CA LEU P 182 -83.77 2.18 41.28
C LEU P 182 -83.76 0.96 42.19
N VAL P 183 -82.85 0.92 43.16
CA VAL P 183 -82.77 -0.24 44.04
C VAL P 183 -84.03 -0.37 44.88
N LEU P 184 -84.57 0.76 45.35
CA LEU P 184 -85.79 0.72 46.16
C LEU P 184 -86.96 0.19 45.35
N ASN P 185 -87.09 0.63 44.09
CA ASN P 185 -88.17 0.13 43.25
C ASN P 185 -88.02 -1.37 43.01
N GLU P 186 -86.78 -1.82 42.74
CA GLU P 186 -86.57 -3.25 42.54
C GLU P 186 -86.96 -4.05 43.78
N LYS P 187 -86.54 -3.58 44.95
CA LYS P 187 -86.89 -4.29 46.17
C LYS P 187 -88.39 -4.26 46.42
N LYS P 188 -89.04 -3.14 46.11
CA LYS P 188 -90.48 -3.03 46.31
C LYS P 188 -91.24 -4.01 45.42
N THR P 189 -90.87 -4.08 44.14
CA THR P 189 -91.55 -5.01 43.26
C THR P 189 -91.28 -6.45 43.69
N LYS P 190 -90.06 -6.76 44.11
CA LYS P 190 -89.76 -8.12 44.55
C LYS P 190 -90.59 -8.49 45.78
N ILE P 191 -90.66 -7.60 46.76
CA ILE P 191 -91.41 -7.90 47.98
C ILE P 191 -92.90 -8.02 47.69
N ARG P 192 -93.42 -7.17 46.79
CA ARG P 192 -94.82 -7.30 46.42
C ARG P 192 -95.09 -8.63 45.74
N SER P 193 -94.20 -9.04 44.82
CA SER P 193 -94.40 -10.31 44.13
C SER P 193 -94.37 -11.47 45.10
N LEU P 194 -93.43 -11.46 46.06
CA LEU P 194 -93.36 -12.56 47.02
C LEU P 194 -94.56 -12.55 47.96
N HIS P 195 -95.01 -11.37 48.37
CA HIS P 195 -96.19 -11.29 49.23
C HIS P 195 -97.45 -11.76 48.51
N ASN P 196 -97.49 -11.60 47.18
CA ASN P 196 -98.66 -12.07 46.44
C ASN P 196 -98.91 -13.56 46.65
N LYS P 197 -97.85 -14.33 46.92
CA LYS P 197 -98.00 -15.76 47.13
C LYS P 197 -98.71 -16.09 48.43
N LEU P 198 -98.77 -15.15 49.38
CA LEU P 198 -99.40 -15.44 50.67
C LEU P 198 -100.87 -15.77 50.49
N LEU P 199 -101.58 -14.98 49.68
CA LEU P 199 -103.00 -15.25 49.45
C LEU P 199 -103.21 -16.60 48.78
N ASN P 200 -102.39 -16.92 47.78
CA ASN P 200 -102.53 -18.20 47.10
C ASN P 200 -102.27 -19.36 48.06
N ALA P 201 -101.26 -19.25 48.90
CA ALA P 201 -100.93 -20.30 49.85
C ALA P 201 -100.24 -19.73 51.09
N MET Q 1 -59.01 67.63 24.42
CA MET Q 1 -58.09 68.71 24.93
C MET Q 1 -57.29 68.17 26.12
N GLU Q 2 -56.07 67.71 25.85
CA GLU Q 2 -55.19 67.18 26.88
C GLU Q 2 -53.87 67.93 26.85
N ARG Q 3 -53.38 68.33 28.02
CA ARG Q 3 -52.12 69.03 28.13
C ARG Q 3 -51.28 68.44 29.27
N LYS Q 4 -49.97 68.47 29.07
CA LYS Q 4 -49.01 67.91 30.02
C LYS Q 4 -47.90 68.92 30.28
N ILE Q 5 -47.42 68.92 31.52
CA ILE Q 5 -46.36 69.83 31.96
C ILE Q 5 -45.12 69.02 32.27
N SER Q 6 -43.96 69.64 32.02
CA SER Q 6 -42.68 68.98 32.27
C SER Q 6 -41.65 70.02 32.66
N ARG Q 7 -40.58 69.57 33.31
CA ARG Q 7 -39.50 70.42 33.78
C ARG Q 7 -38.33 70.37 32.81
N ILE Q 8 -37.51 71.44 32.83
CA ILE Q 8 -36.41 71.61 31.91
C ILE Q 8 -35.25 72.29 32.63
N HIS Q 9 -34.03 71.92 32.24
CA HIS Q 9 -32.80 72.53 32.73
C HIS Q 9 -32.10 73.14 31.52
N LEU Q 10 -32.42 74.39 31.21
CA LEU Q 10 -31.85 75.04 30.04
C LEU Q 10 -30.35 75.22 30.20
N VAL Q 11 -29.63 75.09 29.07
CA VAL Q 11 -28.18 75.22 29.09
C VAL Q 11 -27.77 76.65 29.44
N SER Q 12 -28.56 77.63 29.01
CA SER Q 12 -28.21 79.02 29.28
C SER Q 12 -28.12 79.29 30.78
N GLU Q 13 -29.08 78.76 31.55
CA GLU Q 13 -29.12 78.92 33.00
C GLU Q 13 -29.28 77.53 33.62
N PRO Q 14 -28.19 76.76 33.68
CA PRO Q 14 -28.30 75.40 34.25
C PRO Q 14 -28.75 75.40 35.70
N SER Q 15 -28.39 76.41 36.48
CA SER Q 15 -28.79 76.46 37.88
C SER Q 15 -30.31 76.52 38.02
N ILE Q 16 -30.97 77.29 37.15
CA ILE Q 16 -32.41 77.46 37.21
C ILE Q 16 -33.07 76.44 36.29
N THR Q 17 -34.33 76.13 36.58
CA THR Q 17 -35.12 75.18 35.79
C THR Q 17 -36.40 75.85 35.34
N HIS Q 18 -36.70 75.72 34.05
CA HIS Q 18 -37.94 76.23 33.48
C HIS Q 18 -38.93 75.08 33.32
N PHE Q 19 -40.10 75.39 32.77
CA PHE Q 19 -41.12 74.37 32.56
C PHE Q 19 -41.80 74.57 31.21
N LEU Q 20 -42.28 73.49 30.63
CA LEU Q 20 -42.99 73.51 29.36
C LEU Q 20 -44.32 72.79 29.51
N GLN Q 21 -45.39 73.45 29.09
CA GLN Q 21 -46.73 72.87 29.06
C GLN Q 21 -47.15 72.76 27.59
N VAL Q 22 -47.45 71.54 27.16
CA VAL Q 22 -47.83 71.25 25.79
C VAL Q 22 -49.27 70.74 25.80
N SER Q 23 -50.13 71.39 25.03
CA SER Q 23 -51.54 71.03 24.96
C SER Q 23 -51.92 70.70 23.53
N TRP Q 24 -52.60 69.57 23.35
CA TRP Q 24 -53.02 69.09 22.04
C TRP Q 24 -54.46 68.60 22.14
N GLU Q 25 -55.14 68.61 20.99
CA GLU Q 25 -56.55 68.22 20.97
C GLU Q 25 -56.71 66.71 20.95
N LYS Q 26 -56.22 66.06 19.90
CA LYS Q 26 -56.30 64.61 19.77
C LYS Q 26 -54.94 63.95 19.74
N THR Q 27 -54.02 64.43 18.91
CA THR Q 27 -52.69 63.87 18.82
C THR Q 27 -51.70 64.98 18.49
N LEU Q 28 -50.43 64.72 18.78
CA LEU Q 28 -49.40 65.72 18.52
C LEU Q 28 -49.28 66.02 17.03
N GLU Q 29 -49.67 65.07 16.17
CA GLU Q 29 -49.58 65.28 14.73
C GLU Q 29 -50.47 66.43 14.26
N SER Q 30 -51.53 66.75 15.01
CA SER Q 30 -52.45 67.82 14.65
C SER Q 30 -52.02 69.17 15.21
N GLY Q 31 -50.75 69.34 15.54
CA GLY Q 31 -50.27 70.56 16.13
C GLY Q 31 -50.55 70.62 17.62
N PHE Q 32 -50.05 71.67 18.26
CA PHE Q 32 -50.25 71.84 19.69
C PHE Q 32 -49.74 73.21 20.10
N VAL Q 33 -50.14 73.64 21.29
CA VAL Q 33 -49.75 74.92 21.86
C VAL Q 33 -48.77 74.67 22.99
N ILE Q 34 -47.65 75.39 22.97
CA ILE Q 34 -46.58 75.24 23.94
C ILE Q 34 -46.49 76.53 24.76
N THR Q 35 -46.33 76.37 26.07
CA THR Q 35 -46.16 77.50 26.98
C THR Q 35 -44.91 77.26 27.81
N LEU Q 36 -43.99 78.21 27.78
CA LEU Q 36 -42.77 78.16 28.58
C LEU Q 36 -42.98 79.01 29.82
N THR Q 37 -42.74 78.41 30.99
CA THR Q 37 -43.01 79.05 32.27
C THR Q 37 -41.73 79.15 33.08
N ASP Q 38 -41.54 80.32 33.70
CA ASP Q 38 -40.41 80.62 34.55
C ASP Q 38 -40.96 81.27 35.82
N GLY Q 39 -40.15 81.28 36.87
CA GLY Q 39 -40.57 81.79 38.15
C GLY Q 39 -41.40 83.06 38.11
N HIS Q 40 -41.07 83.98 37.20
CA HIS Q 40 -41.83 85.23 37.08
C HIS Q 40 -42.07 85.67 35.65
N SER Q 41 -41.67 84.90 34.65
CA SER Q 41 -41.85 85.25 33.25
C SER Q 41 -42.36 84.04 32.48
N ALA Q 42 -43.00 84.31 31.34
CA ALA Q 42 -43.58 83.24 30.54
C ALA Q 42 -43.58 83.63 29.07
N TRP Q 43 -43.67 82.60 28.22
CA TRP Q 43 -43.73 82.76 26.78
C TRP Q 43 -44.75 81.77 26.23
N THR Q 44 -45.30 82.10 25.06
CA THR Q 44 -46.32 81.27 24.43
C THR Q 44 -46.00 81.07 22.96
N GLY Q 45 -46.48 79.94 22.42
CA GLY Q 45 -46.33 79.67 20.99
C GLY Q 45 -47.23 78.53 20.60
N THR Q 46 -47.36 78.34 19.29
CA THR Q 46 -48.20 77.28 18.75
C THR Q 46 -47.57 76.72 17.48
N VAL Q 47 -47.89 75.46 17.19
CA VAL Q 47 -47.43 74.79 15.98
C VAL Q 47 -48.63 74.10 15.34
N SER Q 48 -48.79 74.29 14.04
CA SER Q 48 -49.93 73.76 13.29
C SER Q 48 -49.51 72.52 12.52
N GLU Q 49 -50.49 71.91 11.83
CA GLU Q 49 -50.20 70.71 11.05
C GLU Q 49 -49.22 71.00 9.93
N SER Q 50 -49.37 72.15 9.26
CA SER Q 50 -48.47 72.49 8.17
C SER Q 50 -47.03 72.63 8.67
N GLU Q 51 -46.84 73.25 9.84
CA GLU Q 51 -45.49 73.44 10.37
C GLU Q 51 -44.83 72.10 10.67
N ILE Q 52 -45.55 71.20 11.33
CA ILE Q 52 -44.97 69.89 11.66
C ILE Q 52 -44.69 69.10 10.40
N SER Q 53 -45.59 69.18 9.41
CA SER Q 53 -45.35 68.50 8.14
C SER Q 53 -44.10 69.03 7.46
N GLN Q 54 -43.92 70.36 7.44
CA GLN Q 54 -42.73 70.94 6.84
C GLN Q 54 -41.47 70.51 7.57
N GLU Q 55 -41.51 70.49 8.91
CA GLU Q 55 -40.35 70.05 9.67
C GLU Q 55 -40.02 68.60 9.37
N ALA Q 56 -41.05 67.73 9.30
CA ALA Q 56 -40.81 66.33 8.99
C ALA Q 56 -40.21 66.17 7.60
N ASP Q 57 -40.73 66.91 6.62
CA ASP Q 57 -40.19 66.84 5.26
C ASP Q 57 -38.74 67.30 5.23
N ASP Q 58 -38.43 68.37 5.96
CA ASP Q 58 -37.04 68.85 6.01
C ASP Q 58 -36.13 67.79 6.61
N MET Q 59 -36.57 67.12 7.67
CA MET Q 59 -35.78 66.05 8.26
C MET Q 59 -35.67 64.84 7.34
N ALA Q 60 -36.55 64.72 6.35
CA ALA Q 60 -36.51 63.62 5.38
C ALA Q 60 -36.63 62.27 6.08
N MET Q 61 -37.75 62.09 6.78
CA MET Q 61 -38.02 60.84 7.48
C MET Q 61 -39.53 60.70 7.64
N GLU Q 62 -39.95 59.50 8.00
CA GLU Q 62 -41.38 59.21 8.14
C GLU Q 62 -42.02 60.15 9.15
N LYS Q 63 -43.23 60.60 8.82
CA LYS Q 63 -43.96 61.48 9.72
C LYS Q 63 -44.24 60.81 11.06
N GLY Q 64 -44.55 59.51 11.03
CA GLY Q 64 -44.77 58.80 12.29
C GLY Q 64 -43.54 58.82 13.18
N LYS Q 65 -42.36 58.64 12.59
CA LYS Q 65 -41.14 58.69 13.39
C LYS Q 65 -40.93 60.07 14.00
N TYR Q 66 -41.21 61.13 13.23
CA TYR Q 66 -41.08 62.48 13.77
C TYR Q 66 -42.04 62.71 14.92
N VAL Q 67 -43.29 62.25 14.77
CA VAL Q 67 -44.28 62.41 15.84
C VAL Q 67 -43.84 61.64 17.07
N GLY Q 68 -43.34 60.42 16.89
CA GLY Q 68 -42.86 59.64 18.02
C GLY Q 68 -41.70 60.30 18.73
N GLU Q 69 -40.76 60.86 17.98
CA GLU Q 69 -39.63 61.55 18.59
C GLU Q 69 -40.09 62.78 19.35
N LEU Q 70 -41.05 63.54 18.78
CA LEU Q 70 -41.57 64.71 19.47
C LEU Q 70 -42.28 64.29 20.76
N ARG Q 71 -43.05 63.20 20.72
CA ARG Q 71 -43.68 62.71 21.94
C ARG Q 71 -42.64 62.31 22.98
N LYS Q 72 -41.57 61.63 22.54
CA LYS Q 72 -40.54 61.21 23.47
C LYS Q 72 -39.86 62.40 24.12
N ALA Q 73 -39.58 63.45 23.34
CA ALA Q 73 -38.81 64.58 23.85
C ALA Q 73 -39.67 65.55 24.65
N LEU Q 74 -40.68 66.13 24.01
CA LEU Q 74 -41.43 67.22 24.65
C LEU Q 74 -42.16 66.74 25.90
N LEU Q 75 -42.78 65.57 25.84
CA LEU Q 75 -43.59 65.07 26.95
C LEU Q 75 -42.75 64.49 28.08
N SER Q 76 -41.42 64.64 28.04
CA SER Q 76 -40.52 64.18 29.09
C SER Q 76 -40.45 62.66 29.18
N GLY Q 77 -40.90 61.95 28.15
CA GLY Q 77 -40.79 60.51 28.13
C GLY Q 77 -39.48 60.06 27.53
N ALA Q 78 -38.51 59.75 28.38
CA ALA Q 78 -37.16 59.42 27.96
C ALA Q 78 -36.83 57.97 28.27
N GLY Q 79 -36.05 57.35 27.39
CA GLY Q 79 -35.60 55.99 27.56
C GLY Q 79 -34.32 55.92 28.36
N PRO Q 80 -33.57 54.83 28.21
CA PRO Q 80 -32.31 54.71 28.98
C PRO Q 80 -31.31 55.79 28.65
N ALA Q 81 -30.98 55.98 27.37
CA ALA Q 81 -30.04 57.01 26.92
C ALA Q 81 -30.74 57.84 25.85
N ASP Q 82 -31.47 58.87 26.30
CA ASP Q 82 -32.20 59.77 25.42
C ASP Q 82 -31.97 61.22 25.84
N VAL Q 83 -30.71 61.57 26.08
CA VAL Q 83 -30.39 62.90 26.57
C VAL Q 83 -30.75 63.93 25.50
N TYR Q 84 -31.63 64.86 25.87
CA TYR Q 84 -32.04 65.96 24.99
C TYR Q 84 -31.72 67.28 25.69
N THR Q 85 -31.18 68.22 24.92
CA THR Q 85 -30.87 69.55 25.42
C THR Q 85 -31.73 70.57 24.68
N PHE Q 86 -32.34 71.48 25.46
CA PHE Q 86 -33.24 72.49 24.94
C PHE Q 86 -32.68 73.86 25.24
N ASN Q 87 -32.71 74.76 24.25
CA ASN Q 87 -32.21 76.12 24.40
C ASN Q 87 -33.29 77.10 23.97
N PHE Q 88 -33.24 78.30 24.56
CA PHE Q 88 -34.20 79.35 24.26
C PHE Q 88 -33.50 80.70 24.34
N SER Q 89 -33.56 81.45 23.24
CA SER Q 89 -32.99 82.79 23.18
C SER Q 89 -34.13 83.79 23.36
N LYS Q 90 -34.00 84.64 24.38
CA LYS Q 90 -35.03 85.63 24.66
C LYS Q 90 -34.99 86.78 23.67
N GLU Q 91 -33.79 87.26 23.34
CA GLU Q 91 -33.68 88.34 22.37
C GLU Q 91 -34.23 87.92 21.00
N SER Q 92 -33.92 86.70 20.58
CA SER Q 92 -34.47 86.13 19.36
C SER Q 92 -35.77 85.37 19.60
N CYS Q 93 -36.19 85.22 20.87
CA CYS Q 93 -37.43 84.54 21.21
C CYS Q 93 -37.57 83.22 20.47
N TYR Q 94 -36.46 82.52 20.30
CA TYR Q 94 -36.40 81.29 19.52
C TYR Q 94 -36.02 80.13 20.41
N PHE Q 95 -36.84 79.08 20.40
CA PHE Q 95 -36.62 77.88 21.19
C PHE Q 95 -36.30 76.72 20.26
N PHE Q 96 -35.41 75.83 20.70
CA PHE Q 96 -35.11 74.66 19.89
C PHE Q 96 -34.54 73.56 20.78
N PHE Q 97 -34.89 72.32 20.44
CA PHE Q 97 -34.49 71.14 21.19
C PHE Q 97 -33.76 70.17 20.28
N GLU Q 98 -32.72 69.54 20.82
CA GLU Q 98 -31.90 68.60 20.07
C GLU Q 98 -31.59 67.39 20.94
N LYS Q 99 -31.23 66.29 20.28
CA LYS Q 99 -30.81 65.06 20.94
C LYS Q 99 -29.29 64.97 20.89
N ASN Q 100 -28.68 64.69 22.04
CA ASN Q 100 -27.23 64.60 22.14
C ASN Q 100 -26.79 63.14 22.29
N LEU Q 101 -25.74 62.77 21.56
CA LEU Q 101 -25.21 61.42 21.62
C LEU Q 101 -23.83 61.34 20.98
N LYS Q 102 -22.86 60.78 21.69
CA LYS Q 102 -21.50 60.62 21.18
C LYS Q 102 -20.99 61.96 20.63
N ASP Q 103 -21.05 62.99 21.48
CA ASP Q 103 -20.60 64.33 21.13
C ASP Q 103 -21.06 64.75 19.74
N VAL Q 104 -22.30 64.42 19.38
CA VAL Q 104 -22.91 64.81 18.11
C VAL Q 104 -24.16 65.62 18.42
N SER Q 105 -24.25 66.82 17.84
CA SER Q 105 -25.40 67.69 18.01
C SER Q 105 -26.27 67.65 16.77
N PHE Q 106 -27.57 67.46 16.97
CA PHE Q 106 -28.52 67.30 15.87
C PHE Q 106 -29.80 68.03 16.25
N ARG Q 107 -30.06 69.17 15.61
CA ARG Q 107 -31.24 69.97 15.93
C ARG Q 107 -32.50 69.19 15.54
N LEU Q 108 -33.25 68.74 16.55
CA LEU Q 108 -34.44 67.96 16.28
C LEU Q 108 -35.62 68.86 15.93
N GLY Q 109 -35.84 69.91 16.69
CA GLY Q 109 -36.94 70.82 16.41
C GLY Q 109 -36.61 72.24 16.84
N SER Q 110 -37.33 73.19 16.24
CA SER Q 110 -37.08 74.61 16.51
C SER Q 110 -38.34 75.39 16.20
N PHE Q 111 -38.86 76.11 17.19
CA PHE Q 111 -39.99 77.00 17.04
C PHE Q 111 -39.61 78.40 17.50
N ASN Q 112 -40.54 79.34 17.27
CA ASN Q 112 -40.38 80.72 17.72
C ASN Q 112 -41.45 81.03 18.76
N LEU Q 113 -41.01 81.52 19.91
CA LEU Q 113 -41.91 81.84 21.01
C LEU Q 113 -42.24 83.34 21.02
N GLU Q 114 -43.24 83.69 21.82
CA GLU Q 114 -43.67 85.07 21.96
C GLU Q 114 -43.86 85.40 23.44
N LYS Q 115 -43.58 86.65 23.79
CA LYS Q 115 -43.77 87.12 25.15
C LYS Q 115 -45.26 87.23 25.46
N VAL Q 116 -45.60 87.04 26.73
CA VAL Q 116 -46.97 87.12 27.21
C VAL Q 116 -47.20 88.50 27.82
N GLU Q 117 -48.40 89.04 27.62
CA GLU Q 117 -48.73 90.33 28.21
C GLU Q 117 -48.66 90.27 29.73
N ASN Q 118 -49.15 89.19 30.31
CA ASN Q 118 -49.12 89.00 31.76
C ASN Q 118 -48.96 87.52 32.09
N PRO Q 119 -47.84 87.10 32.67
CA PRO Q 119 -47.67 85.68 33.01
C PRO Q 119 -48.54 85.24 34.19
N ALA Q 120 -49.16 86.17 34.92
CA ALA Q 120 -49.93 85.79 36.09
C ALA Q 120 -51.10 84.89 35.72
N GLU Q 121 -51.80 85.21 34.63
CA GLU Q 121 -52.94 84.39 34.23
C GLU Q 121 -52.50 82.98 33.89
N VAL Q 122 -51.41 82.83 33.14
CA VAL Q 122 -50.98 81.50 32.71
C VAL Q 122 -50.48 80.70 33.91
N ILE Q 123 -49.74 81.33 34.81
CA ILE Q 123 -49.25 80.59 35.99
C ILE Q 123 -50.42 80.19 36.88
N ARG Q 124 -51.42 81.07 37.02
CA ARG Q 124 -52.61 80.72 37.78
C ARG Q 124 -53.32 79.53 37.14
N GLU Q 125 -53.43 79.53 35.81
CA GLU Q 125 -54.05 78.42 35.11
C GLU Q 125 -53.28 77.13 35.37
N LEU Q 126 -51.95 77.20 35.31
CA LEU Q 126 -51.14 76.01 35.53
C LEU Q 126 -51.33 75.46 36.93
N ILE Q 127 -51.31 76.33 37.95
CA ILE Q 127 -51.43 75.86 39.32
C ILE Q 127 -52.83 75.32 39.57
N CYS Q 128 -53.86 75.97 39.04
CA CYS Q 128 -55.20 75.45 39.25
C CYS Q 128 -55.36 74.10 38.56
N TYR Q 129 -54.81 73.95 37.37
CA TYR Q 129 -54.89 72.68 36.66
C TYR Q 129 -54.19 71.58 37.48
N CYS Q 130 -53.02 71.89 38.02
CA CYS Q 130 -52.31 70.88 38.80
C CYS Q 130 -53.13 70.50 40.02
N LEU Q 131 -53.79 71.47 40.64
CA LEU Q 131 -54.59 71.18 41.84
C LEU Q 131 -55.79 70.31 41.51
N ASP Q 132 -56.52 70.63 40.43
CA ASP Q 132 -57.63 69.75 40.04
C ASP Q 132 -57.13 68.34 39.73
N THR Q 133 -55.99 68.21 39.05
CA THR Q 133 -55.56 66.85 38.71
C THR Q 133 -55.11 66.09 39.96
N ILE Q 134 -54.45 66.73 40.92
CA ILE Q 134 -54.06 65.98 42.12
C ILE Q 134 -55.31 65.62 42.91
N ALA Q 135 -56.29 66.52 43.00
CA ALA Q 135 -57.52 66.19 43.71
C ALA Q 135 -58.24 65.02 43.05
N GLU Q 136 -58.33 65.03 41.72
CA GLU Q 136 -58.99 63.95 41.00
C GLU Q 136 -58.24 62.63 41.21
N ASN Q 137 -56.91 62.67 41.15
CA ASN Q 137 -56.13 61.45 41.35
C ASN Q 137 -56.31 60.91 42.77
N GLN Q 138 -56.33 61.81 43.77
CA GLN Q 138 -56.53 61.37 45.15
C GLN Q 138 -57.91 60.75 45.32
N ALA Q 139 -58.94 61.36 44.74
CA ALA Q 139 -60.28 60.80 44.84
C ALA Q 139 -60.36 59.43 44.18
N LYS Q 140 -59.75 59.31 42.99
CA LYS Q 140 -59.76 58.02 42.29
C LYS Q 140 -59.02 56.96 43.09
N ASN Q 141 -57.88 57.31 43.67
CA ASN Q 141 -57.13 56.35 44.47
C ASN Q 141 -57.91 55.92 45.70
N GLU Q 142 -58.57 56.87 46.36
CA GLU Q 142 -59.38 56.53 47.54
C GLU Q 142 -60.52 55.59 47.15
N HIS Q 143 -61.22 55.90 46.05
CA HIS Q 143 -62.30 55.03 45.62
C HIS Q 143 -61.78 53.65 45.27
N LEU Q 144 -60.63 53.56 44.59
CA LEU Q 144 -60.08 52.28 44.22
C LEU Q 144 -59.67 51.49 45.46
N GLN Q 145 -59.11 52.16 46.47
CA GLN Q 145 -58.74 51.49 47.70
C GLN Q 145 -59.97 50.94 48.41
N LYS Q 146 -61.04 51.73 48.48
CA LYS Q 146 -62.27 51.24 49.10
C LYS Q 146 -62.82 50.03 48.35
N GLU Q 147 -62.82 50.09 47.01
CA GLU Q 147 -63.31 48.97 46.22
C GLU Q 147 -62.45 47.74 46.43
N ASN Q 148 -61.13 47.92 46.51
CA ASN Q 148 -60.23 46.78 46.74
C ASN Q 148 -60.48 46.17 48.11
N GLU Q 149 -60.69 47.00 49.14
CA GLU Q 149 -60.97 46.47 50.47
C GLU Q 149 -62.27 45.66 50.47
N ARG Q 150 -63.31 46.21 49.84
CA ARG Q 150 -64.58 45.50 49.78
C ARG Q 150 -64.44 44.18 49.03
N LEU Q 151 -63.72 44.20 47.91
CA LEU Q 151 -63.53 42.99 47.12
C LEU Q 151 -62.72 41.95 47.90
N LEU Q 152 -61.71 42.39 48.65
CA LEU Q 152 -60.94 41.45 49.47
C LEU Q 152 -61.81 40.84 50.55
N ARG Q 153 -62.67 41.63 51.19
CA ARG Q 153 -63.58 41.08 52.19
C ARG Q 153 -64.51 40.05 51.56
N ASP Q 154 -65.07 40.37 50.39
CA ASP Q 154 -65.95 39.41 49.71
C ASP Q 154 -65.19 38.15 49.34
N TRP Q 155 -63.95 38.29 48.87
CA TRP Q 155 -63.14 37.13 48.51
C TRP Q 155 -62.89 36.24 49.72
N ASN Q 156 -62.56 36.85 50.86
CA ASN Q 156 -62.34 36.06 52.07
C ASN Q 156 -63.62 35.34 52.49
N ASP Q 157 -64.76 36.04 52.43
CA ASP Q 157 -66.01 35.41 52.83
C ASP Q 157 -66.34 34.22 51.93
N VAL Q 158 -66.21 34.40 50.61
CA VAL Q 158 -66.53 33.32 49.69
C VAL Q 158 -65.54 32.17 49.85
N GLN Q 159 -64.27 32.48 50.14
CA GLN Q 159 -63.29 31.42 50.37
C GLN Q 159 -63.66 30.60 51.61
N GLY Q 160 -64.05 31.27 52.68
CA GLY Q 160 -64.48 30.54 53.87
C GLY Q 160 -65.71 29.70 53.61
N ARG Q 161 -66.68 30.25 52.88
CA ARG Q 161 -67.89 29.49 52.55
C ARG Q 161 -67.55 28.27 51.69
N PHE Q 162 -66.62 28.43 50.74
CA PHE Q 162 -66.22 27.31 49.91
C PHE Q 162 -65.52 26.24 50.73
N GLU Q 163 -64.68 26.66 51.69
CA GLU Q 163 -64.03 25.69 52.57
C GLU Q 163 -65.06 24.91 53.37
N LYS Q 164 -66.06 25.61 53.93
CA LYS Q 164 -67.12 24.93 54.66
C LYS Q 164 -67.89 23.98 53.75
N CYS Q 165 -68.14 24.40 52.51
CA CYS Q 165 -68.82 23.54 51.55
C CYS Q 165 -68.03 22.26 51.29
N VAL Q 166 -66.73 22.39 51.05
CA VAL Q 166 -65.89 21.23 50.79
C VAL Q 166 -65.88 20.31 52.00
N SER Q 167 -65.80 20.89 53.21
CA SER Q 167 -65.82 20.07 54.41
C SER Q 167 -67.15 19.32 54.55
N ALA Q 168 -68.26 19.99 54.24
CA ALA Q 168 -69.57 19.37 54.39
C ALA Q 168 -69.88 18.37 53.29
N LYS Q 169 -69.12 18.37 52.20
CA LYS Q 169 -69.34 17.37 51.16
C LYS Q 169 -69.16 15.96 51.69
N GLU Q 170 -68.11 15.74 52.49
CA GLU Q 170 -67.89 14.41 53.05
C GLU Q 170 -69.01 14.00 53.99
N ALA Q 171 -69.51 14.95 54.79
CA ALA Q 171 -70.65 14.66 55.66
C ALA Q 171 -71.87 14.30 54.83
N LEU Q 172 -72.10 15.01 53.72
CA LEU Q 172 -73.19 14.64 52.82
C LEU Q 172 -73.06 13.20 52.36
N GLU Q 173 -71.87 12.83 51.88
CA GLU Q 173 -71.69 11.48 51.37
C GLU Q 173 -71.92 10.44 52.47
N THR Q 174 -71.35 10.68 53.65
CA THR Q 174 -71.49 9.72 54.75
C THR Q 174 -72.93 9.56 55.17
N ASP Q 175 -73.66 10.68 55.31
CA ASP Q 175 -75.05 10.60 55.72
C ASP Q 175 -75.89 9.90 54.66
N LEU Q 176 -75.63 10.16 53.38
CA LEU Q 176 -76.38 9.50 52.32
C LEU Q 176 -76.14 8.00 52.35
N TYR Q 177 -74.89 7.58 52.53
CA TYR Q 177 -74.60 6.15 52.62
C TYR Q 177 -75.27 5.53 53.85
N LYS Q 178 -75.27 6.25 54.96
CA LYS Q 178 -75.92 5.74 56.17
C LYS Q 178 -77.41 5.53 55.95
N ARG Q 179 -78.08 6.51 55.36
CA ARG Q 179 -79.51 6.35 55.07
C ARG Q 179 -79.72 5.19 54.11
N PHE Q 180 -78.85 5.06 53.12
CA PHE Q 180 -78.88 3.90 52.22
C PHE Q 180 -78.91 2.61 53.01
N ILE Q 181 -77.93 2.42 53.90
CA ILE Q 181 -77.79 1.13 54.55
C ILE Q 181 -78.94 0.89 55.51
N LEU Q 182 -79.42 1.92 56.21
CA LEU Q 182 -80.56 1.73 57.10
C LEU Q 182 -81.81 1.32 56.33
N VAL Q 183 -82.10 2.02 55.22
CA VAL Q 183 -83.29 1.68 54.44
C VAL Q 183 -83.16 0.26 53.89
N LEU Q 184 -81.98 -0.09 53.39
CA LEU Q 184 -81.80 -1.40 52.78
C LEU Q 184 -81.92 -2.51 53.82
N ASN Q 185 -81.38 -2.28 55.02
CA ASN Q 185 -81.51 -3.26 56.09
C ASN Q 185 -82.97 -3.40 56.53
N GLU Q 186 -83.70 -2.28 56.60
CA GLU Q 186 -85.13 -2.36 56.93
C GLU Q 186 -85.88 -3.20 55.91
N LYS Q 187 -85.59 -2.99 54.63
CA LYS Q 187 -86.24 -3.78 53.59
C LYS Q 187 -85.85 -5.25 53.69
N LYS Q 188 -84.59 -5.53 54.01
CA LYS Q 188 -84.16 -6.92 54.18
C LYS Q 188 -84.92 -7.58 55.33
N THR Q 189 -85.06 -6.86 56.45
CA THR Q 189 -85.81 -7.41 57.57
C THR Q 189 -87.27 -7.68 57.18
N LYS Q 190 -87.88 -6.73 56.46
CA LYS Q 190 -89.28 -6.91 56.05
C LYS Q 190 -89.42 -8.13 55.15
N ILE Q 191 -88.53 -8.27 54.17
CA ILE Q 191 -88.65 -9.38 53.23
C ILE Q 191 -88.38 -10.71 53.91
N ARG Q 192 -87.41 -10.74 54.83
CA ARG Q 192 -87.16 -11.96 55.59
C ARG Q 192 -88.36 -12.34 56.44
N SER Q 193 -89.01 -11.36 57.07
CA SER Q 193 -90.21 -11.64 57.85
C SER Q 193 -91.32 -12.18 56.95
N LEU Q 194 -91.50 -11.59 55.77
CA LEU Q 194 -92.52 -12.09 54.85
C LEU Q 194 -92.23 -13.51 54.41
N HIS Q 195 -90.96 -13.80 54.10
CA HIS Q 195 -90.60 -15.16 53.69
C HIS Q 195 -90.83 -16.16 54.81
N ASN Q 196 -90.48 -15.78 56.04
CA ASN Q 196 -90.73 -16.67 57.18
C ASN Q 196 -92.22 -16.91 57.37
N LYS Q 197 -93.03 -15.85 57.22
CA LYS Q 197 -94.48 -16.02 57.34
C LYS Q 197 -95.00 -16.96 56.25
N LEU Q 198 -94.52 -16.81 55.02
CA LEU Q 198 -94.95 -17.69 53.95
C LEU Q 198 -94.55 -19.14 54.22
N LEU Q 199 -93.33 -19.34 54.71
CA LEU Q 199 -92.90 -20.70 55.06
C LEU Q 199 -93.78 -21.29 56.15
N ASN Q 200 -94.10 -20.50 57.16
CA ASN Q 200 -94.99 -20.98 58.22
C ASN Q 200 -96.36 -21.34 57.68
N ALA Q 201 -96.89 -20.52 56.78
CA ALA Q 201 -98.19 -20.78 56.17
C ALA Q 201 -98.15 -22.06 55.34
N SER R 10 14.90 -42.90 -27.44
CA SER R 10 14.36 -42.90 -26.08
C SER R 10 13.98 -41.49 -25.64
N GLN R 11 12.76 -41.08 -25.98
CA GLN R 11 12.25 -39.76 -25.65
C GLN R 11 11.20 -39.89 -24.56
N THR R 12 11.22 -38.94 -23.62
CA THR R 12 10.32 -38.93 -22.48
C THR R 12 9.43 -37.69 -22.55
N VAL R 13 8.13 -37.89 -22.33
CA VAL R 13 7.19 -36.77 -22.39
C VAL R 13 7.46 -35.78 -21.26
N ALA R 14 7.87 -36.29 -20.09
CA ALA R 14 8.09 -35.41 -18.95
C ALA R 14 9.11 -34.32 -19.24
N SER R 15 10.08 -34.59 -20.13
CA SER R 15 11.08 -33.60 -20.45
C SER R 15 10.53 -32.47 -21.31
N HIS R 16 9.44 -32.71 -22.04
CA HIS R 16 8.85 -31.70 -22.90
C HIS R 16 7.75 -30.90 -22.23
N VAL R 17 7.46 -31.17 -20.96
CA VAL R 17 6.41 -30.47 -20.23
C VAL R 17 7.04 -29.61 -19.15
N PRO R 18 7.11 -28.28 -19.32
CA PRO R 18 7.70 -27.45 -18.28
C PRO R 18 6.91 -27.55 -16.98
N PHE R 19 7.64 -27.47 -15.86
CA PHE R 19 7.00 -27.55 -14.55
C PHE R 19 6.02 -26.41 -14.33
N ALA R 20 6.16 -25.32 -15.08
CA ALA R 20 5.25 -24.18 -14.91
C ALA R 20 3.82 -24.57 -15.20
N ASP R 21 3.60 -25.37 -16.24
CA ASP R 21 2.23 -25.78 -16.59
C ASP R 21 1.61 -26.60 -15.47
N LEU R 22 2.36 -27.55 -14.91
CA LEU R 22 1.84 -28.37 -13.83
C LEU R 22 1.57 -27.53 -12.59
N CYS R 23 2.46 -26.59 -12.27
CA CYS R 23 2.24 -25.72 -11.13
C CYS R 23 1.00 -24.85 -11.31
N SER R 24 0.81 -24.33 -12.52
CA SER R 24 -0.38 -23.53 -12.80
C SER R 24 -1.64 -24.37 -12.67
N THR R 25 -1.60 -25.61 -13.16
CA THR R 25 -2.76 -26.49 -13.03
C THR R 25 -3.06 -26.77 -11.55
N LEU R 26 -2.02 -27.02 -10.75
CA LEU R 26 -2.23 -27.26 -9.33
C LEU R 26 -2.81 -26.03 -8.64
N GLU R 27 -2.31 -24.83 -8.99
CA GLU R 27 -2.84 -23.61 -8.41
C GLU R 27 -4.30 -23.41 -8.80
N ARG R 28 -4.64 -23.69 -10.07
CA ARG R 28 -6.04 -23.59 -10.50
C ARG R 28 -6.92 -24.56 -9.73
N ILE R 29 -6.43 -25.78 -9.51
CA ILE R 29 -7.17 -26.75 -8.71
C ILE R 29 -7.40 -26.22 -7.30
N GLN R 30 -6.34 -25.66 -6.69
CA GLN R 30 -6.44 -25.18 -5.32
C GLN R 30 -7.44 -24.04 -5.21
N LYS R 31 -7.34 -23.04 -6.10
CA LYS R 31 -8.23 -21.89 -6.00
C LYS R 31 -9.67 -22.25 -6.30
N SER R 32 -9.90 -23.20 -7.21
CA SER R 32 -11.25 -23.59 -7.58
C SER R 32 -12.00 -24.14 -6.37
N LYS R 33 -13.28 -23.81 -6.30
CA LYS R 33 -14.15 -24.28 -5.23
C LYS R 33 -15.03 -25.46 -5.66
N GLY R 34 -15.77 -25.30 -6.76
CA GLY R 34 -16.60 -26.37 -7.26
C GLY R 34 -15.79 -27.60 -7.65
N ARG R 35 -16.21 -28.77 -7.16
CA ARG R 35 -15.51 -30.00 -7.51
C ARG R 35 -15.55 -30.26 -9.01
N ALA R 36 -16.63 -29.85 -9.68
CA ALA R 36 -16.71 -30.04 -11.12
C ALA R 36 -15.60 -29.30 -11.84
N GLU R 37 -15.29 -28.08 -11.39
CA GLU R 37 -14.23 -27.31 -12.03
C GLU R 37 -12.88 -28.01 -11.87
N LYS R 38 -12.59 -28.53 -10.68
CA LYS R 38 -11.33 -29.24 -10.46
C LYS R 38 -11.26 -30.49 -11.33
N ILE R 39 -12.36 -31.24 -11.40
CA ILE R 39 -12.38 -32.43 -12.24
C ILE R 39 -12.14 -32.06 -13.69
N ARG R 40 -12.78 -30.99 -14.17
CA ARG R 40 -12.59 -30.56 -15.54
C ARG R 40 -11.14 -30.17 -15.80
N HIS R 41 -10.53 -29.42 -14.88
CA HIS R 41 -9.14 -28.99 -15.05
C HIS R 41 -8.21 -30.19 -15.12
N PHE R 42 -8.36 -31.13 -14.18
CA PHE R 42 -7.48 -32.30 -14.19
C PHE R 42 -7.72 -33.16 -15.42
N ARG R 43 -8.98 -33.28 -15.85
CA ARG R 43 -9.28 -34.07 -17.04
C ARG R 43 -8.65 -33.46 -18.29
N GLU R 44 -8.74 -32.13 -18.44
CA GLU R 44 -8.14 -31.50 -19.60
C GLU R 44 -6.62 -31.64 -19.57
N PHE R 45 -6.01 -31.50 -18.39
CA PHE R 45 -4.56 -31.68 -18.29
C PHE R 45 -4.16 -33.11 -18.68
N LEU R 46 -4.91 -34.10 -18.18
CA LEU R 46 -4.61 -35.48 -18.51
C LEU R 46 -4.80 -35.76 -20.00
N ASP R 47 -5.85 -35.19 -20.60
CA ASP R 47 -6.07 -35.37 -22.02
C ASP R 47 -4.93 -34.76 -22.83
N SER R 48 -4.48 -33.56 -22.46
CA SER R 48 -3.36 -32.94 -23.15
C SER R 48 -2.10 -33.80 -23.02
N TRP R 49 -1.83 -34.30 -21.81
CA TRP R 49 -0.65 -35.15 -21.62
C TRP R 49 -0.74 -36.41 -22.47
N ARG R 50 -1.91 -37.05 -22.50
CA ARG R 50 -2.07 -38.26 -23.29
C ARG R 50 -1.90 -37.98 -24.78
N LYS R 51 -2.47 -36.88 -25.26
CA LYS R 51 -2.32 -36.52 -26.67
C LYS R 51 -0.86 -36.29 -27.02
N PHE R 52 -0.14 -35.55 -26.16
CA PHE R 52 1.27 -35.30 -26.43
C PHE R 52 2.07 -36.60 -26.42
N HIS R 53 1.79 -37.48 -25.46
CA HIS R 53 2.51 -38.76 -25.41
C HIS R 53 2.25 -39.58 -26.66
N ASP R 54 0.99 -39.65 -27.10
CA ASP R 54 0.67 -40.41 -28.30
C ASP R 54 1.35 -39.83 -29.53
N ALA R 55 1.33 -38.51 -29.66
CA ALA R 55 1.97 -37.87 -30.81
C ALA R 55 3.47 -38.09 -30.81
N LEU R 56 4.12 -37.96 -29.65
CA LEU R 56 5.57 -38.07 -29.59
C LEU R 56 6.03 -39.47 -29.94
N HIS R 57 5.35 -40.49 -29.43
CA HIS R 57 5.80 -41.88 -29.58
C HIS R 57 5.18 -42.56 -30.80
N LYS R 58 4.75 -41.80 -31.80
CA LYS R 58 4.24 -42.42 -33.03
C LYS R 58 5.31 -43.22 -33.73
N ASN R 59 6.52 -42.67 -33.85
CA ASN R 59 7.60 -43.39 -34.52
C ASN R 59 7.99 -44.64 -33.74
N HIS R 60 8.13 -44.51 -32.42
CA HIS R 60 8.51 -45.64 -31.58
C HIS R 60 7.32 -46.57 -31.40
N LYS R 61 7.54 -47.86 -31.57
CA LYS R 61 6.50 -48.86 -31.44
C LYS R 61 6.34 -49.38 -30.01
N ASP R 62 7.21 -48.95 -29.09
CA ASP R 62 7.12 -49.36 -27.69
C ASP R 62 7.40 -48.15 -26.81
N VAL R 63 6.84 -48.18 -25.60
CA VAL R 63 6.98 -47.09 -24.65
C VAL R 63 7.37 -47.67 -23.30
N THR R 64 8.27 -46.98 -22.59
CA THR R 64 8.70 -47.41 -21.26
C THR R 64 7.97 -46.70 -20.14
N ASP R 65 7.54 -45.46 -20.35
CA ASP R 65 6.80 -44.70 -19.33
C ASP R 65 5.96 -43.65 -20.02
N SER R 66 4.71 -43.51 -19.58
CA SER R 66 3.77 -42.56 -20.16
C SER R 66 3.35 -41.47 -19.19
N PHE R 67 2.85 -41.84 -18.01
CA PHE R 67 2.29 -40.86 -17.08
C PHE R 67 2.75 -41.07 -15.65
N TYR R 68 3.73 -41.96 -15.40
CA TYR R 68 4.15 -42.23 -14.03
C TYR R 68 4.68 -40.99 -13.33
N PRO R 69 5.56 -40.18 -13.92
CA PRO R 69 6.05 -39.00 -13.20
C PRO R 69 4.94 -38.05 -12.79
N ALA R 70 3.92 -37.88 -13.63
CA ALA R 70 2.84 -36.95 -13.31
C ALA R 70 2.10 -37.38 -12.05
N MET R 71 1.70 -38.65 -11.98
CA MET R 71 1.00 -39.14 -10.79
C MET R 71 1.93 -39.17 -9.58
N ARG R 72 3.20 -39.50 -9.79
CA ARG R 72 4.15 -39.51 -8.68
C ARG R 72 4.28 -38.13 -8.06
N LEU R 73 4.34 -37.09 -8.89
CA LEU R 73 4.43 -35.73 -8.38
C LEU R 73 3.10 -35.29 -7.75
N ILE R 74 1.98 -35.61 -8.41
CA ILE R 74 0.68 -35.12 -7.95
C ILE R 74 0.24 -35.83 -6.68
N LEU R 75 0.77 -37.02 -6.41
CA LEU R 75 0.39 -37.83 -5.25
C LEU R 75 1.65 -38.25 -4.50
N PRO R 76 2.33 -37.30 -3.86
CA PRO R 76 3.55 -37.67 -3.11
C PRO R 76 3.29 -38.63 -1.96
N GLN R 77 2.07 -38.67 -1.44
CA GLN R 77 1.77 -39.56 -0.32
C GLN R 77 1.97 -41.02 -0.71
N LEU R 78 1.58 -41.38 -1.93
CA LEU R 78 1.67 -42.74 -2.40
C LEU R 78 3.00 -43.06 -3.09
N GLU R 79 3.93 -42.10 -3.14
CA GLU R 79 5.21 -42.34 -3.78
C GLU R 79 5.96 -43.45 -3.05
N ARG R 80 6.48 -44.40 -3.83
CA ARG R 80 7.19 -45.55 -3.27
C ARG R 80 8.50 -45.87 -3.97
N GLU R 81 8.75 -45.36 -5.17
CA GLU R 81 9.98 -45.70 -5.89
C GLU R 81 11.21 -45.25 -5.13
N ARG R 82 11.18 -44.04 -4.58
CA ARG R 82 12.30 -43.48 -3.84
C ARG R 82 11.98 -43.45 -2.35
N MET R 83 13.02 -43.60 -1.54
CA MET R 83 12.85 -43.61 -0.10
C MET R 83 12.50 -42.21 0.40
N ALA R 84 12.29 -42.11 1.71
CA ALA R 84 11.91 -40.83 2.30
C ALA R 84 13.03 -39.82 2.12
N TYR R 85 12.65 -38.57 1.83
CA TYR R 85 13.63 -37.51 1.64
C TYR R 85 14.42 -37.25 2.91
N GLY R 86 13.82 -37.48 4.07
CA GLY R 86 14.47 -37.20 5.33
C GLY R 86 14.38 -35.76 5.79
N ILE R 87 13.61 -34.93 5.10
CA ILE R 87 13.47 -33.52 5.43
C ILE R 87 12.00 -33.22 5.69
N LYS R 88 11.75 -32.27 6.57
CA LYS R 88 10.39 -31.88 6.94
C LYS R 88 10.40 -30.39 7.27
N GLU R 89 9.34 -29.93 7.95
CA GLU R 89 9.17 -28.50 8.18
C GLU R 89 10.42 -27.86 8.75
N THR R 90 10.88 -28.33 9.90
CA THR R 90 12.01 -27.68 10.57
C THR R 90 13.29 -27.81 9.75
N MET R 91 13.60 -29.03 9.28
CA MET R 91 14.81 -29.24 8.50
C MET R 91 14.76 -28.47 7.18
N LEU R 92 13.59 -28.47 6.53
CA LEU R 92 13.46 -27.72 5.28
C LEU R 92 13.66 -26.24 5.51
N ALA R 93 13.09 -25.70 6.60
CA ALA R 93 13.28 -24.29 6.90
C ALA R 93 14.74 -23.97 7.18
N LYS R 94 15.41 -24.83 7.94
CA LYS R 94 16.83 -24.60 8.22
C LYS R 94 17.66 -24.63 6.95
N LEU R 95 17.39 -25.60 6.07
CA LEU R 95 18.11 -25.68 4.80
C LEU R 95 17.84 -24.45 3.94
N TYR R 96 16.60 -23.98 3.91
CA TYR R 96 16.28 -22.79 3.14
C TYR R 96 17.01 -21.58 3.69
N ILE R 97 17.06 -21.43 5.01
CA ILE R 97 17.75 -20.30 5.62
C ILE R 97 19.23 -20.34 5.29
N GLU R 98 19.84 -21.53 5.40
CA GLU R 98 21.26 -21.65 5.11
C GLU R 98 21.55 -21.37 3.63
N LEU R 99 20.69 -21.86 2.74
CA LEU R 99 20.96 -21.73 1.31
C LEU R 99 20.73 -20.30 0.83
N LEU R 100 19.70 -19.63 1.34
CA LEU R 100 19.38 -18.27 0.91
C LEU R 100 20.22 -17.22 1.63
N ASN R 101 21.07 -17.63 2.58
CA ASN R 101 21.94 -16.70 3.29
C ASN R 101 21.14 -15.64 4.05
N LEU R 102 19.95 -16.00 4.49
CA LEU R 102 19.14 -15.07 5.28
C LEU R 102 19.76 -14.90 6.67
N PRO R 103 19.52 -13.75 7.31
CA PRO R 103 20.05 -13.56 8.66
C PRO R 103 19.53 -14.61 9.62
N ARG R 104 20.41 -15.08 10.51
CA ARG R 104 20.04 -16.16 11.43
C ARG R 104 18.91 -15.72 12.36
N ASP R 105 19.00 -14.50 12.89
CA ASP R 105 18.01 -13.99 13.84
C ASP R 105 17.06 -12.99 13.21
N GLY R 106 17.05 -12.87 11.88
CA GLY R 106 16.18 -11.93 11.22
C GLY R 106 14.73 -12.36 11.27
N LYS R 107 13.85 -11.44 10.88
CA LYS R 107 12.41 -11.71 10.92
C LYS R 107 12.06 -12.88 10.01
N ASP R 108 12.64 -12.94 8.81
CA ASP R 108 12.33 -14.02 7.89
C ASP R 108 12.72 -15.38 8.47
N ALA R 109 13.91 -15.46 9.08
CA ALA R 109 14.35 -16.73 9.64
C ALA R 109 13.44 -17.19 10.77
N LEU R 110 13.06 -16.28 11.66
CA LEU R 110 12.16 -16.64 12.75
C LEU R 110 10.79 -17.07 12.21
N LYS R 111 10.28 -16.35 11.21
CA LYS R 111 9.00 -16.73 10.62
C LYS R 111 9.08 -18.12 9.99
N LEU R 112 10.17 -18.42 9.28
CA LEU R 112 10.31 -19.72 8.65
C LEU R 112 10.40 -20.83 9.69
N LEU R 113 11.26 -20.66 10.69
CA LEU R 113 11.40 -21.66 11.73
C LEU R 113 10.13 -21.76 12.57
N ASN R 114 9.64 -20.62 13.05
CA ASN R 114 8.41 -20.58 13.84
C ASN R 114 7.19 -20.28 12.95
N TYR R 115 7.01 -21.08 11.91
CA TYR R 115 5.90 -20.85 10.99
C TYR R 115 4.56 -21.06 11.69
N ARG R 116 4.50 -21.96 12.66
CA ARG R 116 3.25 -22.21 13.38
C ARG R 116 2.80 -20.98 14.15
N THR R 117 3.76 -20.26 14.76
CA THR R 117 3.40 -19.13 15.61
C THR R 117 2.69 -18.06 14.79
N PRO R 118 1.51 -17.61 15.20
CA PRO R 118 0.81 -16.53 14.50
C PRO R 118 1.16 -15.12 15.00
N THR R 119 2.21 -14.96 15.80
CA THR R 119 2.55 -13.64 16.31
C THR R 119 2.88 -12.68 15.17
N GLY R 120 3.58 -13.15 14.15
CA GLY R 120 3.89 -12.31 13.01
C GLY R 120 2.67 -11.80 12.28
N THR R 121 1.54 -12.51 12.38
CA THR R 121 0.28 -12.13 11.75
C THR R 121 0.51 -11.57 10.34
N HIS R 122 1.30 -12.31 9.57
CA HIS R 122 1.60 -11.98 8.18
C HIS R 122 0.98 -13.06 7.29
N GLY R 123 -0.17 -12.76 6.70
CA GLY R 123 -0.85 -13.75 5.88
C GLY R 123 -1.23 -14.95 6.69
N ASP R 124 -1.18 -16.12 6.07
CA ASP R 124 -1.50 -17.37 6.74
C ASP R 124 -0.35 -17.78 7.65
N ALA R 125 -0.66 -18.11 8.89
CA ALA R 125 0.33 -18.51 9.89
C ALA R 125 0.27 -20.00 10.21
N GLY R 126 -0.51 -20.77 9.46
CA GLY R 126 -0.66 -22.18 9.76
C GLY R 126 0.16 -23.08 8.86
N ASP R 127 0.21 -22.79 7.55
CA ASP R 127 0.88 -23.63 6.58
C ASP R 127 2.27 -23.07 6.31
N PHE R 128 3.26 -23.94 6.36
CA PHE R 128 4.63 -23.53 6.10
C PHE R 128 4.83 -23.09 4.65
N ALA R 129 4.10 -23.71 3.73
CA ALA R 129 4.31 -23.44 2.31
C ALA R 129 4.00 -21.99 1.97
N MET R 130 2.90 -21.46 2.49
CA MET R 130 2.53 -20.09 2.17
C MET R 130 3.52 -19.09 2.75
N ILE R 131 4.03 -19.37 3.96
CA ILE R 131 5.06 -18.50 4.54
C ILE R 131 6.32 -18.54 3.70
N ALA R 132 6.71 -19.73 3.25
CA ALA R 132 7.85 -19.86 2.35
C ALA R 132 7.63 -19.06 1.07
N TYR R 133 6.43 -19.15 0.51
CA TYR R 133 6.12 -18.39 -0.70
C TYR R 133 6.23 -16.89 -0.46
N PHE R 134 5.70 -16.41 0.67
CA PHE R 134 5.75 -14.99 0.96
C PHE R 134 7.18 -14.52 1.12
N VAL R 135 8.02 -15.29 1.83
CA VAL R 135 9.40 -14.87 2.03
C VAL R 135 10.18 -14.93 0.72
N LEU R 136 9.89 -15.90 -0.15
CA LEU R 136 10.63 -16.07 -1.39
C LEU R 136 10.09 -15.23 -2.54
N LYS R 137 8.95 -14.56 -2.37
CA LYS R 137 8.37 -13.78 -3.45
C LYS R 137 9.34 -12.76 -4.03
N PRO R 138 10.05 -11.95 -3.25
CA PRO R 138 10.97 -10.97 -3.82
C PRO R 138 12.37 -11.49 -4.14
N ARG R 139 12.62 -12.79 -3.95
CA ARG R 139 13.94 -13.37 -4.19
C ARG R 139 14.02 -14.15 -5.50
N CYS R 140 12.98 -14.90 -5.84
CA CYS R 140 13.01 -15.74 -7.02
C CYS R 140 12.57 -14.96 -8.26
N LEU R 141 12.80 -15.55 -9.43
CA LEU R 141 12.42 -14.94 -10.69
C LEU R 141 10.91 -15.04 -10.88
N GLN R 142 10.45 -14.60 -12.06
CA GLN R 142 9.04 -14.64 -12.39
C GLN R 142 8.67 -15.94 -13.11
N LYS R 143 9.45 -16.34 -14.09
CA LYS R 143 9.21 -17.54 -14.88
C LYS R 143 10.36 -18.51 -14.70
N GLY R 144 10.04 -19.77 -14.40
CA GLY R 144 11.05 -20.79 -14.25
C GLY R 144 11.46 -21.40 -15.58
N SER R 145 12.44 -22.31 -15.49
CA SER R 145 12.94 -23.01 -16.66
C SER R 145 13.18 -24.48 -16.37
N LEU R 146 12.36 -25.07 -15.50
CA LEU R 146 12.51 -26.46 -15.08
C LEU R 146 11.42 -27.32 -15.72
N THR R 147 11.82 -28.46 -16.26
CA THR R 147 10.90 -29.44 -16.81
C THR R 147 10.58 -30.50 -15.75
N ILE R 148 9.44 -31.16 -15.92
CA ILE R 148 9.02 -32.17 -14.94
C ILE R 148 10.06 -33.27 -14.84
N GLN R 149 10.67 -33.65 -15.96
CA GLN R 149 11.70 -34.67 -15.93
C GLN R 149 12.88 -34.21 -15.08
N GLN R 150 13.31 -32.95 -15.23
CA GLN R 150 14.41 -32.44 -14.42
C GLN R 150 14.05 -32.41 -12.94
N VAL R 151 12.81 -32.01 -12.63
CA VAL R 151 12.38 -31.98 -11.24
C VAL R 151 12.41 -33.38 -10.64
N ASN R 152 11.90 -34.37 -11.38
CA ASN R 152 11.93 -35.75 -10.90
C ASN R 152 13.37 -36.24 -10.72
N ASP R 153 14.24 -35.90 -11.67
CA ASP R 153 15.64 -36.29 -11.56
C ASP R 153 16.26 -35.72 -10.29
N LEU R 154 16.02 -34.43 -10.03
CA LEU R 154 16.59 -33.80 -8.83
C LEU R 154 15.99 -34.41 -7.56
N LEU R 155 14.69 -34.73 -7.59
CA LEU R 155 14.05 -35.30 -6.42
C LEU R 155 14.63 -36.68 -6.09
N ASP R 156 14.79 -37.53 -7.10
CA ASP R 156 15.39 -38.83 -6.85
C ASP R 156 16.85 -38.69 -6.47
N SER R 157 17.53 -37.66 -6.98
CA SER R 157 18.91 -37.42 -6.58
C SER R 157 19.00 -37.10 -5.09
N ILE R 158 18.12 -36.22 -4.60
CA ILE R 158 18.15 -35.89 -3.18
C ILE R 158 17.76 -37.10 -2.36
N ALA R 159 16.80 -37.88 -2.83
CA ALA R 159 16.42 -39.10 -2.10
C ALA R 159 17.60 -40.06 -1.98
N SER R 160 18.31 -40.29 -3.09
CA SER R 160 19.46 -41.17 -3.06
C SER R 160 20.56 -40.62 -2.15
N ASN R 161 20.81 -39.31 -2.22
CA ASN R 161 21.83 -38.72 -1.38
C ASN R 161 21.49 -38.86 0.09
N ASN R 162 20.22 -38.67 0.45
CA ASN R 162 19.80 -38.92 1.82
C ASN R 162 20.02 -40.38 2.20
N SER R 163 19.69 -41.30 1.29
CA SER R 163 19.99 -42.70 1.53
C SER R 163 21.50 -42.95 1.53
N ALA R 164 22.26 -42.14 0.80
CA ALA R 164 23.71 -42.28 0.72
C ALA R 164 24.43 -41.56 1.86
N LYS R 165 23.70 -40.91 2.76
CA LYS R 165 24.28 -40.23 3.92
C LYS R 165 25.15 -39.05 3.50
N ARG R 166 24.81 -38.39 2.39
CA ARG R 166 25.55 -37.24 1.89
C ARG R 166 24.69 -35.99 2.05
N LYS R 167 25.24 -34.96 2.68
CA LYS R 167 24.55 -33.70 2.91
C LYS R 167 24.92 -32.62 1.90
N ASP R 168 26.19 -32.57 1.48
CA ASP R 168 26.61 -31.55 0.53
C ASP R 168 25.87 -31.70 -0.79
N LEU R 169 25.68 -32.93 -1.26
CA LEU R 169 24.95 -33.15 -2.50
C LEU R 169 23.51 -32.72 -2.37
N ILE R 170 22.88 -33.00 -1.22
CA ILE R 170 21.51 -32.54 -1.00
C ILE R 170 21.45 -31.02 -1.03
N LYS R 171 22.41 -30.36 -0.40
CA LYS R 171 22.45 -28.91 -0.41
C LYS R 171 22.60 -28.37 -1.83
N LYS R 172 23.47 -29.00 -2.62
CA LYS R 172 23.66 -28.58 -4.01
C LYS R 172 22.39 -28.75 -4.82
N SER R 173 21.70 -29.89 -4.64
CA SER R 173 20.45 -30.12 -5.36
C SER R 173 19.39 -29.08 -4.98
N LEU R 174 19.28 -28.77 -3.69
CA LEU R 174 18.32 -27.76 -3.26
C LEU R 174 18.69 -26.39 -3.81
N LEU R 175 19.99 -26.07 -3.85
CA LEU R 175 20.42 -24.80 -4.44
C LEU R 175 20.03 -24.72 -5.91
N GLN R 176 20.24 -25.80 -6.66
CA GLN R 176 19.85 -25.82 -8.06
C GLN R 176 18.34 -25.65 -8.21
N LEU R 177 17.57 -26.34 -7.37
CA LEU R 177 16.12 -26.21 -7.44
C LEU R 177 15.68 -24.77 -7.18
N ILE R 178 16.26 -24.14 -6.16
CA ILE R 178 15.91 -22.76 -5.85
C ILE R 178 16.30 -21.83 -7.00
N THR R 179 17.50 -22.04 -7.57
CA THR R 179 17.97 -21.17 -8.63
C THR R 179 17.09 -21.27 -9.87
N GLN R 180 16.66 -22.48 -10.22
CA GLN R 180 15.95 -22.73 -11.47
C GLN R 180 14.44 -22.80 -11.28
N SER R 181 13.88 -22.01 -10.35
CA SER R 181 12.44 -22.01 -10.14
C SER R 181 12.03 -20.65 -9.59
N SER R 182 10.73 -20.36 -9.68
CA SER R 182 10.14 -19.13 -9.20
C SER R 182 9.34 -19.39 -7.93
N ALA R 183 8.68 -18.35 -7.43
CA ALA R 183 8.02 -18.42 -6.13
C ALA R 183 6.91 -19.46 -6.12
N LEU R 184 6.06 -19.45 -7.15
CA LEU R 184 4.92 -20.37 -7.17
C LEU R 184 5.39 -21.83 -7.24
N GLU R 185 6.31 -22.12 -8.16
CA GLU R 185 6.83 -23.48 -8.27
C GLU R 185 7.60 -23.88 -7.02
N GLN R 186 8.32 -22.94 -6.41
CA GLN R 186 9.03 -23.25 -5.18
C GLN R 186 8.06 -23.62 -4.07
N LYS R 187 6.98 -22.85 -3.92
CA LYS R 187 5.97 -23.17 -2.91
C LYS R 187 5.36 -24.54 -3.18
N TRP R 188 5.00 -24.81 -4.43
CA TRP R 188 4.41 -26.10 -4.74
C TRP R 188 5.38 -27.24 -4.42
N LEU R 189 6.65 -27.10 -4.83
CA LEU R 189 7.63 -28.13 -4.58
C LEU R 189 7.84 -28.35 -3.09
N ILE R 190 7.79 -27.26 -2.30
CA ILE R 190 7.87 -27.40 -0.85
C ILE R 190 6.70 -28.24 -0.35
N ARG R 191 5.50 -27.96 -0.86
CA ARG R 191 4.33 -28.73 -0.45
C ARG R 191 4.50 -30.22 -0.79
N MET R 192 5.00 -30.52 -1.99
CA MET R 192 5.14 -31.91 -2.40
C MET R 192 6.24 -32.62 -1.63
N ILE R 193 7.33 -31.91 -1.30
CA ILE R 193 8.36 -32.50 -0.45
C ILE R 193 7.78 -32.83 0.92
N ILE R 194 6.99 -31.91 1.48
CA ILE R 194 6.30 -32.18 2.72
C ILE R 194 5.25 -33.29 2.58
N LYS R 195 4.89 -33.64 1.34
CA LYS R 195 3.88 -34.67 1.07
C LYS R 195 2.51 -34.22 1.59
N ASP R 196 2.12 -32.99 1.21
CA ASP R 196 0.81 -32.46 1.58
C ASP R 196 0.45 -31.41 0.53
N LEU R 197 -0.47 -31.77 -0.36
CA LEU R 197 -0.80 -30.94 -1.51
C LEU R 197 -2.03 -30.07 -1.32
N LYS R 198 -2.98 -30.49 -0.49
CA LYS R 198 -4.17 -29.71 -0.20
C LYS R 198 -4.97 -29.40 -1.46
N LEU R 199 -5.00 -30.36 -2.39
CA LEU R 199 -5.77 -30.17 -3.62
C LEU R 199 -7.27 -30.14 -3.35
N GLY R 200 -7.72 -30.70 -2.23
CA GLY R 200 -9.13 -30.75 -1.94
C GLY R 200 -9.91 -31.80 -2.70
N VAL R 201 -9.22 -32.70 -3.41
CA VAL R 201 -9.84 -33.75 -4.21
C VAL R 201 -9.41 -35.10 -3.64
N SER R 202 -10.38 -35.97 -3.41
CA SER R 202 -10.09 -37.28 -2.82
C SER R 202 -9.31 -38.14 -3.81
N GLN R 203 -8.59 -39.13 -3.25
CA GLN R 203 -7.81 -40.03 -4.08
C GLN R 203 -8.71 -40.83 -5.03
N GLN R 204 -9.90 -41.23 -4.54
CA GLN R 204 -10.80 -42.01 -5.39
C GLN R 204 -11.20 -41.22 -6.63
N THR R 205 -11.50 -39.93 -6.47
CA THR R 205 -11.85 -39.12 -7.63
C THR R 205 -10.69 -39.04 -8.62
N ILE R 206 -9.47 -38.87 -8.12
CA ILE R 206 -8.30 -38.77 -9.00
C ILE R 206 -8.12 -40.08 -9.77
N PHE R 207 -8.21 -41.21 -9.08
CA PHE R 207 -8.05 -42.49 -9.77
C PHE R 207 -9.18 -42.72 -10.77
N SER R 208 -10.42 -42.38 -10.42
CA SER R 208 -11.53 -42.59 -11.32
C SER R 208 -11.38 -41.76 -12.59
N VAL R 209 -11.02 -40.47 -12.43
CA VAL R 209 -10.86 -39.62 -13.61
C VAL R 209 -9.67 -40.09 -14.44
N PHE R 210 -8.61 -40.57 -13.79
CA PHE R 210 -7.47 -41.09 -14.52
C PHE R 210 -7.88 -42.32 -15.34
N HIS R 211 -8.61 -43.24 -14.73
CA HIS R 211 -9.09 -44.42 -15.43
C HIS R 211 -10.28 -44.99 -14.67
N ASN R 212 -11.06 -45.83 -15.36
CA ASN R 212 -12.26 -46.40 -14.76
C ASN R 212 -11.93 -47.31 -13.58
N ASP R 213 -10.91 -48.15 -13.71
CA ASP R 213 -10.55 -49.14 -12.71
C ASP R 213 -9.13 -48.95 -12.20
N ALA R 214 -8.74 -47.70 -11.98
CA ALA R 214 -7.40 -47.41 -11.47
C ALA R 214 -7.30 -47.71 -9.98
N ALA R 215 -8.36 -47.43 -9.22
CA ALA R 215 -8.30 -47.59 -7.77
C ALA R 215 -8.05 -49.03 -7.37
N GLU R 216 -8.79 -49.96 -7.98
CA GLU R 216 -8.62 -51.37 -7.63
C GLU R 216 -7.23 -51.87 -7.98
N LEU R 217 -6.74 -51.51 -9.17
CA LEU R 217 -5.40 -51.94 -9.58
C LEU R 217 -4.34 -51.37 -8.64
N HIS R 218 -4.47 -50.09 -8.27
CA HIS R 218 -3.52 -49.50 -7.34
C HIS R 218 -3.56 -50.19 -5.99
N ASN R 219 -4.75 -50.49 -5.49
CA ASN R 219 -4.86 -51.18 -4.20
C ASN R 219 -4.23 -52.56 -4.27
N VAL R 220 -4.47 -53.30 -5.36
CA VAL R 220 -3.91 -54.64 -5.48
C VAL R 220 -2.40 -54.58 -5.58
N THR R 221 -1.86 -53.66 -6.37
CA THR R 221 -0.43 -53.60 -6.63
C THR R 221 0.30 -52.66 -5.69
N THR R 222 -0.34 -51.56 -5.27
CA THR R 222 0.29 -50.54 -4.45
C THR R 222 1.57 -50.05 -5.14
N ASP R 223 1.36 -49.40 -6.28
CA ASP R 223 2.46 -48.87 -7.07
C ASP R 223 1.90 -47.90 -8.10
N LEU R 224 2.36 -46.65 -8.07
CA LEU R 224 1.94 -45.67 -9.06
C LEU R 224 2.54 -45.94 -10.43
N GLU R 225 3.52 -46.83 -10.54
CA GLU R 225 4.14 -47.12 -11.83
C GLU R 225 3.33 -48.17 -12.61
N LYS R 226 2.95 -49.26 -11.94
CA LYS R 226 2.19 -50.31 -12.61
C LYS R 226 0.85 -49.80 -13.11
N VAL R 227 0.15 -49.02 -12.27
CA VAL R 227 -1.16 -48.51 -12.67
C VAL R 227 -1.04 -47.62 -13.89
N CYS R 228 -0.06 -46.73 -13.91
CA CYS R 228 0.13 -45.85 -15.06
C CYS R 228 0.51 -46.65 -16.30
N ARG R 229 1.42 -47.62 -16.16
CA ARG R 229 1.87 -48.38 -17.31
C ARG R 229 0.74 -49.21 -17.92
N GLN R 230 -0.06 -49.86 -17.07
CA GLN R 230 -1.10 -50.75 -17.56
C GLN R 230 -2.30 -49.95 -18.09
N LEU R 231 -2.91 -49.15 -17.23
CA LEU R 231 -4.11 -48.38 -17.58
C LEU R 231 -3.67 -47.03 -18.14
N HIS R 232 -3.49 -46.99 -19.47
CA HIS R 232 -3.14 -45.75 -20.16
C HIS R 232 -4.24 -45.29 -21.10
N ASP R 233 -4.68 -46.15 -22.02
CA ASP R 233 -5.75 -45.79 -22.94
C ASP R 233 -7.09 -46.02 -22.25
N PRO R 234 -7.95 -45.00 -22.15
CA PRO R 234 -9.25 -45.21 -21.48
C PRO R 234 -10.11 -46.26 -22.18
N SER R 235 -9.99 -46.40 -23.49
CA SER R 235 -10.82 -47.37 -24.21
C SER R 235 -10.53 -48.79 -23.77
N VAL R 236 -9.25 -49.12 -23.61
CA VAL R 236 -8.84 -50.48 -23.25
C VAL R 236 -8.89 -50.62 -21.74
N GLY R 237 -9.54 -51.69 -21.27
CA GLY R 237 -9.62 -51.97 -19.85
C GLY R 237 -8.97 -53.29 -19.49
N LEU R 238 -9.11 -53.71 -18.23
CA LEU R 238 -8.55 -54.97 -17.75
C LEU R 238 -9.70 -55.85 -17.24
N SER R 239 -9.68 -57.12 -17.62
CA SER R 239 -10.72 -58.06 -17.23
C SER R 239 -10.40 -58.76 -15.91
N ASP R 240 -9.24 -59.42 -15.85
CA ASP R 240 -8.84 -60.18 -14.67
C ASP R 240 -7.97 -59.29 -13.78
N ILE R 241 -8.48 -58.96 -12.59
CA ILE R 241 -7.74 -58.21 -11.59
C ILE R 241 -7.85 -58.94 -10.26
N SER R 242 -6.71 -59.21 -9.64
CA SER R 242 -6.68 -59.92 -8.36
C SER R 242 -5.26 -59.87 -7.82
N ILE R 243 -5.09 -60.38 -6.60
CA ILE R 243 -3.79 -60.35 -5.94
C ILE R 243 -2.76 -61.05 -6.83
N THR R 244 -1.59 -60.44 -6.95
CA THR R 244 -0.50 -60.96 -7.77
C THR R 244 0.67 -61.34 -6.88
N LEU R 245 1.47 -62.30 -7.36
CA LEU R 245 2.62 -62.75 -6.61
C LEU R 245 3.63 -61.62 -6.45
N PHE R 246 4.21 -61.52 -5.25
CA PHE R 246 5.24 -60.53 -4.96
C PHE R 246 4.73 -59.11 -5.24
N SER R 247 3.47 -58.86 -4.91
CA SER R 247 2.85 -57.56 -5.10
C SER R 247 2.23 -57.11 -3.79
N ALA R 248 2.51 -55.87 -3.40
CA ALA R 248 1.96 -55.32 -2.16
C ALA R 248 0.48 -55.00 -2.34
N PHE R 249 -0.34 -55.44 -1.40
CA PHE R 249 -1.77 -55.16 -1.39
C PHE R 249 -2.19 -54.68 -0.01
N LYS R 250 -2.98 -53.62 0.02
CA LYS R 250 -3.41 -53.07 1.30
C LYS R 250 -4.30 -54.06 2.03
N PRO R 251 -4.19 -54.17 3.36
CA PRO R 251 -5.07 -55.08 4.10
C PRO R 251 -6.40 -54.44 4.47
N MET R 252 -7.27 -55.21 5.13
CA MET R 252 -8.54 -54.67 5.58
C MET R 252 -8.37 -53.90 6.87
N LEU R 253 -9.42 -53.16 7.23
CA LEU R 253 -9.47 -52.42 8.49
C LEU R 253 -10.86 -52.60 9.08
N ALA R 254 -10.92 -53.12 10.31
CA ALA R 254 -12.19 -53.37 10.98
C ALA R 254 -12.74 -52.05 11.52
N ALA R 255 -13.97 -51.73 11.13
CA ALA R 255 -14.61 -50.51 11.57
C ALA R 255 -15.22 -50.70 12.96
N ILE R 256 -15.76 -49.61 13.52
CA ILE R 256 -16.39 -49.68 14.83
C ILE R 256 -17.57 -50.63 14.76
N ALA R 257 -17.69 -51.51 15.74
CA ALA R 257 -18.71 -52.55 15.78
C ALA R 257 -19.75 -52.18 16.83
N ASP R 258 -21.01 -52.09 16.41
CA ASP R 258 -22.09 -51.86 17.35
C ASP R 258 -22.27 -53.08 18.24
N ILE R 259 -22.56 -52.83 19.51
CA ILE R 259 -22.70 -53.89 20.50
C ILE R 259 -24.18 -54.19 20.79
N GLU R 260 -25.08 -53.85 19.87
CA GLU R 260 -26.50 -54.11 20.04
C GLU R 260 -27.16 -54.88 18.91
N HIS R 261 -26.60 -54.85 17.70
CA HIS R 261 -27.20 -55.50 16.53
C HIS R 261 -26.17 -56.37 15.82
N ILE R 262 -25.29 -57.01 16.58
CA ILE R 262 -24.23 -57.82 15.98
C ILE R 262 -24.83 -58.85 15.02
N GLU R 263 -25.86 -59.56 15.49
CA GLU R 263 -26.50 -60.56 14.64
C GLU R 263 -26.94 -59.96 13.32
N LYS R 264 -27.50 -58.75 13.35
CA LYS R 264 -27.92 -58.10 12.12
C LYS R 264 -26.74 -57.88 11.19
N ASP R 265 -25.61 -57.44 11.73
CA ASP R 265 -24.41 -57.32 10.91
C ASP R 265 -23.85 -58.68 10.52
N MET R 266 -24.16 -59.71 11.31
CA MET R 266 -23.65 -61.06 11.08
C MET R 266 -24.60 -61.90 10.25
N LYS R 267 -25.74 -61.36 9.84
CA LYS R 267 -26.75 -62.04 9.02
C LYS R 267 -27.42 -63.19 9.77
N HIS R 268 -27.22 -63.30 11.07
CA HIS R 268 -27.78 -64.33 11.95
C HIS R 268 -27.06 -65.66 11.79
N GLN R 269 -26.09 -65.78 10.88
CA GLN R 269 -25.36 -67.02 10.71
C GLN R 269 -24.20 -67.09 11.70
N SER R 270 -23.53 -68.24 11.72
CA SER R 270 -22.40 -68.44 12.61
C SER R 270 -21.28 -67.46 12.25
N PHE R 271 -20.56 -66.99 13.26
CA PHE R 271 -19.50 -66.02 13.10
C PHE R 271 -18.27 -66.46 13.89
N TYR R 272 -17.10 -66.08 13.39
CA TYR R 272 -15.83 -66.43 14.00
C TYR R 272 -15.33 -65.28 14.85
N ILE R 273 -14.99 -65.58 16.10
CA ILE R 273 -14.45 -64.61 17.05
C ILE R 273 -12.99 -64.95 17.31
N GLU R 274 -12.15 -63.92 17.33
CA GLU R 274 -10.72 -64.08 17.56
C GLU R 274 -10.23 -62.97 18.49
N THR R 275 -9.15 -63.26 19.21
CA THR R 275 -8.53 -62.24 20.05
C THR R 275 -7.88 -61.18 19.18
N LYS R 276 -7.89 -59.94 19.68
CA LYS R 276 -7.26 -58.83 18.97
C LYS R 276 -5.75 -58.91 19.10
N LEU R 277 -5.06 -58.63 18.00
CA LEU R 277 -3.60 -58.64 17.95
C LEU R 277 -3.12 -57.22 17.66
N ASP R 278 -2.55 -56.57 18.67
CA ASP R 278 -2.06 -55.20 18.53
C ASP R 278 -0.57 -55.21 18.22
N GLY R 279 -0.26 -55.64 16.99
CA GLY R 279 1.11 -55.70 16.53
C GLY R 279 1.27 -55.05 15.16
N GLU R 280 2.35 -55.37 14.46
CA GLU R 280 2.60 -54.78 13.14
C GLU R 280 1.96 -55.65 12.08
N ARG R 281 1.05 -55.07 11.30
CA ARG R 281 0.40 -55.82 10.22
C ARG R 281 1.39 -56.03 9.08
N MET R 282 1.65 -57.28 8.74
CA MET R 282 2.63 -57.62 7.73
C MET R 282 2.05 -58.65 6.76
N GLN R 283 2.62 -58.67 5.55
CA GLN R 283 2.24 -59.61 4.51
C GLN R 283 3.49 -60.30 3.99
N MET R 284 3.39 -61.62 3.80
CA MET R 284 4.52 -62.46 3.43
C MET R 284 4.23 -63.12 2.09
N HIS R 285 5.25 -63.16 1.23
CA HIS R 285 5.19 -63.86 -0.05
C HIS R 285 6.45 -64.71 -0.17
N LYS R 286 6.29 -66.03 -0.17
CA LYS R 286 7.39 -66.96 -0.28
C LYS R 286 7.34 -67.64 -1.64
N ASP R 287 8.49 -67.72 -2.29
CA ASP R 287 8.64 -68.43 -3.57
C ASP R 287 9.97 -69.17 -3.52
N GLY R 288 9.91 -70.47 -3.25
CA GLY R 288 11.14 -71.24 -3.12
C GLY R 288 12.05 -70.67 -2.06
N ASP R 289 13.14 -70.06 -2.48
CA ASP R 289 14.09 -69.44 -1.56
C ASP R 289 13.77 -67.99 -1.25
N VAL R 290 13.15 -67.26 -2.18
CA VAL R 290 12.99 -65.83 -2.04
C VAL R 290 11.78 -65.53 -1.15
N TYR R 291 12.01 -64.76 -0.09
CA TYR R 291 10.97 -64.30 0.81
C TYR R 291 10.83 -62.78 0.68
N LYS R 292 9.59 -62.30 0.62
CA LYS R 292 9.32 -60.87 0.55
C LYS R 292 8.32 -60.51 1.63
N TYR R 293 8.61 -59.46 2.39
CA TYR R 293 7.74 -59.01 3.46
C TYR R 293 7.37 -57.55 3.24
N PHE R 294 6.08 -57.25 3.33
CA PHE R 294 5.57 -55.90 3.10
C PHE R 294 4.75 -55.45 4.31
N SER R 295 4.74 -54.15 4.54
CA SER R 295 4.03 -53.58 5.68
C SER R 295 2.58 -53.27 5.29
N ARG R 296 1.86 -52.65 6.23
CA ARG R 296 0.46 -52.30 5.97
C ARG R 296 0.34 -51.31 4.83
N ASN R 297 1.22 -50.30 4.80
CA ASN R 297 1.20 -49.27 3.77
C ASN R 297 2.08 -49.61 2.58
N GLY R 298 2.33 -50.89 2.33
CA GLY R 298 3.17 -51.29 1.20
C GLY R 298 4.60 -50.81 1.33
N TYR R 299 5.13 -50.79 2.54
CA TYR R 299 6.52 -50.39 2.78
C TYR R 299 7.36 -51.65 2.99
N ASN R 300 8.43 -51.78 2.21
CA ASN R 300 9.26 -52.96 2.29
C ASN R 300 9.91 -53.07 3.67
N TYR R 301 9.80 -54.25 4.27
CA TYR R 301 10.44 -54.56 5.54
C TYR R 301 11.31 -55.82 5.44
N THR R 302 11.56 -56.31 4.23
CA THR R 302 12.33 -57.54 4.07
C THR R 302 13.75 -57.39 4.57
N ASP R 303 14.30 -56.17 4.54
CA ASP R 303 15.68 -55.96 4.97
C ASP R 303 15.86 -56.39 6.43
N GLN R 304 14.99 -55.92 7.31
CA GLN R 304 15.09 -56.29 8.71
C GLN R 304 14.84 -57.78 8.91
N PHE R 305 13.84 -58.33 8.23
CA PHE R 305 13.46 -59.73 8.38
C PHE R 305 14.22 -60.67 7.43
N GLY R 306 14.97 -60.13 6.48
CA GLY R 306 15.75 -60.95 5.58
C GLY R 306 14.95 -61.50 4.42
N ALA R 307 15.49 -61.38 3.21
CA ALA R 307 14.83 -61.89 2.01
C ALA R 307 15.16 -63.35 1.73
N SER R 308 16.12 -63.93 2.43
CA SER R 308 16.55 -65.31 2.24
C SER R 308 16.67 -66.00 3.58
N PRO R 309 16.58 -67.33 3.61
CA PRO R 309 16.72 -68.04 4.89
C PRO R 309 18.08 -67.87 5.55
N THR R 310 19.11 -67.51 4.77
CA THR R 310 20.45 -67.35 5.35
C THR R 310 20.49 -66.25 6.38
N GLU R 311 19.84 -65.11 6.09
CA GLU R 311 19.87 -63.94 6.96
C GLU R 311 18.44 -63.45 7.21
N GLY R 312 18.26 -62.77 8.33
CA GLY R 312 16.99 -62.21 8.70
C GLY R 312 16.67 -62.51 10.14
N SER R 313 15.40 -62.29 10.50
CA SER R 313 14.92 -62.54 11.86
C SER R 313 13.89 -63.64 11.95
N LEU R 314 13.21 -63.98 10.87
CA LEU R 314 12.19 -65.02 10.89
C LEU R 314 12.40 -66.08 9.82
N THR R 315 12.91 -65.70 8.64
CA THR R 315 13.04 -66.65 7.55
C THR R 315 13.80 -67.92 7.93
N PRO R 316 14.92 -67.87 8.65
CA PRO R 316 15.62 -69.12 8.98
C PRO R 316 14.77 -70.05 9.82
N PHE R 317 13.83 -69.51 10.60
CA PHE R 317 12.98 -70.31 11.47
C PHE R 317 11.70 -70.77 10.79
N ILE R 318 11.21 -70.02 9.80
CA ILE R 318 9.97 -70.39 9.12
C ILE R 318 10.21 -71.25 7.89
N HIS R 319 11.41 -71.21 7.30
CA HIS R 319 11.66 -71.99 6.09
C HIS R 319 11.49 -73.48 6.37
N ASN R 320 12.02 -73.96 7.49
CA ASN R 320 11.94 -75.39 7.82
C ASN R 320 10.58 -75.80 8.34
N ALA R 321 9.74 -74.85 8.76
CA ALA R 321 8.44 -75.16 9.34
C ALA R 321 7.33 -75.28 8.31
N PHE R 322 7.62 -75.02 7.03
CA PHE R 322 6.62 -75.13 5.98
C PHE R 322 6.62 -76.55 5.40
N LYS R 323 5.45 -76.96 4.92
CA LYS R 323 5.29 -78.30 4.37
C LYS R 323 6.11 -78.45 3.10
N ALA R 324 6.58 -79.68 2.86
CA ALA R 324 7.42 -79.95 1.70
C ALA R 324 6.65 -79.75 0.39
N ASP R 325 5.34 -79.98 0.40
CA ASP R 325 4.55 -79.84 -0.81
C ASP R 325 4.25 -78.39 -1.18
N ILE R 326 4.72 -77.42 -0.39
CA ILE R 326 4.45 -76.01 -0.62
C ILE R 326 5.70 -75.38 -1.24
N GLN R 327 5.50 -74.67 -2.36
CA GLN R 327 6.58 -73.98 -3.05
C GLN R 327 6.36 -72.47 -3.11
N ILE R 328 5.20 -72.03 -3.60
CA ILE R 328 4.83 -70.62 -3.67
C ILE R 328 3.62 -70.41 -2.78
N CYS R 329 3.69 -69.41 -1.90
CA CYS R 329 2.58 -69.12 -1.00
C CYS R 329 2.60 -67.65 -0.60
N ILE R 330 1.46 -67.18 -0.10
CA ILE R 330 1.30 -65.83 0.41
C ILE R 330 0.42 -65.87 1.64
N LEU R 331 0.79 -65.09 2.66
CA LEU R 331 0.03 -65.01 3.90
C LEU R 331 0.03 -63.58 4.40
N ASP R 332 -0.78 -63.31 5.42
CA ASP R 332 -0.83 -62.01 6.05
C ASP R 332 -1.16 -62.18 7.53
N GLY R 333 -0.46 -61.45 8.38
CA GLY R 333 -0.66 -61.60 9.80
C GLY R 333 -0.11 -60.45 10.58
N GLU R 334 0.17 -60.71 11.86
CA GLU R 334 0.68 -59.71 12.79
C GLU R 334 2.04 -60.12 13.32
N MET R 335 2.86 -59.11 13.60
CA MET R 335 4.21 -59.26 14.09
C MET R 335 4.29 -58.70 15.50
N MET R 336 4.84 -59.48 16.42
CA MET R 336 4.99 -59.07 17.81
C MET R 336 6.31 -59.59 18.37
N ALA R 337 6.51 -59.36 19.66
CA ALA R 337 7.65 -59.89 20.40
C ALA R 337 7.17 -60.93 21.40
N TYR R 338 7.98 -61.97 21.63
CA TYR R 338 7.62 -63.03 22.56
C TYR R 338 8.69 -63.18 23.64
N ASN R 339 8.28 -63.58 24.83
CA ASN R 339 9.23 -63.77 25.93
C ASN R 339 9.18 -65.22 26.41
N PRO R 340 10.28 -65.97 26.24
CA PRO R 340 10.24 -67.37 26.67
C PRO R 340 10.34 -67.55 28.19
N ASN R 341 10.82 -66.52 28.89
CA ASN R 341 10.94 -66.59 30.34
C ASN R 341 9.57 -66.67 31.01
N THR R 342 8.64 -65.84 30.53
CA THR R 342 7.29 -65.81 31.08
C THR R 342 6.25 -66.43 30.15
N GLN R 343 6.69 -66.95 28.99
CA GLN R 343 5.80 -67.57 28.01
C GLN R 343 4.58 -66.69 27.71
N THR R 344 4.83 -65.43 27.38
CA THR R 344 3.76 -64.49 27.06
C THR R 344 4.20 -63.54 25.95
N PHE R 345 3.23 -62.97 25.24
CA PHE R 345 3.52 -62.04 24.16
C PHE R 345 3.64 -60.63 24.72
N MET R 346 4.25 -59.73 23.95
CA MET R 346 4.42 -58.35 24.41
C MET R 346 3.95 -57.42 23.32
N GLN R 347 3.12 -56.44 23.69
CA GLN R 347 2.58 -55.48 22.74
C GLN R 347 3.63 -54.43 22.38
N ASP R 362 16.87 -60.71 23.80
CA ASP R 362 16.06 -61.54 24.69
C ASP R 362 14.74 -61.92 24.03
N LEU R 363 13.96 -60.90 23.65
CA LEU R 363 12.68 -61.15 23.00
C LEU R 363 12.91 -61.67 21.58
N GLN R 364 11.98 -62.52 21.13
CA GLN R 364 12.06 -63.13 19.81
C GLN R 364 10.91 -62.63 18.94
N THR R 365 11.20 -62.38 17.67
CA THR R 365 10.16 -61.97 16.73
C THR R 365 9.18 -63.12 16.52
N CYS R 366 7.88 -62.83 16.61
CA CYS R 366 6.86 -63.85 16.49
C CYS R 366 5.79 -63.38 15.51
N TYR R 367 5.45 -64.25 14.56
CA TYR R 367 4.47 -63.97 13.52
C TYR R 367 3.24 -64.83 13.77
N CYS R 368 2.07 -64.20 13.87
CA CYS R 368 0.80 -64.91 14.02
C CYS R 368 -0.05 -64.60 12.80
N VAL R 369 -0.37 -65.63 12.02
CA VAL R 369 -1.08 -65.48 10.75
C VAL R 369 -2.56 -65.77 10.99
N PHE R 370 -3.41 -65.00 10.29
CA PHE R 370 -4.86 -65.19 10.40
C PHE R 370 -5.56 -65.32 9.05
N ASP R 371 -4.86 -65.15 7.93
CA ASP R 371 -5.48 -65.27 6.63
C ASP R 371 -4.44 -65.70 5.61
N VAL R 372 -4.93 -66.23 4.48
CA VAL R 372 -4.09 -66.65 3.38
C VAL R 372 -4.75 -66.20 2.07
N LEU R 373 -3.94 -65.71 1.14
CA LEU R 373 -4.43 -65.20 -0.13
C LEU R 373 -4.22 -66.18 -1.28
N MET R 374 -2.98 -66.62 -1.49
CA MET R 374 -2.65 -67.51 -2.60
C MET R 374 -1.74 -68.63 -2.10
N VAL R 375 -1.97 -69.83 -2.61
CA VAL R 375 -1.12 -70.98 -2.31
C VAL R 375 -0.91 -71.76 -3.60
N ASN R 376 0.34 -72.19 -3.83
CA ASN R 376 0.70 -72.95 -5.03
C ASN R 376 0.41 -72.06 -6.24
N ASN R 377 -0.31 -72.54 -7.25
CA ASN R 377 -0.58 -71.78 -8.47
C ASN R 377 -2.05 -71.42 -8.60
N LYS R 378 -2.82 -71.50 -7.52
CA LYS R 378 -4.24 -71.19 -7.53
C LYS R 378 -4.52 -69.97 -6.66
N LYS R 379 -5.50 -69.18 -7.09
CA LYS R 379 -5.90 -67.96 -6.38
C LYS R 379 -7.08 -68.26 -5.48
N LEU R 380 -6.99 -67.83 -4.22
CA LEU R 380 -8.03 -68.06 -3.23
C LEU R 380 -8.60 -66.75 -2.68
N GLY R 381 -8.39 -65.64 -3.39
CA GLY R 381 -8.96 -64.38 -2.93
C GLY R 381 -10.47 -64.39 -2.91
N HIS R 382 -11.09 -64.99 -3.92
CA HIS R 382 -12.54 -65.07 -4.00
C HIS R 382 -13.13 -66.15 -3.11
N GLU R 383 -12.31 -67.07 -2.61
CA GLU R 383 -12.83 -68.15 -1.77
C GLU R 383 -13.37 -67.58 -0.45
N THR R 384 -14.40 -68.25 0.07
CA THR R 384 -15.01 -67.82 1.31
C THR R 384 -14.04 -68.03 2.48
N LEU R 385 -14.32 -67.33 3.58
CA LEU R 385 -13.42 -67.37 4.73
C LEU R 385 -13.28 -68.78 5.30
N ARG R 386 -14.27 -69.66 5.08
CA ARG R 386 -14.15 -71.03 5.59
C ARG R 386 -12.99 -71.76 4.93
N LYS R 387 -12.91 -71.70 3.60
CA LYS R 387 -11.82 -72.35 2.89
C LYS R 387 -10.48 -71.72 3.25
N ARG R 388 -10.45 -70.38 3.38
CA ARG R 388 -9.22 -69.72 3.75
C ARG R 388 -8.74 -70.17 5.13
N TYR R 389 -9.66 -70.29 6.09
CA TYR R 389 -9.29 -70.76 7.42
C TYR R 389 -8.84 -72.21 7.39
N GLU R 390 -9.49 -73.04 6.57
CA GLU R 390 -9.05 -74.43 6.45
C GLU R 390 -7.64 -74.50 5.91
N ILE R 391 -7.33 -73.71 4.89
CA ILE R 391 -5.97 -73.68 4.34
C ILE R 391 -4.99 -73.18 5.39
N LEU R 392 -5.37 -72.12 6.12
CA LEU R 392 -4.50 -71.59 7.16
C LEU R 392 -4.27 -72.61 8.28
N SER R 393 -5.21 -73.54 8.46
CA SER R 393 -5.00 -74.64 9.38
C SER R 393 -4.22 -75.79 8.76
N SER R 394 -4.11 -75.81 7.43
CA SER R 394 -3.38 -76.85 6.71
C SER R 394 -2.37 -76.24 5.75
N ILE R 395 -1.56 -75.31 6.27
CA ILE R 395 -0.58 -74.60 5.43
C ILE R 395 0.82 -74.86 5.95
N PHE R 396 0.94 -75.12 7.25
CA PHE R 396 2.25 -75.40 7.85
C PHE R 396 2.03 -76.01 9.23
N THR R 397 3.11 -76.17 9.98
CA THR R 397 3.07 -76.69 11.34
C THR R 397 3.48 -75.57 12.31
N PRO R 398 2.53 -74.92 12.97
CA PRO R 398 2.91 -73.80 13.85
C PRO R 398 3.76 -74.26 15.02
N ILE R 399 4.66 -73.39 15.45
CA ILE R 399 5.53 -73.65 16.60
C ILE R 399 5.42 -72.47 17.55
N PRO R 400 5.19 -72.68 18.84
CA PRO R 400 5.03 -71.56 19.76
C PRO R 400 6.28 -70.69 19.81
N GLY R 401 6.07 -69.38 19.96
CA GLY R 401 7.14 -68.42 20.08
C GLY R 401 7.62 -67.82 18.76
N ARG R 402 7.50 -68.58 17.67
CA ARG R 402 7.93 -68.11 16.35
C ARG R 402 6.77 -67.96 15.38
N ILE R 403 5.98 -69.01 15.18
CA ILE R 403 4.88 -69.00 14.22
C ILE R 403 3.62 -69.44 14.94
N GLU R 404 2.53 -68.70 14.76
CA GLU R 404 1.27 -68.98 15.41
C GLU R 404 0.12 -68.85 14.43
N ILE R 405 -0.94 -69.59 14.69
CA ILE R 405 -2.18 -69.54 13.91
C ILE R 405 -3.30 -69.12 14.85
N VAL R 406 -4.04 -68.08 14.47
CA VAL R 406 -5.13 -67.60 15.30
C VAL R 406 -6.20 -68.68 15.41
N GLN R 407 -6.64 -68.96 16.63
CA GLN R 407 -7.62 -70.01 16.89
C GLN R 407 -9.00 -69.36 16.98
N LYS R 408 -9.60 -69.13 15.82
CA LYS R 408 -10.94 -68.57 15.77
C LYS R 408 -11.96 -69.53 16.36
N THR R 409 -12.96 -68.98 17.05
CA THR R 409 -13.99 -69.77 17.70
C THR R 409 -15.35 -69.42 17.09
N GLN R 410 -16.11 -70.46 16.73
CA GLN R 410 -17.44 -70.26 16.17
C GLN R 410 -18.43 -69.87 17.26
N ALA R 411 -19.36 -68.98 16.91
CA ALA R 411 -20.37 -68.55 17.86
C ALA R 411 -21.59 -68.07 17.08
N HIS R 412 -22.76 -68.21 17.71
CA HIS R 412 -24.01 -67.82 17.06
C HIS R 412 -24.97 -67.11 18.02
N THR R 413 -24.49 -66.60 19.15
CA THR R 413 -25.35 -65.95 20.12
C THR R 413 -24.64 -64.73 20.70
N LYS R 414 -25.44 -63.79 21.19
CA LYS R 414 -24.89 -62.62 21.85
C LYS R 414 -24.12 -63.01 23.11
N ASN R 415 -24.57 -64.06 23.79
CA ASN R 415 -23.89 -64.49 25.01
C ASN R 415 -22.44 -64.88 24.73
N GLU R 416 -22.20 -65.59 23.62
CA GLU R 416 -20.84 -66.01 23.29
C GLU R 416 -19.94 -64.81 23.07
N VAL R 417 -20.40 -63.82 22.32
CA VAL R 417 -19.56 -62.68 22.00
C VAL R 417 -19.33 -61.83 23.25
N ILE R 418 -20.35 -61.64 24.08
CA ILE R 418 -20.15 -60.85 25.29
C ILE R 418 -19.21 -61.56 26.25
N ASP R 419 -19.31 -62.89 26.36
CA ASP R 419 -18.37 -63.64 27.18
C ASP R 419 -16.95 -63.53 26.63
N ALA R 420 -16.80 -63.60 25.31
CA ALA R 420 -15.48 -63.45 24.72
C ALA R 420 -14.89 -62.08 25.03
N LEU R 421 -15.70 -61.03 24.92
CA LEU R 421 -15.22 -59.69 25.25
C LEU R 421 -14.83 -59.61 26.72
N ASN R 422 -15.65 -60.18 27.60
CA ASN R 422 -15.35 -60.13 29.03
C ASN R 422 -14.05 -60.84 29.36
N GLU R 423 -13.84 -62.03 28.79
CA GLU R 423 -12.61 -62.76 29.07
C GLU R 423 -11.40 -62.07 28.43
N ALA R 424 -11.58 -61.45 27.26
CA ALA R 424 -10.49 -60.67 26.68
C ALA R 424 -10.11 -59.50 27.57
N ILE R 425 -11.10 -58.81 28.14
CA ILE R 425 -10.82 -57.73 29.07
C ILE R 425 -10.10 -58.26 30.30
N ASP R 426 -10.54 -59.41 30.81
CA ASP R 426 -9.90 -60.01 31.98
C ASP R 426 -8.45 -60.34 31.68
N LYS R 427 -8.16 -60.87 30.49
CA LYS R 427 -6.80 -61.24 30.10
C LYS R 427 -5.96 -60.04 29.69
N ARG R 428 -6.40 -58.82 29.96
CA ARG R 428 -5.66 -57.61 29.60
C ARG R 428 -5.38 -57.57 28.10
N GLU R 429 -6.39 -57.92 27.31
CA GLU R 429 -6.28 -57.95 25.86
C GLU R 429 -6.87 -56.67 25.27
N GLU R 430 -6.35 -56.29 24.09
CA GLU R 430 -6.81 -55.06 23.45
C GLU R 430 -8.29 -55.13 23.10
N GLY R 431 -8.73 -56.26 22.57
CA GLY R 431 -10.11 -56.40 22.15
C GLY R 431 -10.34 -57.72 21.44
N ILE R 432 -11.42 -57.77 20.65
CA ILE R 432 -11.78 -58.96 19.90
C ILE R 432 -12.19 -58.55 18.49
N MET R 433 -12.16 -59.53 17.59
CA MET R 433 -12.51 -59.35 16.19
C MET R 433 -13.55 -60.40 15.79
N VAL R 434 -14.52 -59.99 14.99
CA VAL R 434 -15.61 -60.85 14.54
C VAL R 434 -15.62 -60.84 13.02
N LYS R 435 -15.74 -62.03 12.44
CA LYS R 435 -15.75 -62.19 10.99
C LYS R 435 -16.86 -63.16 10.60
N GLN R 436 -17.30 -63.05 9.34
CA GLN R 436 -18.29 -63.98 8.81
C GLN R 436 -17.60 -65.09 8.01
N PRO R 437 -17.95 -66.36 8.21
CA PRO R 437 -17.28 -67.42 7.44
C PRO R 437 -17.46 -67.28 5.94
N LEU R 438 -18.54 -66.65 5.49
CA LEU R 438 -18.81 -66.48 4.07
C LEU R 438 -18.16 -65.24 3.47
N SER R 439 -17.46 -64.45 4.27
CA SER R 439 -16.81 -63.25 3.77
C SER R 439 -15.67 -63.61 2.83
N ILE R 440 -15.45 -62.75 1.84
CA ILE R 440 -14.36 -62.91 0.90
C ILE R 440 -13.32 -61.83 1.18
N TYR R 441 -12.15 -61.97 0.57
CA TYR R 441 -11.03 -61.06 0.79
C TYR R 441 -11.05 -59.98 -0.28
N LYS R 442 -11.64 -58.83 0.05
CA LYS R 442 -11.63 -57.66 -0.82
C LYS R 442 -10.66 -56.63 -0.25
N PRO R 443 -9.51 -56.39 -0.89
CA PRO R 443 -8.56 -55.42 -0.34
C PRO R 443 -9.12 -54.01 -0.34
N ASP R 444 -8.60 -53.19 0.57
CA ASP R 444 -8.99 -51.78 0.70
C ASP R 444 -10.49 -51.67 0.98
N LYS R 445 -10.86 -52.18 2.15
CA LYS R 445 -12.23 -52.10 2.64
C LYS R 445 -12.22 -51.84 4.14
N ARG R 446 -13.12 -50.97 4.59
CA ARG R 446 -13.22 -50.59 5.99
C ARG R 446 -14.47 -51.20 6.57
N GLY R 447 -14.31 -52.19 7.44
CA GLY R 447 -15.44 -52.79 8.13
C GLY R 447 -16.46 -53.42 7.21
N GLU R 448 -16.00 -54.15 6.18
CA GLU R 448 -16.92 -54.82 5.28
C GLU R 448 -17.40 -56.14 5.88
N GLY R 449 -16.46 -57.05 6.17
CA GLY R 449 -16.79 -58.33 6.76
C GLY R 449 -16.17 -58.52 8.12
N TRP R 450 -15.10 -57.79 8.41
CA TRP R 450 -14.40 -57.87 9.68
C TRP R 450 -14.78 -56.67 10.53
N LEU R 451 -15.07 -56.92 11.81
CA LEU R 451 -15.39 -55.86 12.74
C LEU R 451 -14.62 -56.07 14.03
N LYS R 452 -14.38 -54.98 14.77
CA LYS R 452 -13.59 -55.01 15.98
C LYS R 452 -14.40 -54.45 17.14
N ILE R 453 -14.32 -55.12 18.29
CA ILE R 453 -14.99 -54.68 19.51
C ILE R 453 -13.93 -54.58 20.60
N LYS R 454 -13.76 -53.38 21.15
CA LYS R 454 -12.81 -53.13 22.21
C LYS R 454 -13.49 -52.27 23.27
N PRO R 455 -13.02 -52.32 24.51
CA PRO R 455 -13.73 -51.63 25.60
C PRO R 455 -13.86 -50.13 25.40
N GLU R 456 -12.96 -49.51 24.65
CA GLU R 456 -13.06 -48.08 24.42
C GLU R 456 -14.30 -47.71 23.62
N TYR R 457 -14.87 -48.63 22.86
CA TYR R 457 -16.01 -48.34 22.00
C TYR R 457 -17.36 -48.44 22.72
N VAL R 458 -17.39 -48.89 23.96
CA VAL R 458 -18.62 -49.04 24.73
C VAL R 458 -18.56 -48.06 25.90
N SER R 459 -19.62 -47.27 26.06
CA SER R 459 -19.68 -46.29 27.12
C SER R 459 -19.80 -46.97 28.48
N GLY R 460 -19.41 -46.23 29.52
CA GLY R 460 -19.47 -46.76 30.88
C GLY R 460 -18.53 -47.91 31.14
N LEU R 461 -17.33 -47.88 30.54
CA LEU R 461 -16.34 -48.91 30.76
C LEU R 461 -14.93 -48.37 30.91
N MET R 462 -14.74 -47.06 30.95
CA MET R 462 -13.43 -46.44 31.10
C MET R 462 -13.37 -45.71 32.44
N ASP R 463 -12.21 -45.81 33.11
CA ASP R 463 -11.95 -45.04 34.32
C ASP R 463 -11.48 -43.65 33.89
N GLU R 464 -12.44 -42.82 33.50
CA GLU R 464 -12.15 -41.50 32.96
C GLU R 464 -11.27 -40.70 33.91
N LEU R 465 -10.57 -39.71 33.38
CA LEU R 465 -9.66 -38.88 34.15
C LEU R 465 -10.03 -37.41 33.98
N ASP R 466 -9.80 -36.62 35.03
CA ASP R 466 -10.03 -35.18 34.99
C ASP R 466 -8.72 -34.49 35.33
N ILE R 467 -8.20 -33.72 34.37
CA ILE R 467 -6.88 -33.10 34.50
C ILE R 467 -6.99 -31.61 34.19
N LEU R 468 -5.87 -30.92 34.30
CA LEU R 468 -5.76 -29.51 34.00
C LEU R 468 -4.83 -29.31 32.82
N ILE R 469 -5.00 -28.19 32.11
CA ILE R 469 -4.15 -27.83 30.98
C ILE R 469 -3.21 -26.73 31.43
N VAL R 470 -1.91 -26.94 31.21
CA VAL R 470 -0.90 -25.98 31.63
C VAL R 470 -0.13 -25.38 30.47
N GLY R 471 -0.15 -25.98 29.28
CA GLY R 471 0.60 -25.46 28.16
C GLY R 471 -0.23 -25.31 26.91
N GLY R 472 0.42 -25.07 25.77
CA GLY R 472 -0.27 -24.93 24.51
C GLY R 472 0.69 -24.77 23.35
N TYR R 473 0.45 -25.50 22.26
CA TYR R 473 1.26 -25.43 21.06
C TYR R 473 0.43 -24.88 19.92
N TRP R 474 0.96 -23.90 19.20
CA TRP R 474 0.23 -23.30 18.09
C TRP R 474 -0.05 -24.34 17.02
N GLY R 475 -1.24 -24.26 16.43
CA GLY R 475 -1.66 -25.22 15.44
C GLY R 475 -1.11 -24.91 14.05
N LYS R 476 -1.40 -25.81 13.12
CA LYS R 476 -0.93 -25.70 11.76
C LYS R 476 -2.07 -26.03 10.81
N GLY R 477 -1.94 -25.55 9.58
CA GLY R 477 -2.95 -25.84 8.56
C GLY R 477 -4.28 -25.22 8.91
N SER R 478 -5.32 -26.04 8.96
CA SER R 478 -6.67 -25.54 9.19
C SER R 478 -6.75 -24.81 10.54
N ARG R 479 -6.17 -25.40 11.58
CA ARG R 479 -6.13 -24.77 12.90
C ARG R 479 -4.90 -23.90 13.06
N GLY R 480 -4.69 -23.00 12.11
CA GLY R 480 -3.50 -22.15 12.11
C GLY R 480 -3.58 -21.01 13.09
N GLY R 481 -4.53 -20.10 12.88
CA GLY R 481 -4.66 -18.93 13.73
C GLY R 481 -5.53 -19.18 14.95
N MET R 482 -5.17 -20.19 15.74
CA MET R 482 -5.90 -20.53 16.94
C MET R 482 -5.07 -21.53 17.74
N MET R 483 -5.60 -21.96 18.88
CA MET R 483 -4.93 -22.93 19.74
C MET R 483 -5.42 -24.32 19.38
N SER R 484 -4.48 -25.23 19.09
CA SER R 484 -4.80 -26.57 18.62
C SER R 484 -4.76 -27.60 19.74
N HIS R 485 -3.61 -27.75 20.40
CA HIS R 485 -3.43 -28.74 21.44
C HIS R 485 -2.71 -28.13 22.64
N PHE R 486 -2.96 -28.72 23.81
CA PHE R 486 -2.45 -28.24 25.08
C PHE R 486 -1.71 -29.35 25.80
N LEU R 487 -0.74 -28.95 26.62
CA LEU R 487 0.00 -29.87 27.48
C LEU R 487 -0.65 -29.86 28.85
N CYS R 488 -1.07 -31.04 29.31
CA CYS R 488 -1.80 -31.17 30.56
C CYS R 488 -0.90 -31.68 31.67
N ALA R 489 -1.20 -31.26 32.90
CA ALA R 489 -0.43 -31.67 34.07
C ALA R 489 -1.39 -32.01 35.20
N VAL R 490 -0.91 -32.86 36.11
CA VAL R 490 -1.68 -33.29 37.28
C VAL R 490 -1.07 -32.66 38.51
N ALA R 491 -1.91 -32.33 39.49
CA ALA R 491 -1.47 -31.69 40.71
C ALA R 491 -0.82 -32.71 41.65
N GLU R 492 -0.13 -32.19 42.66
CA GLU R 492 0.54 -33.00 43.67
C GLU R 492 -0.17 -32.83 45.00
N LYS R 493 -0.09 -33.88 45.83
CA LYS R 493 -0.72 -33.88 47.15
C LYS R 493 -0.23 -32.68 47.96
N PRO R 494 -1.06 -31.68 48.19
CA PRO R 494 -0.62 -30.51 48.95
C PRO R 494 -0.93 -30.68 50.43
N PRO R 495 -0.48 -29.75 51.27
CA PRO R 495 -0.85 -29.81 52.67
C PRO R 495 -2.36 -29.65 52.84
N PRO R 496 -2.94 -30.23 53.88
CA PRO R 496 -4.39 -30.11 54.05
C PRO R 496 -4.83 -28.65 54.14
N GLY R 497 -5.96 -28.36 53.50
CA GLY R 497 -6.49 -27.01 53.50
C GLY R 497 -5.79 -26.05 52.58
N GLU R 498 -4.86 -26.52 51.75
CA GLU R 498 -4.11 -25.67 50.84
C GLU R 498 -4.18 -26.26 49.43
N LYS R 499 -4.58 -25.45 48.48
CA LYS R 499 -4.70 -25.92 47.11
C LYS R 499 -3.32 -26.18 46.51
N PRO R 500 -3.19 -27.19 45.65
CA PRO R 500 -1.88 -27.51 45.08
C PRO R 500 -1.35 -26.38 44.21
N SER R 501 -0.02 -26.26 44.19
CA SER R 501 0.65 -25.24 43.39
C SER R 501 1.77 -25.81 42.53
N VAL R 502 2.07 -27.10 42.64
CA VAL R 502 3.13 -27.75 41.86
C VAL R 502 2.47 -28.82 41.01
N PHE R 503 2.68 -28.75 39.69
CA PHE R 503 2.06 -29.64 38.74
C PHE R 503 3.13 -30.43 37.99
N HIS R 504 2.79 -31.68 37.65
CA HIS R 504 3.66 -32.56 36.88
C HIS R 504 3.00 -32.86 35.55
N THR R 505 3.73 -32.59 34.46
CA THR R 505 3.18 -32.85 33.13
C THR R 505 2.87 -34.33 32.97
N LEU R 506 1.76 -34.63 32.29
CA LEU R 506 1.31 -36.00 32.13
C LEU R 506 1.33 -36.46 30.67
N SER R 507 0.70 -35.71 29.77
CA SER R 507 0.62 -36.10 28.36
C SER R 507 0.15 -34.90 27.57
N ARG R 508 0.00 -35.10 26.26
CA ARG R 508 -0.49 -34.07 25.35
C ARG R 508 -1.81 -34.53 24.74
N VAL R 509 -2.80 -33.65 24.75
CA VAL R 509 -4.13 -33.93 24.22
C VAL R 509 -4.42 -32.92 23.12
N GLY R 510 -4.79 -33.42 21.94
CA GLY R 510 -5.11 -32.55 20.82
C GLY R 510 -6.46 -32.83 20.21
N SER R 511 -6.97 -34.05 20.37
CA SER R 511 -8.19 -34.49 19.73
C SER R 511 -9.37 -34.40 20.69
N GLY R 512 -10.55 -34.77 20.21
CA GLY R 512 -11.76 -34.78 21.01
C GLY R 512 -12.51 -33.48 21.07
N CYS R 513 -12.16 -32.50 20.25
CA CYS R 513 -12.82 -31.20 20.25
C CYS R 513 -13.14 -30.76 18.82
N THR R 514 -14.16 -29.94 18.70
CA THR R 514 -14.55 -29.36 17.43
C THR R 514 -14.11 -27.89 17.38
N MET R 515 -14.36 -27.24 16.23
CA MET R 515 -13.89 -25.88 16.04
C MET R 515 -14.57 -24.91 17.00
N LYS R 516 -15.88 -25.05 17.18
CA LYS R 516 -16.62 -24.07 17.97
C LYS R 516 -16.14 -24.05 19.42
N GLU R 517 -16.13 -25.23 20.07
CA GLU R 517 -15.78 -25.27 21.48
C GLU R 517 -14.29 -24.99 21.69
N LEU R 518 -13.45 -25.47 20.78
CA LEU R 518 -12.02 -25.19 20.89
C LEU R 518 -11.75 -23.69 20.76
N TYR R 519 -12.43 -23.03 19.82
CA TYR R 519 -12.30 -21.59 19.68
C TYR R 519 -12.82 -20.89 20.93
N ASP R 520 -13.89 -21.40 21.53
CA ASP R 520 -14.38 -20.83 22.79
C ASP R 520 -13.32 -20.91 23.88
N LEU R 521 -12.70 -22.09 24.03
CA LEU R 521 -11.65 -22.23 25.03
C LEU R 521 -10.49 -21.28 24.76
N GLY R 522 -10.08 -21.17 23.49
CA GLY R 522 -9.02 -20.24 23.15
C GLY R 522 -9.37 -18.81 23.51
N LEU R 523 -10.62 -18.41 23.25
CA LEU R 523 -11.06 -17.06 23.58
C LEU R 523 -11.05 -16.83 25.09
N LYS R 524 -11.52 -17.81 25.87
CA LYS R 524 -11.62 -17.61 27.31
C LYS R 524 -10.24 -17.38 27.92
N LEU R 525 -9.23 -18.14 27.49
CA LEU R 525 -7.88 -18.04 28.03
C LEU R 525 -6.93 -17.28 27.11
N ALA R 526 -7.47 -16.53 26.15
CA ALA R 526 -6.61 -15.82 25.20
C ALA R 526 -5.71 -14.82 25.92
N LYS R 527 -6.28 -14.05 26.84
CA LYS R 527 -5.52 -13.03 27.55
C LYS R 527 -4.71 -13.58 28.70
N TYR R 528 -4.98 -14.80 29.15
CA TYR R 528 -4.28 -15.40 30.27
C TYR R 528 -3.02 -16.16 29.86
N TRP R 529 -2.78 -16.33 28.55
CA TRP R 529 -1.60 -17.04 28.10
C TRP R 529 -0.34 -16.27 28.44
N LYS R 530 0.76 -17.00 28.65
CA LYS R 530 2.05 -16.41 28.97
C LYS R 530 3.13 -17.23 28.28
N PRO R 531 4.06 -16.59 27.56
CA PRO R 531 5.14 -17.35 26.91
C PRO R 531 6.00 -18.07 27.93
N PHE R 532 6.53 -19.22 27.52
CA PHE R 532 7.40 -20.05 28.35
C PHE R 532 8.82 -20.00 27.83
N HIS R 533 9.77 -19.90 28.76
CA HIS R 533 11.20 -19.82 28.43
C HIS R 533 11.89 -21.09 28.92
N ARG R 534 12.61 -21.75 28.01
CA ARG R 534 13.29 -23.00 28.38
C ARG R 534 14.33 -22.77 29.46
N LYS R 535 15.12 -21.70 29.33
CA LYS R 535 16.18 -21.43 30.30
C LYS R 535 15.63 -20.92 31.63
N ALA R 536 14.39 -20.47 31.67
CA ALA R 536 13.73 -19.98 32.89
C ALA R 536 12.35 -20.60 33.00
N PRO R 537 12.26 -21.89 33.27
CA PRO R 537 10.95 -22.53 33.41
C PRO R 537 10.17 -21.92 34.57
N PRO R 538 8.85 -21.81 34.45
CA PRO R 538 8.06 -21.27 35.56
C PRO R 538 8.18 -22.14 36.80
N SER R 539 8.20 -21.49 37.96
CA SER R 539 8.34 -22.22 39.22
C SER R 539 7.13 -23.11 39.47
N SER R 540 5.93 -22.60 39.21
CA SER R 540 4.72 -23.37 39.51
C SER R 540 4.65 -24.65 38.70
N ILE R 541 4.96 -24.58 37.41
CA ILE R 541 4.85 -25.71 36.50
C ILE R 541 6.21 -26.38 36.38
N LEU R 542 6.22 -27.71 36.53
CA LEU R 542 7.43 -28.51 36.34
C LEU R 542 7.23 -29.40 35.12
N CYS R 543 8.18 -29.34 34.19
CA CYS R 543 8.07 -30.04 32.91
C CYS R 543 9.24 -30.99 32.74
N GLY R 544 9.01 -32.03 31.93
CA GLY R 544 10.01 -33.03 31.62
C GLY R 544 10.72 -32.73 30.32
N THR R 545 10.95 -33.77 29.51
CA THR R 545 11.62 -33.59 28.24
C THR R 545 10.82 -32.67 27.31
N GLU R 546 9.51 -32.89 27.23
CA GLU R 546 8.66 -32.06 26.39
C GLU R 546 8.32 -30.76 27.11
N LYS R 547 8.28 -29.67 26.35
CA LYS R 547 7.99 -28.35 26.90
C LYS R 547 6.88 -27.69 26.11
N PRO R 548 6.08 -26.81 26.74
CA PRO R 548 5.02 -26.13 26.02
C PRO R 548 5.48 -24.79 25.44
N GLU R 549 4.96 -24.48 24.25
CA GLU R 549 5.29 -23.20 23.63
C GLU R 549 4.80 -22.03 24.47
N VAL R 550 3.58 -22.13 25.00
CA VAL R 550 2.99 -21.10 25.85
C VAL R 550 2.38 -21.80 27.06
N TYR R 551 2.62 -21.25 28.25
CA TYR R 551 2.20 -21.85 29.50
C TYR R 551 1.17 -20.97 30.20
N ILE R 552 0.31 -21.62 30.99
CA ILE R 552 -0.74 -20.94 31.74
C ILE R 552 -0.65 -21.39 33.19
N GLU R 553 -0.78 -20.44 34.12
CA GLU R 553 -0.71 -20.76 35.53
C GLU R 553 -1.90 -21.64 35.94
N PRO R 554 -1.72 -22.52 36.92
CA PRO R 554 -2.82 -23.43 37.30
C PRO R 554 -4.06 -22.71 37.78
N CYS R 555 -3.92 -21.57 38.45
CA CYS R 555 -5.08 -20.91 39.05
C CYS R 555 -6.12 -20.55 37.99
N ASN R 556 -5.69 -20.31 36.75
CA ASN R 556 -6.59 -19.99 35.65
C ASN R 556 -6.49 -21.10 34.61
N SER R 557 -7.41 -22.05 34.68
CA SER R 557 -7.44 -23.18 33.75
C SER R 557 -8.82 -23.82 33.81
N VAL R 558 -9.01 -24.85 33.00
CA VAL R 558 -10.29 -25.53 32.88
C VAL R 558 -10.09 -27.03 33.09
N ILE R 559 -11.02 -27.66 33.79
CA ILE R 559 -10.97 -29.11 33.99
C ILE R 559 -11.30 -29.80 32.69
N VAL R 560 -10.42 -30.68 32.24
CA VAL R 560 -10.56 -31.39 30.97
C VAL R 560 -10.74 -32.88 31.27
N GLN R 561 -11.75 -33.49 30.67
CA GLN R 561 -12.01 -34.91 30.82
C GLN R 561 -11.31 -35.68 29.70
N ILE R 562 -10.53 -36.69 30.09
CA ILE R 562 -9.75 -37.48 29.15
C ILE R 562 -10.08 -38.96 29.37
N LYS R 563 -10.37 -39.67 28.29
CA LYS R 563 -10.58 -41.11 28.30
C LYS R 563 -9.49 -41.76 27.47
N ALA R 564 -8.61 -42.51 28.11
CA ALA R 564 -7.46 -43.12 27.45
C ALA R 564 -7.58 -44.63 27.49
N ALA R 565 -7.11 -45.29 26.42
CA ALA R 565 -7.18 -46.74 26.36
C ALA R 565 -6.33 -47.38 27.45
N GLU R 566 -5.13 -46.85 27.68
CA GLU R 566 -4.23 -47.42 28.68
C GLU R 566 -3.20 -46.37 29.08
N ILE R 567 -2.51 -46.65 30.19
CA ILE R 567 -1.42 -45.82 30.68
C ILE R 567 -0.17 -46.66 30.67
N VAL R 568 0.91 -46.14 30.08
CA VAL R 568 2.14 -46.89 29.91
C VAL R 568 3.31 -46.08 30.45
N PRO R 569 4.36 -46.72 30.98
CA PRO R 569 5.51 -45.96 31.49
C PRO R 569 6.23 -45.23 30.36
N SER R 570 6.82 -44.10 30.71
CA SER R 570 7.55 -43.28 29.76
C SER R 570 8.54 -42.40 30.52
N ASP R 571 9.39 -41.73 29.75
CA ASP R 571 10.39 -40.84 30.31
C ASP R 571 10.33 -39.42 29.76
N MET R 572 9.34 -39.11 28.92
CA MET R 572 9.21 -37.77 28.36
C MET R 572 8.47 -36.82 29.28
N TYR R 573 7.96 -37.30 30.40
CA TYR R 573 7.25 -36.46 31.36
C TYR R 573 7.73 -36.80 32.77
N LYS R 574 7.60 -35.83 33.67
CA LYS R 574 8.08 -36.01 35.04
C LYS R 574 7.37 -37.16 35.73
N THR R 575 6.05 -37.26 35.56
CA THR R 575 5.29 -38.33 36.20
C THR R 575 5.72 -39.71 35.73
N GLY R 576 6.36 -39.80 34.57
CA GLY R 576 6.87 -41.07 34.07
C GLY R 576 5.85 -41.96 33.40
N CYS R 577 4.60 -41.52 33.27
CA CYS R 577 3.56 -42.30 32.64
C CYS R 577 2.86 -41.44 31.59
N THR R 578 2.40 -42.09 30.52
CA THR R 578 1.73 -41.42 29.43
C THR R 578 0.49 -42.20 29.02
N LEU R 579 -0.49 -41.49 28.48
CA LEU R 579 -1.76 -42.09 28.08
C LEU R 579 -1.71 -42.42 26.60
N ARG R 580 -2.10 -43.64 26.26
CA ARG R 580 -2.14 -44.07 24.87
C ARG R 580 -3.45 -43.62 24.23
N PHE R 581 -3.34 -42.95 23.08
CA PHE R 581 -4.50 -42.43 22.35
C PHE R 581 -5.34 -41.53 23.26
N PRO R 582 -4.75 -40.51 23.85
CA PRO R 582 -5.52 -39.62 24.75
C PRO R 582 -6.48 -38.74 23.99
N ARG R 583 -7.50 -38.27 24.70
CA ARG R 583 -8.59 -37.51 24.09
C ARG R 583 -9.14 -36.50 25.09
N ILE R 584 -9.85 -35.51 24.56
CA ILE R 584 -10.59 -34.53 25.37
C ILE R 584 -12.06 -34.91 25.28
N GLU R 585 -12.62 -35.43 26.37
CA GLU R 585 -14.00 -35.92 26.32
C GLU R 585 -14.97 -34.75 26.54
N LYS R 586 -14.63 -33.84 27.45
CA LYS R 586 -15.35 -32.57 27.59
C LYS R 586 -14.61 -31.60 28.50
N ILE R 587 -15.21 -30.42 28.71
CA ILE R 587 -14.72 -29.42 29.65
C ILE R 587 -15.73 -29.34 30.80
N ARG R 588 -15.25 -29.41 32.03
CA ARG R 588 -16.09 -29.38 33.22
C ARG R 588 -15.95 -28.00 33.88
N ASP R 589 -16.85 -27.09 33.50
CA ASP R 589 -16.82 -25.76 34.09
C ASP R 589 -17.20 -25.80 35.58
N ASP R 590 -18.15 -26.67 35.94
CA ASP R 590 -18.59 -26.75 37.33
C ASP R 590 -17.45 -27.17 38.24
N LYS R 591 -16.64 -28.14 37.80
CA LYS R 591 -15.47 -28.55 38.59
C LYS R 591 -14.46 -27.41 38.61
N GLU R 592 -14.11 -26.96 39.81
CA GLU R 592 -13.14 -25.87 39.95
C GLU R 592 -11.74 -26.36 39.65
N TRP R 593 -10.84 -25.41 39.39
CA TRP R 593 -9.47 -25.77 39.06
C TRP R 593 -8.77 -26.47 40.23
N HIS R 594 -9.11 -26.09 41.46
CA HIS R 594 -8.48 -26.68 42.63
C HIS R 594 -8.83 -28.15 42.82
N GLU R 595 -9.84 -28.66 42.12
CA GLU R 595 -10.26 -30.05 42.24
C GLU R 595 -9.38 -31.01 41.44
N CYS R 596 -8.20 -30.55 40.98
CA CYS R 596 -7.32 -31.42 40.21
C CYS R 596 -6.94 -32.65 41.03
N MET R 597 -6.94 -33.80 40.37
CA MET R 597 -6.55 -35.04 41.04
C MET R 597 -5.05 -35.02 41.35
N THR R 598 -4.66 -35.86 42.30
CA THR R 598 -3.31 -35.89 42.82
C THR R 598 -2.57 -37.14 42.33
N LEU R 599 -1.27 -37.18 42.60
CA LEU R 599 -0.45 -38.31 42.15
C LEU R 599 -0.84 -39.61 42.85
N ASP R 600 -1.39 -39.52 44.07
CA ASP R 600 -1.90 -40.72 44.71
C ASP R 600 -2.96 -41.38 43.85
N ASP R 601 -3.82 -40.57 43.20
CA ASP R 601 -4.78 -41.13 42.26
C ASP R 601 -4.07 -41.79 41.09
N LEU R 602 -3.01 -41.19 40.58
CA LEU R 602 -2.28 -41.78 39.47
C LEU R 602 -1.76 -43.16 39.83
N GLU R 603 -1.09 -43.27 40.98
CA GLU R 603 -0.54 -44.57 41.38
C GLU R 603 -1.65 -45.57 41.69
N GLN R 604 -2.77 -45.11 42.27
CA GLN R 604 -3.87 -46.02 42.55
C GLN R 604 -4.45 -46.60 41.26
N LEU R 605 -4.72 -45.73 40.28
CA LEU R 605 -5.22 -46.22 38.99
C LEU R 605 -4.21 -47.13 38.32
N ARG R 606 -2.92 -46.78 38.37
CA ARG R 606 -1.91 -47.62 37.74
C ARG R 606 -1.86 -49.00 38.38
N GLY R 607 -1.90 -49.07 39.71
CA GLY R 607 -1.85 -50.34 40.41
C GLY R 607 -3.15 -51.11 40.42
N LYS R 608 -4.26 -50.48 40.04
CA LYS R 608 -5.54 -51.19 40.01
C LYS R 608 -5.48 -52.37 39.04
N ALA R 609 -4.89 -52.16 37.86
CA ALA R 609 -4.77 -53.21 36.86
C ALA R 609 -3.39 -53.32 36.24
N SER R 610 -2.49 -52.36 36.49
CA SER R 610 -1.14 -52.39 35.93
C SER R 610 -1.20 -52.45 34.40
N GLY R 611 -1.77 -51.40 33.81
CA GLY R 611 -1.92 -51.33 32.37
C GLY R 611 -3.26 -50.80 31.93
N LYS R 612 -4.04 -51.66 31.26
CA LYS R 612 -5.32 -51.22 30.68
C LYS R 612 -6.23 -50.67 31.77
N LEU R 613 -6.87 -49.53 31.47
CA LEU R 613 -7.76 -48.91 32.44
C LEU R 613 -9.01 -49.75 32.67
N ALA R 614 -9.52 -50.40 31.62
CA ALA R 614 -10.77 -51.14 31.72
C ALA R 614 -10.62 -52.29 32.69
N SER R 615 -11.47 -52.33 33.72
CA SER R 615 -11.47 -53.43 34.67
C SER R 615 -12.89 -53.83 35.08
N LYS R 616 -13.92 -53.26 34.49
CA LYS R 616 -15.30 -53.54 34.85
C LYS R 616 -15.91 -54.53 33.87
N HIS R 617 -16.69 -55.46 34.40
CA HIS R 617 -17.34 -56.47 33.58
C HIS R 617 -18.63 -55.91 32.98
N LEU R 618 -18.79 -56.06 31.66
CA LEU R 618 -19.97 -55.58 30.95
C LEU R 618 -21.02 -56.67 30.97
N TYR R 619 -22.14 -56.42 31.64
CA TYR R 619 -23.23 -57.38 31.73
C TYR R 619 -24.54 -56.70 31.32
N ILE R 620 -25.35 -57.43 30.57
CA ILE R 620 -26.63 -56.91 30.09
C ILE R 620 -27.73 -57.95 30.33
N SER R 659 -55.10 -29.29 48.33
CA SER R 659 -55.91 -29.67 49.49
C SER R 659 -56.94 -30.73 49.09
N ASN R 660 -57.67 -31.24 50.08
CA ASN R 660 -58.68 -32.27 49.84
C ASN R 660 -60.03 -31.70 49.43
N ILE R 661 -60.20 -30.38 49.58
CA ILE R 661 -61.46 -29.73 49.25
C ILE R 661 -61.47 -29.21 47.80
N PHE R 662 -60.30 -28.93 47.25
CA PHE R 662 -60.19 -28.42 45.89
C PHE R 662 -59.68 -29.49 44.93
N GLU R 663 -60.44 -30.56 44.77
CA GLU R 663 -60.06 -31.65 43.86
C GLU R 663 -61.23 -32.04 42.99
N ASP R 664 -60.94 -32.81 41.93
CA ASP R 664 -61.96 -33.28 40.99
C ASP R 664 -62.85 -32.14 40.47
N VAL R 665 -62.25 -30.99 40.22
CA VAL R 665 -62.97 -29.83 39.71
C VAL R 665 -62.25 -29.35 38.46
N GLU R 666 -63.00 -29.12 37.38
CA GLU R 666 -62.42 -28.71 36.10
C GLU R 666 -62.43 -27.19 36.04
N PHE R 667 -61.26 -26.59 36.21
CA PHE R 667 -61.08 -25.15 36.07
C PHE R 667 -60.41 -24.84 34.74
N CYS R 668 -60.54 -23.59 34.32
CA CYS R 668 -59.98 -23.14 33.04
C CYS R 668 -59.53 -21.70 33.19
N VAL R 669 -58.24 -21.46 32.94
CA VAL R 669 -57.65 -20.12 33.03
C VAL R 669 -57.10 -19.75 31.66
N MET R 670 -57.51 -18.60 31.15
CA MET R 670 -57.05 -18.10 29.86
C MET R 670 -56.35 -16.75 29.95
N SER R 671 -56.68 -15.91 30.92
CA SER R 671 -56.05 -14.60 31.06
C SER R 671 -56.02 -14.23 32.53
N GLY R 672 -54.84 -14.35 33.15
CA GLY R 672 -54.67 -13.98 34.54
C GLY R 672 -54.43 -12.49 34.72
N THR R 673 -54.33 -12.09 35.99
CA THR R 673 -54.08 -10.70 36.32
C THR R 673 -52.61 -10.36 36.11
N ASP R 674 -52.31 -9.06 36.13
CA ASP R 674 -50.94 -8.61 35.95
C ASP R 674 -50.04 -9.12 37.08
N SER R 675 -50.56 -9.14 38.31
CA SER R 675 -49.77 -9.61 39.44
C SER R 675 -49.39 -11.08 39.28
N GLN R 676 -50.32 -11.89 38.80
CA GLN R 676 -50.11 -13.34 38.62
C GLN R 676 -50.40 -13.70 37.17
N PRO R 677 -49.42 -13.62 36.27
CA PRO R 677 -49.63 -14.05 34.89
C PRO R 677 -50.22 -15.46 34.79
N LYS R 678 -50.68 -15.82 33.60
CA LYS R 678 -51.38 -17.09 33.42
C LYS R 678 -50.56 -18.29 33.87
N PRO R 679 -49.30 -18.46 33.47
CA PRO R 679 -48.59 -19.69 33.87
C PRO R 679 -48.44 -19.87 35.36
N ASP R 680 -48.00 -18.82 36.08
CA ASP R 680 -47.85 -18.94 37.52
C ASP R 680 -49.18 -19.15 38.21
N LEU R 681 -50.23 -18.47 37.74
CA LEU R 681 -51.56 -18.68 38.33
C LEU R 681 -52.03 -20.11 38.14
N GLU R 682 -51.81 -20.67 36.94
CA GLU R 682 -52.17 -22.06 36.70
C GLU R 682 -51.37 -22.99 37.58
N ASN R 683 -50.09 -22.69 37.79
CA ASN R 683 -49.28 -23.49 38.70
C ASN R 683 -49.85 -23.45 40.11
N ARG R 684 -50.27 -22.28 40.57
CA ARG R 684 -50.89 -22.17 41.88
C ARG R 684 -52.17 -22.99 41.96
N ILE R 685 -52.99 -22.93 40.90
CA ILE R 685 -54.23 -23.70 40.89
C ILE R 685 -53.93 -25.19 40.98
N ALA R 686 -52.93 -25.65 40.21
CA ALA R 686 -52.55 -27.05 40.27
C ALA R 686 -52.04 -27.43 41.65
N GLU R 687 -51.33 -26.51 42.31
CA GLU R 687 -50.84 -26.78 43.66
C GLU R 687 -51.97 -27.14 44.61
N PHE R 688 -53.16 -26.57 44.38
CA PHE R 688 -54.32 -26.86 45.22
C PHE R 688 -55.00 -28.18 44.84
N GLY R 689 -54.57 -28.83 43.76
CA GLY R 689 -55.16 -30.08 43.34
C GLY R 689 -56.25 -29.96 42.29
N GLY R 690 -56.52 -28.76 41.79
CA GLY R 690 -57.55 -28.60 40.79
C GLY R 690 -57.14 -29.18 39.45
N TYR R 691 -58.15 -29.54 38.66
CA TYR R 691 -57.95 -30.10 37.33
C TYR R 691 -57.97 -28.98 36.31
N ILE R 692 -56.80 -28.61 35.80
CA ILE R 692 -56.68 -27.51 34.86
C ILE R 692 -57.00 -28.00 33.45
N VAL R 693 -57.78 -27.22 32.71
CA VAL R 693 -58.10 -27.50 31.31
C VAL R 693 -57.77 -26.26 30.51
N GLN R 694 -57.00 -26.43 29.43
CA GLN R 694 -56.59 -25.29 28.63
C GLN R 694 -57.75 -24.61 27.93
N ASN R 695 -58.86 -25.32 27.70
CA ASN R 695 -60.04 -24.76 27.07
C ASN R 695 -61.28 -25.28 27.77
N PRO R 696 -62.37 -24.53 27.75
CA PRO R 696 -63.61 -25.00 28.38
C PRO R 696 -64.22 -26.18 27.65
N GLY R 697 -64.97 -26.98 28.39
CA GLY R 697 -65.64 -28.14 27.84
C GLY R 697 -67.01 -28.34 28.43
N PRO R 698 -67.57 -29.54 28.26
CA PRO R 698 -68.90 -29.82 28.82
C PRO R 698 -68.88 -30.13 30.32
N ASP R 699 -67.71 -30.37 30.90
CA ASP R 699 -67.56 -30.62 32.34
C ASP R 699 -66.53 -29.63 32.87
N THR R 700 -67.00 -28.45 33.26
CA THR R 700 -66.12 -27.40 33.77
C THR R 700 -66.91 -26.55 34.75
N TYR R 701 -66.39 -26.42 35.98
CA TYR R 701 -67.08 -25.63 36.98
C TYR R 701 -67.22 -24.17 36.56
N CYS R 702 -66.15 -23.61 36.00
CA CYS R 702 -66.16 -22.22 35.54
C CYS R 702 -64.83 -21.93 34.87
N VAL R 703 -64.76 -20.78 34.20
CA VAL R 703 -63.55 -20.31 33.55
C VAL R 703 -63.15 -18.99 34.18
N ILE R 704 -61.86 -18.84 34.44
CA ILE R 704 -61.32 -17.67 35.16
C ILE R 704 -60.59 -16.78 34.17
N ALA R 705 -60.90 -15.49 34.21
CA ALA R 705 -60.26 -14.52 33.33
C ALA R 705 -60.19 -13.17 34.04
N GLY R 706 -58.98 -12.65 34.19
CA GLY R 706 -58.77 -11.34 34.78
C GLY R 706 -58.90 -10.18 33.81
N SER R 707 -59.12 -10.47 32.53
CA SER R 707 -59.27 -9.42 31.52
C SER R 707 -60.35 -9.83 30.54
N GLU R 708 -60.92 -8.84 29.86
CA GLU R 708 -62.01 -9.06 28.90
C GLU R 708 -61.40 -9.38 27.54
N ASN R 709 -60.57 -10.43 27.53
CA ASN R 709 -59.86 -10.81 26.32
C ASN R 709 -60.85 -11.23 25.22
N ILE R 710 -60.32 -11.36 24.00
CA ILE R 710 -61.16 -11.76 22.88
C ILE R 710 -61.75 -13.14 23.14
N ARG R 711 -60.98 -14.04 23.74
CA ARG R 711 -61.51 -15.33 24.13
C ARG R 711 -62.64 -15.16 25.13
N VAL R 712 -62.48 -14.24 26.09
CA VAL R 712 -63.53 -13.99 27.06
C VAL R 712 -64.79 -13.48 26.36
N LYS R 713 -64.63 -12.56 25.41
CA LYS R 713 -65.79 -12.05 24.69
C LYS R 713 -66.48 -13.16 23.91
N ASN R 714 -65.70 -14.03 23.25
CA ASN R 714 -66.29 -15.14 22.51
C ASN R 714 -67.05 -16.07 23.44
N ILE R 715 -66.50 -16.35 24.62
CA ILE R 715 -67.19 -17.19 25.59
C ILE R 715 -68.49 -16.51 26.03
N ILE R 716 -68.43 -15.19 26.24
CA ILE R 716 -69.63 -14.45 26.64
C ILE R 716 -70.71 -14.60 25.58
N LEU R 717 -70.34 -14.43 24.31
CA LEU R 717 -71.31 -14.57 23.23
C LEU R 717 -71.85 -16.00 23.14
N SER R 718 -71.03 -16.98 23.50
CA SER R 718 -71.51 -18.37 23.51
C SER R 718 -72.63 -18.55 24.53
N ASN R 719 -72.50 -17.93 25.70
CA ASN R 719 -73.52 -18.02 26.74
C ASN R 719 -73.80 -19.47 27.13
N LYS R 720 -72.71 -20.23 27.31
CA LYS R 720 -72.80 -21.62 27.74
C LYS R 720 -71.84 -21.94 28.87
N HIS R 721 -71.29 -20.94 29.54
CA HIS R 721 -70.35 -21.16 30.64
C HIS R 721 -70.43 -19.95 31.57
N ASP R 722 -69.62 -19.99 32.62
CA ASP R 722 -69.55 -18.91 33.60
C ASP R 722 -68.13 -18.38 33.68
N VAL R 723 -67.99 -17.07 33.73
CA VAL R 723 -66.71 -16.39 33.84
C VAL R 723 -66.61 -15.80 35.25
N VAL R 724 -65.50 -16.06 35.93
CA VAL R 724 -65.29 -15.63 37.30
C VAL R 724 -64.00 -14.85 37.39
N LYS R 725 -64.03 -13.74 38.10
CA LYS R 725 -62.83 -12.93 38.29
C LYS R 725 -61.79 -13.74 39.06
N PRO R 726 -60.50 -13.59 38.75
CA PRO R 726 -59.49 -14.36 39.49
C PRO R 726 -59.51 -14.10 40.99
N ALA R 727 -59.96 -12.91 41.42
CA ALA R 727 -59.99 -12.61 42.84
C ALA R 727 -60.73 -13.68 43.62
N TRP R 728 -61.78 -14.25 43.03
CA TRP R 728 -62.52 -15.32 43.70
C TRP R 728 -61.58 -16.43 44.14
N LEU R 729 -60.73 -16.89 43.23
CA LEU R 729 -59.72 -17.89 43.60
C LEU R 729 -58.93 -17.42 44.81
N LEU R 730 -58.43 -16.18 44.76
CA LEU R 730 -57.64 -15.66 45.86
C LEU R 730 -58.38 -15.85 47.18
N GLU R 731 -59.70 -15.64 47.18
CA GLU R 731 -60.46 -15.80 48.41
C GLU R 731 -60.26 -17.20 49.00
N CYS R 732 -60.51 -18.23 48.18
CA CYS R 732 -60.34 -19.59 48.69
C CYS R 732 -58.87 -19.91 48.93
N PHE R 733 -57.95 -19.10 48.42
CA PHE R 733 -56.54 -19.27 48.73
C PHE R 733 -56.21 -18.74 50.12
N LYS R 734 -57.00 -17.78 50.62
CA LYS R 734 -56.74 -17.21 51.94
C LYS R 734 -57.48 -17.96 53.04
N THR R 735 -58.79 -18.18 52.86
CA THR R 735 -59.57 -18.92 53.83
C THR R 735 -59.38 -20.42 53.74
N LYS R 736 -58.74 -20.91 52.69
CA LYS R 736 -58.50 -22.35 52.51
C LYS R 736 -59.80 -23.13 52.58
N SER R 737 -60.85 -22.59 51.96
CA SER R 737 -62.15 -23.24 51.95
C SER R 737 -62.89 -22.85 50.68
N PHE R 738 -63.87 -23.67 50.31
CA PHE R 738 -64.67 -23.42 49.12
C PHE R 738 -65.55 -22.19 49.33
N VAL R 739 -65.53 -21.28 48.36
CA VAL R 739 -66.30 -20.04 48.41
C VAL R 739 -67.43 -20.16 47.39
N PRO R 740 -68.69 -20.16 47.83
CA PRO R 740 -69.79 -20.21 46.85
C PRO R 740 -69.83 -18.96 45.99
N TRP R 741 -70.33 -19.12 44.76
CA TRP R 741 -70.41 -18.00 43.84
C TRP R 741 -71.25 -16.88 44.42
N GLN R 742 -70.79 -15.64 44.22
CA GLN R 742 -71.51 -14.45 44.65
C GLN R 742 -71.56 -13.47 43.49
N PRO R 743 -72.69 -12.75 43.30
CA PRO R 743 -72.82 -11.86 42.14
C PRO R 743 -71.62 -10.94 41.93
N ARG R 744 -70.86 -10.68 42.99
CA ARG R 744 -69.69 -9.81 42.88
C ARG R 744 -68.65 -10.38 41.93
N PHE R 745 -68.43 -11.69 41.97
CA PHE R 745 -67.28 -12.28 41.28
C PHE R 745 -67.52 -12.38 39.77
N MET R 746 -68.51 -13.17 39.35
CA MET R 746 -68.65 -13.47 37.94
C MET R 746 -69.11 -12.25 37.16
N ILE R 747 -68.62 -12.15 35.92
CA ILE R 747 -69.07 -11.13 34.99
C ILE R 747 -70.22 -11.62 34.11
N HIS R 748 -70.36 -12.94 33.94
CA HIS R 748 -71.45 -13.51 33.17
C HIS R 748 -71.70 -14.92 33.68
N MET R 749 -72.97 -15.32 33.71
CA MET R 749 -73.37 -16.59 34.30
C MET R 749 -74.38 -17.27 33.39
N CYS R 750 -74.35 -18.60 33.37
CA CYS R 750 -75.12 -19.36 32.40
C CYS R 750 -76.61 -19.31 32.73
N PRO R 751 -77.47 -19.65 31.77
CA PRO R 751 -78.92 -19.57 32.03
C PRO R 751 -79.37 -20.39 33.23
N SER R 752 -78.82 -21.59 33.42
CA SER R 752 -79.17 -22.37 34.60
C SER R 752 -78.73 -21.66 35.87
N THR R 753 -77.48 -21.18 35.89
CA THR R 753 -77.02 -20.42 37.03
C THR R 753 -77.81 -19.12 37.18
N LYS R 754 -78.20 -18.52 36.05
CA LYS R 754 -79.01 -17.31 36.11
C LYS R 754 -80.34 -17.58 36.82
N GLU R 755 -81.01 -18.66 36.46
CA GLU R 755 -82.25 -19.02 37.12
C GLU R 755 -82.02 -19.33 38.60
N HIS R 756 -80.94 -20.05 38.91
CA HIS R 756 -80.66 -20.39 40.30
C HIS R 756 -80.45 -19.14 41.14
N PHE R 757 -79.68 -18.18 40.63
CA PHE R 757 -79.37 -16.97 41.39
C PHE R 757 -80.50 -15.95 41.36
N ALA R 758 -81.42 -16.06 40.40
CA ALA R 758 -82.53 -15.11 40.35
C ALA R 758 -83.39 -15.19 41.60
N ARG R 759 -83.70 -16.41 42.04
CA ARG R 759 -84.47 -16.61 43.26
C ARG R 759 -83.63 -16.36 44.51
N GLU R 760 -82.31 -16.54 44.44
CA GLU R 760 -81.44 -16.32 45.58
C GLU R 760 -81.04 -14.86 45.72
N TYR R 761 -80.71 -14.19 44.62
CA TYR R 761 -80.26 -12.81 44.63
C TYR R 761 -80.98 -12.02 43.54
N ASP R 762 -80.93 -10.70 43.68
CA ASP R 762 -81.54 -9.82 42.70
C ASP R 762 -80.80 -9.89 41.37
N CYS R 763 -81.46 -9.41 40.31
CA CYS R 763 -80.80 -9.30 39.02
C CYS R 763 -79.55 -8.45 39.13
N TYR R 764 -79.56 -7.45 40.00
CA TYR R 764 -78.36 -6.70 40.34
C TYR R 764 -77.56 -7.47 41.38
N GLY R 765 -76.47 -6.86 41.86
CA GLY R 765 -75.66 -7.50 42.88
C GLY R 765 -76.33 -7.54 44.24
N ASP R 766 -77.42 -6.80 44.43
CA ASP R 766 -78.08 -6.75 45.71
C ASP R 766 -78.71 -8.11 46.03
N SER R 767 -78.74 -8.45 47.31
CA SER R 767 -79.23 -9.74 47.78
C SER R 767 -80.68 -9.61 48.24
N TYR R 768 -81.25 -10.73 48.68
CA TYR R 768 -82.60 -10.77 49.21
C TYR R 768 -82.64 -11.24 50.66
N PHE R 769 -82.03 -12.38 50.97
CA PHE R 769 -82.07 -12.91 52.32
C PHE R 769 -80.90 -12.42 53.17
N ILE R 770 -79.71 -12.36 52.59
CA ILE R 770 -78.52 -11.93 53.32
C ILE R 770 -78.53 -10.41 53.46
N ASP R 771 -77.97 -9.92 54.56
CA ASP R 771 -77.90 -8.49 54.81
C ASP R 771 -76.90 -7.85 53.86
N THR R 772 -76.70 -6.54 54.03
CA THR R 772 -75.77 -5.78 53.21
C THR R 772 -74.93 -4.87 54.09
N ASP R 773 -73.72 -4.57 53.63
CA ASP R 773 -72.77 -3.73 54.35
C ASP R 773 -72.32 -2.60 53.43
N LEU R 774 -71.45 -1.74 53.96
CA LEU R 774 -70.97 -0.60 53.19
C LEU R 774 -70.24 -1.05 51.93
N ASN R 775 -69.27 -1.96 52.10
CA ASN R 775 -68.51 -2.44 50.94
C ASN R 775 -69.41 -3.20 49.98
N GLN R 776 -70.33 -4.02 50.49
CA GLN R 776 -71.23 -4.76 49.62
C GLN R 776 -72.12 -3.81 48.82
N LEU R 777 -72.65 -2.77 49.48
CA LEU R 777 -73.46 -1.79 48.76
C LEU R 777 -72.63 -1.07 47.71
N LYS R 778 -71.39 -0.69 48.06
CA LYS R 778 -70.53 0.01 47.11
C LYS R 778 -70.28 -0.83 45.87
N GLU R 779 -69.93 -2.10 46.06
CA GLU R 779 -69.64 -2.96 44.91
C GLU R 779 -70.90 -3.24 44.10
N VAL R 780 -72.04 -3.41 44.77
CA VAL R 780 -73.29 -3.63 44.05
C VAL R 780 -73.61 -2.42 43.19
N PHE R 781 -73.45 -1.21 43.74
CA PHE R 781 -73.69 0.00 42.96
C PHE R 781 -72.71 0.12 41.81
N SER R 782 -71.45 -0.25 42.04
CA SER R 782 -70.49 -0.27 40.94
C SER R 782 -70.90 -1.25 39.86
N GLY R 783 -71.64 -2.30 40.24
CA GLY R 783 -72.09 -3.26 39.25
C GLY R 783 -72.99 -2.63 38.19
N ILE R 784 -73.94 -1.81 38.63
CA ILE R 784 -74.81 -1.11 37.69
C ILE R 784 -74.04 0.03 37.05
N LYS R 785 -74.10 0.11 35.72
CA LYS R 785 -73.26 1.05 34.99
C LYS R 785 -73.83 2.47 35.06
N ASN R 786 -75.01 2.68 34.50
CA ASN R 786 -75.58 4.02 34.42
C ASN R 786 -77.08 3.91 34.24
N SER R 787 -77.76 5.03 34.52
CA SER R 787 -79.21 5.12 34.31
C SER R 787 -79.56 6.60 34.20
N ASN R 788 -79.96 7.03 33.00
CA ASN R 788 -80.30 8.42 32.72
C ASN R 788 -81.60 8.51 31.94
N GLU R 789 -82.61 7.75 32.36
CA GLU R 789 -83.92 7.74 31.70
C GLU R 789 -84.94 8.58 32.45
N GLN R 790 -84.52 9.68 33.06
CA GLN R 790 -85.41 10.54 33.83
C GLN R 790 -85.06 11.99 33.54
N THR R 791 -85.82 12.89 34.14
CA THR R 791 -85.68 14.33 33.96
C THR R 791 -85.56 15.01 35.32
N PRO R 792 -84.98 16.21 35.37
CA PRO R 792 -84.83 16.89 36.66
C PRO R 792 -86.13 17.08 37.42
N GLU R 793 -87.25 17.32 36.71
CA GLU R 793 -88.52 17.53 37.40
C GLU R 793 -88.96 16.26 38.12
N GLU R 794 -88.91 15.11 37.43
CA GLU R 794 -89.26 13.85 38.08
C GLU R 794 -88.29 13.54 39.21
N MET R 795 -87.00 13.80 39.00
CA MET R 795 -86.03 13.59 40.05
C MET R 795 -86.40 14.39 41.30
N ALA R 796 -86.70 15.68 41.14
CA ALA R 796 -87.02 16.53 42.28
C ALA R 796 -88.30 16.07 42.96
N SER R 797 -89.32 15.70 42.18
CA SER R 797 -90.54 15.18 42.77
C SER R 797 -90.24 13.95 43.63
N LEU R 798 -89.38 13.07 43.11
CA LEU R 798 -88.93 11.92 43.90
C LEU R 798 -88.28 12.40 45.20
N ILE R 799 -87.22 13.20 45.09
CA ILE R 799 -86.51 13.69 46.28
C ILE R 799 -87.53 14.11 47.32
N ALA R 800 -88.50 14.93 46.90
CA ALA R 800 -89.48 15.47 47.84
C ALA R 800 -90.29 14.35 48.48
N ASP R 801 -90.82 13.43 47.67
CA ASP R 801 -91.68 12.38 48.22
C ASP R 801 -90.91 11.48 49.19
N LEU R 802 -89.71 11.07 48.80
CA LEU R 802 -88.91 10.20 49.66
C LEU R 802 -88.50 10.92 50.95
N GLU R 803 -88.11 12.19 50.86
CA GLU R 803 -87.74 12.93 52.06
C GLU R 803 -88.94 13.07 53.00
N TYR R 804 -90.11 13.34 52.45
CA TYR R 804 -91.30 13.42 53.30
C TYR R 804 -91.61 12.09 53.95
N ARG R 805 -91.49 11.00 53.18
CA ARG R 805 -91.80 9.67 53.72
C ARG R 805 -90.84 9.30 54.84
N TYR R 806 -89.54 9.54 54.63
CA TYR R 806 -88.52 9.18 55.61
C TYR R 806 -88.15 10.33 56.53
N SER R 807 -88.68 11.52 56.32
CA SER R 807 -88.43 12.67 57.18
C SER R 807 -86.93 12.97 57.26
N TRP R 808 -86.35 13.34 56.12
CA TRP R 808 -84.93 13.64 56.04
C TRP R 808 -84.58 15.01 56.60
N ASP R 809 -85.53 15.71 57.21
CA ASP R 809 -85.23 17.02 57.81
C ASP R 809 -84.20 16.90 58.93
N CYS R 810 -84.02 15.70 59.50
CA CYS R 810 -83.04 15.53 60.57
C CYS R 810 -81.64 15.87 60.10
N SER R 811 -81.31 15.56 58.84
CA SER R 811 -80.00 15.89 58.32
C SER R 811 -79.81 17.40 58.28
N PRO R 812 -78.58 17.88 58.44
CA PRO R 812 -78.33 19.33 58.44
C PRO R 812 -78.18 19.95 57.07
N LEU R 813 -78.54 19.24 56.00
CA LEU R 813 -78.34 19.72 54.63
C LEU R 813 -79.49 19.27 53.75
N SER R 814 -79.82 20.11 52.77
CA SER R 814 -80.88 19.83 51.80
C SER R 814 -82.27 19.99 52.40
N MET R 815 -82.44 20.89 53.37
CA MET R 815 -83.76 21.18 53.91
C MET R 815 -84.56 22.16 53.05
N PHE R 816 -83.91 22.85 52.11
CA PHE R 816 -84.56 23.86 51.29
C PHE R 816 -85.11 23.31 49.98
N ARG R 817 -85.04 21.99 49.77
CA ARG R 817 -85.54 21.42 48.52
C ARG R 817 -87.03 21.68 48.35
N ARG R 818 -87.80 21.56 49.44
CA ARG R 818 -89.24 21.76 49.35
C ARG R 818 -89.62 23.20 49.01
N HIS R 819 -88.69 24.15 49.16
CA HIS R 819 -88.97 25.56 48.94
C HIS R 819 -88.19 26.06 47.72
N THR R 820 -88.86 26.85 46.90
CA THR R 820 -88.24 27.49 45.74
C THR R 820 -87.88 28.93 46.10
N VAL R 821 -86.65 29.32 45.76
CA VAL R 821 -86.11 30.61 46.15
C VAL R 821 -85.70 31.38 44.90
N TYR R 822 -86.10 32.64 44.84
CA TYR R 822 -85.68 33.56 43.79
C TYR R 822 -84.83 34.66 44.39
N LEU R 823 -83.93 35.21 43.58
CA LEU R 823 -83.03 36.27 44.02
C LEU R 823 -83.05 37.40 43.00
N ASP R 824 -82.91 38.63 43.49
CA ASP R 824 -82.92 39.82 42.65
C ASP R 824 -81.51 40.10 42.11
N SER R 825 -81.03 39.18 41.28
CA SER R 825 -79.70 39.29 40.68
C SER R 825 -79.70 40.15 39.43
N TYR R 826 -80.87 40.61 38.97
CA TYR R 826 -80.99 41.42 37.77
C TYR R 826 -81.44 42.82 38.16
N ALA R 827 -80.81 43.84 37.58
CA ALA R 827 -81.20 45.22 37.88
C ALA R 827 -82.66 45.47 37.52
N VAL R 828 -83.16 44.80 36.48
CA VAL R 828 -84.55 44.91 36.05
C VAL R 828 -85.24 43.59 36.35
N ILE R 829 -86.39 43.67 37.03
CA ILE R 829 -87.11 42.45 37.39
C ILE R 829 -87.55 41.71 36.14
N ASN R 830 -87.44 40.39 36.18
CA ASN R 830 -87.81 39.53 35.05
C ASN R 830 -87.03 39.90 33.80
N ASP R 831 -85.75 40.23 33.98
CA ASP R 831 -84.85 40.57 32.88
C ASP R 831 -83.57 39.78 33.06
N LEU R 832 -83.37 38.76 32.22
CA LEU R 832 -82.19 37.91 32.32
C LEU R 832 -80.97 38.51 31.61
N SER R 833 -81.13 39.60 30.87
CA SER R 833 -80.04 40.21 30.12
C SER R 833 -79.26 41.24 30.93
N THR R 834 -79.68 41.53 32.17
CA THR R 834 -79.02 42.51 33.01
C THR R 834 -78.55 41.88 34.32
N LYS R 835 -77.94 40.71 34.23
CA LYS R 835 -77.42 40.03 35.41
C LYS R 835 -76.40 40.92 36.12
N ASN R 836 -76.51 40.98 37.45
CA ASN R 836 -75.62 41.79 38.27
C ASN R 836 -74.57 40.86 38.89
N GLU R 837 -73.52 40.61 38.13
CA GLU R 837 -72.43 39.75 38.57
C GLU R 837 -71.40 40.56 39.35
N GLY R 838 -70.49 39.85 40.02
CA GLY R 838 -69.45 40.47 40.79
C GLY R 838 -69.84 40.88 42.19
N THR R 839 -71.10 40.66 42.59
CA THR R 839 -71.59 41.02 43.91
C THR R 839 -71.75 39.78 44.77
N ARG R 840 -71.91 40.00 46.07
CA ARG R 840 -72.10 38.89 47.00
C ARG R 840 -73.39 38.14 46.73
N LEU R 841 -74.33 38.73 46.01
CA LEU R 841 -75.61 38.08 45.77
C LEU R 841 -75.44 36.81 44.95
N ALA R 842 -74.54 36.82 43.97
CA ALA R 842 -74.33 35.63 43.14
C ALA R 842 -73.82 34.46 43.97
N ILE R 843 -72.82 34.71 44.82
CA ILE R 843 -72.29 33.64 45.65
C ILE R 843 -73.32 33.22 46.69
N LYS R 844 -74.14 34.14 47.19
CA LYS R 844 -75.22 33.76 48.09
C LYS R 844 -76.20 32.82 47.41
N ALA R 845 -76.57 33.11 46.17
CA ALA R 845 -77.46 32.23 45.42
C ALA R 845 -76.80 30.87 45.18
N LEU R 846 -75.50 30.87 44.88
CA LEU R 846 -74.80 29.60 44.71
C LEU R 846 -74.82 28.77 45.98
N GLU R 847 -74.60 29.42 47.13
CA GLU R 847 -74.67 28.72 48.40
C GLU R 847 -76.06 28.17 48.67
N LEU R 848 -77.10 28.97 48.37
CA LEU R 848 -78.46 28.49 48.53
C LEU R 848 -78.70 27.27 47.67
N ARG R 849 -78.24 27.30 46.42
CA ARG R 849 -78.41 26.15 45.53
C ARG R 849 -77.68 24.93 46.09
N PHE R 850 -76.48 25.12 46.62
CA PHE R 850 -75.75 24.00 47.21
C PHE R 850 -76.52 23.41 48.39
N HIS R 851 -77.11 24.26 49.22
CA HIS R 851 -77.82 23.81 50.42
C HIS R 851 -79.14 23.11 50.10
N GLY R 852 -79.42 22.84 48.82
CA GLY R 852 -80.64 22.17 48.43
C GLY R 852 -81.77 23.10 48.02
N ALA R 853 -81.63 24.40 48.24
CA ALA R 853 -82.68 25.34 47.83
C ALA R 853 -82.81 25.33 46.32
N LYS R 854 -84.06 25.24 45.85
CA LYS R 854 -84.34 25.25 44.42
C LYS R 854 -84.27 26.68 43.92
N VAL R 855 -83.14 27.06 43.34
CA VAL R 855 -82.95 28.42 42.85
C VAL R 855 -83.68 28.58 41.53
N VAL R 856 -84.50 29.61 41.42
CA VAL R 856 -85.27 29.90 40.21
C VAL R 856 -84.81 31.25 39.68
N SER R 857 -84.47 31.29 38.39
CA SER R 857 -83.96 32.51 37.78
C SER R 857 -85.06 33.46 37.35
N CYS R 858 -86.32 33.05 37.38
CA CYS R 858 -87.45 33.88 37.00
C CYS R 858 -88.44 33.95 38.15
N LEU R 859 -89.03 35.13 38.34
CA LEU R 859 -89.99 35.36 39.41
C LEU R 859 -91.37 34.94 38.92
N ALA R 860 -91.76 33.71 39.24
CA ALA R 860 -93.05 33.16 38.87
C ALA R 860 -93.96 33.11 40.09
N GLU R 861 -95.17 32.57 39.89
CA GLU R 861 -96.13 32.46 40.98
C GLU R 861 -95.75 31.36 41.97
N GLY R 862 -94.91 30.40 41.56
CA GLY R 862 -94.50 29.32 42.43
C GLY R 862 -93.35 29.64 43.35
N VAL R 863 -92.83 30.87 43.33
CA VAL R 863 -91.72 31.23 44.19
C VAL R 863 -92.18 31.28 45.64
N SER R 864 -91.50 30.54 46.50
CA SER R 864 -91.83 30.50 47.93
C SER R 864 -91.00 31.47 48.75
N HIS R 865 -89.78 31.77 48.34
CA HIS R 865 -88.90 32.68 49.06
C HIS R 865 -88.27 33.66 48.07
N VAL R 866 -88.04 34.88 48.55
CA VAL R 866 -87.38 35.92 47.77
C VAL R 866 -86.23 36.48 48.60
N ILE R 867 -85.06 36.59 47.99
CA ILE R 867 -83.85 37.07 48.66
C ILE R 867 -83.59 38.50 48.19
N ILE R 868 -83.56 39.43 49.14
CA ILE R 868 -83.27 40.84 48.86
C ILE R 868 -82.14 41.27 49.77
N GLY R 869 -81.09 41.82 49.19
CA GLY R 869 -79.93 42.29 49.92
C GLY R 869 -80.04 43.74 50.31
N GLU R 870 -78.88 44.39 50.41
CA GLU R 870 -78.85 45.81 50.77
C GLU R 870 -79.59 46.67 49.76
N ASP R 871 -79.75 46.20 48.53
CA ASP R 871 -80.44 46.96 47.47
C ASP R 871 -81.94 46.82 47.68
N HIS R 872 -82.50 47.71 48.50
CA HIS R 872 -83.93 47.74 48.77
C HIS R 872 -84.70 48.62 47.79
N SER R 873 -84.12 48.87 46.60
CA SER R 873 -84.79 49.74 45.64
C SER R 873 -86.08 49.12 45.13
N ARG R 874 -86.08 47.81 44.88
CA ARG R 874 -87.20 47.12 44.27
C ARG R 874 -88.13 46.48 45.30
N VAL R 875 -88.09 46.94 46.55
CA VAL R 875 -88.98 46.38 47.57
C VAL R 875 -90.44 46.62 47.20
N ALA R 876 -90.74 47.82 46.67
CA ALA R 876 -92.11 48.13 46.29
C ALA R 876 -92.59 47.19 45.18
N ASP R 877 -91.75 46.94 44.18
CA ASP R 877 -92.12 46.03 43.11
C ASP R 877 -92.35 44.62 43.65
N PHE R 878 -91.49 44.17 44.56
CA PHE R 878 -91.68 42.84 45.15
C PHE R 878 -92.99 42.76 45.92
N LYS R 879 -93.32 43.79 46.69
CA LYS R 879 -94.58 43.80 47.42
C LYS R 879 -95.76 43.79 46.46
N ALA R 880 -95.69 44.57 45.39
CA ALA R 880 -96.79 44.60 44.42
C ALA R 880 -96.98 43.24 43.77
N PHE R 881 -95.87 42.59 43.39
CA PHE R 881 -95.97 41.26 42.78
C PHE R 881 -96.54 40.25 43.78
N ARG R 882 -96.10 40.32 45.03
CA ARG R 882 -96.62 39.42 46.05
C ARG R 882 -98.12 39.60 46.24
N ARG R 883 -98.58 40.86 46.28
CA ARG R 883 -100.01 41.11 46.42
C ARG R 883 -100.77 40.62 45.20
N THR R 884 -100.23 40.84 44.00
CA THR R 884 -100.93 40.43 42.79
C THR R 884 -101.09 38.92 42.73
N PHE R 885 -100.04 38.17 43.05
CA PHE R 885 -100.10 36.72 42.99
C PHE R 885 -101.02 36.16 44.06
N LYS R 886 -101.69 35.05 43.71
CA LYS R 886 -102.56 34.39 44.68
C LYS R 886 -101.77 33.89 45.88
N ARG R 887 -100.59 33.31 45.64
CA ARG R 887 -99.74 32.82 46.71
C ARG R 887 -98.73 33.90 47.08
N LYS R 888 -98.68 34.25 48.37
CA LYS R 888 -97.81 35.31 48.86
C LYS R 888 -96.60 34.71 49.55
N PHE R 889 -95.42 35.11 49.10
CA PHE R 889 -94.16 34.65 49.70
C PHE R 889 -93.77 35.58 50.85
N LYS R 890 -92.63 35.29 51.47
CA LYS R 890 -92.11 36.08 52.58
C LYS R 890 -90.72 36.60 52.21
N ILE R 891 -90.49 37.88 52.45
CA ILE R 891 -89.20 38.49 52.16
C ILE R 891 -88.26 38.23 53.32
N LEU R 892 -87.05 37.76 53.01
CA LEU R 892 -86.04 37.45 54.01
C LEU R 892 -84.71 38.09 53.62
N LYS R 893 -83.91 38.40 54.62
CA LYS R 893 -82.61 39.03 54.44
C LYS R 893 -81.50 37.99 54.42
N GLU R 894 -80.34 38.41 53.92
CA GLU R 894 -79.19 37.52 53.87
C GLU R 894 -78.76 37.06 55.26
N SER R 895 -79.02 37.88 56.28
CA SER R 895 -78.65 37.50 57.64
C SER R 895 -79.40 36.25 58.09
N TRP R 896 -80.66 36.12 57.67
CA TRP R 896 -81.44 34.94 58.05
C TRP R 896 -80.76 33.66 57.54
N VAL R 897 -80.44 33.61 56.25
CA VAL R 897 -79.81 32.42 55.69
C VAL R 897 -78.42 32.23 56.27
N THR R 898 -77.70 33.33 56.52
CA THR R 898 -76.36 33.22 57.10
C THR R 898 -76.42 32.54 58.45
N ASP R 899 -77.30 33.00 59.34
CA ASP R 899 -77.42 32.39 60.66
C ASP R 899 -77.96 30.97 60.57
N SER R 900 -78.87 30.71 59.63
CA SER R 900 -79.38 29.35 59.46
C SER R 900 -78.26 28.40 59.07
N ILE R 901 -77.39 28.82 58.14
CA ILE R 901 -76.25 27.99 57.75
C ILE R 901 -75.29 27.82 58.92
N ASP R 902 -75.04 28.90 59.66
CA ASP R 902 -74.11 28.81 60.79
C ASP R 902 -74.61 27.81 61.83
N LYS R 903 -75.91 27.87 62.16
CA LYS R 903 -76.50 26.95 63.12
C LYS R 903 -77.14 25.74 62.48
N CYS R 904 -77.22 25.68 61.16
CA CYS R 904 -77.81 24.55 60.44
C CYS R 904 -79.26 24.32 60.88
N GLU R 905 -79.94 25.38 61.31
CA GLU R 905 -81.32 25.28 61.75
C GLU R 905 -82.05 26.57 61.41
N LEU R 906 -83.37 26.46 61.31
CA LEU R 906 -84.23 27.60 61.00
C LEU R 906 -85.05 27.95 62.24
N GLN R 907 -84.85 29.15 62.77
CA GLN R 907 -85.55 29.57 63.97
C GLN R 907 -86.95 30.08 63.64
N GLU R 908 -87.04 31.16 62.87
CA GLU R 908 -88.32 31.73 62.47
C GLU R 908 -88.09 32.80 61.42
N GLU R 909 -88.99 32.88 60.45
CA GLU R 909 -88.88 33.90 59.42
C GLU R 909 -89.18 35.29 59.95
N ASN R 910 -90.09 35.40 60.92
CA ASN R 910 -90.48 36.70 61.44
C ASN R 910 -89.28 37.47 61.97
N GLN R 911 -88.23 36.78 62.40
CA GLN R 911 -87.04 37.47 62.90
C GLN R 911 -86.43 38.37 61.83
N TYR R 912 -86.45 37.92 60.57
CA TYR R 912 -85.87 38.68 59.47
C TYR R 912 -86.84 38.77 58.30
N LEU R 913 -88.13 38.86 58.59
CA LEU R 913 -89.15 38.97 57.54
C LEU R 913 -89.00 40.29 56.80
#